data_7ZF2
#
_entry.id   7ZF2
#
_cell.length_a   1.00
_cell.length_b   1.00
_cell.length_c   1.00
_cell.angle_alpha   90.00
_cell.angle_beta   90.00
_cell.angle_gamma   90.00
#
_symmetry.space_group_name_H-M   'P 1'
#
loop_
_entity.id
_entity.type
_entity.pdbx_description
1 polymer 'DNA-directed RNA polymerase subunit alpha'
2 polymer 'DNA-directed RNA polymerase subunit beta'
3 polymer "DNA-directed RNA polymerase subunit beta'"
4 polymer 'DNA-directed RNA polymerase subunit omega'
5 polymer 'RNA polymerase sigma factor SigB'
6 non-polymer 'ZINC ION'
7 non-polymer 'MAGNESIUM ION'
#
loop_
_entity_poly.entity_id
_entity_poly.type
_entity_poly.pdbx_seq_one_letter_code
_entity_poly.pdbx_strand_id
1 'polypeptide(L)'
;MLISQRPTLSEDVLTDNRSQFVIEPLEPGFGYTLGNSLRRTLLSSIPGAAVTSIRIDGVLHEFTTVPGVKEDVTEIILNL
KSLVVSSEEDEPVTMYLRKQGPGEVTAGDIVPPAGVTVHNPGMHIATLNDKGKLEVELVVERGRGYVPAVQNRASGAEIG
RIPVDSIYSPVLKVTYKVDATRVEQRTDFDKLILDVETKNSISPRDALASAGKTLVELFGLARELNVEAEGIEIGPSPAE
ADHIASFALPIDDLDLTVRSYNCLKREGVHTVGELVARTESDLLDIRNFGQKSIDEVKIKLHQLGLSLKDSPPSFDPSEV
AGYDVATGTWSTEGAYDEQDYAETEQL
;
A,B
2 'polypeptide(L)'
;MVLADSRQSKTAASPSPSRPQSSSNNSVPGAPNRVSFAKLREPLEVPGLLDVQTDSFEWLIGSPRWRESAAERGDVNPVG
GLEEVLYELSPIEDFSGSMSLSFSDPRFDDVKAPVDECKDKDMTYAAPLFVTAEFINNNTGEIKSQTVFMGDFPMMTEKG
TFIINGTERVVVSQLVRSPGVYFDETIDKSTDKTLHSVKVIPSRGAWLEFDVDKRDTVGVRIDRKRRQPVTVLLKALGWT
SEQIVERFGFSEIMRSTLEKDNTVGTDEALLDIYRKLRPGEPPTKESAQTLLENLFFKEKRYDLARVGRYKVNKKLGLHV
GEPITSSTLTEEDVVATIEYLVRLHEGQTTMTVPGGVEVPVETDDIDHFGNRRLRTVGELIQNQIRVGMSRMERVVRERM
TTQDVEAITPQTLINIRPVVAAIKEFFGTSQLSQFMDQNNPLSGLTHKRRLSALGPGGLSRERAGLEVRDVHPSHYGRMC
PIETPEGPNIGLIGSLSVYARVNPFGFIETPYRKVVDGVVSDEIVYLTADEEDRHVVAQANSPIDADGRFVEPRVLVRRK
AGEVEYVPSSEVDYMDVSPRQMVSVATAMIPFLEHDDANRALMGANMQRQAVPLVRSEAPLVGTGMELRAAIDAGDVVVA
EESGVIEEVSADYITVMHDNGTRRTYRMRKFARSNHGTCANQCPIVDAGDRVEAGQVIADGPCTDDGEMALGKNLLVAIM
PWEGHNYEDAIILSNRLVEEDVLTSIHIEEHEIDARDTKLGAEEITRDIPNISDEVLADLDERGIVRIGAEVRDGDILVG
KVTPKGETELTPEERLLRAIFGEKAREVRDTSLKVPHGESGKVIGIRVFSREDEDELPAGVNELVRVYVAQKRKISDGDK
LAGRHGNKGVIGKILPVEDMPFLADGTPVDIILNTHGVPRRMNIGQILETHLGWCAHSGWKVDAAKGVPDWAARLPDELL
EAQPNAIVSTPVFDGAQEAELQGLLSCTLPNRDGDVLVDADGKAMLFDGRSGEPFPYPVTVGYMYIMKLHHLVDDKIHAR
STGPYSMITQQPLGGKAQFGGQRFGEMECWAMQAYGAAYTLQELLTIKSDDTVGRVKVYEAIVKGENIPEPGIPESFKVL
LKELQSLCLNVEVLSSDGAAIELREGEDEDLERAAANLGINLSRNESASVEDLA
;
C
3 'polypeptide(L)'
;VNFFDELRIGLATAEDIRQWSYGEVKKPETINYRTLKPEKDGLFCEKIFGPTRDWECYCGKYKRVRFKGIICERCGVEVT
RAKVRRERMGHIELAAPVTHIWYFKGVPSRLGYLLDLAPKDLEKIIYFAAYVITSVDEEMRHNELSTLEAEMAVERKAVE
DQRDGELEARAQKLEADLAELEAEGAKADARRKVRDGGEREMRQIRDRAQRELDRLEDIWSTFTKLAPKQLIVDENLYRE
LVDRYGEYFTGAMGAESIQKLIENFDIDAEAESLRDVIRNGKGQKKLRALKRLKVVAAFQQSGNSPMGMVLDAVPVIPPE
LRPMVQLDGGRFATSDLNDLYRRVINRNNRLKRLIDLGAPEIIVNNEKRMLQESVDALFDNGRRGRPVTGPGNRPLKSLS
DLLKGKQGRFRQNLLGKRVDYSGRSVIVVGPQLKLHQCGLPKLMALELFKPFVMKRLVDLNHAQNIKSAKRMVERQRPQV
WDVLEEVIAEHPVLLNRAPTLHRLGIQAFEPMLVEGKAIQLHPLVCEAFNADFDGDQMAVHLPLSAEAQAEARILMLSSN
NILSPASGRPLAMPRLDMVTGLYYLTTEVPGDTGEYQPASGDHPETGVYSSPAEAIMAADRGVLSVRAKIKVRLTQLRPP
VEIEAELFGHSGWQPGDAWMAETTLGRVMFNELLPLGYPFVNKQMHKKVQAAIINDLAERYPMIVVAQTVDKLKDAGFYW
ATRSGVTVSMADVLVPPRKKEILDHYEERADKVEKQFQRGALNHDERNEALVEIWKEATDEVGQALREHYPDDNPIITIV
DSGATGNFTQTRTLAGMKGLVTNPKGEFIPRPVKSSFREGLTVLEYFINTHGARKGLADTALRTADSGYLTRRLVDVSQD
VIVREHDCQTERGIVVELAERAPDGTLIRDPYIETSAYARTLGTDAVDEAGNVIVERGQDLGDPEIDALLAAGITQVKVR
SVLTCATSTGVCATCYGRSMATGKLVDIGEAVGIVAAQSIGEPGTQLTMRTFHQGGVGEDITGGLPRVQELFEARVPRGK
APIADVTGRVRLEDGERFYKITIVPDDGGEEVVYDKISKRQRLRVFKHEDGSERVLSDGDHVEVGQQLMEGSADPHEVLR
VQGPREVQIHLVREVQEVYRAQGVSIHDKHIEVIVRQMLRRVTIIDSGSTEFLPGSLIDRAEFEAENRRVVAEGGEPAAG
RPVLMGITKASLATDSWLSAASFQETTRVLTDAAINCRSDKLNGLKENVIIGKLIPAGTGINRYRNIAVQPTEEARAAAY
TIPSYEDQYYSPDFGAATGAAVPLDDYGYSDYRHHHHHH
;
D
4 'polypeptide(L)'
;MSISQSDASLAAVPAVDQFDPSSGASGGYDTPLGITNPPIDELLDRVSSKYALVIYAAKRARQINDYYNQLGEGILEYVG
PLVEPGLQEKPLSIALREIHADLLEHTEGE
;
E
5 'polypeptide(L)'
;MGSSHHHHHHSSGLVPRGSHMADAPTRATTSRVDSDLDAQSPAADLVRVYLNGIGKTALLNAAGEVELAKRIEAGLYAEH
LLETRKRLGENRKRDLAAVVRDGEAARRHLLEANLRLVVSLAKRYTGRGMPLLDLIQEGNLGLIRAMEKFDYTKGFKFST
YATWWIRQAITRGMADQSRTIRLPVHLVEQVNKLARIKREMHQHLGREATDEELAAESGIPIDKINDLLEHSRDPVSLDM
PVGSEEEAPLGDFIEDAEAMSAENAVIAELLHTDIRSVLATLDEREHQVIRLRFGLDDGQPRTLDQIGKLFGLSRERVRQ
IERDVMSKLRHGERADRLRSYAS
;
F
#
loop_
_chem_comp.id
_chem_comp.type
_chem_comp.name
_chem_comp.formula
MG non-polymer 'MAGNESIUM ION' 'Mg 2'
ZN non-polymer 'ZINC ION' 'Zn 2'
#
# COMPACT_ATOMS: atom_id res chain seq x y z
N ILE A 3 -10.04 60.66 34.70
CA ILE A 3 -11.35 61.09 34.24
C ILE A 3 -12.44 60.51 35.11
N SER A 4 -13.44 59.90 34.49
CA SER A 4 -14.58 59.35 35.22
C SER A 4 -14.11 58.23 36.15
N GLN A 5 -14.60 58.28 37.39
CA GLN A 5 -14.27 57.28 38.41
C GLN A 5 -15.60 56.78 38.99
N ARG A 6 -16.17 55.75 38.37
CA ARG A 6 -17.41 55.15 38.86
C ARG A 6 -17.23 53.66 39.03
N PRO A 7 -17.16 53.13 40.26
CA PRO A 7 -17.11 51.68 40.43
C PRO A 7 -18.34 51.02 39.86
N THR A 8 -18.15 49.82 39.34
CA THR A 8 -19.22 49.13 38.64
C THR A 8 -20.30 48.65 39.60
N LEU A 9 -21.46 48.31 39.04
CA LEU A 9 -22.59 47.84 39.82
C LEU A 9 -23.33 46.75 39.04
N SER A 10 -23.99 45.88 39.80
CA SER A 10 -24.69 44.72 39.26
C SER A 10 -26.17 44.77 39.60
N GLU A 11 -27.00 44.43 38.63
CA GLU A 11 -28.45 44.41 38.78
C GLU A 11 -28.96 43.05 38.33
N ASP A 12 -29.99 42.54 39.00
CA ASP A 12 -30.53 41.22 38.74
C ASP A 12 -31.96 41.33 38.25
N VAL A 13 -32.29 40.57 37.22
CA VAL A 13 -33.66 40.39 36.75
C VAL A 13 -33.92 38.90 36.68
N LEU A 14 -35.07 38.47 37.23
CA LEU A 14 -35.37 37.05 37.36
C LEU A 14 -36.53 36.65 36.47
N THR A 15 -36.37 35.51 35.80
CA THR A 15 -37.44 34.82 35.12
C THR A 15 -37.60 33.45 35.79
N ASP A 16 -38.38 32.56 35.17
CA ASP A 16 -38.79 31.34 35.85
C ASP A 16 -37.60 30.53 36.35
N ASN A 17 -36.66 30.22 35.46
CA ASN A 17 -35.47 29.48 35.87
C ASN A 17 -34.20 30.16 35.37
N ARG A 18 -34.30 30.82 34.23
CA ARG A 18 -33.18 31.62 33.73
C ARG A 18 -33.24 33.01 34.32
N SER A 19 -32.10 33.71 34.28
CA SER A 19 -32.03 35.05 34.83
C SER A 19 -31.02 35.89 34.09
N GLN A 20 -31.22 37.20 34.14
CA GLN A 20 -30.34 38.17 33.50
C GLN A 20 -29.64 39.00 34.56
N PHE A 21 -28.39 39.35 34.30
CA PHE A 21 -27.60 40.17 35.20
C PHE A 21 -26.93 41.26 34.39
N VAL A 22 -27.11 42.50 34.81
CA VAL A 22 -26.59 43.66 34.10
C VAL A 22 -25.46 44.25 34.92
N ILE A 23 -24.28 44.35 34.32
CA ILE A 23 -23.11 44.94 34.96
C ILE A 23 -22.79 46.22 34.21
N GLU A 24 -22.71 47.33 34.94
CA GLU A 24 -22.41 48.60 34.28
C GLU A 24 -21.84 49.57 35.29
N PRO A 25 -21.04 50.55 34.86
CA PRO A 25 -20.54 50.79 33.51
C PRO A 25 -19.09 50.36 33.34
N LEU A 26 -18.77 49.65 32.27
CA LEU A 26 -17.43 49.13 32.05
C LEU A 26 -16.67 49.95 31.04
N GLU A 27 -15.35 49.86 31.12
CA GLU A 27 -14.47 50.63 30.26
C GLU A 27 -14.65 50.21 28.81
N PRO A 28 -14.34 51.08 27.86
CA PRO A 28 -14.52 50.74 26.45
C PRO A 28 -13.71 49.52 26.06
N GLY A 29 -14.31 48.66 25.25
CA GLY A 29 -13.63 47.45 24.82
C GLY A 29 -13.29 46.50 25.94
N PHE A 30 -14.11 46.46 26.99
CA PHE A 30 -13.85 45.58 28.12
C PHE A 30 -15.10 44.88 28.61
N GLY A 31 -16.26 45.16 28.04
CA GLY A 31 -17.43 44.42 28.44
C GLY A 31 -17.55 43.06 27.82
N TYR A 32 -16.63 42.70 26.92
CA TYR A 32 -16.66 41.41 26.27
C TYR A 32 -15.87 40.37 27.05
N THR A 33 -14.61 40.67 27.36
CA THR A 33 -13.76 39.68 27.98
C THR A 33 -14.25 39.30 29.37
N LEU A 34 -14.85 40.25 30.09
CA LEU A 34 -15.38 39.93 31.40
C LEU A 34 -16.49 38.90 31.32
N GLY A 35 -17.46 39.16 30.45
CA GLY A 35 -18.50 38.18 30.25
C GLY A 35 -17.96 36.86 29.76
N ASN A 36 -16.92 36.90 28.94
CA ASN A 36 -16.35 35.64 28.46
C ASN A 36 -15.68 34.86 29.59
N SER A 37 -15.02 35.56 30.52
CA SER A 37 -14.44 34.84 31.66
C SER A 37 -15.54 34.22 32.52
N LEU A 38 -16.62 34.96 32.73
CA LEU A 38 -17.72 34.38 33.48
C LEU A 38 -18.28 33.16 32.76
N ARG A 39 -18.43 33.23 31.44
CA ARG A 39 -18.94 32.07 30.72
C ARG A 39 -17.99 30.90 30.82
N ARG A 40 -16.69 31.13 30.67
CA ARG A 40 -15.75 30.02 30.70
C ARG A 40 -15.67 29.40 32.08
N THR A 41 -15.99 30.15 33.13
CA THR A 41 -15.98 29.50 34.44
C THR A 41 -17.31 28.83 34.76
N LEU A 42 -18.43 29.46 34.41
CA LEU A 42 -19.73 28.90 34.74
C LEU A 42 -19.93 27.52 34.11
N LEU A 43 -19.34 27.28 32.96
CA LEU A 43 -19.60 26.04 32.24
C LEU A 43 -18.59 24.95 32.54
N SER A 44 -17.64 25.17 33.45
CA SER A 44 -16.60 24.17 33.65
C SER A 44 -16.28 23.86 35.10
N SER A 45 -16.54 24.79 36.02
CA SER A 45 -16.07 24.65 37.38
C SER A 45 -17.15 24.99 38.39
N ILE A 46 -18.33 24.42 38.20
CA ILE A 46 -19.42 24.55 39.17
C ILE A 46 -19.66 23.17 39.79
N PRO A 47 -19.34 22.96 41.05
CA PRO A 47 -19.52 21.63 41.64
C PRO A 47 -20.98 21.22 41.69
N GLY A 48 -21.21 19.93 41.62
CA GLY A 48 -22.54 19.37 41.70
C GLY A 48 -22.52 17.94 42.17
N ALA A 49 -23.55 17.20 41.82
CA ALA A 49 -23.65 15.80 42.23
C ALA A 49 -24.41 15.01 41.19
N ALA A 50 -23.95 13.78 40.91
CA ALA A 50 -24.62 12.92 39.97
C ALA A 50 -24.18 11.49 40.16
N VAL A 51 -24.97 10.57 39.59
CA VAL A 51 -24.77 9.14 39.81
C VAL A 51 -23.39 8.72 39.32
N THR A 52 -22.82 7.71 39.99
CA THR A 52 -21.57 7.12 39.51
C THR A 52 -21.58 5.61 39.41
N SER A 53 -22.53 4.91 40.03
CA SER A 53 -22.59 3.46 39.89
C SER A 53 -23.97 2.98 40.25
N ILE A 54 -24.38 1.89 39.60
CA ILE A 54 -25.67 1.28 39.90
C ILE A 54 -25.47 -0.22 40.04
N ARG A 55 -26.37 -0.86 40.76
CA ARG A 55 -26.43 -2.31 40.86
C ARG A 55 -27.85 -2.74 40.56
N ILE A 56 -28.01 -3.73 39.69
CA ILE A 56 -29.32 -4.26 39.36
C ILE A 56 -29.36 -5.72 39.74
N ASP A 57 -30.39 -6.11 40.48
CA ASP A 57 -30.53 -7.49 40.91
C ASP A 57 -30.77 -8.39 39.72
N GLY A 58 -30.10 -9.53 39.69
CA GLY A 58 -30.26 -10.49 38.63
C GLY A 58 -29.49 -10.20 37.37
N VAL A 59 -28.54 -9.26 37.40
CA VAL A 59 -27.74 -8.94 36.24
C VAL A 59 -26.28 -8.85 36.67
N LEU A 60 -25.40 -8.97 35.69
CA LEU A 60 -23.98 -8.93 36.00
C LEU A 60 -23.24 -7.84 35.25
N HIS A 61 -23.61 -7.58 34.00
CA HIS A 61 -22.95 -6.58 33.18
C HIS A 61 -24.02 -5.76 32.47
N GLU A 62 -23.59 -4.73 31.74
CA GLU A 62 -24.55 -3.84 31.11
C GLU A 62 -25.17 -4.45 29.86
N PHE A 63 -24.39 -5.13 29.03
CA PHE A 63 -24.86 -5.57 27.71
C PHE A 63 -25.77 -6.79 27.85
N THR A 64 -26.97 -6.56 28.38
CA THR A 64 -27.96 -7.63 28.48
C THR A 64 -29.31 -7.00 28.83
N THR A 65 -30.28 -7.85 29.09
CA THR A 65 -31.65 -7.44 29.37
C THR A 65 -32.14 -8.12 30.64
N VAL A 66 -33.33 -7.72 31.08
CA VAL A 66 -33.96 -8.31 32.25
C VAL A 66 -35.40 -8.64 31.90
N PRO A 67 -35.95 -9.73 32.41
CA PRO A 67 -37.32 -10.11 32.04
C PRO A 67 -38.34 -9.11 32.57
N GLY A 68 -39.38 -8.90 31.76
CA GLY A 68 -40.48 -8.04 32.15
C GLY A 68 -40.29 -6.57 31.91
N VAL A 69 -39.18 -6.15 31.29
CA VAL A 69 -38.93 -4.74 31.03
C VAL A 69 -38.82 -4.53 29.53
N LYS A 70 -39.47 -3.47 29.04
CA LYS A 70 -39.47 -3.21 27.61
C LYS A 70 -38.12 -2.74 27.09
N GLU A 71 -37.22 -2.32 27.97
CA GLU A 71 -35.93 -1.77 27.58
C GLU A 71 -34.80 -2.51 28.29
N ASP A 72 -33.76 -2.85 27.54
CA ASP A 72 -32.62 -3.55 28.11
C ASP A 72 -31.77 -2.60 28.94
N VAL A 73 -30.72 -3.15 29.54
CA VAL A 73 -29.95 -2.41 30.55
C VAL A 73 -29.26 -1.20 29.94
N THR A 74 -28.82 -1.29 28.68
CA THR A 74 -28.13 -0.16 28.08
C THR A 74 -29.02 1.09 28.06
N GLU A 75 -30.26 0.93 27.63
CA GLU A 75 -31.16 2.09 27.62
C GLU A 75 -31.50 2.55 29.02
N ILE A 76 -31.56 1.64 29.99
CA ILE A 76 -31.80 2.06 31.36
C ILE A 76 -30.68 2.96 31.84
N ILE A 77 -29.43 2.58 31.56
CA ILE A 77 -28.30 3.42 31.93
C ILE A 77 -28.38 4.75 31.19
N LEU A 78 -28.70 4.71 29.91
CA LEU A 78 -28.75 5.94 29.12
C LEU A 78 -29.79 6.91 29.68
N ASN A 79 -30.96 6.40 30.05
CA ASN A 79 -31.97 7.25 30.65
C ASN A 79 -31.53 7.75 32.03
N LEU A 80 -30.96 6.87 32.85
CA LEU A 80 -30.55 7.29 34.18
C LEU A 80 -29.43 8.31 34.15
N LYS A 81 -28.71 8.42 33.04
CA LYS A 81 -27.64 9.42 32.98
C LYS A 81 -28.20 10.83 33.17
N SER A 82 -29.31 11.13 32.51
CA SER A 82 -29.85 12.48 32.56
C SER A 82 -30.74 12.73 33.78
N LEU A 83 -30.57 11.96 34.84
CA LEU A 83 -31.25 12.26 36.09
C LEU A 83 -30.64 13.47 36.76
N VAL A 84 -31.46 14.26 37.44
CA VAL A 84 -31.00 15.47 38.11
C VAL A 84 -31.11 15.26 39.61
N VAL A 85 -29.97 15.24 40.29
CA VAL A 85 -29.90 14.92 41.71
C VAL A 85 -29.01 15.93 42.40
N SER A 86 -29.47 16.45 43.54
CA SER A 86 -28.71 17.44 44.30
C SER A 86 -28.40 16.89 45.68
N SER A 87 -27.14 17.04 46.11
CA SER A 87 -26.69 16.46 47.37
C SER A 87 -25.66 17.37 48.01
N GLU A 88 -25.46 17.18 49.33
CA GLU A 88 -24.46 17.94 50.05
C GLU A 88 -23.55 17.11 50.95
N GLU A 89 -23.87 15.85 51.22
CA GLU A 89 -22.95 15.03 51.98
C GLU A 89 -21.71 14.72 51.16
N ASP A 90 -20.54 14.74 51.81
CA ASP A 90 -19.28 14.53 51.14
C ASP A 90 -18.88 13.07 51.05
N GLU A 91 -19.84 12.15 51.12
CA GLU A 91 -19.56 10.74 51.04
C GLU A 91 -20.48 10.07 50.03
N PRO A 92 -20.06 8.96 49.45
CA PRO A 92 -20.93 8.27 48.48
C PRO A 92 -22.20 7.75 49.12
N VAL A 93 -23.33 8.37 48.84
CA VAL A 93 -24.57 7.98 49.47
C VAL A 93 -25.30 7.01 48.55
N THR A 94 -26.30 6.33 49.10
CA THR A 94 -26.96 5.25 48.40
C THR A 94 -28.46 5.46 48.38
N MET A 95 -29.08 5.20 47.24
CA MET A 95 -30.52 5.26 47.09
C MET A 95 -31.03 3.94 46.53
N TYR A 96 -32.33 3.70 46.66
CA TYR A 96 -32.93 2.46 46.21
C TYR A 96 -34.09 2.74 45.29
N LEU A 97 -34.43 1.77 44.44
CA LEU A 97 -35.57 1.90 43.55
C LEU A 97 -36.09 0.50 43.23
N ARG A 98 -37.30 0.18 43.67
CA ARG A 98 -37.91 -1.10 43.35
C ARG A 98 -39.35 -0.87 42.91
N LYS A 99 -39.81 -1.69 41.98
CA LYS A 99 -41.20 -1.64 41.57
C LYS A 99 -41.60 -3.00 41.01
N GLN A 100 -42.90 -3.25 41.01
CA GLN A 100 -43.47 -4.48 40.51
C GLN A 100 -44.82 -4.18 39.89
N GLY A 101 -45.23 -5.03 38.96
CA GLY A 101 -46.52 -4.90 38.33
C GLY A 101 -46.49 -3.93 37.17
N PRO A 102 -47.51 -3.98 36.33
CA PRO A 102 -47.50 -3.16 35.11
C PRO A 102 -47.49 -1.67 35.43
N GLY A 103 -46.88 -0.90 34.54
CA GLY A 103 -46.90 0.53 34.67
C GLY A 103 -45.65 1.16 34.07
N GLU A 104 -45.36 2.37 34.52
CA GLU A 104 -44.23 3.14 34.03
C GLU A 104 -43.35 3.52 35.19
N VAL A 105 -42.17 2.93 35.29
CA VAL A 105 -41.27 3.26 36.38
C VAL A 105 -40.54 4.54 36.03
N THR A 106 -40.81 5.58 36.79
CA THR A 106 -40.30 6.92 36.58
C THR A 106 -39.36 7.28 37.71
N ALA A 107 -38.68 8.42 37.56
CA ALA A 107 -37.76 8.86 38.59
C ALA A 107 -38.49 9.19 39.89
N GLY A 108 -39.80 9.38 39.84
CA GLY A 108 -40.54 9.67 41.06
C GLY A 108 -40.47 8.53 42.06
N ASP A 109 -40.38 7.30 41.58
CA ASP A 109 -40.33 6.14 42.46
C ASP A 109 -39.00 6.00 43.18
N ILE A 110 -38.00 6.80 42.83
CA ILE A 110 -36.75 6.80 43.56
C ILE A 110 -37.03 7.18 45.00
N VAL A 111 -36.45 6.43 45.94
CA VAL A 111 -36.58 6.72 47.36
C VAL A 111 -35.25 7.27 47.86
N PRO A 112 -35.13 8.57 48.10
CA PRO A 112 -33.86 9.13 48.54
C PRO A 112 -33.72 9.06 50.05
N PRO A 113 -32.52 8.82 50.55
CA PRO A 113 -32.26 8.98 51.97
C PRO A 113 -32.14 10.47 52.32
N ALA A 114 -31.77 10.72 53.56
CA ALA A 114 -31.66 12.09 54.03
C ALA A 114 -30.44 12.76 53.41
N GLY A 115 -30.63 13.99 52.93
CA GLY A 115 -29.53 14.81 52.44
C GLY A 115 -29.40 14.90 50.94
N VAL A 116 -30.12 14.07 50.19
CA VAL A 116 -30.10 14.16 48.73
C VAL A 116 -31.53 14.32 48.25
N THR A 117 -31.69 14.96 47.10
CA THR A 117 -33.00 15.23 46.55
C THR A 117 -32.98 14.97 45.06
N VAL A 118 -34.15 14.58 44.54
CA VAL A 118 -34.37 14.37 43.12
C VAL A 118 -35.35 15.43 42.64
N HIS A 119 -34.99 16.12 41.56
CA HIS A 119 -35.68 17.34 41.16
C HIS A 119 -36.44 17.20 39.84
N ASN A 120 -36.85 15.99 39.50
CA ASN A 120 -37.68 15.83 38.31
C ASN A 120 -38.49 14.54 38.39
N PRO A 121 -39.57 14.53 39.17
CA PRO A 121 -40.39 13.32 39.28
C PRO A 121 -41.04 12.93 37.96
N GLY A 122 -41.15 13.84 37.01
CA GLY A 122 -41.81 13.54 35.75
C GLY A 122 -40.97 12.82 34.73
N MET A 123 -39.72 12.48 35.07
CA MET A 123 -38.86 11.79 34.15
C MET A 123 -39.41 10.40 33.84
N HIS A 124 -38.79 9.73 32.86
CA HIS A 124 -39.18 8.38 32.49
C HIS A 124 -37.94 7.50 32.47
N ILE A 125 -37.95 6.43 33.24
CA ILE A 125 -36.83 5.50 33.32
C ILE A 125 -37.09 4.24 32.51
N ALA A 126 -38.23 3.58 32.73
CA ALA A 126 -38.53 2.39 31.96
C ALA A 126 -40.03 2.15 31.95
N THR A 127 -40.46 1.29 31.02
CA THR A 127 -41.85 0.87 30.90
C THR A 127 -41.94 -0.57 31.37
N LEU A 128 -42.50 -0.77 32.56
CA LEU A 128 -42.49 -2.08 33.21
C LEU A 128 -43.71 -2.86 32.78
N ASN A 129 -43.48 -3.95 32.06
CA ASN A 129 -44.53 -4.88 31.67
C ASN A 129 -45.04 -5.61 32.91
N ASP A 130 -46.22 -6.21 32.76
CA ASP A 130 -46.71 -7.13 33.78
C ASP A 130 -45.66 -8.22 34.04
N LYS A 131 -45.80 -8.87 35.20
CA LYS A 131 -44.93 -9.96 35.66
C LYS A 131 -43.45 -9.60 35.55
N GLY A 132 -43.11 -8.32 35.68
CA GLY A 132 -41.71 -7.93 35.68
C GLY A 132 -41.30 -7.20 36.94
N LYS A 133 -40.36 -7.77 37.69
CA LYS A 133 -39.79 -7.08 38.83
C LYS A 133 -38.77 -6.06 38.36
N LEU A 134 -38.46 -5.11 39.24
CA LEU A 134 -37.32 -4.25 38.99
C LEU A 134 -36.77 -3.77 40.33
N GLU A 135 -35.47 -3.90 40.53
CA GLU A 135 -34.84 -3.50 41.78
C GLU A 135 -33.41 -3.05 41.49
N VAL A 136 -33.15 -1.76 41.70
CA VAL A 136 -31.84 -1.17 41.44
C VAL A 136 -31.41 -0.37 42.67
N GLU A 137 -30.10 -0.20 42.79
CA GLU A 137 -29.48 0.53 43.87
C GLU A 137 -28.44 1.49 43.30
N LEU A 138 -28.54 2.75 43.68
CA LEU A 138 -27.78 3.83 43.07
C LEU A 138 -26.79 4.42 44.04
N VAL A 139 -25.64 4.84 43.53
CA VAL A 139 -24.62 5.54 44.31
C VAL A 139 -24.54 6.97 43.79
N VAL A 140 -24.57 7.94 44.70
CA VAL A 140 -24.51 9.34 44.34
C VAL A 140 -23.29 9.96 45.03
N GLU A 141 -22.47 10.67 44.25
CA GLU A 141 -21.30 11.34 44.77
C GLU A 141 -21.31 12.83 44.43
N ARG A 142 -20.25 13.53 44.80
CA ARG A 142 -20.06 14.93 44.44
C ARG A 142 -18.81 15.08 43.60
N GLY A 143 -18.59 16.29 43.11
CA GLY A 143 -17.43 16.56 42.28
C GLY A 143 -17.70 17.74 41.37
N ARG A 144 -16.91 17.84 40.31
CA ARG A 144 -17.08 18.90 39.33
C ARG A 144 -16.53 18.45 37.98
N GLY A 145 -16.92 19.17 36.95
CA GLY A 145 -16.47 18.89 35.60
C GLY A 145 -17.11 17.68 34.97
N TYR A 146 -16.32 16.64 34.77
CA TYR A 146 -16.80 15.38 34.23
C TYR A 146 -15.69 14.35 34.38
N VAL A 147 -16.05 13.13 34.74
CA VAL A 147 -15.05 12.07 34.88
C VAL A 147 -15.52 10.85 34.09
N PRO A 148 -14.65 10.23 33.31
CA PRO A 148 -15.08 9.05 32.54
C PRO A 148 -15.43 7.92 33.48
N ALA A 149 -16.35 7.06 33.03
CA ALA A 149 -16.83 5.98 33.88
C ALA A 149 -15.69 5.05 34.27
N VAL A 150 -14.80 4.74 33.32
CA VAL A 150 -13.74 3.79 33.56
C VAL A 150 -12.75 4.25 34.63
N GLN A 151 -12.84 5.49 35.08
CA GLN A 151 -12.05 5.90 36.23
C GLN A 151 -12.54 5.28 37.52
N ASN A 152 -13.69 4.60 37.48
CA ASN A 152 -14.27 4.01 38.68
C ASN A 152 -14.21 2.49 38.69
N ARG A 153 -13.78 1.85 37.60
CA ARG A 153 -13.75 0.39 37.56
C ARG A 153 -12.53 -0.20 38.26
N ALA A 154 -11.52 0.62 38.55
CA ALA A 154 -10.30 0.12 39.15
C ALA A 154 -10.46 -0.27 40.62
N SER A 155 -11.61 0.04 41.22
CA SER A 155 -11.81 -0.27 42.63
C SER A 155 -11.76 -1.76 42.90
N GLY A 156 -12.04 -2.60 41.91
CA GLY A 156 -12.03 -4.04 42.11
C GLY A 156 -13.10 -4.52 43.06
N ALA A 157 -14.29 -3.91 43.04
CA ALA A 157 -15.38 -4.28 43.92
C ALA A 157 -16.08 -5.52 43.36
N GLU A 158 -17.26 -5.83 43.91
CA GLU A 158 -17.98 -7.03 43.52
C GLU A 158 -18.31 -7.02 42.03
N ILE A 159 -18.66 -8.20 41.52
CA ILE A 159 -18.93 -8.37 40.10
C ILE A 159 -20.22 -7.66 39.68
N GLY A 160 -21.09 -7.30 40.62
CA GLY A 160 -22.37 -6.72 40.25
C GLY A 160 -22.35 -5.24 39.92
N ARG A 161 -21.39 -4.49 40.47
CA ARG A 161 -21.40 -3.05 40.30
C ARG A 161 -21.11 -2.68 38.84
N ILE A 162 -21.92 -1.80 38.28
CA ILE A 162 -21.79 -1.33 36.91
C ILE A 162 -21.29 0.11 36.96
N PRO A 163 -20.06 0.39 36.56
CA PRO A 163 -19.60 1.78 36.51
C PRO A 163 -20.40 2.57 35.50
N VAL A 164 -20.66 3.84 35.81
CA VAL A 164 -21.48 4.68 34.96
C VAL A 164 -20.87 6.07 34.91
N ASP A 165 -20.91 6.69 33.73
CA ASP A 165 -20.40 8.03 33.54
C ASP A 165 -21.14 9.03 34.44
N SER A 166 -20.66 10.27 34.43
CA SER A 166 -21.21 11.27 35.33
C SER A 166 -20.99 12.65 34.73
N ILE A 167 -21.96 13.52 34.92
CA ILE A 167 -21.91 14.90 34.46
C ILE A 167 -22.25 15.77 35.66
N TYR A 168 -21.24 16.20 36.39
CA TYR A 168 -21.49 16.93 37.63
C TYR A 168 -21.96 18.36 37.40
N SER A 169 -21.78 18.88 36.20
CA SER A 169 -22.06 20.29 35.96
C SER A 169 -23.56 20.55 35.92
N PRO A 170 -24.08 21.48 36.71
CA PRO A 170 -25.51 21.75 36.65
C PRO A 170 -25.89 22.79 35.62
N VAL A 171 -24.97 23.65 35.21
CA VAL A 171 -25.30 24.76 34.33
C VAL A 171 -25.62 24.25 32.94
N LEU A 172 -26.65 24.82 32.33
CA LEU A 172 -27.13 24.37 31.04
C LEU A 172 -26.79 25.32 29.89
N LYS A 173 -26.96 26.62 30.07
CA LYS A 173 -26.73 27.53 28.96
C LYS A 173 -26.39 28.91 29.49
N VAL A 174 -25.42 29.57 28.84
CA VAL A 174 -24.94 30.88 29.26
C VAL A 174 -24.66 31.70 28.02
N THR A 175 -25.06 32.97 28.04
CA THR A 175 -24.76 33.84 26.92
C THR A 175 -24.64 35.28 27.40
N TYR A 176 -24.20 36.17 26.51
CA TYR A 176 -24.10 37.56 26.92
C TYR A 176 -24.29 38.49 25.73
N LYS A 177 -24.54 39.75 26.06
CA LYS A 177 -24.66 40.84 25.10
C LYS A 177 -23.99 42.07 25.68
N VAL A 178 -23.59 42.99 24.80
CA VAL A 178 -22.97 44.23 25.23
C VAL A 178 -23.67 45.40 24.56
N ASP A 179 -24.07 46.38 25.35
CA ASP A 179 -24.62 47.64 24.85
C ASP A 179 -23.58 48.72 25.04
N ALA A 180 -23.17 49.34 23.95
CA ALA A 180 -22.05 50.28 23.96
C ALA A 180 -22.57 51.69 23.75
N THR A 181 -22.31 52.56 24.73
CA THR A 181 -22.52 54.00 24.55
C THR A 181 -21.21 54.57 24.03
N ARG A 182 -21.18 54.89 22.74
CA ARG A 182 -19.96 55.21 22.03
C ARG A 182 -19.99 56.59 21.39
N VAL A 183 -20.95 57.43 21.75
CA VAL A 183 -20.98 58.78 21.21
C VAL A 183 -19.74 59.52 21.64
N GLU A 184 -19.09 60.21 20.70
CA GLU A 184 -17.73 60.68 20.93
C GLU A 184 -17.68 61.78 22.00
N GLN A 185 -17.30 61.36 23.19
CA GLN A 185 -17.15 62.20 24.38
C GLN A 185 -16.39 61.32 25.39
N ARG A 186 -16.29 61.78 26.63
CA ARG A 186 -15.84 60.93 27.72
C ARG A 186 -16.94 60.05 28.26
N THR A 187 -18.04 59.92 27.53
CA THR A 187 -19.22 59.19 27.97
C THR A 187 -19.37 57.85 27.25
N ASP A 188 -18.26 57.15 27.03
CA ASP A 188 -18.26 55.85 26.37
C ASP A 188 -18.19 54.76 27.42
N PHE A 189 -19.11 53.80 27.37
CA PHE A 189 -19.08 52.71 28.33
C PHE A 189 -19.78 51.50 27.76
N ASP A 190 -19.57 50.36 28.40
CA ASP A 190 -20.16 49.10 28.00
C ASP A 190 -21.03 48.56 29.13
N LYS A 191 -22.27 48.21 28.80
CA LYS A 191 -23.17 47.55 29.71
C LYS A 191 -23.26 46.08 29.32
N LEU A 192 -22.92 45.19 30.23
CA LEU A 192 -22.88 43.76 29.94
C LEU A 192 -24.15 43.10 30.47
N ILE A 193 -24.82 42.34 29.61
CA ILE A 193 -26.02 41.61 29.98
C ILE A 193 -25.73 40.13 29.88
N LEU A 194 -25.73 39.44 31.02
CA LEU A 194 -25.38 38.03 31.09
C LEU A 194 -26.61 37.21 31.42
N ASP A 195 -26.90 36.22 30.58
CA ASP A 195 -28.08 35.38 30.71
C ASP A 195 -27.65 33.98 31.10
N VAL A 196 -28.26 33.43 32.15
CA VAL A 196 -27.86 32.15 32.69
C VAL A 196 -29.09 31.27 32.88
N GLU A 197 -28.98 30.00 32.50
CA GLU A 197 -30.01 29.01 32.75
C GLU A 197 -29.37 27.70 33.21
N THR A 198 -29.93 27.12 34.26
CA THR A 198 -29.41 25.89 34.84
C THR A 198 -30.47 24.79 34.79
N LYS A 199 -30.15 23.67 35.46
CA LYS A 199 -30.90 22.42 35.34
C LYS A 199 -31.91 22.21 36.47
N ASN A 200 -32.55 23.27 36.95
CA ASN A 200 -33.53 23.21 38.03
C ASN A 200 -32.95 22.64 39.32
N SER A 201 -31.65 22.40 39.37
CA SER A 201 -31.00 21.91 40.58
C SER A 201 -30.48 23.04 41.46
N ILE A 202 -29.76 23.98 40.87
CA ILE A 202 -29.15 25.09 41.61
C ILE A 202 -29.66 26.40 41.02
N SER A 203 -30.13 27.28 41.88
CA SER A 203 -30.64 28.56 41.41
C SER A 203 -29.51 29.36 40.78
N PRO A 204 -29.79 30.15 39.74
CA PRO A 204 -28.70 30.80 39.00
C PRO A 204 -27.82 31.69 39.85
N ARG A 205 -28.39 32.39 40.84
CA ARG A 205 -27.57 33.30 41.63
C ARG A 205 -26.48 32.54 42.38
N ASP A 206 -26.79 31.34 42.87
CA ASP A 206 -25.78 30.56 43.57
C ASP A 206 -24.64 30.18 42.63
N ALA A 207 -24.98 29.79 41.39
CA ALA A 207 -23.93 29.48 40.42
C ALA A 207 -23.06 30.70 40.14
N LEU A 208 -23.68 31.86 39.96
CA LEU A 208 -22.90 33.05 39.72
C LEU A 208 -22.00 33.37 40.90
N ALA A 209 -22.49 33.15 42.11
CA ALA A 209 -21.67 33.36 43.29
C ALA A 209 -20.48 32.42 43.31
N SER A 210 -20.70 31.16 42.95
CA SER A 210 -19.60 30.20 42.92
C SER A 210 -18.54 30.61 41.91
N ALA A 211 -18.98 31.05 40.73
CA ALA A 211 -18.03 31.50 39.72
C ALA A 211 -17.24 32.71 40.23
N GLY A 212 -17.92 33.67 40.84
CA GLY A 212 -17.24 34.83 41.35
C GLY A 212 -16.19 34.47 42.39
N LYS A 213 -16.54 33.56 43.28
CA LYS A 213 -15.57 33.16 44.29
C LYS A 213 -14.38 32.44 43.68
N THR A 214 -14.59 31.58 42.68
CA THR A 214 -13.45 30.91 42.05
C THR A 214 -12.53 31.91 41.39
N LEU A 215 -13.09 32.87 40.65
CA LEU A 215 -12.25 33.85 39.98
C LEU A 215 -11.52 34.75 40.98
N VAL A 216 -12.18 35.11 42.08
CA VAL A 216 -11.52 35.92 43.09
C VAL A 216 -10.32 35.18 43.66
N GLU A 217 -10.52 33.91 44.00
CA GLU A 217 -9.42 33.12 44.54
C GLU A 217 -8.29 33.00 43.54
N LEU A 218 -8.62 32.84 42.25
CA LEU A 218 -7.58 32.69 41.24
C LEU A 218 -6.80 33.98 41.05
N PHE A 219 -7.48 35.11 40.94
CA PHE A 219 -6.79 36.38 40.71
C PHE A 219 -6.06 36.88 41.95
N GLY A 220 -6.43 36.40 43.13
CA GLY A 220 -5.79 36.90 44.33
C GLY A 220 -4.30 36.66 44.40
N LEU A 221 -3.80 35.64 43.69
CA LEU A 221 -2.38 35.34 43.76
C LEU A 221 -1.54 36.35 43.00
N ALA A 222 -2.15 37.22 42.22
CA ALA A 222 -1.38 38.23 41.51
C ALA A 222 -1.16 39.49 42.33
N ARG A 223 -2.04 39.77 43.30
CA ARG A 223 -1.93 41.02 44.03
C ARG A 223 -0.79 41.03 45.03
N GLU A 224 -0.40 39.86 45.53
CA GLU A 224 0.70 39.81 46.48
C GLU A 224 1.99 40.23 45.80
N LEU A 225 2.78 41.04 46.51
CA LEU A 225 4.03 41.55 45.98
C LEU A 225 5.14 40.52 46.21
N ASN A 226 6.38 40.92 45.96
CA ASN A 226 7.51 40.02 46.17
C ASN A 226 7.96 40.06 47.63
N MET B 1 -7.39 26.18 51.72
CA MET B 1 -6.67 26.16 50.46
C MET B 1 -6.24 24.73 50.11
N LEU B 2 -7.22 23.86 49.87
CA LEU B 2 -6.93 22.45 49.65
C LEU B 2 -7.69 21.81 48.50
N ILE B 3 -8.85 22.36 48.10
CA ILE B 3 -9.69 21.69 47.12
C ILE B 3 -8.98 21.57 45.78
N SER B 4 -8.30 22.63 45.36
CA SER B 4 -7.46 22.54 44.17
C SER B 4 -6.27 21.62 44.45
N GLN B 5 -5.94 20.79 43.45
CA GLN B 5 -4.86 19.82 43.64
C GLN B 5 -3.51 20.52 43.81
N ARG B 6 -3.23 21.50 42.98
CA ARG B 6 -1.93 22.15 42.97
C ARG B 6 -2.08 23.65 43.11
N PRO B 7 -1.22 24.29 43.87
CA PRO B 7 -1.27 25.76 43.96
C PRO B 7 -0.36 26.40 42.93
N THR B 8 -0.89 27.32 42.15
CA THR B 8 -0.10 27.96 41.12
C THR B 8 0.77 29.05 41.73
N LEU B 9 1.96 29.23 41.18
CA LEU B 9 2.89 30.22 41.69
C LEU B 9 3.40 31.12 40.58
N SER B 10 3.39 32.42 40.83
CA SER B 10 3.81 33.42 39.85
C SER B 10 5.30 33.67 39.99
N GLU B 11 6.05 33.37 38.94
CA GLU B 11 7.47 33.62 38.92
C GLU B 11 7.71 35.00 38.31
N ASP B 12 8.96 35.30 37.97
CA ASP B 12 9.29 36.58 37.37
C ASP B 12 10.68 36.50 36.76
N VAL B 13 10.79 36.86 35.48
CA VAL B 13 12.07 36.99 34.79
C VAL B 13 12.14 38.40 34.24
N LEU B 14 13.25 39.08 34.51
CA LEU B 14 13.38 40.48 34.17
C LEU B 14 14.30 40.70 32.98
N THR B 15 14.25 41.90 32.44
CA THR B 15 15.17 42.40 31.43
C THR B 15 15.34 43.89 31.71
N ASP B 16 15.64 44.68 30.68
CA ASP B 16 15.89 46.10 30.89
C ASP B 16 14.70 46.76 31.58
N ASN B 17 13.57 46.88 30.87
CA ASN B 17 12.36 47.49 31.41
C ASN B 17 11.11 46.66 31.20
N ARG B 18 11.12 45.73 30.25
CA ARG B 18 10.05 44.77 30.10
C ARG B 18 10.28 43.59 31.03
N SER B 19 9.33 42.66 31.03
CA SER B 19 9.46 41.49 31.90
C SER B 19 8.58 40.36 31.36
N GLN B 20 8.88 39.16 31.85
CA GLN B 20 8.11 37.97 31.56
C GLN B 20 7.62 37.37 32.87
N PHE B 21 6.33 37.09 32.94
CA PHE B 21 5.71 36.50 34.12
C PHE B 21 5.16 35.13 33.74
N VAL B 22 5.52 34.12 34.52
CA VAL B 22 5.10 32.75 34.26
C VAL B 22 4.16 32.31 35.37
N ILE B 23 2.99 31.82 34.99
CA ILE B 23 2.05 31.24 35.94
C ILE B 23 1.89 29.78 35.58
N GLU B 24 2.09 28.90 36.55
CA GLU B 24 1.97 27.47 36.28
C GLU B 24 1.87 26.73 37.61
N PRO B 25 1.12 25.64 37.65
CA PRO B 25 0.25 25.11 36.62
C PRO B 25 -1.21 25.44 36.85
N LEU B 26 -1.88 26.09 35.90
CA LEU B 26 -3.29 26.37 36.03
C LEU B 26 -4.11 25.12 35.71
N GLU B 27 -5.29 25.05 36.31
CA GLU B 27 -6.20 23.97 36.00
C GLU B 27 -6.55 23.99 34.52
N PRO B 28 -6.66 22.84 33.87
CA PRO B 28 -6.83 22.82 32.41
C PRO B 28 -8.02 23.64 31.97
N GLY B 29 -7.80 24.46 30.94
CA GLY B 29 -8.82 25.35 30.45
C GLY B 29 -8.88 26.68 31.14
N PHE B 30 -7.84 27.07 31.86
CA PHE B 30 -7.82 28.35 32.55
C PHE B 30 -6.85 29.34 31.95
N GLY B 31 -5.90 28.89 31.13
CA GLY B 31 -4.91 29.81 30.60
C GLY B 31 -5.53 30.96 29.85
N TYR B 32 -6.48 30.66 28.97
CA TYR B 32 -7.15 31.73 28.25
C TYR B 32 -8.14 32.47 29.11
N THR B 33 -8.61 31.86 30.20
CA THR B 33 -9.52 32.57 31.09
C THR B 33 -8.82 33.75 31.75
N LEU B 34 -7.55 33.56 32.13
CA LEU B 34 -6.82 34.64 32.77
C LEU B 34 -6.09 35.52 31.78
N GLY B 35 -5.50 34.94 30.74
CA GLY B 35 -4.60 35.72 29.90
C GLY B 35 -5.28 36.92 29.27
N ASN B 36 -6.43 36.70 28.64
CA ASN B 36 -7.05 37.77 27.88
C ASN B 36 -7.61 38.86 28.81
N SER B 37 -8.30 38.46 29.88
CA SER B 37 -8.83 39.46 30.80
C SER B 37 -7.71 40.26 31.45
N LEU B 38 -6.63 39.57 31.85
CA LEU B 38 -5.51 40.26 32.46
C LEU B 38 -4.86 41.23 31.48
N ARG B 39 -4.72 40.81 30.21
CA ARG B 39 -4.15 41.71 29.21
C ARG B 39 -5.00 42.94 29.05
N ARG B 40 -6.32 42.77 28.97
CA ARG B 40 -7.18 43.92 28.76
C ARG B 40 -7.12 44.87 29.96
N THR B 41 -7.12 44.32 31.17
CA THR B 41 -7.04 45.18 32.34
C THR B 41 -5.71 45.91 32.40
N LEU B 42 -4.62 45.23 32.06
CA LEU B 42 -3.32 45.89 32.02
C LEU B 42 -3.32 47.04 31.02
N LEU B 43 -3.92 46.84 29.87
CA LEU B 43 -3.88 47.90 28.87
C LEU B 43 -4.79 49.06 29.23
N SER B 44 -5.97 48.81 29.82
CA SER B 44 -6.96 49.86 29.85
C SER B 44 -7.59 50.06 31.22
N SER B 45 -6.87 49.79 32.31
CA SER B 45 -7.44 50.11 33.61
C SER B 45 -6.38 50.55 34.61
N ILE B 46 -5.31 51.18 34.16
CA ILE B 46 -4.31 51.70 35.08
C ILE B 46 -4.26 53.22 34.95
N PRO B 47 -4.76 53.96 35.93
CA PRO B 47 -4.86 55.41 35.77
C PRO B 47 -3.49 56.06 35.63
N GLY B 48 -3.46 57.15 34.87
CA GLY B 48 -2.23 57.87 34.61
C GLY B 48 -2.55 59.16 33.88
N ALA B 49 -1.52 59.97 33.68
CA ALA B 49 -1.67 61.30 33.12
C ALA B 49 -1.07 61.36 31.73
N ALA B 50 -1.56 62.31 30.93
CA ALA B 50 -1.14 62.42 29.55
C ALA B 50 -1.39 63.83 29.01
N VAL B 51 -0.70 64.14 27.93
CA VAL B 51 -0.87 65.39 27.23
C VAL B 51 -2.09 65.30 26.34
N THR B 52 -3.01 66.26 26.46
CA THR B 52 -4.25 66.23 25.72
C THR B 52 -4.18 67.02 24.41
N SER B 53 -3.95 68.33 24.50
CA SER B 53 -3.94 69.18 23.33
C SER B 53 -2.78 70.16 23.42
N ILE B 54 -2.39 70.70 22.27
CA ILE B 54 -1.28 71.64 22.21
C ILE B 54 -1.76 72.93 21.55
N ARG B 55 -1.06 74.00 21.89
CA ARG B 55 -1.26 75.31 21.27
C ARG B 55 0.09 75.87 20.87
N ILE B 56 0.17 76.37 19.64
CA ILE B 56 1.39 76.97 19.10
C ILE B 56 1.10 78.42 18.81
N ASP B 57 2.05 79.29 19.19
CA ASP B 57 1.87 80.74 19.10
C ASP B 57 1.53 81.19 17.68
N GLY B 58 2.45 80.96 16.75
CA GLY B 58 2.30 81.50 15.40
C GLY B 58 1.78 80.54 14.35
N VAL B 59 0.52 80.12 14.48
CA VAL B 59 -0.11 79.27 13.48
C VAL B 59 -1.55 79.73 13.26
N LEU B 60 -1.96 79.81 12.01
CA LEU B 60 -3.35 80.06 11.62
C LEU B 60 -3.99 78.84 10.99
N HIS B 61 -3.36 78.25 9.99
CA HIS B 61 -3.70 76.92 9.51
C HIS B 61 -2.53 76.00 9.84
N GLU B 62 -2.86 74.81 10.35
CA GLU B 62 -1.86 73.98 11.02
C GLU B 62 -0.94 73.24 10.05
N PHE B 63 -1.23 73.25 8.75
CA PHE B 63 -0.46 72.43 7.82
C PHE B 63 0.97 72.92 7.68
N THR B 64 1.15 74.23 7.47
CA THR B 64 2.47 74.77 7.20
C THR B 64 3.37 74.62 8.43
N THR B 65 4.67 74.56 8.17
CA THR B 65 5.65 74.47 9.25
C THR B 65 5.66 75.74 10.07
N VAL B 66 5.95 75.58 11.35
CA VAL B 66 6.13 76.75 12.23
C VAL B 66 7.38 77.51 11.79
N PRO B 67 7.33 78.84 11.70
CA PRO B 67 8.52 79.59 11.30
C PRO B 67 9.66 79.40 12.28
N GLY B 68 10.88 79.30 11.75
CA GLY B 68 12.06 79.23 12.57
C GLY B 68 12.35 77.89 13.19
N VAL B 69 11.68 76.83 12.74
CA VAL B 69 11.92 75.49 13.27
C VAL B 69 12.34 74.58 12.12
N LYS B 70 12.86 73.41 12.48
CA LYS B 70 13.24 72.40 11.50
C LYS B 70 12.18 71.33 11.33
N GLU B 71 11.76 70.70 12.43
CA GLU B 71 10.74 69.67 12.35
C GLU B 71 9.38 70.29 12.07
N ASP B 72 8.59 69.61 11.23
CA ASP B 72 7.26 70.08 10.91
C ASP B 72 6.34 70.02 12.13
N VAL B 73 5.11 70.50 11.97
CA VAL B 73 4.14 70.42 13.05
C VAL B 73 3.85 68.98 13.41
N THR B 74 3.73 68.11 12.40
CA THR B 74 3.41 66.71 12.67
C THR B 74 4.50 66.05 13.48
N GLU B 75 5.76 66.31 13.15
CA GLU B 75 6.85 65.74 13.93
C GLU B 75 6.89 66.33 15.34
N ILE B 76 6.49 67.59 15.49
CA ILE B 76 6.32 68.14 16.83
C ILE B 76 5.32 67.30 17.61
N ILE B 77 4.19 66.98 16.97
CA ILE B 77 3.16 66.19 17.64
C ILE B 77 3.70 64.80 18.00
N LEU B 78 4.39 64.16 17.07
CA LEU B 78 4.89 62.82 17.31
C LEU B 78 5.92 62.80 18.43
N ASN B 79 6.79 63.81 18.48
CA ASN B 79 7.74 63.89 19.58
C ASN B 79 7.02 64.17 20.89
N LEU B 80 5.97 65.00 20.86
CA LEU B 80 5.35 65.42 22.10
C LEU B 80 4.52 64.31 22.72
N LYS B 81 3.87 63.49 21.90
CA LYS B 81 3.03 62.43 22.44
C LYS B 81 3.85 61.45 23.26
N SER B 82 5.04 61.10 22.78
CA SER B 82 5.89 60.16 23.48
C SER B 82 6.33 60.66 24.86
N LEU B 83 6.36 61.98 25.07
CA LEU B 83 6.79 62.52 26.34
C LEU B 83 5.84 62.06 27.46
N VAL B 84 6.42 61.65 28.57
CA VAL B 84 5.65 61.12 29.69
C VAL B 84 5.45 62.21 30.72
N VAL B 85 4.33 62.14 31.43
CA VAL B 85 4.01 63.08 32.51
C VAL B 85 3.45 62.28 33.66
N SER B 86 3.32 62.94 34.80
CA SER B 86 2.69 62.31 35.97
C SER B 86 2.14 63.41 36.86
N SER B 87 0.83 63.51 36.94
CA SER B 87 0.18 64.54 37.72
C SER B 87 -0.62 63.91 38.85
N GLU B 88 -0.97 64.73 39.83
CA GLU B 88 -1.74 64.27 40.99
C GLU B 88 -3.18 64.76 40.97
N GLU B 89 -3.40 65.99 40.53
CA GLU B 89 -4.74 66.56 40.53
C GLU B 89 -5.46 66.23 39.24
N ASP B 90 -6.71 65.77 39.37
CA ASP B 90 -7.43 65.28 38.20
C ASP B 90 -7.84 66.40 37.26
N GLU B 91 -8.01 67.61 37.78
CA GLU B 91 -8.35 68.72 36.91
C GLU B 91 -7.19 69.04 35.98
N PRO B 92 -7.47 69.47 34.74
CA PRO B 92 -6.38 69.73 33.80
C PRO B 92 -5.48 70.86 34.27
N VAL B 93 -4.20 70.74 33.94
CA VAL B 93 -3.23 71.79 34.22
C VAL B 93 -2.56 72.17 32.90
N THR B 94 -1.81 73.27 32.93
CA THR B 94 -1.20 73.82 31.73
C THR B 94 0.30 73.90 31.90
N MET B 95 1.02 73.50 30.84
CA MET B 95 2.47 73.56 30.78
C MET B 95 2.88 74.58 29.73
N TYR B 96 3.96 75.29 29.98
CA TYR B 96 4.47 76.29 29.05
C TYR B 96 5.91 75.95 28.69
N LEU B 97 6.21 75.99 27.39
CA LEU B 97 7.57 75.79 26.90
C LEU B 97 7.97 77.01 26.09
N ARG B 98 9.11 77.60 26.44
CA ARG B 98 9.60 78.80 25.77
C ARG B 98 11.06 78.58 25.38
N LYS B 99 11.40 78.93 24.14
CA LYS B 99 12.77 78.80 23.68
C LYS B 99 13.05 79.83 22.60
N GLN B 100 14.28 80.37 22.61
CA GLN B 100 14.70 81.38 21.66
C GLN B 100 16.15 81.13 21.27
N GLY B 101 16.46 81.36 20.00
CA GLY B 101 17.81 81.29 19.51
C GLY B 101 18.13 79.95 18.88
N PRO B 102 19.23 79.88 18.15
CA PRO B 102 19.64 78.61 17.54
C PRO B 102 19.96 77.57 18.59
N GLY B 103 19.69 76.30 18.25
CA GLY B 103 19.96 75.21 19.15
C GLY B 103 18.94 74.10 19.06
N GLU B 104 18.74 73.38 20.17
CA GLU B 104 17.85 72.24 20.23
C GLU B 104 16.98 72.33 21.46
N VAL B 105 15.78 71.76 21.38
CA VAL B 105 14.81 71.79 22.47
C VAL B 105 14.74 70.42 23.09
N THR B 106 14.88 70.37 24.41
CA THR B 106 14.76 69.13 25.16
C THR B 106 13.45 69.10 25.93
N ALA B 107 13.18 67.95 26.56
CA ALA B 107 12.01 67.86 27.41
C ALA B 107 12.22 68.56 28.75
N GLY B 108 13.46 68.64 29.23
CA GLY B 108 13.73 69.27 30.51
C GLY B 108 13.36 70.73 30.56
N ASP B 109 13.29 71.39 29.41
CA ASP B 109 12.92 72.80 29.36
C ASP B 109 11.47 73.03 29.74
N ILE B 110 10.67 71.97 29.85
CA ILE B 110 9.31 72.11 30.36
C ILE B 110 9.37 72.49 31.83
N VAL B 111 8.64 73.53 32.20
CA VAL B 111 8.58 74.00 33.58
C VAL B 111 7.23 73.58 34.16
N PRO B 112 7.17 72.57 35.00
CA PRO B 112 5.88 72.08 35.49
C PRO B 112 5.49 72.76 36.78
N PRO B 113 4.21 73.06 36.94
CA PRO B 113 3.73 73.53 38.25
C PRO B 113 3.80 72.43 39.30
N ALA B 114 3.30 72.72 40.50
CA ALA B 114 3.33 71.75 41.57
C ALA B 114 2.42 70.57 41.27
N GLY B 115 2.88 69.36 41.59
CA GLY B 115 2.11 68.16 41.41
C GLY B 115 2.29 67.46 40.08
N VAL B 116 3.01 68.07 39.15
CA VAL B 116 3.20 67.52 37.81
C VAL B 116 4.69 67.36 37.56
N THR B 117 5.09 66.21 37.02
CA THR B 117 6.49 65.94 36.80
C THR B 117 6.68 65.29 35.43
N VAL B 118 7.91 65.40 34.93
CA VAL B 118 8.32 64.75 33.70
C VAL B 118 9.49 63.82 34.04
N HIS B 119 9.40 62.57 33.60
CA HIS B 119 10.33 61.54 34.04
C HIS B 119 11.52 61.34 33.12
N ASN B 120 11.47 61.80 31.87
CA ASN B 120 12.57 61.62 30.94
C ASN B 120 12.93 62.95 30.30
N PRO B 121 13.65 63.80 31.02
CA PRO B 121 14.04 65.10 30.44
C PRO B 121 14.87 64.96 29.18
N GLY B 122 15.70 63.93 29.08
CA GLY B 122 16.59 63.80 27.94
C GLY B 122 15.89 63.29 26.69
N MET B 123 14.94 64.07 26.18
CA MET B 123 14.21 63.70 24.98
C MET B 123 14.34 64.82 23.96
N HIS B 124 14.83 64.49 22.77
CA HIS B 124 14.89 65.47 21.69
C HIS B 124 13.49 65.80 21.21
N ILE B 125 13.25 67.08 20.95
CA ILE B 125 11.95 67.50 20.48
C ILE B 125 12.07 68.17 19.12
N ALA B 126 12.84 69.25 19.04
CA ALA B 126 12.93 70.02 17.80
C ALA B 126 14.26 70.73 17.73
N THR B 127 14.60 71.18 16.53
CA THR B 127 15.81 71.94 16.29
C THR B 127 15.44 73.31 15.76
N LEU B 128 15.99 74.36 16.38
CA LEU B 128 15.69 75.73 16.00
C LEU B 128 16.92 76.34 15.34
N ASN B 129 16.71 76.96 14.18
CA ASN B 129 17.79 77.67 13.50
C ASN B 129 17.98 79.03 14.17
N ASP B 130 18.76 79.90 13.53
CA ASP B 130 19.04 81.21 14.10
C ASP B 130 17.76 82.02 14.22
N LYS B 131 17.60 82.69 15.37
CA LYS B 131 16.47 83.59 15.63
C LYS B 131 15.14 82.85 15.49
N GLY B 132 14.94 81.88 16.39
CA GLY B 132 13.71 81.11 16.39
C GLY B 132 12.98 81.14 17.72
N LYS B 133 11.77 81.68 17.72
CA LYS B 133 10.96 81.74 18.92
C LYS B 133 9.94 80.60 18.91
N LEU B 134 9.95 79.79 19.96
CA LEU B 134 9.04 78.66 20.08
C LEU B 134 8.39 78.72 21.45
N GLU B 135 7.09 79.01 21.48
CA GLU B 135 6.31 78.98 22.71
C GLU B 135 5.14 78.03 22.51
N VAL B 136 5.07 77.00 23.35
CA VAL B 136 4.08 75.94 23.24
C VAL B 136 3.31 75.85 24.54
N GLU B 137 2.00 75.64 24.43
CA GLU B 137 1.14 75.41 25.58
C GLU B 137 0.63 73.98 25.52
N LEU B 138 0.85 73.24 26.61
CA LEU B 138 0.42 71.86 26.72
C LEU B 138 -0.68 71.74 27.75
N VAL B 139 -1.65 70.88 27.50
CA VAL B 139 -2.73 70.63 28.44
C VAL B 139 -2.55 69.22 28.97
N VAL B 140 -2.32 69.09 30.27
CA VAL B 140 -2.05 67.81 30.91
C VAL B 140 -3.26 67.41 31.72
N GLU B 141 -3.76 66.20 31.48
CA GLU B 141 -4.95 65.69 32.13
C GLU B 141 -4.69 64.27 32.62
N ARG B 142 -5.66 63.72 33.34
CA ARG B 142 -5.53 62.38 33.90
C ARG B 142 -6.70 61.52 33.44
N GLY B 143 -6.49 60.22 33.46
CA GLY B 143 -7.54 59.28 33.10
C GLY B 143 -6.97 57.89 32.91
N ARG B 144 -7.67 57.10 32.09
CA ARG B 144 -7.33 55.70 31.90
C ARG B 144 -7.65 55.28 30.47
N GLY B 145 -6.81 54.40 29.93
CA GLY B 145 -7.07 53.82 28.63
C GLY B 145 -6.37 54.51 27.48
N TYR B 146 -7.08 54.69 26.38
CA TYR B 146 -6.54 55.39 25.21
C TYR B 146 -7.69 56.08 24.50
N VAL B 147 -7.68 57.40 24.52
CA VAL B 147 -8.72 58.22 23.89
C VAL B 147 -8.58 58.11 22.37
N PRO B 148 -9.59 58.47 21.58
CA PRO B 148 -9.44 58.39 20.13
C PRO B 148 -8.40 59.38 19.64
N ALA B 149 -8.18 59.35 18.32
CA ALA B 149 -7.23 60.26 17.71
C ALA B 149 -7.61 61.70 18.00
N VAL B 150 -8.88 62.03 17.88
CA VAL B 150 -9.40 63.35 18.17
C VAL B 150 -10.27 63.22 19.42
N GLN B 151 -9.83 63.84 20.51
CA GLN B 151 -10.62 63.82 21.72
C GLN B 151 -11.96 64.52 21.51
N ASN B 152 -11.93 65.67 20.85
CA ASN B 152 -13.12 66.46 20.60
C ASN B 152 -13.05 67.02 19.19
N ARG B 153 -13.97 66.60 18.33
CA ARG B 153 -14.02 67.07 16.95
C ARG B 153 -14.94 68.28 16.79
N ALA B 154 -16.18 68.19 17.27
CA ALA B 154 -17.10 69.32 17.17
C ALA B 154 -16.70 70.45 18.10
N SER B 155 -15.95 70.13 19.16
CA SER B 155 -15.48 71.16 20.08
C SER B 155 -14.27 71.86 19.51
N GLY B 156 -14.38 73.17 19.30
CA GLY B 156 -13.28 73.93 18.75
C GLY B 156 -13.57 75.41 18.74
N ALA B 157 -12.54 76.19 18.40
CA ALA B 157 -12.64 77.63 18.31
C ALA B 157 -11.48 78.14 17.47
N GLU B 158 -11.41 79.46 17.35
CA GLU B 158 -10.32 80.09 16.59
C GLU B 158 -9.03 80.20 17.40
N ILE B 159 -9.01 79.66 18.62
CA ILE B 159 -7.84 79.79 19.47
C ILE B 159 -6.65 79.05 18.89
N GLY B 160 -6.89 78.14 17.95
CA GLY B 160 -5.81 77.36 17.39
C GLY B 160 -5.42 76.14 18.20
N ARG B 161 -6.20 75.78 19.21
CA ARG B 161 -5.90 74.59 19.99
C ARG B 161 -6.01 73.36 19.12
N ILE B 162 -4.98 72.53 19.13
CA ILE B 162 -4.92 71.32 18.32
C ILE B 162 -5.20 70.13 19.22
N PRO B 163 -6.32 69.42 19.06
CA PRO B 163 -6.52 68.19 19.81
C PRO B 163 -5.55 67.12 19.36
N VAL B 164 -5.10 66.31 20.31
CA VAL B 164 -4.09 65.29 20.06
C VAL B 164 -4.50 64.04 20.82
N ASP B 165 -4.43 62.88 20.16
CA ASP B 165 -4.66 61.63 20.85
C ASP B 165 -3.62 61.42 21.93
N SER B 166 -4.03 60.81 23.02
CA SER B 166 -3.16 60.65 24.18
C SER B 166 -3.15 59.20 24.64
N ILE B 167 -1.98 58.76 25.09
CA ILE B 167 -1.80 57.40 25.59
C ILE B 167 -1.78 57.50 27.10
N TYR B 168 -2.96 57.39 27.72
CA TYR B 168 -3.05 57.59 29.16
C TYR B 168 -2.29 56.53 29.92
N SER B 169 -2.48 55.27 29.56
CA SER B 169 -1.96 54.18 30.37
C SER B 169 -0.43 54.19 30.40
N PRO B 170 0.18 53.84 31.53
CA PRO B 170 1.64 53.70 31.59
C PRO B 170 2.16 52.37 31.05
N VAL B 171 1.31 51.54 30.45
CA VAL B 171 1.70 50.24 29.91
C VAL B 171 1.63 50.32 28.39
N LEU B 172 2.69 49.88 27.72
CA LEU B 172 2.75 49.99 26.27
C LEU B 172 2.30 48.70 25.58
N LYS B 173 3.02 47.61 25.78
CA LYS B 173 2.78 46.42 24.99
C LYS B 173 2.66 45.19 25.87
N VAL B 174 1.65 44.37 25.60
CA VAL B 174 1.39 43.17 26.37
C VAL B 174 1.06 42.03 25.41
N THR B 175 1.74 40.90 25.56
CA THR B 175 1.41 39.72 24.79
C THR B 175 1.43 38.51 25.70
N TYR B 176 0.78 37.44 25.27
CA TYR B 176 0.73 36.26 26.11
C TYR B 176 0.67 35.02 25.26
N LYS B 177 1.30 33.96 25.76
CA LYS B 177 1.28 32.66 25.11
C LYS B 177 0.90 31.62 26.15
N VAL B 178 0.22 30.57 25.71
CA VAL B 178 -0.27 29.54 26.62
C VAL B 178 0.28 28.21 26.15
N ASP B 179 1.08 27.57 27.00
CA ASP B 179 1.68 26.28 26.67
C ASP B 179 1.07 25.22 27.56
N ALA B 180 1.39 23.97 27.26
CA ALA B 180 0.89 22.86 28.04
C ALA B 180 1.97 22.33 28.96
N THR B 181 1.55 21.75 30.07
CA THR B 181 2.47 21.09 30.98
C THR B 181 1.68 20.06 31.78
N ARG B 182 2.41 19.15 32.41
CA ARG B 182 1.81 17.99 33.05
C ARG B 182 1.93 18.10 34.56
N VAL B 183 0.90 17.62 35.24
CA VAL B 183 0.94 17.40 36.68
C VAL B 183 0.25 16.08 36.96
N GLU B 184 0.79 15.31 37.90
CA GLU B 184 0.27 14.00 38.24
C GLU B 184 0.29 13.10 37.00
N GLN B 185 -0.85 12.91 36.38
CA GLN B 185 -0.96 12.09 35.19
C GLN B 185 -1.49 12.85 33.98
N ARG B 186 -2.51 13.68 34.18
CA ARG B 186 -3.06 14.44 33.06
C ARG B 186 -2.03 15.45 32.57
N THR B 187 -1.92 15.57 31.25
CA THR B 187 -0.87 16.35 30.63
C THR B 187 -1.43 17.47 29.78
N ASP B 188 -2.41 18.21 30.32
CA ASP B 188 -2.94 19.35 29.60
C ASP B 188 -3.13 20.56 30.50
N PHE B 189 -2.42 20.64 31.62
CA PHE B 189 -2.58 21.80 32.49
C PHE B 189 -1.89 23.01 31.86
N ASP B 190 -2.60 24.12 31.81
CA ASP B 190 -2.11 25.30 31.11
C ASP B 190 -1.00 25.97 31.91
N LYS B 191 -0.03 26.51 31.19
CA LYS B 191 1.02 27.34 31.75
C LYS B 191 1.07 28.63 30.94
N LEU B 192 0.95 29.76 31.62
CA LEU B 192 0.79 31.05 30.97
C LEU B 192 2.11 31.82 31.01
N ILE B 193 2.48 32.40 29.88
CA ILE B 193 3.68 33.22 29.76
C ILE B 193 3.26 34.59 29.28
N LEU B 194 3.45 35.61 30.11
CA LEU B 194 2.91 36.94 29.86
C LEU B 194 4.06 37.92 29.78
N ASP B 195 4.23 38.55 28.63
CA ASP B 195 5.30 39.52 28.39
C ASP B 195 4.70 40.91 28.44
N VAL B 196 5.27 41.76 29.29
CA VAL B 196 4.75 43.11 29.52
C VAL B 196 5.88 44.12 29.40
N GLU B 197 5.64 45.19 28.65
CA GLU B 197 6.60 46.26 28.47
C GLU B 197 5.90 47.59 28.71
N THR B 198 6.47 48.42 29.58
CA THR B 198 5.84 49.65 30.00
C THR B 198 6.73 50.88 29.82
N LYS B 199 6.28 52.02 30.33
CA LYS B 199 7.04 53.25 30.25
C LYS B 199 8.03 53.33 31.40
N ASN B 200 8.60 54.52 31.63
CA ASN B 200 9.42 54.76 32.81
C ASN B 200 8.61 55.18 34.01
N SER B 201 7.29 55.30 33.87
CA SER B 201 6.47 55.80 34.97
C SER B 201 6.33 54.77 36.08
N ILE B 202 6.07 53.52 35.73
CA ILE B 202 5.77 52.48 36.72
C ILE B 202 6.52 51.21 36.37
N SER B 203 7.05 50.54 37.39
CA SER B 203 7.73 49.28 37.18
C SER B 203 6.71 48.18 36.88
N PRO B 204 7.05 47.23 36.00
CA PRO B 204 6.03 46.30 35.50
C PRO B 204 5.33 45.51 36.59
N ARG B 205 6.06 45.10 37.62
CA ARG B 205 5.46 44.33 38.70
C ARG B 205 4.36 45.12 39.38
N ASP B 206 4.58 46.41 39.61
CA ASP B 206 3.56 47.23 40.24
C ASP B 206 2.32 47.35 39.35
N ALA B 207 2.52 47.46 38.03
CA ALA B 207 1.38 47.48 37.13
C ALA B 207 0.58 46.20 37.21
N LEU B 208 1.28 45.06 37.25
CA LEU B 208 0.58 43.78 37.35
C LEU B 208 -0.20 43.69 38.66
N ALA B 209 0.40 44.16 39.74
CA ALA B 209 -0.30 44.14 41.03
C ALA B 209 -1.55 45.01 40.99
N SER B 210 -1.45 46.19 40.38
CA SER B 210 -2.62 47.06 40.28
C SER B 210 -3.71 46.40 39.45
N ALA B 211 -3.32 45.75 38.36
CA ALA B 211 -4.31 45.07 37.53
C ALA B 211 -5.01 43.96 38.32
N GLY B 212 -4.24 43.16 39.06
CA GLY B 212 -4.84 42.13 39.87
C GLY B 212 -5.80 42.69 40.89
N LYS B 213 -5.42 43.80 41.53
CA LYS B 213 -6.33 44.42 42.49
C LYS B 213 -7.63 44.86 41.83
N THR B 214 -7.53 45.47 40.65
CA THR B 214 -8.73 45.93 39.98
C THR B 214 -9.65 44.76 39.65
N LEU B 215 -9.07 43.67 39.13
CA LEU B 215 -9.90 42.53 38.75
C LEU B 215 -10.54 41.87 39.96
N VAL B 216 -9.79 41.73 41.07
CA VAL B 216 -10.38 41.08 42.22
C VAL B 216 -11.47 41.95 42.82
N GLU B 217 -11.29 43.28 42.79
CA GLU B 217 -12.35 44.14 43.28
C GLU B 217 -13.58 44.07 42.38
N LEU B 218 -13.37 43.86 41.08
CA LEU B 218 -14.52 43.69 40.18
C LEU B 218 -15.27 42.40 40.50
N PHE B 219 -14.55 41.28 40.58
CA PHE B 219 -15.23 40.01 40.82
C PHE B 219 -15.77 39.89 42.23
N GLY B 220 -15.30 40.73 43.16
CA GLY B 220 -15.91 40.75 44.48
C GLY B 220 -17.37 41.14 44.44
N LEU B 221 -17.76 41.95 43.46
CA LEU B 221 -19.15 42.31 43.30
C LEU B 221 -20.00 41.08 43.03
N ALA B 222 -19.51 40.17 42.17
CA ALA B 222 -20.22 38.92 41.95
C ALA B 222 -20.15 38.03 43.17
N ARG B 223 -19.03 38.02 43.88
CA ARG B 223 -18.89 37.16 45.04
C ARG B 223 -19.90 37.51 46.12
N GLU B 224 -20.04 38.79 46.43
CA GLU B 224 -20.90 39.19 47.54
C GLU B 224 -22.38 38.96 47.24
N LEU B 225 -22.74 38.67 45.99
CA LEU B 225 -24.14 38.48 45.64
C LEU B 225 -24.77 37.39 46.50
N ASN B 226 -23.98 36.39 46.87
CA ASN B 226 -24.37 35.40 47.88
C ASN B 226 -23.21 35.20 48.82
N VAL B 227 -23.48 35.25 50.12
CA VAL B 227 -22.40 35.17 51.10
C VAL B 227 -21.77 33.79 51.12
N GLU B 228 -22.60 32.73 51.04
CA GLU B 228 -22.14 31.37 51.29
C GLU B 228 -22.22 30.53 50.02
N ALA B 229 -21.07 30.28 49.41
CA ALA B 229 -20.97 29.42 48.24
C ALA B 229 -19.74 28.54 48.39
N GLU B 230 -19.74 27.41 47.68
CA GLU B 230 -18.64 26.46 47.79
C GLU B 230 -17.38 26.94 47.09
N GLY B 231 -17.40 26.96 45.76
CA GLY B 231 -16.24 27.42 45.00
C GLY B 231 -15.05 26.51 45.18
N ILE B 232 -13.87 27.04 44.86
CA ILE B 232 -12.61 26.31 44.91
C ILE B 232 -11.56 27.18 45.56
N GLU B 233 -10.73 26.57 46.42
CA GLU B 233 -9.71 27.29 47.16
C GLU B 233 -8.33 26.87 46.67
N ILE B 234 -7.38 27.80 46.73
CA ILE B 234 -6.03 27.56 46.26
C ILE B 234 -5.05 28.23 47.21
N GLY B 235 -3.79 27.79 47.15
CA GLY B 235 -2.73 28.42 47.91
C GLY B 235 -1.59 28.93 47.04
N SER C 24 -49.73 9.35 1.78
CA SER C 24 -50.02 9.54 0.37
C SER C 24 -49.22 8.58 -0.50
N ASN C 25 -48.05 9.03 -0.95
CA ASN C 25 -47.22 8.22 -1.84
C ASN C 25 -46.66 6.98 -1.14
N ASN C 26 -46.59 6.97 0.18
CA ASN C 26 -46.04 5.84 0.89
C ASN C 26 -46.92 4.61 0.72
N SER C 27 -46.28 3.46 0.50
CA SER C 27 -46.99 2.18 0.45
C SER C 27 -46.82 1.37 1.72
N VAL C 28 -45.73 1.57 2.45
CA VAL C 28 -45.48 0.85 3.70
C VAL C 28 -46.38 1.43 4.78
N PRO C 29 -47.22 0.61 5.41
CA PRO C 29 -48.10 1.13 6.45
C PRO C 29 -47.34 1.65 7.64
N GLY C 30 -47.89 2.70 8.25
CA GLY C 30 -47.42 3.20 9.52
C GLY C 30 -46.11 3.97 9.49
N ALA C 31 -45.48 4.10 8.33
CA ALA C 31 -44.21 4.78 8.26
C ALA C 31 -44.38 6.29 8.52
N PRO C 32 -43.37 6.93 9.08
CA PRO C 32 -43.49 8.38 9.34
C PRO C 32 -43.65 9.14 8.03
N ASN C 33 -44.50 10.16 8.07
CA ASN C 33 -44.68 11.00 6.90
C ASN C 33 -43.40 11.77 6.62
N ARG C 34 -43.10 11.94 5.33
CA ARG C 34 -41.87 12.60 4.90
C ARG C 34 -42.21 13.44 3.68
N VAL C 35 -42.56 14.70 3.90
CA VAL C 35 -42.92 15.58 2.80
C VAL C 35 -41.74 15.72 1.85
N SER C 36 -42.03 15.73 0.55
CA SER C 36 -40.97 15.65 -0.45
C SER C 36 -41.19 16.66 -1.56
N PHE C 37 -40.10 17.24 -2.05
CA PHE C 37 -40.11 18.03 -3.27
C PHE C 37 -40.08 17.08 -4.45
N ALA C 38 -41.14 17.06 -5.24
CA ALA C 38 -41.16 16.16 -6.40
C ALA C 38 -42.26 16.58 -7.36
N LYS C 39 -42.16 16.05 -8.58
CA LYS C 39 -43.24 16.07 -9.55
C LYS C 39 -43.88 14.68 -9.59
N LEU C 40 -45.20 14.63 -9.50
CA LEU C 40 -45.93 13.37 -9.32
C LEU C 40 -45.51 12.34 -10.34
N ARG C 41 -44.94 11.24 -9.87
CA ARG C 41 -44.39 10.21 -10.74
C ARG C 41 -44.74 8.87 -10.09
N GLU C 42 -45.61 8.11 -10.74
CA GLU C 42 -45.99 6.83 -10.15
C GLU C 42 -46.49 5.83 -11.19
N PRO C 43 -45.70 5.48 -12.21
CA PRO C 43 -46.10 4.33 -13.03
C PRO C 43 -45.97 3.03 -12.27
N LEU C 44 -44.91 2.89 -11.47
CA LEU C 44 -44.74 1.73 -10.62
C LEU C 44 -43.78 2.10 -9.50
N GLU C 45 -43.83 1.32 -8.43
CA GLU C 45 -42.92 1.52 -7.32
C GLU C 45 -41.70 0.63 -7.47
N VAL C 46 -40.71 0.85 -6.62
CA VAL C 46 -39.45 0.10 -6.74
C VAL C 46 -39.73 -1.38 -6.51
N PRO C 47 -39.23 -2.26 -7.37
CA PRO C 47 -39.55 -3.69 -7.22
C PRO C 47 -38.91 -4.30 -5.98
N GLY C 48 -39.20 -5.57 -5.72
CA GLY C 48 -38.55 -6.25 -4.63
C GLY C 48 -37.05 -6.24 -4.82
N LEU C 49 -36.34 -5.53 -3.97
CA LEU C 49 -34.93 -5.26 -4.22
C LEU C 49 -34.06 -6.51 -4.20
N LEU C 50 -34.57 -7.64 -3.72
CA LEU C 50 -33.77 -8.85 -3.61
C LEU C 50 -34.23 -9.95 -4.56
N ASP C 51 -35.00 -9.62 -5.60
CA ASP C 51 -35.50 -10.65 -6.49
C ASP C 51 -34.37 -11.26 -7.31
N VAL C 52 -33.29 -10.53 -7.52
CA VAL C 52 -32.16 -11.05 -8.29
C VAL C 52 -31.60 -12.30 -7.63
N GLN C 53 -31.39 -12.24 -6.32
CA GLN C 53 -30.84 -13.38 -5.60
C GLN C 53 -31.88 -14.46 -5.31
N THR C 54 -33.17 -14.13 -5.35
CA THR C 54 -34.21 -15.04 -4.91
C THR C 54 -34.81 -15.84 -6.05
N ASP C 55 -35.28 -15.16 -7.10
CA ASP C 55 -35.99 -15.86 -8.15
C ASP C 55 -35.09 -16.82 -8.90
N SER C 56 -33.79 -16.56 -8.94
CA SER C 56 -32.87 -17.50 -9.56
C SER C 56 -32.89 -18.84 -8.86
N PHE C 57 -32.72 -18.84 -7.53
CA PHE C 57 -32.77 -20.10 -6.80
C PHE C 57 -34.15 -20.73 -6.87
N GLU C 58 -35.21 -19.90 -6.81
CA GLU C 58 -36.55 -20.42 -6.94
C GLU C 58 -36.72 -21.19 -8.24
N TRP C 59 -36.18 -20.65 -9.32
CA TRP C 59 -36.16 -21.37 -10.59
C TRP C 59 -35.30 -22.62 -10.52
N LEU C 60 -34.21 -22.58 -9.76
CA LEU C 60 -33.36 -23.76 -9.67
C LEU C 60 -34.12 -24.93 -9.08
N ILE C 61 -34.76 -24.73 -7.93
CA ILE C 61 -35.47 -25.85 -7.31
C ILE C 61 -36.85 -26.07 -7.90
N GLY C 62 -37.31 -25.19 -8.77
CA GLY C 62 -38.63 -25.35 -9.36
C GLY C 62 -39.76 -25.27 -8.37
N SER C 63 -39.70 -24.34 -7.43
CA SER C 63 -40.79 -24.17 -6.49
C SER C 63 -42.05 -23.72 -7.23
N PRO C 64 -43.22 -24.11 -6.73
CA PRO C 64 -44.46 -23.78 -7.46
C PRO C 64 -44.67 -22.30 -7.70
N ARG C 65 -44.12 -21.44 -6.83
CA ARG C 65 -44.26 -20.00 -7.06
C ARG C 65 -43.59 -19.59 -8.36
N TRP C 66 -42.41 -20.13 -8.64
CA TRP C 66 -41.75 -19.85 -9.91
C TRP C 66 -42.59 -20.38 -11.07
N ARG C 67 -43.20 -21.54 -10.89
CA ARG C 67 -44.00 -22.13 -11.96
C ARG C 67 -45.18 -21.24 -12.30
N GLU C 68 -45.93 -20.79 -11.29
CA GLU C 68 -47.06 -19.93 -11.56
C GLU C 68 -46.62 -18.58 -12.09
N SER C 69 -45.48 -18.07 -11.64
CA SER C 69 -44.98 -16.82 -12.20
C SER C 69 -44.64 -16.97 -13.68
N ALA C 70 -44.03 -18.10 -14.05
CA ALA C 70 -43.74 -18.33 -15.45
C ALA C 70 -45.03 -18.46 -16.27
N ALA C 71 -46.04 -19.13 -15.70
CA ALA C 71 -47.32 -19.25 -16.40
C ALA C 71 -47.95 -17.87 -16.61
N GLU C 72 -47.86 -17.01 -15.60
CA GLU C 72 -48.37 -15.65 -15.74
C GLU C 72 -47.60 -14.88 -16.80
N ARG C 73 -46.27 -15.05 -16.82
CA ARG C 73 -45.45 -14.30 -17.78
C ARG C 73 -45.83 -14.63 -19.21
N GLY C 74 -46.35 -15.82 -19.44
CA GLY C 74 -46.78 -16.25 -20.77
C GLY C 74 -45.98 -17.39 -21.34
N ASP C 75 -44.83 -17.72 -20.77
CA ASP C 75 -44.05 -18.82 -21.31
C ASP C 75 -44.73 -20.16 -21.00
N VAL C 76 -44.25 -21.19 -21.67
CA VAL C 76 -44.83 -22.53 -21.59
C VAL C 76 -43.73 -23.51 -21.21
N ASN C 77 -44.15 -24.73 -20.87
CA ASN C 77 -43.26 -25.82 -20.49
C ASN C 77 -42.39 -25.41 -19.30
N PRO C 78 -42.97 -25.28 -18.12
CA PRO C 78 -42.16 -24.91 -16.96
C PRO C 78 -41.20 -26.02 -16.54
N VAL C 79 -39.90 -25.78 -16.68
CA VAL C 79 -38.89 -26.75 -16.31
C VAL C 79 -37.84 -26.04 -15.45
N GLY C 80 -37.51 -26.65 -14.31
CA GLY C 80 -36.51 -26.08 -13.43
C GLY C 80 -35.11 -26.53 -13.77
N GLY C 81 -34.14 -25.99 -13.04
CA GLY C 81 -32.75 -26.30 -13.32
C GLY C 81 -32.42 -27.77 -13.09
N LEU C 82 -32.85 -28.32 -11.95
CA LEU C 82 -32.61 -29.72 -11.69
C LEU C 82 -33.31 -30.61 -12.72
N GLU C 83 -34.55 -30.28 -13.04
CA GLU C 83 -35.27 -31.04 -14.06
C GLU C 83 -34.55 -30.95 -15.39
N GLU C 84 -34.05 -29.77 -15.75
CA GLU C 84 -33.31 -29.62 -16.99
C GLU C 84 -32.08 -30.52 -17.02
N VAL C 85 -31.26 -30.47 -15.97
CA VAL C 85 -30.03 -31.24 -16.00
C VAL C 85 -30.33 -32.73 -15.98
N LEU C 86 -31.39 -33.14 -15.28
CA LEU C 86 -31.71 -34.56 -15.22
C LEU C 86 -32.24 -35.08 -16.55
N TYR C 87 -33.10 -34.30 -17.22
CA TYR C 87 -33.57 -34.73 -18.54
C TYR C 87 -32.42 -34.75 -19.54
N GLU C 88 -31.49 -33.82 -19.42
CA GLU C 88 -30.32 -33.85 -20.30
C GLU C 88 -29.49 -35.11 -20.06
N LEU C 89 -29.31 -35.47 -18.79
CA LEU C 89 -28.46 -36.61 -18.47
C LEU C 89 -29.07 -37.92 -18.97
N SER C 90 -30.38 -38.08 -18.79
CA SER C 90 -31.04 -39.31 -19.21
C SER C 90 -31.00 -39.47 -20.73
N PRO C 91 -30.86 -40.70 -21.24
CA PRO C 91 -30.73 -41.96 -20.51
C PRO C 91 -29.29 -42.47 -20.46
N ILE C 92 -29.03 -43.47 -19.64
CA ILE C 92 -27.71 -44.06 -19.49
C ILE C 92 -27.73 -45.45 -20.07
N GLU C 93 -26.84 -45.72 -21.02
CA GLU C 93 -26.72 -47.03 -21.63
C GLU C 93 -25.25 -47.39 -21.76
N ASP C 94 -24.98 -48.69 -21.82
CA ASP C 94 -23.65 -49.17 -22.13
C ASP C 94 -23.46 -49.17 -23.64
N PHE C 95 -22.29 -49.63 -24.09
CA PHE C 95 -22.07 -49.73 -25.53
C PHE C 95 -23.01 -50.74 -26.15
N SER C 96 -23.30 -51.83 -25.44
CA SER C 96 -24.19 -52.86 -25.97
C SER C 96 -25.62 -52.35 -26.12
N GLY C 97 -26.08 -51.51 -25.19
CA GLY C 97 -27.45 -51.05 -25.21
C GLY C 97 -28.44 -52.01 -24.60
N SER C 98 -27.96 -53.11 -24.02
CA SER C 98 -28.88 -54.07 -23.38
C SER C 98 -29.59 -53.46 -22.19
N MET C 99 -28.90 -52.62 -21.42
CA MET C 99 -29.44 -52.07 -20.18
C MET C 99 -29.60 -50.56 -20.33
N SER C 100 -30.67 -50.03 -19.72
CA SER C 100 -30.94 -48.60 -19.75
C SER C 100 -31.34 -48.13 -18.35
N LEU C 101 -30.96 -46.89 -18.05
CA LEU C 101 -31.22 -46.28 -16.75
C LEU C 101 -31.69 -44.85 -16.97
N SER C 102 -32.47 -44.34 -16.02
CA SER C 102 -32.98 -42.98 -16.15
C SER C 102 -33.38 -42.43 -14.79
N PHE C 103 -33.29 -41.10 -14.65
CA PHE C 103 -33.75 -40.40 -13.48
C PHE C 103 -34.73 -39.31 -13.90
N SER C 104 -35.64 -38.95 -13.00
CA SER C 104 -36.60 -37.90 -13.27
C SER C 104 -37.29 -37.52 -11.96
N ASP C 105 -38.08 -36.44 -12.02
CA ASP C 105 -38.96 -35.97 -10.96
C ASP C 105 -38.26 -35.81 -9.62
N PRO C 106 -37.42 -34.79 -9.46
CA PRO C 106 -36.76 -34.58 -8.17
C PRO C 106 -37.66 -33.80 -7.22
N ARG C 107 -37.56 -34.15 -5.94
CA ARG C 107 -38.41 -33.58 -4.91
C ARG C 107 -37.56 -33.20 -3.69
N PHE C 108 -38.04 -32.20 -2.96
CA PHE C 108 -37.41 -31.72 -1.75
C PHE C 108 -38.34 -31.94 -0.57
N ASP C 109 -37.78 -31.83 0.63
CA ASP C 109 -38.54 -32.04 1.86
C ASP C 109 -38.42 -30.81 2.75
N ASP C 110 -38.98 -30.93 3.95
CA ASP C 110 -38.89 -29.86 4.93
C ASP C 110 -37.46 -29.72 5.44
N VAL C 111 -37.12 -28.52 5.89
CA VAL C 111 -35.78 -28.26 6.40
C VAL C 111 -35.57 -29.02 7.70
N LYS C 112 -34.30 -29.29 8.01
CA LYS C 112 -33.97 -30.03 9.22
C LYS C 112 -34.18 -29.19 10.47
N ALA C 113 -33.73 -27.94 10.46
CA ALA C 113 -33.81 -27.10 11.64
C ALA C 113 -33.93 -25.64 11.20
N PRO C 114 -34.58 -24.79 11.99
CA PRO C 114 -34.65 -23.37 11.67
C PRO C 114 -33.27 -22.73 11.65
N VAL C 115 -33.23 -21.48 11.20
CA VAL C 115 -31.96 -20.81 10.94
C VAL C 115 -31.22 -20.52 12.23
N ASP C 116 -31.95 -20.14 13.29
CA ASP C 116 -31.30 -19.63 14.50
C ASP C 116 -30.37 -20.68 15.12
N GLU C 117 -30.88 -21.89 15.33
CA GLU C 117 -30.03 -22.93 15.88
C GLU C 117 -28.97 -23.38 14.89
N CYS C 118 -29.21 -23.22 13.59
CA CYS C 118 -28.16 -23.50 12.61
C CYS C 118 -26.99 -22.56 12.80
N LYS C 119 -27.27 -21.28 13.08
CA LYS C 119 -26.19 -20.37 13.46
C LYS C 119 -25.56 -20.78 14.77
N ASP C 120 -26.39 -21.15 15.76
CA ASP C 120 -25.86 -21.42 17.09
C ASP C 120 -25.11 -22.74 17.15
N LYS C 121 -25.65 -23.78 16.54
CA LYS C 121 -25.06 -25.11 16.64
C LYS C 121 -24.03 -25.39 15.56
N ASP C 122 -23.70 -24.40 14.73
CA ASP C 122 -22.68 -24.54 13.70
C ASP C 122 -22.99 -25.68 12.74
N MET C 123 -24.26 -25.81 12.38
CA MET C 123 -24.70 -26.80 11.41
C MET C 123 -25.36 -26.08 10.25
N THR C 124 -25.14 -26.59 9.04
CA THR C 124 -25.62 -25.91 7.86
C THR C 124 -27.15 -25.98 7.77
N TYR C 125 -27.68 -25.23 6.82
CA TYR C 125 -29.12 -25.14 6.58
C TYR C 125 -29.39 -25.88 5.28
N ALA C 126 -29.86 -27.12 5.40
CA ALA C 126 -30.01 -28.00 4.24
C ALA C 126 -31.36 -28.68 4.26
N ALA C 127 -31.75 -29.19 3.11
CA ALA C 127 -32.94 -30.01 2.98
C ALA C 127 -32.61 -31.25 2.15
N PRO C 128 -33.19 -32.39 2.47
CA PRO C 128 -32.89 -33.61 1.71
C PRO C 128 -33.46 -33.55 0.30
N LEU C 129 -32.77 -34.24 -0.61
CA LEU C 129 -33.15 -34.27 -2.02
C LEU C 129 -33.43 -35.71 -2.43
N PHE C 130 -34.58 -35.96 -3.06
CA PHE C 130 -34.96 -37.29 -3.49
C PHE C 130 -35.23 -37.29 -4.99
N VAL C 131 -34.91 -38.42 -5.63
CA VAL C 131 -35.19 -38.59 -7.04
C VAL C 131 -35.67 -40.02 -7.28
N THR C 132 -36.74 -40.17 -8.06
CA THR C 132 -37.19 -41.49 -8.45
C THR C 132 -36.39 -41.98 -9.64
N ALA C 133 -35.76 -43.14 -9.50
CA ALA C 133 -34.87 -43.68 -10.51
C ALA C 133 -35.38 -45.02 -11.01
N GLU C 134 -35.26 -45.24 -12.31
CA GLU C 134 -35.74 -46.44 -12.96
C GLU C 134 -34.64 -47.04 -13.84
N PHE C 135 -34.48 -48.35 -13.77
CA PHE C 135 -33.52 -49.09 -14.57
C PHE C 135 -34.27 -50.05 -15.48
N ILE C 136 -33.87 -50.08 -16.74
CA ILE C 136 -34.55 -50.87 -17.77
C ILE C 136 -33.52 -51.76 -18.46
N ASN C 137 -33.90 -53.01 -18.68
CA ASN C 137 -33.10 -53.93 -19.50
C ASN C 137 -33.98 -54.44 -20.64
N ASN C 138 -33.52 -54.24 -21.87
CA ASN C 138 -34.35 -54.54 -23.03
C ASN C 138 -34.46 -56.05 -23.26
N ASN C 139 -33.35 -56.77 -23.15
CA ASN C 139 -33.37 -58.22 -23.42
C ASN C 139 -34.37 -58.92 -22.52
N THR C 140 -34.31 -58.64 -21.22
CA THR C 140 -35.31 -59.17 -20.30
C THR C 140 -36.62 -58.42 -20.42
N GLY C 141 -36.59 -57.16 -20.81
CA GLY C 141 -37.79 -56.36 -20.89
C GLY C 141 -38.29 -55.84 -19.56
N GLU C 142 -37.47 -55.88 -18.52
CA GLU C 142 -37.92 -55.55 -17.18
C GLU C 142 -37.37 -54.21 -16.70
N ILE C 143 -38.14 -53.55 -15.83
CA ILE C 143 -37.80 -52.25 -15.27
C ILE C 143 -37.91 -52.33 -13.76
N LYS C 144 -37.23 -51.41 -13.09
CA LYS C 144 -37.27 -51.32 -11.63
C LYS C 144 -37.13 -49.86 -11.23
N SER C 145 -38.09 -49.38 -10.42
CA SER C 145 -38.13 -47.98 -10.03
C SER C 145 -38.22 -47.84 -8.53
N GLN C 146 -37.44 -46.92 -7.98
CA GLN C 146 -37.49 -46.66 -6.55
C GLN C 146 -36.94 -45.27 -6.24
N THR C 147 -37.22 -44.81 -5.03
CA THR C 147 -36.76 -43.50 -4.58
C THR C 147 -35.30 -43.57 -4.11
N VAL C 148 -34.54 -42.54 -4.43
CA VAL C 148 -33.13 -42.46 -4.06
C VAL C 148 -32.87 -41.15 -3.35
N PHE C 149 -32.20 -41.25 -2.20
CA PHE C 149 -31.70 -40.09 -1.48
C PHE C 149 -30.37 -39.65 -2.09
N MET C 150 -30.23 -38.36 -2.33
CA MET C 150 -29.05 -37.81 -3.00
C MET C 150 -28.50 -36.61 -2.24
N GLY C 151 -28.33 -36.76 -0.94
CA GLY C 151 -27.63 -35.77 -0.16
C GLY C 151 -28.51 -34.65 0.34
N ASP C 152 -27.87 -33.71 1.03
CA ASP C 152 -28.53 -32.57 1.65
C ASP C 152 -28.19 -31.33 0.84
N PHE C 153 -29.17 -30.83 0.12
CA PHE C 153 -28.99 -29.64 -0.70
C PHE C 153 -29.07 -28.40 0.15
N PRO C 154 -28.11 -27.48 0.06
CA PRO C 154 -28.21 -26.22 0.80
C PRO C 154 -29.39 -25.42 0.29
N MET C 155 -30.01 -24.66 1.19
CA MET C 155 -31.21 -23.91 0.86
C MET C 155 -31.04 -22.45 1.24
N MET C 156 -31.38 -21.58 0.30
CA MET C 156 -31.31 -20.15 0.55
C MET C 156 -32.41 -19.72 1.51
N THR C 157 -32.04 -18.94 2.50
CA THR C 157 -33.00 -18.49 3.49
C THR C 157 -33.92 -17.42 2.90
N GLU C 158 -34.71 -16.78 3.76
CA GLU C 158 -35.61 -15.73 3.30
C GLU C 158 -34.87 -14.50 2.81
N LYS C 159 -33.66 -14.26 3.30
CA LYS C 159 -32.93 -13.04 2.99
C LYS C 159 -31.88 -13.22 1.91
N GLY C 160 -31.86 -14.34 1.21
CA GLY C 160 -30.97 -14.51 0.09
C GLY C 160 -29.57 -14.93 0.42
N THR C 161 -29.29 -15.30 1.65
CA THR C 161 -27.94 -15.68 2.06
C THR C 161 -27.92 -17.15 2.48
N PHE C 162 -27.05 -17.93 1.86
CA PHE C 162 -26.89 -19.30 2.30
C PHE C 162 -26.16 -19.33 3.64
N ILE C 163 -26.31 -20.43 4.37
CA ILE C 163 -25.63 -20.61 5.65
C ILE C 163 -24.76 -21.84 5.54
N ILE C 164 -23.48 -21.69 5.87
CA ILE C 164 -22.55 -22.81 5.83
C ILE C 164 -21.79 -22.83 7.16
N ASN C 165 -21.92 -23.91 7.91
CA ASN C 165 -21.16 -24.12 9.14
C ASN C 165 -21.32 -22.95 10.10
N GLY C 166 -22.51 -22.36 10.11
CA GLY C 166 -22.80 -21.27 11.02
C GLY C 166 -22.36 -19.89 10.56
N THR C 167 -21.80 -19.76 9.37
CA THR C 167 -21.46 -18.46 8.82
C THR C 167 -22.33 -18.18 7.60
N GLU C 168 -22.82 -16.94 7.53
CA GLU C 168 -23.74 -16.55 6.47
C GLU C 168 -22.93 -16.13 5.25
N ARG C 169 -23.05 -16.90 4.18
CA ARG C 169 -22.30 -16.65 2.96
C ARG C 169 -23.24 -16.27 1.83
N VAL C 170 -22.75 -15.43 0.92
CA VAL C 170 -23.53 -14.92 -0.20
C VAL C 170 -22.80 -15.20 -1.49
N VAL C 171 -23.55 -15.52 -2.53
CA VAL C 171 -23.01 -15.81 -3.85
C VAL C 171 -23.40 -14.68 -4.79
N VAL C 172 -22.41 -14.07 -5.41
CA VAL C 172 -22.63 -12.89 -6.23
C VAL C 172 -22.68 -13.27 -7.70
N SER C 173 -23.51 -12.56 -8.45
CA SER C 173 -23.72 -12.84 -9.86
C SER C 173 -22.42 -12.65 -10.62
N GLN C 174 -22.40 -13.08 -11.88
CA GLN C 174 -21.21 -12.94 -12.70
C GLN C 174 -21.56 -12.45 -14.09
N LEU C 175 -20.61 -11.74 -14.71
CA LEU C 175 -20.76 -11.17 -16.04
C LEU C 175 -19.84 -11.92 -16.99
N VAL C 176 -20.40 -12.57 -18.01
CA VAL C 176 -19.63 -13.44 -18.89
C VAL C 176 -20.03 -13.17 -20.33
N ARG C 177 -19.05 -13.27 -21.23
CA ARG C 177 -19.32 -13.13 -22.65
C ARG C 177 -20.31 -14.20 -23.11
N SER C 178 -21.32 -13.77 -23.85
CA SER C 178 -22.39 -14.67 -24.25
C SER C 178 -21.95 -15.53 -25.43
N PRO C 179 -22.21 -16.84 -25.39
CA PRO C 179 -21.89 -17.68 -26.54
C PRO C 179 -22.65 -17.25 -27.78
N GLY C 180 -21.99 -17.34 -28.93
CA GLY C 180 -22.64 -16.94 -30.16
C GLY C 180 -21.60 -16.59 -31.23
N VAL C 181 -22.05 -15.81 -32.21
CA VAL C 181 -21.25 -15.47 -33.37
C VAL C 181 -21.00 -13.97 -33.39
N TYR C 182 -19.73 -13.60 -33.55
CA TYR C 182 -19.32 -12.20 -33.55
C TYR C 182 -18.60 -11.88 -34.86
N PHE C 183 -18.99 -10.77 -35.47
CA PHE C 183 -18.47 -10.33 -36.76
C PHE C 183 -17.52 -9.16 -36.53
N ASP C 184 -16.24 -9.46 -36.42
CA ASP C 184 -15.24 -8.42 -36.21
C ASP C 184 -14.83 -7.82 -37.54
N GLU C 185 -14.52 -6.53 -37.53
CA GLU C 185 -14.01 -5.84 -38.70
C GLU C 185 -12.61 -5.32 -38.42
N THR C 186 -11.77 -5.33 -39.45
CA THR C 186 -10.41 -4.82 -39.33
C THR C 186 -10.05 -4.07 -40.62
N ILE C 187 -9.05 -3.20 -40.51
CA ILE C 187 -8.59 -2.41 -41.64
C ILE C 187 -7.12 -2.75 -41.87
N ASP C 188 -6.78 -3.10 -43.12
CA ASP C 188 -5.43 -3.51 -43.43
C ASP C 188 -4.44 -2.36 -43.28
N LYS C 189 -3.22 -2.71 -42.89
CA LYS C 189 -2.19 -1.70 -42.69
C LYS C 189 -1.74 -1.08 -44.00
N SER C 190 -1.50 -1.92 -45.02
CA SER C 190 -1.00 -1.43 -46.30
C SER C 190 -2.12 -1.21 -47.31
N THR C 191 -2.89 -2.26 -47.62
CA THR C 191 -3.94 -2.14 -48.63
C THR C 191 -5.12 -1.32 -48.15
N ASP C 192 -5.27 -1.14 -46.84
CA ASP C 192 -6.31 -0.30 -46.25
C ASP C 192 -7.70 -0.74 -46.70
N LYS C 193 -7.91 -2.05 -46.78
CA LYS C 193 -9.20 -2.61 -47.15
C LYS C 193 -9.91 -3.11 -45.90
N THR C 194 -11.24 -3.16 -45.97
CA THR C 194 -12.09 -3.51 -44.83
C THR C 194 -12.29 -5.01 -44.81
N LEU C 195 -11.48 -5.72 -44.01
CA LEU C 195 -11.64 -7.15 -43.84
C LEU C 195 -12.65 -7.42 -42.74
N HIS C 196 -13.33 -8.56 -42.84
CA HIS C 196 -14.29 -8.97 -41.84
C HIS C 196 -14.04 -10.43 -41.47
N SER C 197 -13.81 -10.67 -40.19
CA SER C 197 -13.63 -12.01 -39.67
C SER C 197 -14.84 -12.38 -38.82
N VAL C 198 -15.07 -13.68 -38.68
CA VAL C 198 -16.16 -14.18 -37.86
C VAL C 198 -15.57 -15.08 -36.79
N LYS C 199 -16.28 -15.18 -35.67
CA LYS C 199 -15.91 -16.14 -34.64
C LYS C 199 -17.18 -16.74 -34.05
N VAL C 200 -17.19 -18.05 -33.88
CA VAL C 200 -18.32 -18.77 -33.30
C VAL C 200 -17.83 -19.35 -31.97
N ILE C 201 -18.06 -18.63 -30.88
CA ILE C 201 -17.69 -19.08 -29.55
C ILE C 201 -18.83 -19.95 -29.01
N PRO C 202 -18.59 -21.21 -28.72
CA PRO C 202 -19.65 -22.06 -28.19
C PRO C 202 -19.65 -22.11 -26.68
N SER C 203 -20.72 -22.62 -26.09
CA SER C 203 -20.69 -22.92 -24.66
C SER C 203 -19.69 -24.00 -24.34
N ARG C 204 -19.61 -25.03 -25.18
CA ARG C 204 -18.71 -26.15 -24.96
C ARG C 204 -18.50 -26.87 -26.29
N GLY C 205 -17.25 -27.09 -26.64
CA GLY C 205 -16.90 -27.78 -27.87
C GLY C 205 -15.57 -27.29 -28.40
N ALA C 206 -15.44 -27.32 -29.72
CA ALA C 206 -14.24 -26.87 -30.42
C ALA C 206 -14.55 -25.63 -31.24
N TRP C 207 -13.60 -24.70 -31.28
CA TRP C 207 -13.82 -23.44 -31.97
C TRP C 207 -13.85 -23.64 -33.48
N LEU C 208 -14.67 -22.82 -34.15
CA LEU C 208 -14.85 -22.88 -35.59
C LEU C 208 -15.14 -21.48 -36.09
N GLU C 209 -14.30 -20.97 -36.99
CA GLU C 209 -14.49 -19.58 -37.41
C GLU C 209 -14.05 -19.39 -38.86
N PHE C 210 -14.51 -18.30 -39.44
CA PHE C 210 -14.20 -17.94 -40.82
C PHE C 210 -13.33 -16.69 -40.85
N ASP C 211 -12.40 -16.65 -41.81
CA ASP C 211 -11.45 -15.57 -41.95
C ASP C 211 -11.42 -15.08 -43.40
N VAL C 212 -11.18 -13.79 -43.56
CA VAL C 212 -10.96 -13.19 -44.88
C VAL C 212 -9.65 -12.42 -44.82
N ASP C 213 -8.80 -12.61 -45.84
CA ASP C 213 -7.51 -11.97 -45.91
C ASP C 213 -7.52 -10.93 -47.04
N LYS C 214 -6.40 -10.22 -47.17
CA LYS C 214 -6.28 -9.16 -48.17
C LYS C 214 -6.28 -9.71 -49.59
N ARG C 215 -6.10 -11.02 -49.75
CA ARG C 215 -6.15 -11.66 -51.06
C ARG C 215 -7.57 -11.93 -51.53
N ASP C 216 -8.57 -11.47 -50.76
CA ASP C 216 -9.98 -11.75 -51.05
C ASP C 216 -10.24 -13.25 -51.13
N THR C 217 -9.69 -13.98 -50.16
CA THR C 217 -9.89 -15.41 -50.03
C THR C 217 -10.62 -15.69 -48.72
N VAL C 218 -11.59 -16.60 -48.78
CA VAL C 218 -12.43 -16.95 -47.64
C VAL C 218 -11.99 -18.32 -47.13
N GLY C 219 -11.49 -18.36 -45.88
CA GLY C 219 -11.00 -19.59 -45.30
C GLY C 219 -11.67 -19.87 -43.96
N VAL C 220 -11.43 -21.08 -43.45
CA VAL C 220 -12.04 -21.54 -42.22
C VAL C 220 -10.95 -22.16 -41.35
N ARG C 221 -11.01 -21.89 -40.04
CA ARG C 221 -10.13 -22.47 -39.06
C ARG C 221 -10.94 -23.22 -38.02
N ILE C 222 -10.55 -24.45 -37.72
CA ILE C 222 -11.23 -25.31 -36.77
C ILE C 222 -10.27 -25.61 -35.63
N ASP C 223 -10.70 -25.36 -34.40
CA ASP C 223 -9.92 -25.69 -33.21
C ASP C 223 -8.54 -25.04 -33.25
N ARG C 224 -8.50 -23.79 -33.70
CA ARG C 224 -7.27 -23.00 -33.75
C ARG C 224 -6.19 -23.69 -34.59
N LYS C 225 -6.59 -24.15 -35.77
CA LYS C 225 -5.67 -24.76 -36.73
C LYS C 225 -5.30 -23.75 -37.81
N ARG C 226 -4.61 -24.22 -38.85
CA ARG C 226 -4.20 -23.34 -39.93
C ARG C 226 -5.40 -22.94 -40.79
N ARG C 227 -5.12 -22.23 -41.87
CA ARG C 227 -6.18 -21.72 -42.75
C ARG C 227 -6.30 -22.60 -43.98
N GLN C 228 -7.49 -23.13 -44.20
CA GLN C 228 -7.87 -23.72 -45.47
C GLN C 228 -9.21 -23.13 -45.89
N PRO C 229 -9.47 -23.03 -47.19
CA PRO C 229 -10.68 -22.35 -47.64
C PRO C 229 -11.96 -23.02 -47.15
N VAL C 230 -12.98 -22.18 -46.96
CA VAL C 230 -14.32 -22.67 -46.64
C VAL C 230 -14.92 -23.52 -47.75
N THR C 231 -14.35 -23.42 -48.96
CA THR C 231 -14.73 -24.34 -50.01
C THR C 231 -14.52 -25.78 -49.57
N VAL C 232 -13.50 -26.03 -48.75
CA VAL C 232 -13.27 -27.36 -48.22
C VAL C 232 -14.46 -27.82 -47.40
N LEU C 233 -14.97 -26.95 -46.53
CA LEU C 233 -16.15 -27.30 -45.74
C LEU C 233 -17.37 -27.50 -46.63
N LEU C 234 -17.56 -26.62 -47.61
CA LEU C 234 -18.74 -26.73 -48.48
C LEU C 234 -18.73 -28.04 -49.25
N LYS C 235 -17.57 -28.46 -49.74
CA LYS C 235 -17.48 -29.76 -50.41
C LYS C 235 -17.60 -30.92 -49.43
N ALA C 236 -17.06 -30.78 -48.22
CA ALA C 236 -17.25 -31.83 -47.21
C ALA C 236 -18.71 -32.00 -46.87
N LEU C 237 -19.51 -30.95 -47.06
CA LEU C 237 -20.96 -31.09 -46.91
C LEU C 237 -21.56 -31.98 -47.99
N GLY C 238 -20.80 -32.34 -49.02
CA GLY C 238 -21.30 -33.14 -50.11
C GLY C 238 -21.94 -32.36 -51.23
N TRP C 239 -21.88 -31.04 -51.19
CA TRP C 239 -22.51 -30.24 -52.22
C TRP C 239 -21.68 -30.23 -53.50
N THR C 240 -22.34 -29.89 -54.60
CA THR C 240 -21.71 -29.82 -55.91
C THR C 240 -21.34 -28.39 -56.24
N SER C 241 -20.52 -28.25 -57.29
CA SER C 241 -20.07 -26.91 -57.69
C SER C 241 -21.23 -26.06 -58.19
N GLU C 242 -22.16 -26.65 -58.92
CA GLU C 242 -23.29 -25.89 -59.46
C GLU C 242 -24.14 -25.30 -58.34
N GLN C 243 -24.41 -26.08 -57.29
CA GLN C 243 -25.20 -25.58 -56.17
C GLN C 243 -24.49 -24.43 -55.48
N ILE C 244 -23.18 -24.57 -55.26
CA ILE C 244 -22.42 -23.50 -54.62
C ILE C 244 -22.44 -22.24 -55.49
N VAL C 245 -22.34 -22.41 -56.81
CA VAL C 245 -22.45 -21.27 -57.71
C VAL C 245 -23.80 -20.59 -57.54
N GLU C 246 -24.87 -21.40 -57.49
CA GLU C 246 -26.21 -20.81 -57.41
C GLU C 246 -26.42 -20.08 -56.09
N ARG C 247 -25.87 -20.60 -55.00
CA ARG C 247 -26.05 -19.93 -53.71
C ARG C 247 -25.26 -18.63 -53.64
N PHE C 248 -24.11 -18.58 -54.30
CA PHE C 248 -23.22 -17.41 -54.26
C PHE C 248 -23.01 -16.83 -55.65
N GLY C 249 -24.07 -16.78 -56.44
CA GLY C 249 -24.00 -16.22 -57.77
C GLY C 249 -24.04 -14.71 -57.83
N PHE C 250 -24.30 -14.05 -56.71
CA PHE C 250 -24.27 -12.61 -56.65
C PHE C 250 -22.91 -12.05 -56.25
N SER C 251 -21.96 -12.92 -55.87
CA SER C 251 -20.66 -12.50 -55.38
C SER C 251 -19.57 -13.14 -56.22
N GLU C 252 -18.59 -12.34 -56.63
CA GLU C 252 -17.46 -12.85 -57.38
C GLU C 252 -16.26 -13.17 -56.50
N ILE C 253 -16.20 -12.61 -55.29
CA ILE C 253 -15.11 -12.96 -54.38
C ILE C 253 -15.20 -14.42 -53.99
N MET C 254 -16.42 -14.92 -53.75
CA MET C 254 -16.59 -16.33 -53.46
C MET C 254 -16.17 -17.20 -54.63
N ARG C 255 -16.48 -16.77 -55.86
CA ARG C 255 -16.08 -17.54 -57.03
C ARG C 255 -14.57 -17.55 -57.19
N SER C 256 -13.92 -16.41 -56.97
CA SER C 256 -12.45 -16.36 -57.05
C SER C 256 -11.83 -17.22 -55.97
N THR C 257 -12.44 -17.26 -54.79
CA THR C 257 -11.94 -18.12 -53.72
C THR C 257 -12.10 -19.59 -54.09
N LEU C 258 -13.24 -19.98 -54.66
CA LEU C 258 -13.42 -21.37 -55.06
C LEU C 258 -12.55 -21.74 -56.26
N GLU C 259 -12.08 -20.74 -57.02
CA GLU C 259 -11.23 -21.03 -58.17
C GLU C 259 -9.92 -21.67 -57.72
N LYS C 260 -9.37 -21.22 -56.60
CA LYS C 260 -8.11 -21.76 -56.09
C LYS C 260 -8.28 -23.09 -55.37
N ASP C 261 -9.40 -23.77 -55.57
CA ASP C 261 -9.64 -25.08 -54.95
C ASP C 261 -8.61 -26.09 -55.45
N ASN C 262 -8.24 -27.00 -54.55
CA ASN C 262 -7.29 -28.05 -54.92
C ASN C 262 -7.95 -29.10 -55.79
N THR C 263 -8.96 -29.79 -55.26
CA THR C 263 -9.70 -30.80 -56.00
C THR C 263 -11.17 -30.71 -55.63
N VAL C 264 -12.01 -31.29 -56.48
CA VAL C 264 -13.42 -31.44 -56.19
C VAL C 264 -13.67 -32.87 -55.72
N GLY C 265 -14.70 -33.06 -54.92
CA GLY C 265 -15.06 -34.38 -54.45
C GLY C 265 -15.27 -34.44 -52.95
N THR C 266 -16.40 -35.03 -52.53
CA THR C 266 -16.73 -35.10 -51.12
C THR C 266 -15.70 -35.89 -50.34
N ASP C 267 -15.29 -37.05 -50.89
CA ASP C 267 -14.27 -37.84 -50.22
C ASP C 267 -12.96 -37.08 -50.10
N GLU C 268 -12.62 -36.29 -51.13
CA GLU C 268 -11.39 -35.51 -51.07
C GLU C 268 -11.41 -34.52 -49.90
N ALA C 269 -12.52 -33.81 -49.76
CA ALA C 269 -12.64 -32.85 -48.66
C ALA C 269 -12.60 -33.57 -47.31
N LEU C 270 -13.32 -34.70 -47.19
CA LEU C 270 -13.32 -35.42 -45.93
C LEU C 270 -11.92 -35.91 -45.56
N LEU C 271 -11.21 -36.50 -46.52
CA LEU C 271 -9.88 -37.02 -46.22
C LEU C 271 -8.90 -35.90 -45.92
N ASP C 272 -8.99 -34.79 -46.65
CA ASP C 272 -8.09 -33.68 -46.40
C ASP C 272 -8.33 -33.09 -45.01
N ILE C 273 -9.60 -32.95 -44.62
CA ILE C 273 -9.91 -32.46 -43.29
C ILE C 273 -9.40 -33.41 -42.23
N TYR C 274 -9.57 -34.72 -42.45
CA TYR C 274 -9.10 -35.70 -41.47
C TYR C 274 -7.60 -35.64 -41.31
N ARG C 275 -6.87 -35.53 -42.42
CA ARG C 275 -5.42 -35.42 -42.33
C ARG C 275 -5.00 -34.12 -41.65
N LYS C 276 -5.68 -33.01 -41.97
CA LYS C 276 -5.28 -31.71 -41.44
C LYS C 276 -5.54 -31.62 -39.94
N LEU C 277 -6.74 -31.98 -39.50
CA LEU C 277 -7.05 -31.91 -38.07
C LEU C 277 -6.21 -32.89 -37.27
N ARG C 278 -6.04 -34.10 -37.77
CA ARG C 278 -5.37 -35.18 -37.04
C ARG C 278 -4.30 -35.78 -37.94
N PRO C 279 -3.13 -35.13 -38.03
CA PRO C 279 -2.01 -35.74 -38.75
C PRO C 279 -1.53 -37.01 -38.05
N GLY C 280 -1.01 -37.94 -38.85
CA GLY C 280 -0.52 -39.19 -38.32
C GLY C 280 -1.57 -40.26 -38.11
N GLU C 281 -2.79 -40.04 -38.61
CA GLU C 281 -3.88 -40.97 -38.44
C GLU C 281 -4.27 -41.60 -39.78
N PRO C 282 -4.79 -42.83 -39.77
CA PRO C 282 -5.14 -43.49 -41.02
C PRO C 282 -6.28 -42.79 -41.73
N PRO C 283 -6.24 -42.73 -43.06
CA PRO C 283 -7.40 -42.22 -43.81
C PRO C 283 -8.41 -43.32 -44.09
N THR C 284 -9.68 -42.93 -44.11
CA THR C 284 -10.77 -43.84 -44.42
C THR C 284 -11.92 -43.04 -45.01
N LYS C 285 -12.66 -43.65 -45.93
CA LYS C 285 -13.85 -43.00 -46.47
C LYS C 285 -14.93 -42.83 -45.40
N GLU C 286 -15.10 -43.84 -44.55
CA GLU C 286 -16.20 -43.89 -43.60
C GLU C 286 -15.86 -43.29 -42.25
N SER C 287 -14.63 -42.85 -42.03
CA SER C 287 -14.22 -42.37 -40.72
C SER C 287 -14.37 -40.86 -40.57
N ALA C 288 -13.85 -40.10 -41.53
CA ALA C 288 -13.85 -38.64 -41.41
C ALA C 288 -15.26 -38.10 -41.25
N GLN C 289 -16.24 -38.72 -41.94
CA GLN C 289 -17.62 -38.30 -41.78
C GLN C 289 -18.08 -38.44 -40.34
N THR C 290 -17.76 -39.58 -39.71
CA THR C 290 -18.23 -39.82 -38.34
C THR C 290 -17.66 -38.79 -37.37
N LEU C 291 -16.34 -38.59 -37.41
CA LEU C 291 -15.74 -37.66 -36.45
C LEU C 291 -16.09 -36.21 -36.75
N LEU C 292 -16.24 -35.84 -38.01
CA LEU C 292 -16.69 -34.49 -38.33
C LEU C 292 -18.11 -34.25 -37.81
N GLU C 293 -19.00 -35.22 -37.99
CA GLU C 293 -20.35 -35.09 -37.47
C GLU C 293 -20.34 -35.03 -35.95
N ASN C 294 -19.49 -35.85 -35.31
CA ASN C 294 -19.39 -35.80 -33.86
C ASN C 294 -18.92 -34.43 -33.39
N LEU C 295 -17.94 -33.86 -34.08
CA LEU C 295 -17.34 -32.62 -33.64
C LEU C 295 -18.22 -31.40 -33.91
N PHE C 296 -19.12 -31.48 -34.90
CA PHE C 296 -19.84 -30.27 -35.29
C PHE C 296 -21.36 -30.34 -35.21
N PHE C 297 -21.97 -31.52 -35.08
CA PHE C 297 -23.42 -31.58 -35.04
C PHE C 297 -23.99 -32.62 -34.08
N LYS C 298 -23.19 -33.13 -33.15
CA LYS C 298 -23.64 -34.15 -32.21
C LYS C 298 -23.61 -33.60 -30.80
N GLU C 299 -24.72 -33.77 -30.08
CA GLU C 299 -24.85 -33.19 -28.74
C GLU C 299 -23.88 -33.78 -27.74
N LYS C 300 -23.32 -34.96 -28.01
CA LYS C 300 -22.45 -35.60 -27.03
C LYS C 300 -21.18 -34.79 -26.80
N ARG C 301 -20.58 -34.26 -27.87
CA ARG C 301 -19.28 -33.59 -27.76
C ARG C 301 -19.40 -32.08 -27.86
N TYR C 302 -20.01 -31.56 -28.92
CA TYR C 302 -20.12 -30.14 -29.15
C TYR C 302 -21.56 -29.70 -28.88
N ASP C 303 -21.71 -28.63 -28.10
CA ASP C 303 -23.05 -28.17 -27.74
C ASP C 303 -22.99 -26.72 -27.29
N LEU C 304 -23.88 -25.90 -27.85
CA LEU C 304 -24.12 -24.56 -27.34
C LEU C 304 -25.05 -24.64 -26.14
N ALA C 305 -25.62 -23.49 -25.80
CA ALA C 305 -26.66 -23.45 -24.80
C ALA C 305 -27.97 -23.00 -25.43
N ARG C 306 -29.00 -22.83 -24.59
CA ARG C 306 -30.23 -22.22 -25.06
C ARG C 306 -29.97 -20.79 -25.54
N VAL C 307 -29.16 -20.04 -24.79
CA VAL C 307 -28.87 -18.67 -25.15
C VAL C 307 -28.17 -18.61 -26.49
N GLY C 308 -27.29 -19.57 -26.77
CA GLY C 308 -26.59 -19.57 -28.06
C GLY C 308 -27.55 -19.71 -29.22
N ARG C 309 -28.47 -20.67 -29.14
CA ARG C 309 -29.44 -20.84 -30.20
C ARG C 309 -30.34 -19.61 -30.32
N TYR C 310 -30.74 -19.05 -29.18
CA TYR C 310 -31.58 -17.85 -29.24
C TYR C 310 -30.85 -16.71 -29.93
N LYS C 311 -29.58 -16.49 -29.58
CA LYS C 311 -28.83 -15.41 -30.19
C LYS C 311 -28.64 -15.62 -31.68
N VAL C 312 -28.30 -16.85 -32.08
CA VAL C 312 -28.08 -17.12 -33.51
C VAL C 312 -29.37 -16.98 -34.29
N ASN C 313 -30.49 -17.46 -33.72
CA ASN C 313 -31.78 -17.30 -34.36
C ASN C 313 -32.13 -15.83 -34.51
N LYS C 314 -31.85 -15.02 -33.49
CA LYS C 314 -32.12 -13.60 -33.57
C LYS C 314 -31.26 -12.94 -34.65
N LYS C 315 -29.99 -13.32 -34.73
CA LYS C 315 -29.09 -12.68 -35.67
C LYS C 315 -29.44 -13.03 -37.12
N LEU C 316 -29.63 -14.32 -37.39
CA LEU C 316 -29.89 -14.77 -38.75
C LEU C 316 -31.37 -14.85 -39.09
N GLY C 317 -32.25 -14.58 -38.13
CA GLY C 317 -33.67 -14.45 -38.41
C GLY C 317 -34.31 -15.67 -39.04
N LEU C 318 -33.92 -16.86 -38.62
CA LEU C 318 -34.44 -18.09 -39.16
C LEU C 318 -35.33 -18.76 -38.12
N HIS C 319 -36.59 -19.00 -38.48
CA HIS C 319 -37.55 -19.70 -37.64
C HIS C 319 -37.69 -19.02 -36.27
N VAL C 320 -38.21 -17.79 -36.35
CA VAL C 320 -38.36 -16.98 -35.13
C VAL C 320 -39.34 -17.63 -34.17
N GLY C 321 -40.40 -18.22 -34.68
CA GLY C 321 -41.38 -18.89 -33.84
C GLY C 321 -41.03 -20.30 -33.43
N GLU C 322 -39.88 -20.79 -33.86
CA GLU C 322 -39.51 -22.17 -33.56
C GLU C 322 -39.17 -22.31 -32.07
N PRO C 323 -39.83 -23.23 -31.37
CA PRO C 323 -39.45 -23.49 -29.97
C PRO C 323 -38.07 -24.12 -29.88
N ILE C 324 -37.44 -23.94 -28.72
CA ILE C 324 -36.07 -24.40 -28.52
C ILE C 324 -36.06 -25.92 -28.41
N THR C 325 -35.55 -26.60 -29.43
CA THR C 325 -35.45 -28.05 -29.44
C THR C 325 -34.01 -28.52 -29.44
N SER C 326 -33.22 -28.11 -30.42
CA SER C 326 -31.82 -28.51 -30.49
C SER C 326 -30.95 -27.48 -29.80
N SER C 327 -29.71 -27.87 -29.53
CA SER C 327 -28.76 -26.98 -28.88
C SER C 327 -27.38 -27.13 -29.52
N THR C 328 -27.34 -27.16 -30.85
CA THR C 328 -26.07 -27.25 -31.56
C THR C 328 -26.26 -26.73 -32.98
N LEU C 329 -25.20 -26.85 -33.76
CA LEU C 329 -25.13 -26.25 -35.07
C LEU C 329 -26.00 -26.99 -36.09
N THR C 330 -26.30 -26.31 -37.19
CA THR C 330 -26.94 -26.91 -38.35
C THR C 330 -26.21 -26.43 -39.60
N GLU C 331 -26.35 -27.20 -40.68
CA GLU C 331 -25.74 -26.80 -41.94
C GLU C 331 -26.29 -25.47 -42.42
N GLU C 332 -27.59 -25.25 -42.22
CA GLU C 332 -28.18 -23.96 -42.55
C GLU C 332 -27.48 -22.83 -41.82
N ASP C 333 -27.05 -23.05 -40.58
CA ASP C 333 -26.35 -22.01 -39.84
C ASP C 333 -25.04 -21.62 -40.53
N VAL C 334 -24.26 -22.63 -40.93
CA VAL C 334 -22.99 -22.34 -41.58
C VAL C 334 -23.20 -21.64 -42.91
N VAL C 335 -24.19 -22.09 -43.68
CA VAL C 335 -24.49 -21.44 -44.95
C VAL C 335 -24.90 -19.99 -44.71
N ALA C 336 -25.74 -19.75 -43.71
CA ALA C 336 -26.22 -18.41 -43.43
C ALA C 336 -25.08 -17.51 -43.00
N THR C 337 -24.18 -17.98 -42.14
CA THR C 337 -23.09 -17.11 -41.71
C THR C 337 -22.11 -16.85 -42.83
N ILE C 338 -21.90 -17.82 -43.73
CA ILE C 338 -21.08 -17.55 -44.89
C ILE C 338 -21.69 -16.46 -45.75
N GLU C 339 -23.01 -16.55 -45.99
CA GLU C 339 -23.69 -15.50 -46.76
C GLU C 339 -23.57 -14.15 -46.06
N TYR C 340 -23.73 -14.15 -44.74
CA TYR C 340 -23.63 -12.91 -43.99
C TYR C 340 -22.25 -12.29 -44.14
N LEU C 341 -21.21 -13.10 -44.01
CA LEU C 341 -19.85 -12.59 -44.14
C LEU C 341 -19.60 -12.04 -45.53
N VAL C 342 -20.02 -12.76 -46.57
CA VAL C 342 -19.73 -12.29 -47.92
C VAL C 342 -20.53 -11.04 -48.26
N ARG C 343 -21.78 -10.94 -47.78
CA ARG C 343 -22.53 -9.72 -48.01
C ARG C 343 -21.91 -8.53 -47.28
N LEU C 344 -21.51 -8.74 -46.02
CA LEU C 344 -20.93 -7.65 -45.25
C LEU C 344 -19.59 -7.19 -45.81
N HIS C 345 -18.78 -8.13 -46.32
CA HIS C 345 -17.48 -7.77 -46.86
C HIS C 345 -17.60 -6.89 -48.10
N GLU C 346 -18.73 -6.98 -48.80
CA GLU C 346 -18.99 -6.12 -49.94
C GLU C 346 -19.98 -5.00 -49.61
N GLY C 347 -20.12 -4.67 -48.34
CA GLY C 347 -20.87 -3.50 -47.94
C GLY C 347 -22.37 -3.58 -48.12
N GLN C 348 -22.92 -4.79 -48.14
CA GLN C 348 -24.36 -4.95 -48.26
C GLN C 348 -25.06 -4.38 -47.02
N THR C 349 -26.28 -3.91 -47.21
CA THR C 349 -27.03 -3.24 -46.17
C THR C 349 -28.02 -4.17 -45.46
N THR C 350 -28.97 -4.72 -46.20
CA THR C 350 -30.02 -5.55 -45.64
C THR C 350 -29.95 -6.95 -46.24
N MET C 351 -30.16 -7.95 -45.40
CA MET C 351 -29.98 -9.35 -45.82
C MET C 351 -31.10 -10.22 -45.28
N THR C 352 -31.60 -11.10 -46.13
CA THR C 352 -32.61 -12.10 -45.77
C THR C 352 -32.15 -13.45 -46.27
N VAL C 353 -31.81 -14.35 -45.34
CA VAL C 353 -31.56 -15.73 -45.75
C VAL C 353 -32.84 -16.32 -46.30
N PRO C 354 -32.80 -17.13 -47.37
CA PRO C 354 -34.05 -17.62 -47.98
C PRO C 354 -34.95 -18.34 -46.99
N GLY C 355 -36.24 -17.99 -47.01
CA GLY C 355 -37.19 -18.51 -46.05
C GLY C 355 -37.24 -17.77 -44.74
N GLY C 356 -36.35 -16.80 -44.53
CA GLY C 356 -36.27 -16.06 -43.29
C GLY C 356 -36.92 -14.70 -43.39
N VAL C 357 -36.48 -13.79 -42.52
CA VAL C 357 -36.98 -12.43 -42.47
C VAL C 357 -35.80 -11.48 -42.63
N GLU C 358 -36.10 -10.21 -42.90
CA GLU C 358 -35.07 -9.22 -43.17
C GLU C 358 -34.51 -8.69 -41.86
N VAL C 359 -33.19 -8.75 -41.72
CA VAL C 359 -32.51 -8.26 -40.52
C VAL C 359 -31.35 -7.36 -40.95
N PRO C 360 -30.95 -6.40 -40.13
CA PRO C 360 -29.83 -5.53 -40.51
C PRO C 360 -28.50 -6.27 -40.47
N VAL C 361 -27.53 -5.70 -41.16
CA VAL C 361 -26.19 -6.27 -41.25
C VAL C 361 -25.21 -5.24 -40.69
N GLU C 362 -24.44 -5.65 -39.68
CA GLU C 362 -23.51 -4.76 -39.02
C GLU C 362 -22.54 -5.57 -38.19
N THR C 363 -21.43 -4.95 -37.83
CA THR C 363 -20.49 -5.58 -36.93
C THR C 363 -21.05 -5.62 -35.51
N ASP C 364 -20.56 -6.57 -34.73
CA ASP C 364 -21.05 -6.80 -33.37
C ASP C 364 -20.03 -6.27 -32.37
N ASP C 365 -20.46 -5.35 -31.52
CA ASP C 365 -19.56 -4.80 -30.52
C ASP C 365 -19.27 -5.83 -29.45
N ILE C 366 -18.02 -5.86 -29.01
CA ILE C 366 -17.57 -6.90 -28.09
C ILE C 366 -18.23 -6.73 -26.72
N ASP C 367 -18.20 -5.50 -26.18
CA ASP C 367 -18.67 -5.25 -24.83
C ASP C 367 -20.08 -4.67 -24.78
N HIS C 368 -20.77 -4.63 -25.92
CA HIS C 368 -22.14 -4.15 -25.93
C HIS C 368 -22.99 -4.99 -24.99
N PHE C 369 -23.79 -4.32 -24.16
CA PHE C 369 -24.47 -5.06 -23.09
C PHE C 369 -25.53 -6.01 -23.63
N GLY C 370 -25.84 -5.94 -24.92
CA GLY C 370 -26.62 -7.00 -25.55
C GLY C 370 -25.83 -8.26 -25.81
N ASN C 371 -24.56 -8.30 -25.44
CA ASN C 371 -23.72 -9.47 -25.62
C ASN C 371 -23.08 -9.96 -24.33
N ARG C 372 -23.19 -9.22 -23.24
CA ARG C 372 -22.66 -9.65 -21.95
C ARG C 372 -23.80 -10.20 -21.13
N ARG C 373 -23.64 -11.42 -20.64
CA ARG C 373 -24.70 -12.19 -20.03
C ARG C 373 -24.44 -12.36 -18.55
N LEU C 374 -25.49 -12.19 -17.77
CA LEU C 374 -25.40 -12.24 -16.31
C LEU C 374 -25.80 -13.64 -15.86
N ARG C 375 -24.83 -14.43 -15.44
CA ARG C 375 -25.12 -15.74 -14.88
C ARG C 375 -25.24 -15.58 -13.37
N THR C 376 -26.44 -15.80 -12.86
CA THR C 376 -26.72 -15.59 -11.46
C THR C 376 -26.36 -16.83 -10.66
N VAL C 377 -26.88 -16.91 -9.42
CA VAL C 377 -26.55 -18.03 -8.55
C VAL C 377 -27.10 -19.34 -9.11
N GLY C 378 -28.31 -19.30 -9.67
CA GLY C 378 -28.92 -20.52 -10.15
C GLY C 378 -28.08 -21.23 -11.19
N GLU C 379 -27.60 -20.50 -12.18
CA GLU C 379 -26.80 -21.12 -13.23
C GLU C 379 -25.50 -21.67 -12.68
N LEU C 380 -24.88 -20.98 -11.72
CA LEU C 380 -23.64 -21.48 -11.13
C LEU C 380 -23.86 -22.80 -10.41
N ILE C 381 -24.89 -22.86 -9.58
CA ILE C 381 -25.16 -24.11 -8.87
C ILE C 381 -25.51 -25.21 -9.85
N GLN C 382 -26.24 -24.87 -10.92
CA GLN C 382 -26.56 -25.89 -11.93
C GLN C 382 -25.30 -26.39 -12.61
N ASN C 383 -24.34 -25.50 -12.90
CA ASN C 383 -23.11 -25.96 -13.52
C ASN C 383 -22.36 -26.92 -12.61
N GLN C 384 -22.29 -26.60 -11.32
CA GLN C 384 -21.61 -27.51 -10.40
C GLN C 384 -22.34 -28.85 -10.32
N ILE C 385 -23.67 -28.82 -10.31
CA ILE C 385 -24.43 -30.06 -10.28
C ILE C 385 -24.15 -30.88 -11.52
N ARG C 386 -24.09 -30.23 -12.68
CA ARG C 386 -23.82 -30.96 -13.91
C ARG C 386 -22.45 -31.61 -13.87
N VAL C 387 -21.45 -30.91 -13.34
CA VAL C 387 -20.11 -31.52 -13.24
C VAL C 387 -20.15 -32.73 -12.31
N GLY C 388 -20.80 -32.58 -11.16
CA GLY C 388 -20.87 -33.68 -10.22
C GLY C 388 -21.56 -34.90 -10.80
N MET C 389 -22.69 -34.70 -11.47
CA MET C 389 -23.38 -35.83 -12.05
C MET C 389 -22.63 -36.39 -13.26
N SER C 390 -21.82 -35.58 -13.93
CA SER C 390 -20.95 -36.13 -14.97
C SER C 390 -19.95 -37.11 -14.37
N ARG C 391 -19.34 -36.74 -13.24
CA ARG C 391 -18.43 -37.68 -12.58
C ARG C 391 -19.17 -38.93 -12.14
N MET C 392 -20.35 -38.77 -11.56
CA MET C 392 -21.12 -39.93 -11.11
C MET C 392 -21.51 -40.82 -12.28
N GLU C 393 -21.83 -40.22 -13.43
CA GLU C 393 -22.19 -41.01 -14.60
C GLU C 393 -20.98 -41.76 -15.15
N ARG C 394 -19.80 -41.14 -15.13
CA ARG C 394 -18.60 -41.89 -15.46
C ARG C 394 -18.47 -43.12 -14.57
N VAL C 395 -18.67 -42.95 -13.26
CA VAL C 395 -18.54 -44.08 -12.34
C VAL C 395 -19.58 -45.16 -12.65
N VAL C 396 -20.84 -44.76 -12.87
CA VAL C 396 -21.88 -45.74 -13.08
C VAL C 396 -21.68 -46.48 -14.40
N ARG C 397 -21.17 -45.77 -15.42
CA ARG C 397 -20.89 -46.44 -16.68
C ARG C 397 -19.75 -47.43 -16.53
N GLU C 398 -18.73 -47.07 -15.74
CA GLU C 398 -17.63 -48.01 -15.51
C GLU C 398 -18.11 -49.25 -14.77
N ARG C 399 -18.97 -49.08 -13.76
CA ARG C 399 -19.40 -50.22 -12.96
C ARG C 399 -20.61 -50.93 -13.51
N MET C 400 -21.21 -50.44 -14.60
CA MET C 400 -22.36 -51.12 -15.17
C MET C 400 -21.96 -52.43 -15.84
N THR C 401 -20.93 -52.40 -16.68
CA THR C 401 -20.51 -53.61 -17.39
C THR C 401 -19.83 -54.62 -16.48
N THR C 402 -19.15 -54.16 -15.43
CA THR C 402 -18.33 -55.04 -14.61
C THR C 402 -19.18 -56.09 -13.91
N GLN C 403 -20.33 -55.69 -13.38
CA GLN C 403 -21.13 -56.62 -12.61
C GLN C 403 -22.17 -57.31 -13.48
N ASP C 404 -22.63 -58.47 -13.01
CA ASP C 404 -23.56 -59.28 -13.78
C ASP C 404 -24.94 -58.63 -13.84
N VAL C 405 -25.68 -58.95 -14.90
CA VAL C 405 -26.94 -58.28 -15.18
C VAL C 405 -27.99 -58.65 -14.14
N GLU C 406 -28.15 -59.96 -13.86
CA GLU C 406 -29.26 -60.40 -13.04
C GLU C 406 -29.08 -60.06 -11.56
N ALA C 407 -27.88 -59.67 -11.13
CA ALA C 407 -27.67 -59.34 -9.73
C ALA C 407 -27.23 -57.90 -9.56
N ILE C 408 -27.88 -56.97 -10.27
CA ILE C 408 -27.57 -55.55 -10.20
C ILE C 408 -28.85 -54.76 -10.01
N THR C 409 -28.84 -53.86 -9.03
CA THR C 409 -29.90 -52.91 -8.77
C THR C 409 -29.29 -51.51 -8.77
N PRO C 410 -30.08 -50.48 -9.10
CA PRO C 410 -29.50 -49.13 -9.19
C PRO C 410 -28.87 -48.67 -7.89
N GLN C 411 -29.34 -49.19 -6.75
CA GLN C 411 -28.74 -48.79 -5.48
C GLN C 411 -27.26 -49.07 -5.45
N THR C 412 -26.82 -50.14 -6.11
CA THR C 412 -25.40 -50.45 -6.22
C THR C 412 -24.74 -49.77 -7.41
N LEU C 413 -25.50 -49.00 -8.19
CA LEU C 413 -24.98 -48.36 -9.38
C LEU C 413 -24.63 -46.89 -9.17
N ILE C 414 -25.33 -46.18 -8.30
CA ILE C 414 -25.13 -44.74 -8.10
C ILE C 414 -24.42 -44.51 -6.78
N ASN C 415 -23.32 -43.79 -6.83
CA ASN C 415 -22.60 -43.33 -5.64
C ASN C 415 -22.75 -41.82 -5.58
N ILE C 416 -23.42 -41.32 -4.53
CA ILE C 416 -23.67 -39.89 -4.40
C ILE C 416 -22.43 -39.11 -4.02
N ARG C 417 -21.28 -39.76 -3.91
CA ARG C 417 -20.09 -39.07 -3.41
C ARG C 417 -19.69 -37.88 -4.27
N PRO C 418 -19.56 -37.99 -5.60
CA PRO C 418 -19.09 -36.82 -6.37
C PRO C 418 -20.03 -35.62 -6.29
N VAL C 419 -21.34 -35.84 -6.32
CA VAL C 419 -22.27 -34.72 -6.33
C VAL C 419 -22.19 -33.94 -5.03
N VAL C 420 -22.25 -34.65 -3.90
CA VAL C 420 -22.15 -33.98 -2.62
C VAL C 420 -20.79 -33.33 -2.48
N ALA C 421 -19.73 -33.99 -2.94
CA ALA C 421 -18.41 -33.40 -2.87
C ALA C 421 -18.34 -32.08 -3.64
N ALA C 422 -18.94 -32.05 -4.84
CA ALA C 422 -18.89 -30.85 -5.66
C ALA C 422 -19.68 -29.72 -5.01
N ILE C 423 -20.90 -30.01 -4.57
CA ILE C 423 -21.70 -28.93 -3.97
C ILE C 423 -21.15 -28.50 -2.63
N LYS C 424 -20.32 -29.33 -1.99
CA LYS C 424 -19.68 -28.91 -0.76
C LYS C 424 -18.42 -28.10 -1.03
N GLU C 425 -17.69 -28.43 -2.08
CA GLU C 425 -16.47 -27.72 -2.43
C GLU C 425 -16.74 -26.36 -3.03
N PHE C 426 -17.76 -26.24 -3.87
CA PHE C 426 -18.03 -24.97 -4.52
C PHE C 426 -18.29 -23.88 -3.49
N PHE C 427 -19.16 -24.16 -2.52
CA PHE C 427 -19.41 -23.18 -1.47
C PHE C 427 -18.17 -22.89 -0.67
N GLY C 428 -17.40 -23.92 -0.34
CA GLY C 428 -16.29 -23.74 0.57
C GLY C 428 -15.07 -23.07 0.00
N THR C 429 -14.90 -23.10 -1.33
CA THR C 429 -13.65 -22.59 -1.88
C THR C 429 -13.81 -21.59 -3.02
N SER C 430 -14.83 -21.78 -3.86
CA SER C 430 -14.93 -21.00 -5.08
C SER C 430 -15.02 -19.51 -4.79
N GLN C 431 -14.36 -18.71 -5.63
CA GLN C 431 -14.20 -17.28 -5.41
C GLN C 431 -15.49 -16.50 -5.59
N LEU C 432 -16.63 -17.17 -5.73
CA LEU C 432 -17.92 -16.48 -5.80
C LEU C 432 -18.79 -16.74 -4.59
N SER C 433 -18.27 -17.43 -3.57
CA SER C 433 -19.01 -17.67 -2.34
C SER C 433 -18.30 -16.90 -1.23
N GLN C 434 -18.72 -15.66 -1.02
CA GLN C 434 -18.00 -14.76 -0.14
C GLN C 434 -18.76 -14.56 1.18
N PHE C 435 -18.01 -14.27 2.23
CA PHE C 435 -18.62 -13.93 3.49
C PHE C 435 -19.44 -12.67 3.37
N MET C 436 -20.60 -12.66 3.99
CA MET C 436 -21.46 -11.49 3.93
C MET C 436 -20.87 -10.35 4.76
N ASP C 437 -20.89 -9.15 4.20
CA ASP C 437 -20.41 -7.96 4.89
C ASP C 437 -21.56 -7.40 5.72
N GLN C 438 -21.43 -7.43 7.03
CA GLN C 438 -22.49 -7.05 7.93
C GLN C 438 -22.13 -5.85 8.81
N ASN C 439 -21.49 -4.84 8.23
CA ASN C 439 -21.32 -3.60 8.96
C ASN C 439 -22.66 -2.96 9.30
N ASN C 440 -23.59 -2.99 8.35
CA ASN C 440 -24.89 -2.36 8.50
C ASN C 440 -25.80 -2.92 7.42
N PRO C 441 -27.11 -2.72 7.52
CA PRO C 441 -27.99 -3.29 6.50
C PRO C 441 -27.63 -2.91 5.08
N LEU C 442 -27.21 -1.67 4.85
CA LEU C 442 -26.88 -1.24 3.49
C LEU C 442 -25.75 -2.07 2.92
N SER C 443 -24.77 -2.40 3.75
CA SER C 443 -23.64 -3.17 3.24
C SER C 443 -24.09 -4.52 2.71
N GLY C 444 -24.93 -5.22 3.47
CA GLY C 444 -25.42 -6.50 2.99
C GLY C 444 -26.30 -6.37 1.76
N LEU C 445 -27.21 -5.39 1.76
CA LEU C 445 -28.10 -5.24 0.61
C LEU C 445 -27.32 -4.96 -0.66
N THR C 446 -26.32 -4.10 -0.58
CA THR C 446 -25.51 -3.81 -1.75
C THR C 446 -24.62 -4.99 -2.13
N HIS C 447 -24.18 -5.75 -1.13
CA HIS C 447 -23.34 -6.91 -1.42
C HIS C 447 -24.11 -7.98 -2.16
N LYS C 448 -25.42 -8.07 -1.91
CA LYS C 448 -26.18 -9.15 -2.53
C LYS C 448 -26.38 -8.89 -4.03
N ARG C 449 -26.45 -7.64 -4.44
CA ARG C 449 -26.76 -7.31 -5.83
C ARG C 449 -25.53 -7.05 -6.67
N ARG C 450 -24.34 -7.22 -6.13
CA ARG C 450 -23.12 -6.88 -6.85
C ARG C 450 -22.94 -7.75 -8.08
N LEU C 451 -22.41 -7.16 -9.15
CA LEU C 451 -22.05 -7.90 -10.36
C LEU C 451 -20.55 -7.89 -10.51
N SER C 452 -19.95 -9.07 -10.55
CA SER C 452 -18.50 -9.21 -10.61
C SER C 452 -18.11 -9.76 -11.97
N ALA C 453 -17.10 -9.15 -12.58
CA ALA C 453 -16.60 -9.63 -13.85
C ALA C 453 -15.43 -10.58 -13.71
N LEU C 454 -14.90 -10.74 -12.50
CA LEU C 454 -13.80 -11.67 -12.26
C LEU C 454 -14.38 -13.03 -11.89
N GLY C 455 -13.53 -13.93 -11.40
CA GLY C 455 -13.98 -15.22 -10.93
C GLY C 455 -13.60 -16.36 -11.85
N PRO C 456 -13.86 -17.59 -11.42
CA PRO C 456 -13.51 -18.75 -12.24
C PRO C 456 -14.23 -18.72 -13.58
N GLY C 457 -13.51 -19.10 -14.63
CA GLY C 457 -14.05 -19.09 -15.96
C GLY C 457 -14.05 -17.75 -16.64
N GLY C 458 -13.74 -16.66 -15.92
CA GLY C 458 -13.68 -15.33 -16.48
C GLY C 458 -12.26 -14.81 -16.54
N LEU C 459 -12.14 -13.60 -17.07
CA LEU C 459 -10.83 -12.98 -17.25
C LEU C 459 -10.20 -12.64 -15.90
N SER C 460 -8.89 -12.82 -15.82
CA SER C 460 -8.16 -12.52 -14.59
C SER C 460 -8.04 -11.02 -14.40
N ARG C 461 -7.43 -10.63 -13.28
CA ARG C 461 -7.20 -9.21 -13.03
C ARG C 461 -6.23 -8.62 -14.05
N GLU C 462 -5.19 -9.36 -14.41
CA GLU C 462 -4.21 -8.87 -15.36
C GLU C 462 -4.63 -9.03 -16.82
N ARG C 463 -5.68 -9.81 -17.08
CA ARG C 463 -6.21 -9.88 -18.44
C ARG C 463 -6.98 -8.62 -18.81
N ALA C 464 -7.58 -7.96 -17.83
CA ALA C 464 -8.44 -6.82 -18.10
C ALA C 464 -7.63 -5.63 -18.60
N GLY C 465 -8.13 -5.01 -19.67
CA GLY C 465 -7.55 -3.80 -20.21
C GLY C 465 -8.44 -2.60 -19.97
N LEU C 466 -8.11 -1.51 -20.67
CA LEU C 466 -8.86 -0.28 -20.52
C LEU C 466 -10.13 -0.25 -21.35
N GLU C 467 -10.38 -1.27 -22.17
CA GLU C 467 -11.62 -1.34 -22.93
C GLU C 467 -12.76 -1.95 -22.16
N VAL C 468 -12.46 -2.77 -21.14
CA VAL C 468 -13.46 -3.51 -20.40
C VAL C 468 -13.72 -2.87 -19.04
N ARG C 469 -13.32 -1.63 -18.85
CA ARG C 469 -13.52 -0.95 -17.57
C ARG C 469 -14.39 0.29 -17.66
N ASP C 470 -14.24 1.09 -18.70
CA ASP C 470 -15.01 2.32 -18.81
C ASP C 470 -16.44 2.05 -19.22
N VAL C 471 -17.32 2.99 -18.90
CA VAL C 471 -18.74 2.82 -19.14
C VAL C 471 -19.03 2.87 -20.63
N HIS C 472 -19.76 1.90 -21.11
CA HIS C 472 -20.32 1.83 -22.44
C HIS C 472 -21.69 2.51 -22.46
N PRO C 473 -22.10 3.13 -23.57
CA PRO C 473 -23.37 3.86 -23.57
C PRO C 473 -24.58 3.00 -23.32
N SER C 474 -24.47 1.68 -23.40
CA SER C 474 -25.62 0.82 -23.17
C SER C 474 -25.84 0.49 -21.70
N HIS C 475 -25.00 1.00 -20.80
CA HIS C 475 -25.20 0.74 -19.38
C HIS C 475 -26.36 1.54 -18.79
N TYR C 476 -26.90 2.50 -19.53
CA TYR C 476 -27.94 3.34 -18.98
C TYR C 476 -29.15 2.53 -18.59
N GLY C 477 -29.39 2.38 -17.30
CA GLY C 477 -30.52 1.65 -16.81
C GLY C 477 -30.26 0.21 -16.43
N ARG C 478 -29.04 -0.28 -16.65
CA ARG C 478 -28.71 -1.67 -16.35
C ARG C 478 -27.64 -1.78 -15.27
N MET C 479 -26.48 -1.17 -15.46
CA MET C 479 -25.42 -1.17 -14.47
C MET C 479 -25.15 0.26 -14.05
N CYS C 480 -25.12 0.50 -12.75
CA CYS C 480 -24.93 1.85 -12.25
C CYS C 480 -23.52 2.33 -12.56
N PRO C 481 -23.37 3.48 -13.22
CA PRO C 481 -22.04 3.94 -13.64
C PRO C 481 -21.24 4.67 -12.58
N ILE C 482 -21.79 4.94 -11.41
CA ILE C 482 -21.10 5.73 -10.40
C ILE C 482 -20.51 4.86 -9.30
N GLU C 483 -21.22 3.83 -8.86
CA GLU C 483 -20.76 3.00 -7.76
C GLU C 483 -19.74 1.99 -8.28
N THR C 484 -18.58 1.96 -7.65
CA THR C 484 -17.49 1.08 -8.04
C THR C 484 -16.38 1.19 -6.99
N PRO C 485 -15.71 0.11 -6.63
CA PRO C 485 -14.58 0.23 -5.70
C PRO C 485 -13.49 1.11 -6.28
N GLU C 486 -12.88 1.91 -5.41
CA GLU C 486 -11.86 2.86 -5.84
C GLU C 486 -10.47 2.25 -5.91
N GLY C 487 -10.30 1.00 -5.46
CA GLY C 487 -9.02 0.36 -5.50
C GLY C 487 -8.64 -0.11 -6.89
N PRO C 488 -7.81 -1.15 -6.98
CA PRO C 488 -7.40 -1.66 -8.29
C PRO C 488 -8.50 -2.39 -9.03
N ASN C 489 -9.55 -2.84 -8.35
CA ASN C 489 -10.65 -3.55 -9.00
C ASN C 489 -11.60 -2.63 -9.71
N ILE C 490 -11.22 -1.38 -9.94
CA ILE C 490 -12.16 -0.40 -10.45
C ILE C 490 -12.65 -0.81 -11.82
N GLY C 491 -13.96 -0.72 -12.03
CA GLY C 491 -14.55 -1.05 -13.30
C GLY C 491 -14.98 -2.49 -13.39
N LEU C 492 -14.18 -3.39 -12.82
CA LEU C 492 -14.49 -4.81 -12.91
C LEU C 492 -15.73 -5.16 -12.10
N ILE C 493 -15.92 -4.50 -10.96
CA ILE C 493 -17.04 -4.76 -10.06
C ILE C 493 -18.05 -3.65 -10.20
N GLY C 494 -19.30 -3.99 -10.48
CA GLY C 494 -20.36 -3.01 -10.63
C GLY C 494 -21.54 -3.36 -9.76
N SER C 495 -22.53 -2.47 -9.78
CA SER C 495 -23.75 -2.69 -9.02
C SER C 495 -24.94 -2.61 -9.96
N LEU C 496 -25.91 -3.49 -9.74
CA LEU C 496 -27.11 -3.50 -10.54
C LEU C 496 -27.94 -2.24 -10.26
N SER C 497 -28.59 -1.73 -11.29
CA SER C 497 -29.38 -0.53 -11.13
C SER C 497 -30.61 -0.81 -10.29
N VAL C 498 -31.40 0.23 -10.05
CA VAL C 498 -32.55 0.08 -9.16
C VAL C 498 -33.64 -0.73 -9.82
N TYR C 499 -34.00 -0.38 -11.05
CA TYR C 499 -35.17 -0.97 -11.70
C TYR C 499 -34.85 -2.18 -12.57
N ALA C 500 -33.60 -2.58 -12.68
CA ALA C 500 -33.26 -3.68 -13.57
C ALA C 500 -33.76 -5.01 -13.01
N ARG C 501 -34.21 -5.88 -13.91
CA ARG C 501 -34.50 -7.27 -13.58
C ARG C 501 -33.96 -8.14 -14.71
N VAL C 502 -33.76 -9.42 -14.41
CA VAL C 502 -33.04 -10.32 -15.31
C VAL C 502 -34.03 -11.20 -16.06
N ASN C 503 -33.88 -11.25 -17.37
CA ASN C 503 -34.73 -12.11 -18.19
C ASN C 503 -34.31 -13.56 -18.03
N PRO C 504 -35.14 -14.52 -18.45
CA PRO C 504 -34.80 -15.92 -18.20
C PRO C 504 -33.46 -16.34 -18.75
N PHE C 505 -33.03 -15.78 -19.87
CA PHE C 505 -31.81 -16.24 -20.52
C PHE C 505 -30.56 -15.75 -19.80
N GLY C 506 -30.62 -14.59 -19.17
CA GLY C 506 -29.46 -14.06 -18.48
C GLY C 506 -29.14 -12.62 -18.83
N PHE C 507 -29.86 -12.06 -19.79
CA PHE C 507 -29.72 -10.65 -20.12
C PHE C 507 -30.50 -9.80 -19.12
N ILE C 508 -30.24 -8.50 -19.14
CA ILE C 508 -30.76 -7.58 -18.13
C ILE C 508 -31.74 -6.63 -18.79
N GLU C 509 -32.98 -6.62 -18.32
CA GLU C 509 -34.03 -5.80 -18.89
C GLU C 509 -34.24 -4.54 -18.06
N THR C 510 -34.82 -3.53 -18.69
CA THR C 510 -35.21 -2.30 -18.02
C THR C 510 -36.64 -1.94 -18.37
N PRO C 511 -37.35 -1.27 -17.49
CA PRO C 511 -38.72 -0.85 -17.82
C PRO C 511 -38.72 0.32 -18.78
N TYR C 512 -39.88 0.51 -19.42
CA TYR C 512 -40.10 1.69 -20.24
C TYR C 512 -41.59 1.94 -20.34
N ARG C 513 -41.94 3.18 -20.67
CA ARG C 513 -43.33 3.53 -20.93
C ARG C 513 -43.60 3.51 -22.42
N LYS C 514 -44.83 3.15 -22.79
CA LYS C 514 -45.25 3.08 -24.17
C LYS C 514 -45.80 4.43 -24.60
N VAL C 515 -45.24 4.98 -25.68
CA VAL C 515 -45.72 6.22 -26.27
C VAL C 515 -46.10 5.92 -27.72
N VAL C 516 -47.36 6.16 -28.05
CA VAL C 516 -47.86 5.80 -29.38
C VAL C 516 -47.66 6.97 -30.34
N ASP C 517 -48.31 8.10 -30.09
CA ASP C 517 -48.13 9.29 -30.94
C ASP C 517 -48.39 10.52 -30.07
N GLY C 518 -47.32 11.03 -29.46
CA GLY C 518 -47.49 12.16 -28.57
C GLY C 518 -48.40 11.91 -27.40
N VAL C 519 -48.70 10.64 -27.12
CA VAL C 519 -49.58 10.25 -26.03
C VAL C 519 -48.82 9.25 -25.17
N VAL C 520 -48.78 9.50 -23.87
CA VAL C 520 -48.04 8.67 -22.92
C VAL C 520 -49.03 7.73 -22.24
N SER C 521 -48.76 6.44 -22.31
CA SER C 521 -49.59 5.44 -21.68
C SER C 521 -48.95 4.95 -20.38
N ASP C 522 -49.78 4.37 -19.52
CA ASP C 522 -49.30 3.82 -18.25
C ASP C 522 -48.91 2.35 -18.37
N GLU C 523 -49.02 1.76 -19.55
CA GLU C 523 -48.49 0.42 -19.76
C GLU C 523 -46.97 0.47 -19.64
N ILE C 524 -46.39 -0.54 -19.02
CA ILE C 524 -44.95 -0.64 -18.85
C ILE C 524 -44.47 -1.86 -19.60
N VAL C 525 -43.47 -1.66 -20.47
CA VAL C 525 -42.91 -2.75 -21.25
C VAL C 525 -41.43 -2.86 -20.92
N TYR C 526 -40.96 -4.08 -20.69
CA TYR C 526 -39.57 -4.32 -20.38
C TYR C 526 -38.80 -4.59 -21.66
N LEU C 527 -37.61 -4.01 -21.76
CA LEU C 527 -36.80 -4.12 -22.96
C LEU C 527 -35.39 -4.54 -22.62
N THR C 528 -34.77 -5.27 -23.55
CA THR C 528 -33.39 -5.67 -23.42
C THR C 528 -32.52 -4.60 -24.06
N ALA C 529 -31.24 -4.92 -24.29
CA ALA C 529 -30.33 -3.95 -24.90
C ALA C 529 -30.66 -3.73 -26.37
N ASP C 530 -30.88 -4.81 -27.12
CA ASP C 530 -31.05 -4.69 -28.57
C ASP C 530 -32.33 -3.94 -28.91
N GLU C 531 -33.42 -4.22 -28.20
CA GLU C 531 -34.67 -3.52 -28.47
C GLU C 531 -34.54 -2.03 -28.17
N GLU C 532 -33.83 -1.69 -27.10
CA GLU C 532 -33.55 -0.27 -26.81
C GLU C 532 -32.68 0.33 -27.91
N ASP C 533 -31.82 -0.49 -28.51
CA ASP C 533 -31.01 -0.02 -29.63
C ASP C 533 -31.89 0.31 -30.84
N ARG C 534 -32.84 -0.57 -31.16
CA ARG C 534 -33.57 -0.46 -32.42
C ARG C 534 -34.67 0.58 -32.38
N HIS C 535 -34.92 1.23 -31.26
CA HIS C 535 -36.01 2.19 -31.13
C HIS C 535 -35.45 3.57 -30.77
N VAL C 536 -36.35 4.47 -30.40
CA VAL C 536 -36.00 5.80 -29.94
C VAL C 536 -36.61 6.01 -28.57
N VAL C 537 -35.83 6.60 -27.65
CA VAL C 537 -36.28 6.79 -26.28
C VAL C 537 -35.97 8.20 -25.82
N ALA C 538 -36.78 8.69 -24.90
CA ALA C 538 -36.67 10.06 -24.39
C ALA C 538 -36.49 10.04 -22.89
N GLN C 539 -35.94 11.13 -22.36
CA GLN C 539 -35.77 11.25 -20.93
C GLN C 539 -37.12 11.37 -20.23
N ALA C 540 -37.12 11.10 -18.92
CA ALA C 540 -38.35 11.15 -18.14
C ALA C 540 -38.66 12.53 -17.60
N ASN C 541 -37.68 13.43 -17.58
CA ASN C 541 -37.88 14.77 -17.04
C ASN C 541 -38.31 15.77 -18.10
N SER C 542 -38.50 15.33 -19.34
CA SER C 542 -39.04 16.22 -20.35
C SER C 542 -40.46 16.62 -19.98
N PRO C 543 -40.81 17.89 -20.11
CA PRO C 543 -42.13 18.34 -19.65
C PRO C 543 -43.24 17.59 -20.37
N ILE C 544 -44.32 17.32 -19.63
CA ILE C 544 -45.50 16.68 -20.17
C ILE C 544 -46.72 17.45 -19.71
N ASP C 545 -47.79 17.34 -20.49
CA ASP C 545 -49.06 17.95 -20.12
C ASP C 545 -49.83 16.96 -19.24
N ALA C 546 -50.70 17.53 -18.38
CA ALA C 546 -51.48 16.69 -17.48
C ALA C 546 -52.41 15.76 -18.25
N ASP C 547 -52.82 16.15 -19.45
CA ASP C 547 -53.71 15.30 -20.24
C ASP C 547 -52.99 14.06 -20.77
N GLY C 548 -51.68 14.17 -21.01
CA GLY C 548 -50.93 13.06 -21.54
C GLY C 548 -50.27 13.36 -22.87
N ARG C 549 -49.96 14.63 -23.10
CA ARG C 549 -49.35 15.06 -24.35
C ARG C 549 -48.09 15.86 -24.08
N PHE C 550 -47.15 15.80 -25.02
CA PHE C 550 -45.99 16.65 -24.95
C PHE C 550 -46.37 18.09 -25.24
N VAL C 551 -45.53 19.01 -24.78
CA VAL C 551 -45.82 20.43 -24.94
C VAL C 551 -44.94 21.02 -26.04
N GLU C 552 -43.63 20.98 -25.85
CA GLU C 552 -42.72 21.52 -26.84
C GLU C 552 -42.70 20.63 -28.07
N PRO C 553 -42.50 21.20 -29.25
CA PRO C 553 -42.45 20.38 -30.47
C PRO C 553 -41.23 19.48 -30.51
N ARG C 554 -40.09 20.01 -30.09
CA ARG C 554 -38.81 19.30 -30.18
C ARG C 554 -38.40 18.84 -28.79
N VAL C 555 -38.22 17.53 -28.64
CA VAL C 555 -37.86 16.94 -27.35
C VAL C 555 -36.50 16.28 -27.49
N LEU C 556 -35.85 16.09 -26.35
CA LEU C 556 -34.53 15.46 -26.32
C LEU C 556 -34.68 13.95 -26.37
N VAL C 557 -33.89 13.30 -27.22
CA VAL C 557 -34.03 11.87 -27.45
C VAL C 557 -32.64 11.25 -27.55
N ARG C 558 -32.46 10.14 -26.86
CA ARG C 558 -31.27 9.33 -26.99
C ARG C 558 -31.49 8.30 -28.09
N ARG C 559 -30.45 8.04 -28.87
CA ARG C 559 -30.56 7.09 -29.98
C ARG C 559 -29.34 6.19 -29.96
N LYS C 560 -29.20 5.38 -31.01
CA LYS C 560 -28.17 4.36 -31.03
C LYS C 560 -26.78 4.97 -31.06
N ALA C 561 -25.80 4.19 -30.59
CA ALA C 561 -24.40 4.60 -30.50
C ALA C 561 -24.20 5.80 -29.58
N GLY C 562 -25.11 6.02 -28.64
CA GLY C 562 -24.96 7.07 -27.65
C GLY C 562 -25.30 8.45 -28.13
N GLU C 563 -25.76 8.62 -29.37
CA GLU C 563 -26.12 9.94 -29.85
C GLU C 563 -27.36 10.44 -29.15
N VAL C 564 -27.42 11.75 -28.93
CA VAL C 564 -28.58 12.40 -28.32
C VAL C 564 -28.85 13.67 -29.10
N GLU C 565 -30.11 13.90 -29.44
CA GLU C 565 -30.46 15.04 -30.28
C GLU C 565 -31.91 15.41 -30.08
N TYR C 566 -32.29 16.56 -30.63
CA TYR C 566 -33.66 17.03 -30.59
C TYR C 566 -34.45 16.42 -31.73
N VAL C 567 -35.71 16.08 -31.48
CA VAL C 567 -36.54 15.41 -32.46
C VAL C 567 -38.00 15.77 -32.22
N PRO C 568 -38.77 15.93 -33.29
CA PRO C 568 -40.19 16.25 -33.14
C PRO C 568 -40.94 15.16 -32.41
N SER C 569 -41.99 15.57 -31.68
CA SER C 569 -42.66 14.68 -30.75
C SER C 569 -43.52 13.62 -31.42
N SER C 570 -43.57 13.58 -32.75
CA SER C 570 -44.49 12.69 -33.45
C SER C 570 -43.91 11.31 -33.72
N GLU C 571 -42.70 11.00 -33.24
CA GLU C 571 -42.13 9.69 -33.52
C GLU C 571 -41.38 9.09 -32.34
N VAL C 572 -41.52 9.62 -31.14
CA VAL C 572 -40.81 9.07 -29.98
C VAL C 572 -41.49 7.78 -29.56
N ASP C 573 -40.72 6.70 -29.54
CA ASP C 573 -41.29 5.39 -29.24
C ASP C 573 -41.57 5.23 -27.76
N TYR C 574 -40.54 5.37 -26.93
CA TYR C 574 -40.61 5.03 -25.52
C TYR C 574 -40.07 6.15 -24.65
N MET C 575 -40.64 6.27 -23.47
CA MET C 575 -40.22 7.25 -22.48
C MET C 575 -39.87 6.51 -21.20
N ASP C 576 -38.81 6.97 -20.53
CA ASP C 576 -38.33 6.30 -19.33
C ASP C 576 -39.35 6.43 -18.21
N VAL C 577 -39.04 5.81 -17.06
CA VAL C 577 -39.98 5.78 -15.96
C VAL C 577 -39.67 6.90 -14.97
N SER C 578 -38.50 6.83 -14.35
CA SER C 578 -38.16 7.77 -13.29
C SER C 578 -36.78 8.33 -13.52
N PRO C 579 -36.51 9.53 -13.02
CA PRO C 579 -35.17 10.10 -13.19
C PRO C 579 -34.08 9.27 -12.57
N ARG C 580 -34.38 8.50 -11.52
CA ARG C 580 -33.38 7.71 -10.83
C ARG C 580 -33.22 6.33 -11.43
N GLN C 581 -33.49 6.18 -12.73
CA GLN C 581 -33.45 4.87 -13.35
C GLN C 581 -32.04 4.34 -13.54
N MET C 582 -31.02 5.19 -13.48
CA MET C 582 -29.67 4.77 -13.80
C MET C 582 -28.77 4.59 -12.60
N VAL C 583 -29.24 4.86 -11.39
CA VAL C 583 -28.39 4.86 -10.20
C VAL C 583 -28.58 3.57 -9.43
N SER C 584 -27.56 3.20 -8.67
CA SER C 584 -27.64 2.02 -7.82
C SER C 584 -28.51 2.33 -6.60
N VAL C 585 -28.64 1.37 -5.70
CA VAL C 585 -29.32 1.64 -4.45
C VAL C 585 -28.48 2.54 -3.57
N ALA C 586 -27.17 2.27 -3.49
CA ALA C 586 -26.32 3.04 -2.59
C ALA C 586 -26.28 4.50 -2.97
N THR C 587 -26.11 4.79 -4.26
CA THR C 587 -26.03 6.17 -4.70
C THR C 587 -27.38 6.86 -4.72
N ALA C 588 -28.47 6.12 -4.57
CA ALA C 588 -29.78 6.76 -4.55
C ALA C 588 -30.09 7.40 -3.20
N MET C 589 -29.24 7.21 -2.20
CA MET C 589 -29.45 7.77 -0.88
C MET C 589 -28.63 9.03 -0.63
N ILE C 590 -28.01 9.60 -1.66
CA ILE C 590 -27.21 10.80 -1.53
C ILE C 590 -28.08 11.99 -1.94
N PRO C 591 -28.40 12.90 -1.04
CA PRO C 591 -29.17 14.08 -1.44
C PRO C 591 -28.32 14.99 -2.31
N PHE C 592 -29.00 15.73 -3.19
CA PHE C 592 -28.34 16.64 -4.11
C PHE C 592 -27.22 15.95 -4.87
N LEU C 593 -27.52 14.77 -5.41
CA LEU C 593 -26.49 14.02 -6.11
C LEU C 593 -26.05 14.70 -7.38
N GLU C 594 -26.95 15.37 -8.08
CA GLU C 594 -26.59 15.96 -9.36
C GLU C 594 -25.69 17.18 -9.22
N HIS C 595 -25.50 17.70 -8.02
CA HIS C 595 -24.63 18.86 -7.82
C HIS C 595 -23.19 18.48 -7.57
N ASP C 596 -22.87 17.20 -7.43
CA ASP C 596 -21.53 16.78 -7.08
C ASP C 596 -20.82 16.18 -8.29
N ASP C 597 -19.50 16.27 -8.27
CA ASP C 597 -18.71 15.65 -9.32
C ASP C 597 -18.82 14.13 -9.23
N ALA C 598 -18.61 13.47 -10.35
CA ALA C 598 -18.69 12.01 -10.37
C ALA C 598 -17.61 11.41 -9.48
N ASN C 599 -16.42 11.98 -9.50
CA ASN C 599 -15.32 11.42 -8.71
C ASN C 599 -15.64 11.46 -7.22
N ARG C 600 -16.16 12.59 -6.72
CA ARG C 600 -16.49 12.64 -5.31
C ARG C 600 -17.75 11.85 -4.99
N ALA C 601 -18.68 11.76 -5.94
CA ALA C 601 -19.86 10.94 -5.69
C ALA C 601 -19.49 9.48 -5.54
N LEU C 602 -18.45 9.03 -6.22
CA LEU C 602 -18.01 7.64 -6.04
C LEU C 602 -17.56 7.40 -4.60
N MET C 603 -16.77 8.31 -4.05
CA MET C 603 -16.32 8.15 -2.67
C MET C 603 -17.48 8.34 -1.69
N GLY C 604 -18.45 9.17 -2.05
CA GLY C 604 -19.62 9.31 -1.21
C GLY C 604 -20.46 8.05 -1.17
N ALA C 605 -20.56 7.36 -2.30
CA ALA C 605 -21.32 6.12 -2.33
C ALA C 605 -20.55 4.97 -1.73
N ASN C 606 -19.22 5.06 -1.71
CA ASN C 606 -18.42 3.98 -1.16
C ASN C 606 -18.10 4.15 0.32
N MET C 607 -18.73 5.11 0.99
CA MET C 607 -18.50 5.26 2.41
C MET C 607 -19.71 4.93 3.25
N GLN C 608 -20.91 4.95 2.68
CA GLN C 608 -22.05 4.44 3.40
C GLN C 608 -21.94 2.95 3.61
N ARG C 609 -21.23 2.25 2.76
CA ARG C 609 -20.98 0.84 2.96
C ARG C 609 -19.92 0.58 4.00
N GLN C 610 -19.47 1.62 4.72
CA GLN C 610 -18.45 1.46 5.74
C GLN C 610 -18.84 2.08 7.07
N ALA C 611 -20.08 2.50 7.24
CA ALA C 611 -20.46 3.15 8.48
C ALA C 611 -20.40 2.16 9.63
N VAL C 612 -20.73 2.64 10.83
CA VAL C 612 -20.71 1.83 12.03
C VAL C 612 -22.00 2.10 12.80
N PRO C 613 -22.80 1.09 13.11
CA PRO C 613 -24.00 1.33 13.91
C PRO C 613 -23.64 1.83 15.31
N LEU C 614 -24.39 2.82 15.77
CA LEU C 614 -24.13 3.47 17.03
C LEU C 614 -25.08 2.93 18.09
N VAL C 615 -24.99 3.47 19.30
CA VAL C 615 -25.79 2.94 20.40
C VAL C 615 -27.25 3.29 20.20
N ARG C 616 -27.56 4.55 19.93
CA ARG C 616 -28.93 4.97 19.68
C ARG C 616 -28.96 5.87 18.47
N SER C 617 -29.60 5.43 17.40
CA SER C 617 -29.49 6.07 16.10
C SER C 617 -30.59 7.09 15.88
N GLU C 618 -30.35 8.00 14.94
CA GLU C 618 -31.28 9.08 14.62
C GLU C 618 -31.50 9.14 13.12
N ALA C 619 -32.75 9.32 12.72
CA ALA C 619 -33.07 9.43 11.31
C ALA C 619 -32.54 10.74 10.74
N PRO C 620 -32.11 10.76 9.49
CA PRO C 620 -31.53 11.98 8.94
C PRO C 620 -32.60 13.02 8.67
N LEU C 621 -32.19 14.29 8.71
CA LEU C 621 -33.14 15.37 8.47
C LEU C 621 -33.46 15.54 7.00
N VAL C 622 -32.51 15.27 6.11
CA VAL C 622 -32.72 15.40 4.68
C VAL C 622 -32.35 14.09 4.03
N GLY C 623 -33.36 13.29 3.67
CA GLY C 623 -33.16 12.03 3.00
C GLY C 623 -33.68 12.07 1.58
N THR C 624 -33.57 10.93 0.91
CA THR C 624 -34.01 10.83 -0.47
C THR C 624 -35.13 9.83 -0.66
N GLY C 625 -35.78 9.39 0.41
CA GLY C 625 -36.91 8.50 0.31
C GLY C 625 -36.59 7.06 -0.01
N MET C 626 -35.44 6.78 -0.62
CA MET C 626 -35.09 5.41 -0.95
C MET C 626 -34.77 4.60 0.30
N GLU C 627 -34.36 5.26 1.38
CA GLU C 627 -33.88 4.52 2.55
C GLU C 627 -34.98 3.69 3.20
N LEU C 628 -36.24 4.12 3.11
CA LEU C 628 -37.30 3.35 3.71
C LEU C 628 -37.41 1.97 3.07
N ARG C 629 -37.51 1.93 1.75
CA ARG C 629 -37.55 0.66 1.05
C ARG C 629 -36.25 -0.12 1.26
N ALA C 630 -35.12 0.58 1.29
CA ALA C 630 -33.85 -0.09 1.49
C ALA C 630 -33.84 -0.85 2.82
N ALA C 631 -34.27 -0.18 3.88
CA ALA C 631 -34.31 -0.83 5.19
C ALA C 631 -35.31 -1.97 5.22
N ILE C 632 -36.52 -1.75 4.68
CA ILE C 632 -37.55 -2.77 4.81
C ILE C 632 -37.26 -3.98 3.95
N ASP C 633 -36.43 -3.84 2.91
CA ASP C 633 -36.06 -5.00 2.11
C ASP C 633 -34.70 -5.57 2.49
N ALA C 634 -33.91 -4.87 3.30
CA ALA C 634 -32.67 -5.44 3.77
C ALA C 634 -32.93 -6.68 4.63
N GLY C 635 -34.11 -6.76 5.22
CA GLY C 635 -34.52 -7.91 5.99
C GLY C 635 -34.09 -7.93 7.42
N ASP C 636 -33.30 -6.94 7.86
CA ASP C 636 -32.80 -6.92 9.22
C ASP C 636 -33.76 -6.22 10.17
N VAL C 637 -34.94 -5.85 9.71
CA VAL C 637 -35.99 -5.31 10.56
C VAL C 637 -37.16 -6.27 10.50
N VAL C 638 -37.64 -6.71 11.66
CA VAL C 638 -38.73 -7.66 11.71
C VAL C 638 -40.02 -6.97 11.31
N VAL C 639 -40.72 -7.56 10.35
CA VAL C 639 -41.93 -6.98 9.79
C VAL C 639 -43.09 -7.95 10.05
N ALA C 640 -44.18 -7.43 10.58
CA ALA C 640 -45.32 -8.27 10.94
C ALA C 640 -45.88 -8.97 9.71
N GLU C 641 -46.12 -10.28 9.85
CA GLU C 641 -46.55 -11.07 8.69
C GLU C 641 -48.05 -10.93 8.45
N GLU C 642 -48.85 -11.05 9.50
CA GLU C 642 -50.29 -10.95 9.40
C GLU C 642 -50.82 -10.00 10.46
N SER C 643 -51.87 -9.26 10.11
CA SER C 643 -52.40 -8.22 10.98
C SER C 643 -52.85 -8.81 12.31
N GLY C 644 -53.06 -7.92 13.28
CA GLY C 644 -53.47 -8.35 14.60
C GLY C 644 -53.27 -7.23 15.60
N VAL C 645 -53.23 -7.61 16.88
CA VAL C 645 -53.00 -6.67 17.96
C VAL C 645 -51.91 -7.25 18.86
N ILE C 646 -51.28 -6.37 19.62
CA ILE C 646 -50.13 -6.75 20.43
C ILE C 646 -50.61 -7.18 21.81
N GLU C 647 -50.26 -8.40 22.20
CA GLU C 647 -50.69 -8.93 23.48
C GLU C 647 -49.63 -8.74 24.56
N GLU C 648 -48.45 -9.33 24.36
CA GLU C 648 -47.34 -9.20 25.29
C GLU C 648 -46.12 -8.71 24.54
N VAL C 649 -45.60 -7.57 24.95
CA VAL C 649 -44.40 -6.99 24.36
C VAL C 649 -43.32 -6.94 25.42
N SER C 650 -42.20 -7.58 25.15
CA SER C 650 -41.09 -7.62 26.09
C SER C 650 -39.80 -7.50 25.30
N ALA C 651 -38.72 -7.16 25.99
CA ALA C 651 -37.47 -6.85 25.31
C ALA C 651 -36.93 -8.04 24.55
N ASP C 652 -37.39 -9.25 24.85
CA ASP C 652 -36.90 -10.44 24.18
C ASP C 652 -37.84 -10.97 23.10
N TYR C 653 -39.14 -10.72 23.21
CA TYR C 653 -40.06 -11.29 22.24
C TYR C 653 -41.33 -10.47 22.20
N ILE C 654 -42.07 -10.62 21.10
CA ILE C 654 -43.32 -9.91 20.87
C ILE C 654 -44.38 -10.93 20.47
N THR C 655 -45.53 -10.89 21.14
CA THR C 655 -46.61 -11.83 20.87
C THR C 655 -47.80 -11.08 20.30
N VAL C 656 -48.29 -11.53 19.15
CA VAL C 656 -49.40 -10.89 18.46
C VAL C 656 -50.42 -11.95 18.10
N MET C 657 -51.69 -11.68 18.37
CA MET C 657 -52.77 -12.57 18.00
C MET C 657 -53.39 -12.09 16.69
N HIS C 658 -53.57 -13.01 15.75
CA HIS C 658 -54.14 -12.66 14.47
C HIS C 658 -55.62 -12.32 14.63
N ASP C 659 -56.27 -11.99 13.51
CA ASP C 659 -57.70 -11.71 13.58
C ASP C 659 -58.50 -12.97 13.90
N ASN C 660 -58.14 -14.10 13.29
CA ASN C 660 -58.91 -15.33 13.50
C ASN C 660 -58.71 -15.93 14.88
N GLY C 661 -57.77 -15.43 15.68
CA GLY C 661 -57.52 -15.95 17.00
C GLY C 661 -56.20 -16.70 17.14
N THR C 662 -55.52 -16.99 16.05
CA THR C 662 -54.23 -17.65 16.13
C THR C 662 -53.17 -16.70 16.69
N ARG C 663 -52.14 -17.27 17.30
CA ARG C 663 -51.10 -16.49 17.97
C ARG C 663 -49.76 -16.70 17.29
N ARG C 664 -48.92 -15.67 17.37
CA ARG C 664 -47.55 -15.76 16.88
C ARG C 664 -46.63 -15.04 17.86
N THR C 665 -45.40 -15.52 17.94
CA THR C 665 -44.39 -14.93 18.82
C THR C 665 -43.11 -14.76 18.02
N TYR C 666 -42.65 -13.51 17.91
CA TYR C 666 -41.42 -13.19 17.22
C TYR C 666 -40.33 -13.00 18.27
N ARG C 667 -39.24 -13.74 18.12
CA ARG C 667 -38.06 -13.57 18.94
C ARG C 667 -37.07 -12.63 18.28
N MET C 668 -36.33 -11.89 19.10
CA MET C 668 -35.44 -10.86 18.61
C MET C 668 -34.02 -11.10 19.12
N ARG C 669 -33.05 -11.03 18.21
CA ARG C 669 -31.66 -11.28 18.54
C ARG C 669 -31.10 -10.11 19.33
N LYS C 670 -30.37 -10.41 20.40
CA LYS C 670 -29.81 -9.38 21.27
C LYS C 670 -28.31 -9.59 21.40
N PHE C 671 -27.54 -8.56 21.04
CA PHE C 671 -26.09 -8.55 21.25
C PHE C 671 -25.43 -9.78 20.63
N ALA C 672 -25.80 -10.08 19.41
CA ALA C 672 -25.16 -11.14 18.64
C ALA C 672 -24.07 -10.55 17.77
N ARG C 673 -22.96 -11.25 17.67
CA ARG C 673 -21.85 -10.76 16.88
C ARG C 673 -22.18 -10.77 15.40
N SER C 674 -21.81 -9.69 14.71
CA SER C 674 -21.89 -9.66 13.27
C SER C 674 -20.58 -10.23 12.71
N ASN C 675 -20.38 -10.11 11.40
CA ASN C 675 -19.16 -10.65 10.82
C ASN C 675 -17.94 -9.77 11.07
N HIS C 676 -18.13 -8.45 11.11
CA HIS C 676 -17.01 -7.54 11.24
C HIS C 676 -16.81 -7.01 12.64
N GLY C 677 -17.51 -7.58 13.62
CA GLY C 677 -17.29 -7.23 15.01
C GLY C 677 -18.32 -6.32 15.62
N THR C 678 -19.19 -5.70 14.82
CA THR C 678 -20.19 -4.82 15.38
C THR C 678 -21.29 -5.64 16.05
N CYS C 679 -22.27 -4.95 16.62
CA CYS C 679 -23.35 -5.59 17.35
C CYS C 679 -24.64 -5.54 16.55
N ALA C 680 -25.35 -6.65 16.53
CA ALA C 680 -26.65 -6.75 15.84
C ALA C 680 -27.72 -6.83 16.92
N ASN C 681 -28.35 -5.70 17.20
CA ASN C 681 -29.34 -5.59 18.26
C ASN C 681 -30.67 -5.15 17.68
N GLN C 682 -31.76 -5.69 18.21
CA GLN C 682 -33.09 -5.35 17.78
C GLN C 682 -33.93 -4.93 18.98
N CYS C 683 -34.79 -3.95 18.79
CA CYS C 683 -35.66 -3.48 19.84
C CYS C 683 -37.07 -3.28 19.30
N PRO C 684 -38.09 -3.47 20.13
CA PRO C 684 -39.45 -3.20 19.67
C PRO C 684 -39.70 -1.70 19.56
N ILE C 685 -40.66 -1.35 18.71
CA ILE C 685 -41.18 0.00 18.69
C ILE C 685 -42.64 0.07 19.09
N VAL C 686 -43.39 -1.02 18.94
CA VAL C 686 -44.82 -1.02 19.23
C VAL C 686 -45.04 -1.20 20.73
N ASP C 687 -46.26 -0.97 21.18
CA ASP C 687 -46.64 -1.17 22.58
C ASP C 687 -47.91 -2.00 22.63
N ALA C 688 -48.21 -2.49 23.82
CA ALA C 688 -49.36 -3.39 24.00
C ALA C 688 -50.67 -2.69 23.67
N GLY C 689 -51.58 -3.43 23.05
CA GLY C 689 -52.85 -2.88 22.65
C GLY C 689 -52.85 -2.08 21.38
N ASP C 690 -51.73 -2.06 20.65
CA ASP C 690 -51.61 -1.26 19.43
C ASP C 690 -51.99 -2.12 18.24
N ARG C 691 -53.03 -1.72 17.52
CA ARG C 691 -53.42 -2.39 16.30
C ARG C 691 -52.35 -2.21 15.24
N VAL C 692 -51.93 -3.31 14.62
CA VAL C 692 -50.94 -3.26 13.56
C VAL C 692 -51.50 -3.96 12.33
N GLU C 693 -50.96 -3.60 11.17
CA GLU C 693 -51.40 -4.15 9.90
C GLU C 693 -50.25 -4.93 9.26
N ALA C 694 -50.62 -5.93 8.47
CA ALA C 694 -49.61 -6.81 7.89
C ALA C 694 -48.67 -6.00 7.00
N GLY C 695 -47.37 -6.25 7.17
CA GLY C 695 -46.36 -5.51 6.45
C GLY C 695 -45.78 -4.32 7.19
N GLN C 696 -46.32 -3.98 8.36
CA GLN C 696 -45.80 -2.86 9.13
C GLN C 696 -44.63 -3.31 10.00
N VAL C 697 -43.59 -2.49 10.05
CA VAL C 697 -42.43 -2.80 10.88
C VAL C 697 -42.82 -2.79 12.34
N ILE C 698 -42.28 -3.72 13.11
CA ILE C 698 -42.56 -3.81 14.53
C ILE C 698 -41.29 -3.82 15.38
N ALA C 699 -40.13 -4.13 14.81
CA ALA C 699 -38.91 -4.21 15.61
C ALA C 699 -37.74 -3.82 14.70
N ASP C 700 -37.25 -2.60 14.87
CA ASP C 700 -36.13 -2.13 14.06
C ASP C 700 -34.84 -2.82 14.46
N GLY C 701 -33.99 -3.07 13.48
CA GLY C 701 -32.75 -3.76 13.71
C GLY C 701 -31.64 -2.80 14.08
N PRO C 702 -30.43 -3.08 13.61
CA PRO C 702 -29.33 -2.13 13.78
C PRO C 702 -29.34 -1.08 12.68
N CYS C 703 -28.84 0.09 13.01
CA CYS C 703 -28.78 1.21 12.07
C CYS C 703 -30.16 1.53 11.51
N THR C 704 -31.17 1.51 12.37
CA THR C 704 -32.52 1.84 11.92
C THR C 704 -33.28 2.52 13.04
N ASP C 705 -34.00 3.58 12.70
CA ASP C 705 -34.87 4.26 13.64
C ASP C 705 -36.23 4.42 12.97
N ASP C 706 -37.26 3.87 13.60
CA ASP C 706 -38.63 3.93 13.11
C ASP C 706 -38.75 3.36 11.71
N GLY C 707 -37.95 2.34 11.40
CA GLY C 707 -38.04 1.70 10.11
C GLY C 707 -37.38 2.44 8.96
N GLU C 708 -36.45 3.34 9.23
CA GLU C 708 -35.72 4.05 8.19
C GLU C 708 -34.23 3.91 8.40
N MET C 709 -33.49 3.85 7.30
CA MET C 709 -32.05 3.58 7.37
C MET C 709 -31.34 4.79 7.96
N ALA C 710 -30.92 4.68 9.22
CA ALA C 710 -30.18 5.74 9.89
C ALA C 710 -28.78 5.24 10.19
N LEU C 711 -27.78 5.99 9.73
CA LEU C 711 -26.39 5.58 9.86
C LEU C 711 -25.55 6.52 10.69
N GLY C 712 -25.92 7.80 10.78
CA GLY C 712 -25.15 8.75 11.54
C GLY C 712 -26.03 9.70 12.32
N LYS C 713 -25.50 10.84 12.73
CA LYS C 713 -26.24 11.78 13.55
C LYS C 713 -26.36 13.12 12.83
N ASN C 714 -27.13 14.02 13.44
CA ASN C 714 -27.30 15.37 12.92
C ASN C 714 -26.49 16.32 13.79
N LEU C 715 -25.41 16.87 13.23
CA LEU C 715 -24.49 17.71 13.96
C LEU C 715 -24.60 19.14 13.47
N LEU C 716 -24.50 20.09 14.39
CA LEU C 716 -24.47 21.51 14.04
C LEU C 716 -23.06 21.85 13.59
N VAL C 717 -22.90 22.21 12.33
CA VAL C 717 -21.59 22.41 11.74
C VAL C 717 -21.42 23.87 11.38
N ALA C 718 -20.17 24.31 11.33
CA ALA C 718 -19.80 25.65 10.89
C ALA C 718 -18.65 25.52 9.91
N ILE C 719 -18.57 26.42 8.95
CA ILE C 719 -17.58 26.31 7.88
C ILE C 719 -16.58 27.45 8.04
N MET C 720 -15.43 27.17 8.62
CA MET C 720 -14.43 28.22 8.83
C MET C 720 -13.10 27.62 9.26
N PRO C 721 -11.98 28.13 8.78
CA PRO C 721 -10.69 27.69 9.31
C PRO C 721 -10.56 28.14 10.75
N TRP C 722 -9.84 27.36 11.55
CA TRP C 722 -9.83 27.67 12.98
C TRP C 722 -8.44 27.36 13.56
N GLU C 723 -7.60 28.38 13.61
CA GLU C 723 -6.32 28.35 14.30
C GLU C 723 -5.57 27.05 14.08
N GLY C 724 -5.73 26.47 12.90
CA GLY C 724 -4.86 25.42 12.45
C GLY C 724 -5.14 24.03 12.95
N HIS C 725 -6.17 23.82 13.75
CA HIS C 725 -6.46 22.45 14.16
C HIS C 725 -7.22 21.68 13.10
N ASN C 726 -7.77 22.35 12.10
CA ASN C 726 -8.42 21.64 11.02
C ASN C 726 -7.77 22.00 9.69
N TYR C 727 -6.45 21.93 9.67
CA TYR C 727 -5.66 22.13 8.46
C TYR C 727 -5.57 20.81 7.72
N GLU C 728 -5.86 20.83 6.42
CA GLU C 728 -5.73 19.66 5.55
C GLU C 728 -6.63 18.51 6.01
N ASP C 729 -7.93 18.72 5.87
CA ASP C 729 -8.92 17.66 6.02
C ASP C 729 -9.01 17.13 7.44
N ALA C 730 -8.76 17.96 8.44
CA ALA C 730 -9.04 17.54 9.80
C ALA C 730 -10.42 18.04 10.21
N ILE C 731 -10.88 17.56 11.36
CA ILE C 731 -12.18 17.93 11.88
C ILE C 731 -12.04 18.20 13.37
N ILE C 732 -12.64 19.27 13.85
CA ILE C 732 -12.64 19.60 15.27
C ILE C 732 -14.00 19.25 15.84
N LEU C 733 -14.03 18.50 16.93
CA LEU C 733 -15.27 18.10 17.56
C LEU C 733 -15.41 18.73 18.93
N SER C 734 -16.64 18.97 19.34
CA SER C 734 -16.89 19.46 20.68
C SER C 734 -16.89 18.30 21.66
N ASN C 735 -16.55 18.60 22.91
CA ASN C 735 -16.57 17.57 23.94
C ASN C 735 -17.97 17.09 24.26
N ARG C 736 -18.98 17.81 23.78
CA ARG C 736 -20.35 17.40 24.02
C ARG C 736 -20.62 16.02 23.44
N LEU C 737 -20.00 15.71 22.30
CA LEU C 737 -20.18 14.39 21.70
C LEU C 737 -19.67 13.29 22.62
N VAL C 738 -18.51 13.49 23.22
CA VAL C 738 -18.00 12.50 24.16
C VAL C 738 -18.88 12.44 25.41
N GLU C 739 -19.42 13.59 25.82
CA GLU C 739 -20.25 13.61 27.02
C GLU C 739 -21.54 12.83 26.83
N GLU C 740 -22.40 13.29 25.94
CA GLU C 740 -23.69 12.66 25.70
C GLU C 740 -23.59 11.40 24.87
N ASP C 741 -22.40 10.81 24.76
CA ASP C 741 -22.13 9.61 23.97
C ASP C 741 -22.90 9.60 22.66
N VAL C 742 -22.92 10.75 21.98
CA VAL C 742 -23.65 10.84 20.72
C VAL C 742 -23.06 9.87 19.71
N LEU C 743 -21.77 9.59 19.81
CA LEU C 743 -21.11 8.75 18.83
C LEU C 743 -20.31 7.60 19.45
N THR C 744 -20.90 6.83 20.34
CA THR C 744 -20.25 5.65 20.89
C THR C 744 -20.86 4.40 20.27
N SER C 745 -20.02 3.46 19.88
CA SER C 745 -20.45 2.19 19.32
C SER C 745 -20.04 1.06 20.26
N ILE C 746 -20.33 -0.16 19.83
CA ILE C 746 -20.06 -1.36 20.63
C ILE C 746 -19.36 -2.37 19.76
N HIS C 747 -18.25 -2.93 20.24
CA HIS C 747 -17.52 -3.92 19.46
C HIS C 747 -17.34 -5.20 20.25
N ILE C 748 -17.57 -6.33 19.59
CA ILE C 748 -17.60 -7.65 20.22
C ILE C 748 -16.59 -8.54 19.52
N GLU C 749 -15.55 -8.95 20.23
CA GLU C 749 -14.57 -9.88 19.72
C GLU C 749 -14.85 -11.27 20.26
N GLU C 750 -14.39 -12.28 19.52
CA GLU C 750 -14.60 -13.67 19.88
C GLU C 750 -13.25 -14.35 19.99
N HIS C 751 -13.10 -15.22 20.98
CA HIS C 751 -11.87 -15.98 21.14
C HIS C 751 -12.20 -17.46 21.25
N GLU C 752 -11.41 -18.27 20.56
CA GLU C 752 -11.71 -19.69 20.39
C GLU C 752 -10.54 -20.53 20.85
N ILE C 753 -10.81 -21.53 21.68
CA ILE C 753 -9.80 -22.49 22.10
C ILE C 753 -10.38 -23.87 21.93
N ASP C 754 -9.51 -24.86 21.76
CA ASP C 754 -9.98 -26.22 21.56
C ASP C 754 -8.91 -27.19 22.01
N ALA C 755 -9.33 -28.23 22.72
CA ALA C 755 -8.43 -29.22 23.29
C ALA C 755 -8.56 -30.51 22.49
N ARG C 756 -7.46 -30.95 21.91
CA ARG C 756 -7.44 -32.14 21.06
C ARG C 756 -6.76 -33.29 21.79
N ASP C 757 -6.72 -34.45 21.16
CA ASP C 757 -6.13 -35.65 21.74
C ASP C 757 -4.72 -35.81 21.20
N THR C 758 -3.73 -35.55 22.04
CA THR C 758 -2.35 -35.75 21.67
C THR C 758 -1.98 -37.23 21.78
N LYS C 759 -0.83 -37.59 21.22
CA LYS C 759 -0.38 -38.98 21.27
C LYS C 759 0.21 -39.36 22.61
N LEU C 760 0.48 -38.38 23.48
CA LEU C 760 0.98 -38.64 24.81
C LEU C 760 -0.12 -38.68 25.86
N GLY C 761 -1.36 -38.51 25.45
CA GLY C 761 -2.47 -38.42 26.40
C GLY C 761 -3.60 -37.59 25.85
N ALA C 762 -4.06 -36.61 26.62
CA ALA C 762 -5.19 -35.80 26.18
C ALA C 762 -5.19 -34.48 26.95
N GLU C 763 -5.28 -33.37 26.23
CA GLU C 763 -5.40 -32.07 26.86
C GLU C 763 -6.74 -31.95 27.55
N GLU C 764 -6.76 -31.18 28.64
CA GLU C 764 -7.97 -31.07 29.44
C GLU C 764 -8.08 -29.67 30.00
N ILE C 765 -9.27 -29.09 29.90
CA ILE C 765 -9.51 -27.78 30.50
C ILE C 765 -9.51 -27.94 32.02
N THR C 766 -8.55 -27.32 32.68
CA THR C 766 -8.37 -27.47 34.12
C THR C 766 -8.19 -26.12 34.78
N ARG C 767 -8.45 -26.07 36.07
CA ARG C 767 -8.23 -24.87 36.85
C ARG C 767 -6.88 -24.83 37.54
N ASP C 768 -6.12 -25.92 37.50
CA ASP C 768 -4.85 -26.03 38.20
C ASP C 768 -3.70 -25.89 37.20
N ILE C 769 -3.33 -24.64 36.92
CA ILE C 769 -2.21 -24.35 36.03
C ILE C 769 -0.93 -24.64 36.80
N PRO C 770 0.12 -25.13 36.15
CA PRO C 770 1.39 -25.37 36.87
C PRO C 770 2.04 -24.11 37.42
N ASN C 771 2.07 -24.00 38.74
CA ASN C 771 2.86 -23.00 39.45
C ASN C 771 2.46 -21.58 39.07
N ILE C 772 1.17 -21.28 39.17
CA ILE C 772 0.66 -19.94 38.92
C ILE C 772 -0.05 -19.45 40.17
N SER C 773 0.30 -18.25 40.63
CA SER C 773 -0.23 -17.74 41.88
C SER C 773 -1.73 -17.52 41.78
N ASP C 774 -2.42 -17.71 42.90
CA ASP C 774 -3.87 -17.67 42.90
C ASP C 774 -4.43 -16.32 42.49
N GLU C 775 -3.70 -15.23 42.72
CA GLU C 775 -4.21 -13.92 42.33
C GLU C 775 -4.42 -13.84 40.82
N VAL C 776 -3.56 -14.49 40.06
CA VAL C 776 -3.79 -14.59 38.61
C VAL C 776 -5.05 -15.41 38.35
N LEU C 777 -5.23 -16.51 39.07
CA LEU C 777 -6.35 -17.42 38.87
C LEU C 777 -7.55 -17.10 39.74
N ALA C 778 -7.78 -15.81 40.04
CA ALA C 778 -8.89 -15.45 40.90
C ALA C 778 -10.23 -15.50 40.16
N ASP C 779 -10.25 -15.13 38.88
CA ASP C 779 -11.50 -14.89 38.19
C ASP C 779 -12.09 -16.13 37.53
N LEU C 780 -11.44 -17.28 37.62
CA LEU C 780 -12.00 -18.49 37.03
C LEU C 780 -12.93 -19.19 38.00
N ASP C 781 -13.80 -20.02 37.46
CA ASP C 781 -14.66 -20.87 38.28
C ASP C 781 -13.95 -22.21 38.49
N GLU C 782 -14.68 -23.19 39.04
CA GLU C 782 -14.09 -24.52 39.18
C GLU C 782 -13.83 -25.16 37.82
N ARG C 783 -14.70 -24.91 36.85
CA ARG C 783 -14.53 -25.53 35.54
C ARG C 783 -13.23 -25.10 34.89
N GLY C 784 -12.89 -23.82 35.00
CA GLY C 784 -11.68 -23.31 34.39
C GLY C 784 -11.94 -22.26 33.34
N ILE C 785 -13.14 -21.69 33.36
CA ILE C 785 -13.58 -20.70 32.39
C ILE C 785 -13.89 -19.42 33.15
N VAL C 786 -13.51 -18.28 32.56
CA VAL C 786 -13.71 -17.01 33.25
C VAL C 786 -15.18 -16.81 33.54
N ARG C 787 -15.49 -16.36 34.75
CA ARG C 787 -16.87 -16.10 35.10
C ARG C 787 -17.42 -14.95 34.24
N ILE C 788 -18.68 -15.08 33.85
CA ILE C 788 -19.30 -14.07 33.00
C ILE C 788 -19.39 -12.76 33.75
N GLY C 789 -18.94 -11.69 33.11
CA GLY C 789 -19.06 -10.37 33.69
C GLY C 789 -17.82 -9.82 34.35
N ALA C 790 -16.68 -10.49 34.24
CA ALA C 790 -15.46 -10.03 34.86
C ALA C 790 -14.60 -9.33 33.82
N GLU C 791 -14.26 -8.07 34.09
CA GLU C 791 -13.47 -7.29 33.15
C GLU C 791 -12.08 -7.89 32.99
N VAL C 792 -11.61 -7.95 31.75
CA VAL C 792 -10.33 -8.56 31.45
C VAL C 792 -9.40 -7.50 30.86
N ARG C 793 -8.13 -7.89 30.72
CA ARG C 793 -7.09 -7.01 30.21
C ARG C 793 -6.04 -7.91 29.58
N ASP C 794 -5.13 -7.30 28.81
CA ASP C 794 -4.11 -8.09 28.13
C ASP C 794 -3.25 -8.84 29.13
N GLY C 795 -2.86 -10.05 28.77
CA GLY C 795 -2.06 -10.86 29.67
C GLY C 795 -2.81 -11.52 30.80
N ASP C 796 -4.13 -11.65 30.70
CA ASP C 796 -4.93 -12.33 31.70
C ASP C 796 -5.55 -13.59 31.12
N ILE C 797 -5.66 -14.62 31.97
CA ILE C 797 -6.02 -15.94 31.49
C ILE C 797 -7.53 -16.03 31.29
N LEU C 798 -7.92 -16.53 30.13
CA LEU C 798 -9.33 -16.71 29.78
C LEU C 798 -9.79 -18.16 29.93
N VAL C 799 -9.03 -19.10 29.39
CA VAL C 799 -9.34 -20.52 29.48
C VAL C 799 -8.07 -21.25 29.85
N GLY C 800 -8.10 -21.99 30.96
CA GLY C 800 -6.94 -22.75 31.38
C GLY C 800 -6.87 -24.06 30.64
N LYS C 801 -5.68 -24.39 30.13
CA LYS C 801 -5.48 -25.62 29.40
C LYS C 801 -4.13 -26.20 29.80
N VAL C 802 -4.02 -27.53 29.73
CA VAL C 802 -2.77 -28.21 30.04
C VAL C 802 -2.51 -29.27 28.99
N THR C 803 -1.27 -29.35 28.52
CA THR C 803 -0.86 -30.33 27.53
C THR C 803 0.29 -31.14 28.12
N PRO C 804 0.25 -32.48 28.02
CA PRO C 804 1.30 -33.29 28.64
C PRO C 804 2.67 -33.01 28.05
N LYS C 805 3.68 -33.12 28.89
CA LYS C 805 5.07 -32.86 28.49
C LYS C 805 5.69 -34.14 27.93
N GLY C 806 6.50 -33.96 26.87
CA GLY C 806 7.05 -35.08 26.16
C GLY C 806 8.21 -35.78 26.85
N GLU C 807 7.98 -36.29 28.06
CA GLU C 807 9.02 -37.03 28.75
C GLU C 807 9.26 -38.38 28.08
N THR C 808 8.19 -39.11 27.80
CA THR C 808 8.29 -40.39 27.10
C THR C 808 6.93 -40.74 26.53
N GLU C 809 6.93 -41.25 25.30
CA GLU C 809 5.70 -41.71 24.69
C GLU C 809 5.07 -42.80 25.55
N LEU C 810 3.78 -42.67 25.81
CA LEU C 810 3.06 -43.64 26.63
C LEU C 810 2.71 -44.86 25.79
N THR C 811 3.10 -46.03 26.27
CA THR C 811 2.78 -47.27 25.57
C THR C 811 1.27 -47.53 25.63
N PRO C 812 0.69 -48.08 24.55
CA PRO C 812 -0.76 -48.34 24.58
C PRO C 812 -1.21 -49.27 25.69
N GLU C 813 -0.33 -50.15 26.18
CA GLU C 813 -0.72 -51.04 27.29
C GLU C 813 -1.10 -50.24 28.53
N GLU C 814 -0.20 -49.35 28.97
CA GLU C 814 -0.47 -48.55 30.16
C GLU C 814 -1.63 -47.59 29.94
N ARG C 815 -1.71 -47.00 28.75
CA ARG C 815 -2.79 -46.07 28.47
C ARG C 815 -4.15 -46.77 28.51
N LEU C 816 -4.24 -47.97 27.94
CA LEU C 816 -5.49 -48.72 28.02
C LEU C 816 -5.78 -49.14 29.46
N LEU C 817 -4.76 -49.55 30.21
CA LEU C 817 -4.98 -49.94 31.59
C LEU C 817 -5.53 -48.78 32.42
N ARG C 818 -4.98 -47.59 32.24
CA ARG C 818 -5.48 -46.43 32.98
C ARG C 818 -6.80 -45.93 32.44
N ALA C 819 -7.08 -46.16 31.15
CA ALA C 819 -8.35 -45.74 30.58
C ALA C 819 -9.51 -46.63 31.00
N ILE C 820 -9.25 -47.91 31.26
CA ILE C 820 -10.31 -48.78 31.75
C ILE C 820 -10.82 -48.29 33.10
N PHE C 821 -9.91 -47.92 34.00
CA PHE C 821 -10.27 -47.38 35.29
C PHE C 821 -10.34 -45.86 35.29
N GLY C 822 -10.13 -45.22 34.13
CA GLY C 822 -10.27 -43.77 34.01
C GLY C 822 -9.30 -42.99 34.88
N GLU C 823 -8.03 -43.38 34.89
CA GLU C 823 -7.04 -42.75 35.74
C GLU C 823 -6.38 -41.57 35.05
N LYS C 824 -5.71 -40.73 35.84
CA LYS C 824 -4.99 -39.56 35.35
C LYS C 824 -3.63 -39.46 36.02
N ALA C 825 -2.67 -38.87 35.31
CA ALA C 825 -1.30 -38.71 35.77
C ALA C 825 -0.91 -37.24 35.72
N ARG C 826 0.18 -36.92 36.42
CA ARG C 826 0.63 -35.53 36.59
C ARG C 826 1.84 -35.25 35.70
N GLU C 827 1.54 -34.92 34.44
CA GLU C 827 2.54 -34.49 33.47
C GLU C 827 1.87 -33.41 32.61
N VAL C 828 2.16 -32.14 32.90
CA VAL C 828 1.45 -31.04 32.26
C VAL C 828 2.38 -29.85 32.04
N ARG C 829 2.05 -29.08 31.01
CA ARG C 829 2.63 -27.76 30.78
C ARG C 829 1.50 -26.83 30.35
N ASP C 830 1.66 -25.55 30.61
CA ASP C 830 0.56 -24.60 30.42
C ASP C 830 0.52 -24.10 28.99
N THR C 831 -0.67 -24.16 28.37
CA THR C 831 -0.93 -23.57 27.07
C THR C 831 -2.28 -22.87 27.09
N SER C 832 -2.55 -22.10 28.14
CA SER C 832 -3.85 -21.49 28.31
C SER C 832 -4.07 -20.41 27.25
N LEU C 833 -5.27 -19.84 27.27
CA LEU C 833 -5.64 -18.76 26.36
C LEU C 833 -5.67 -17.45 27.12
N LYS C 834 -4.93 -16.46 26.62
CA LYS C 834 -4.85 -15.16 27.25
C LYS C 834 -5.33 -14.08 26.28
N VAL C 835 -5.79 -12.98 26.85
CA VAL C 835 -6.30 -11.88 26.03
C VAL C 835 -5.16 -11.30 25.21
N PRO C 836 -5.31 -11.15 23.90
CA PRO C 836 -4.19 -10.68 23.08
C PRO C 836 -3.83 -9.24 23.40
N HIS C 837 -2.61 -8.87 23.02
CA HIS C 837 -2.07 -7.54 23.24
C HIS C 837 -2.99 -6.48 22.62
N GLY C 838 -3.68 -5.72 23.47
CA GLY C 838 -4.52 -4.62 23.03
C GLY C 838 -5.97 -4.73 23.44
N GLU C 839 -6.50 -5.96 23.50
CA GLU C 839 -7.91 -6.11 23.78
C GLU C 839 -8.23 -5.81 25.24
N SER C 840 -9.52 -5.67 25.51
CA SER C 840 -10.03 -5.37 26.84
C SER C 840 -11.54 -5.56 26.78
N GLY C 841 -12.23 -5.21 27.86
CA GLY C 841 -13.68 -5.27 27.86
C GLY C 841 -14.25 -6.21 28.89
N LYS C 842 -15.51 -6.61 28.72
CA LYS C 842 -16.18 -7.48 29.66
C LYS C 842 -16.70 -8.72 28.93
N VAL C 843 -16.62 -9.87 29.58
CA VAL C 843 -17.06 -11.12 28.98
C VAL C 843 -18.58 -11.20 29.08
N ILE C 844 -19.24 -11.47 27.96
CA ILE C 844 -20.70 -11.45 27.92
C ILE C 844 -21.31 -12.79 27.57
N GLY C 845 -20.55 -13.74 27.04
CA GLY C 845 -21.14 -14.99 26.64
C GLY C 845 -20.12 -16.08 26.38
N ILE C 846 -20.38 -17.28 26.90
CA ILE C 846 -19.46 -18.39 26.81
C ILE C 846 -20.19 -19.59 26.24
N ARG C 847 -19.66 -20.12 25.14
CA ARG C 847 -20.21 -21.29 24.49
C ARG C 847 -19.23 -22.44 24.65
N VAL C 848 -19.69 -23.56 25.17
CA VAL C 848 -18.85 -24.73 25.42
C VAL C 848 -19.42 -25.90 24.64
N PHE C 849 -18.57 -26.55 23.84
CA PHE C 849 -18.96 -27.72 23.08
C PHE C 849 -18.08 -28.89 23.46
N SER C 850 -18.70 -30.06 23.60
CA SER C 850 -17.99 -31.27 23.99
C SER C 850 -18.43 -32.43 23.11
N ARG C 851 -17.49 -33.30 22.76
CA ARG C 851 -17.82 -34.44 21.90
C ARG C 851 -18.71 -35.45 22.61
N GLU C 852 -18.46 -35.70 23.90
CA GLU C 852 -19.24 -36.68 24.64
C GLU C 852 -20.69 -36.27 24.83
N ASP C 853 -21.03 -35.02 24.55
CA ASP C 853 -22.41 -34.54 24.68
C ASP C 853 -23.11 -34.52 23.33
N GLU C 854 -22.85 -35.54 22.51
CA GLU C 854 -23.55 -35.78 21.23
C GLU C 854 -23.53 -34.57 20.32
N ASP C 855 -22.56 -33.68 20.49
CA ASP C 855 -22.41 -32.52 19.64
C ASP C 855 -21.37 -32.81 18.57
N GLU C 856 -21.70 -32.48 17.33
CA GLU C 856 -20.79 -32.74 16.22
C GLU C 856 -19.61 -31.79 16.28
N LEU C 857 -18.41 -32.33 16.17
CA LEU C 857 -17.17 -31.57 16.22
C LEU C 857 -16.25 -32.02 15.10
N PRO C 858 -15.26 -31.21 14.74
CA PRO C 858 -14.21 -31.70 13.85
C PRO C 858 -13.44 -32.83 14.51
N ALA C 859 -12.95 -33.75 13.67
CA ALA C 859 -12.26 -34.92 14.18
C ALA C 859 -10.95 -34.54 14.86
N GLY C 860 -10.67 -35.19 15.98
CA GLY C 860 -9.44 -34.98 16.71
C GLY C 860 -9.57 -34.13 17.96
N VAL C 861 -10.67 -33.40 18.10
CA VAL C 861 -10.86 -32.50 19.23
C VAL C 861 -11.94 -33.05 20.14
N ASN C 862 -11.94 -32.58 21.38
CA ASN C 862 -12.94 -32.97 22.36
C ASN C 862 -13.78 -31.81 22.86
N GLU C 863 -13.15 -30.74 23.35
CA GLU C 863 -13.87 -29.58 23.85
C GLU C 863 -13.43 -28.33 23.11
N LEU C 864 -14.40 -27.51 22.72
CA LEU C 864 -14.15 -26.25 22.04
C LEU C 864 -14.91 -25.15 22.75
N VAL C 865 -14.20 -24.09 23.12
CA VAL C 865 -14.76 -23.02 23.93
C VAL C 865 -14.63 -21.71 23.17
N ARG C 866 -15.75 -21.00 23.03
CA ARG C 866 -15.78 -19.67 22.45
C ARG C 866 -16.22 -18.68 23.53
N VAL C 867 -15.42 -17.65 23.73
CA VAL C 867 -15.68 -16.64 24.75
C VAL C 867 -15.78 -15.28 24.07
N TYR C 868 -16.85 -14.54 24.35
CA TYR C 868 -17.13 -13.28 23.70
C TYR C 868 -16.81 -12.12 24.62
N VAL C 869 -15.99 -11.18 24.14
CA VAL C 869 -15.59 -10.02 24.93
C VAL C 869 -16.13 -8.78 24.23
N ALA C 870 -16.92 -7.99 24.97
CA ALA C 870 -17.54 -6.80 24.41
C ALA C 870 -16.96 -5.56 25.05
N GLN C 871 -16.82 -4.50 24.26
CA GLN C 871 -16.29 -3.24 24.75
C GLN C 871 -17.02 -2.07 24.11
N LYS C 872 -17.32 -1.07 24.92
CA LYS C 872 -18.04 0.11 24.46
C LYS C 872 -17.02 1.18 24.12
N ARG C 873 -16.79 1.40 22.83
CA ARG C 873 -15.81 2.38 22.41
C ARG C 873 -16.42 3.77 22.39
N LYS C 874 -15.56 4.77 22.34
CA LYS C 874 -16.01 6.16 22.22
C LYS C 874 -15.36 6.79 21.00
N ILE C 875 -15.46 8.11 20.87
CA ILE C 875 -14.82 8.85 19.79
C ILE C 875 -13.64 9.60 20.39
N SER C 876 -12.59 9.78 19.59
CA SER C 876 -11.37 10.40 20.07
C SER C 876 -10.55 10.88 18.88
N ASP C 877 -9.29 11.24 19.11
CA ASP C 877 -8.43 11.56 18.00
C ASP C 877 -8.17 10.32 17.16
N GLY C 878 -7.80 10.54 15.91
CA GLY C 878 -7.51 9.45 15.01
C GLY C 878 -8.71 8.80 14.38
N ASP C 879 -9.87 8.82 15.02
CA ASP C 879 -11.06 8.23 14.43
C ASP C 879 -11.44 8.99 13.16
N LYS C 880 -12.09 8.29 12.26
CA LYS C 880 -12.39 8.82 10.93
C LYS C 880 -13.86 9.12 10.81
N LEU C 881 -14.20 10.32 10.36
CA LEU C 881 -15.58 10.73 10.14
C LEU C 881 -15.78 11.05 8.68
N ALA C 882 -17.05 11.14 8.28
CA ALA C 882 -17.34 11.46 6.89
C ALA C 882 -18.79 11.86 6.74
N GLY C 883 -19.05 12.81 5.86
CA GLY C 883 -20.40 13.14 5.44
C GLY C 883 -20.85 12.20 4.35
N ARG C 884 -22.01 12.52 3.78
CA ARG C 884 -22.54 11.70 2.70
C ARG C 884 -21.92 12.00 1.36
N HIS C 885 -21.42 13.22 1.14
CA HIS C 885 -20.87 13.64 -0.15
C HIS C 885 -19.37 13.40 -0.26
N GLY C 886 -18.85 12.38 0.39
CA GLY C 886 -17.45 12.04 0.25
C GLY C 886 -16.48 13.07 0.76
N ASN C 887 -16.84 13.81 1.81
CA ASN C 887 -15.88 14.68 2.48
C ASN C 887 -15.38 14.02 3.75
N LYS C 888 -14.53 13.01 3.58
CA LYS C 888 -14.00 12.28 4.72
C LYS C 888 -13.07 13.18 5.51
N GLY C 889 -12.61 12.67 6.65
CA GLY C 889 -11.65 13.41 7.44
C GLY C 889 -11.35 12.64 8.71
N VAL C 890 -10.36 13.13 9.43
CA VAL C 890 -9.95 12.52 10.68
C VAL C 890 -10.14 13.53 11.80
N ILE C 891 -10.43 13.03 12.99
CA ILE C 891 -10.57 13.89 14.15
C ILE C 891 -9.21 14.47 14.50
N GLY C 892 -9.17 15.76 14.79
CA GLY C 892 -7.90 16.39 15.09
C GLY C 892 -7.78 16.84 16.53
N LYS C 893 -8.87 17.34 17.08
CA LYS C 893 -8.84 17.85 18.43
C LYS C 893 -10.26 17.85 18.96
N ILE C 894 -10.43 17.50 20.22
CA ILE C 894 -11.76 17.50 20.83
C ILE C 894 -11.81 18.59 21.90
N LEU C 895 -12.23 19.78 21.51
CA LEU C 895 -12.19 20.92 22.41
C LEU C 895 -13.21 20.78 23.53
N PRO C 896 -12.96 21.40 24.68
CA PRO C 896 -13.99 21.49 25.71
C PRO C 896 -15.19 22.27 25.20
N VAL C 897 -16.32 22.08 25.87
CA VAL C 897 -17.57 22.62 25.34
C VAL C 897 -17.54 24.14 25.28
N GLU C 898 -16.86 24.77 26.23
CA GLU C 898 -16.88 26.23 26.28
C GLU C 898 -15.92 26.87 25.29
N ASP C 899 -15.00 26.12 24.70
CA ASP C 899 -14.08 26.70 23.73
C ASP C 899 -14.70 26.85 22.35
N MET C 900 -15.73 26.09 22.04
CA MET C 900 -16.27 26.13 20.68
C MET C 900 -16.98 27.46 20.43
N PRO C 901 -16.88 28.01 19.24
CA PRO C 901 -17.65 29.21 18.92
C PRO C 901 -19.13 28.95 19.09
N PHE C 902 -19.85 29.94 19.57
CA PHE C 902 -21.27 29.78 19.79
C PHE C 902 -22.05 30.87 19.07
N LEU C 903 -23.28 30.53 18.69
CA LEU C 903 -24.16 31.49 18.06
C LEU C 903 -24.53 32.59 19.03
N ALA C 904 -25.32 33.55 18.56
CA ALA C 904 -25.77 34.63 19.42
C ALA C 904 -26.66 34.10 20.54
N ASP C 905 -27.46 33.07 20.25
CA ASP C 905 -28.33 32.49 21.26
C ASP C 905 -27.51 31.89 22.40
N GLY C 906 -26.46 31.15 22.07
CA GLY C 906 -25.60 30.61 23.10
C GLY C 906 -25.37 29.12 23.00
N THR C 907 -25.74 28.53 21.88
CA THR C 907 -25.55 27.09 21.70
C THR C 907 -24.28 26.84 20.93
N PRO C 908 -23.24 26.28 21.53
CA PRO C 908 -21.99 26.08 20.81
C PRO C 908 -22.13 25.06 19.70
N VAL C 909 -21.38 25.29 18.63
CA VAL C 909 -21.44 24.39 17.48
C VAL C 909 -20.77 23.07 17.84
N ASP C 910 -21.23 22.00 17.20
CA ASP C 910 -20.75 20.66 17.53
C ASP C 910 -19.55 20.24 16.73
N ILE C 911 -19.22 20.92 15.64
CA ILE C 911 -18.13 20.49 14.78
C ILE C 911 -17.79 21.64 13.85
N ILE C 912 -16.51 21.79 13.54
CA ILE C 912 -16.02 22.85 12.67
C ILE C 912 -15.30 22.24 11.49
N LEU C 913 -15.76 22.52 10.29
CA LEU C 913 -15.13 22.01 9.09
C LEU C 913 -14.07 23.01 8.61
N ASN C 914 -13.59 22.81 7.39
CA ASN C 914 -12.65 23.73 6.76
C ASN C 914 -13.17 24.09 5.38
N THR C 915 -12.86 25.31 4.94
CA THR C 915 -13.42 25.80 3.69
C THR C 915 -12.45 25.73 2.52
N HIS C 916 -11.17 25.51 2.77
CA HIS C 916 -10.25 25.42 1.64
C HIS C 916 -10.44 24.13 0.85
N GLY C 917 -11.26 23.22 1.32
CA GLY C 917 -11.47 21.96 0.64
C GLY C 917 -12.70 21.86 -0.21
N VAL C 918 -13.58 22.85 -0.19
CA VAL C 918 -14.81 22.75 -0.98
C VAL C 918 -14.59 23.09 -2.44
N PRO C 919 -14.06 24.27 -2.80
CA PRO C 919 -14.00 24.60 -4.23
C PRO C 919 -13.12 23.67 -5.04
N ARG C 920 -12.06 23.11 -4.45
CA ARG C 920 -11.17 22.24 -5.21
C ARG C 920 -11.87 20.95 -5.62
N ARG C 921 -12.50 20.26 -4.66
CA ARG C 921 -13.14 18.99 -4.96
C ARG C 921 -14.44 19.15 -5.73
N MET C 922 -15.04 20.33 -5.70
CA MET C 922 -16.33 20.59 -6.35
C MET C 922 -17.43 19.71 -5.79
N ASN C 923 -17.38 19.38 -4.50
CA ASN C 923 -18.52 18.71 -3.85
C ASN C 923 -19.45 19.75 -3.23
N ILE C 924 -19.78 20.75 -4.05
CA ILE C 924 -20.60 21.87 -3.59
C ILE C 924 -21.94 21.43 -3.04
N GLY C 925 -22.39 20.23 -3.38
CA GLY C 925 -23.68 19.78 -2.93
C GLY C 925 -23.85 19.84 -1.42
N GLN C 926 -22.83 19.43 -0.68
CA GLN C 926 -22.94 19.46 0.79
C GLN C 926 -23.35 20.84 1.27
N ILE C 927 -22.79 21.90 0.68
CA ILE C 927 -23.16 23.24 1.11
C ILE C 927 -24.66 23.42 0.99
N LEU C 928 -25.23 23.09 -0.17
CA LEU C 928 -26.67 23.18 -0.32
C LEU C 928 -27.37 22.42 0.79
N GLU C 929 -26.99 21.16 0.98
CA GLU C 929 -27.64 20.36 2.01
C GLU C 929 -27.56 21.06 3.35
N THR C 930 -26.39 21.59 3.70
CA THR C 930 -26.24 22.25 4.98
C THR C 930 -27.31 23.33 5.16
N HIS C 931 -27.47 24.19 4.15
CA HIS C 931 -28.50 25.21 4.24
C HIS C 931 -29.85 24.58 4.49
N LEU C 932 -30.23 23.62 3.65
CA LEU C 932 -31.54 23.00 3.80
C LEU C 932 -31.68 22.40 5.19
N GLY C 933 -30.60 21.86 5.73
CA GLY C 933 -30.68 21.29 7.06
C GLY C 933 -31.22 22.28 8.06
N TRP C 934 -30.67 23.49 8.06
CA TRP C 934 -31.17 24.48 9.00
C TRP C 934 -32.62 24.81 8.73
N CYS C 935 -33.00 24.93 7.45
CA CYS C 935 -34.40 25.19 7.13
C CYS C 935 -35.28 24.09 7.68
N ALA C 936 -34.79 22.86 7.71
CA ALA C 936 -35.58 21.77 8.26
C ALA C 936 -35.59 21.82 9.77
N HIS C 937 -34.49 22.27 10.38
CA HIS C 937 -34.38 22.16 11.83
C HIS C 937 -35.31 23.13 12.53
N SER C 938 -35.32 24.38 12.10
CA SER C 938 -36.11 25.39 12.80
C SER C 938 -37.49 25.57 12.20
N GLY C 939 -37.81 24.91 11.09
CA GLY C 939 -39.13 25.02 10.51
C GLY C 939 -39.36 26.34 9.83
N TRP C 940 -40.23 26.35 8.83
CA TRP C 940 -40.48 27.56 8.04
C TRP C 940 -41.97 27.76 7.87
N LYS C 941 -42.33 29.01 7.57
CA LYS C 941 -43.73 29.36 7.34
C LYS C 941 -43.77 30.42 6.24
N VAL C 942 -43.94 29.99 5.00
CA VAL C 942 -43.97 30.92 3.89
C VAL C 942 -45.23 31.77 3.98
N ASP C 943 -45.11 33.05 3.65
CA ASP C 943 -46.24 33.98 3.77
C ASP C 943 -47.17 33.82 2.57
N ALA C 944 -48.43 33.52 2.84
CA ALA C 944 -49.41 33.29 1.80
C ALA C 944 -50.23 34.52 1.44
N ALA C 945 -49.99 35.65 2.11
CA ALA C 945 -50.70 36.88 1.76
C ALA C 945 -50.35 37.33 0.36
N LYS C 946 -51.33 37.93 -0.31
CA LYS C 946 -51.18 38.34 -1.72
C LYS C 946 -50.80 37.14 -2.59
N GLY C 947 -51.35 35.98 -2.25
CA GLY C 947 -51.09 34.77 -3.00
C GLY C 947 -49.72 34.19 -2.70
N VAL C 948 -49.44 33.08 -3.36
CA VAL C 948 -48.15 32.42 -3.23
C VAL C 948 -47.12 33.20 -4.04
N PRO C 949 -45.88 33.34 -3.55
CA PRO C 949 -44.86 34.03 -4.33
C PRO C 949 -44.53 33.27 -5.61
N ASP C 950 -43.74 33.92 -6.47
CA ASP C 950 -43.41 33.31 -7.75
C ASP C 950 -42.61 32.03 -7.56
N TRP C 951 -41.66 32.02 -6.64
CA TRP C 951 -40.83 30.84 -6.43
C TRP C 951 -41.56 29.72 -5.73
N ALA C 952 -42.76 29.97 -5.20
CA ALA C 952 -43.55 28.94 -4.57
C ALA C 952 -44.60 28.36 -5.51
N ALA C 953 -44.52 28.68 -6.79
CA ALA C 953 -45.55 28.23 -7.73
C ALA C 953 -45.53 26.71 -7.89
N ARG C 954 -44.37 26.13 -8.15
CA ARG C 954 -44.28 24.69 -8.34
C ARG C 954 -44.16 23.92 -7.03
N LEU C 955 -43.87 24.61 -5.94
CA LEU C 955 -43.66 23.93 -4.67
C LEU C 955 -44.96 23.30 -4.18
N PRO C 956 -44.98 22.00 -3.89
CA PRO C 956 -46.21 21.36 -3.43
C PRO C 956 -46.70 21.96 -2.12
N ASP C 957 -48.01 21.98 -1.94
CA ASP C 957 -48.58 22.64 -0.78
C ASP C 957 -48.28 21.93 0.53
N GLU C 958 -47.76 20.70 0.48
CA GLU C 958 -47.41 20.01 1.71
C GLU C 958 -46.25 20.69 2.43
N LEU C 959 -45.40 21.40 1.71
CA LEU C 959 -44.19 22.00 2.26
C LEU C 959 -44.33 23.47 2.54
N LEU C 960 -45.54 24.02 2.47
CA LEU C 960 -45.71 25.45 2.74
C LEU C 960 -45.39 25.76 4.19
N GLU C 961 -45.81 24.91 5.12
CA GLU C 961 -45.52 25.09 6.53
C GLU C 961 -44.96 23.80 7.12
N ALA C 962 -44.07 23.95 8.10
CA ALA C 962 -43.47 22.80 8.74
C ALA C 962 -43.17 23.12 10.19
N GLN C 963 -43.35 22.12 11.05
CA GLN C 963 -43.01 22.24 12.44
C GLN C 963 -41.50 22.15 12.61
N PRO C 964 -40.97 22.56 13.76
CA PRO C 964 -39.53 22.42 14.00
C PRO C 964 -39.08 20.97 13.92
N ASN C 965 -37.83 20.80 13.48
CA ASN C 965 -37.20 19.51 13.22
C ASN C 965 -38.13 18.51 12.56
N ALA C 966 -38.80 18.92 11.49
CA ALA C 966 -39.61 18.02 10.69
C ALA C 966 -38.82 17.57 9.48
N ILE C 967 -38.81 16.26 9.24
CA ILE C 967 -37.97 15.70 8.19
C ILE C 967 -38.59 15.98 6.83
N VAL C 968 -37.72 16.05 5.82
CA VAL C 968 -38.12 16.30 4.44
C VAL C 968 -37.36 15.32 3.55
N SER C 969 -37.72 15.32 2.27
CA SER C 969 -37.08 14.46 1.29
C SER C 969 -36.63 15.27 0.09
N THR C 970 -35.75 14.68 -0.71
CA THR C 970 -35.22 15.34 -1.90
C THR C 970 -34.71 14.28 -2.86
N PRO C 971 -35.55 13.79 -3.75
CA PRO C 971 -35.11 12.75 -4.68
C PRO C 971 -34.01 13.25 -5.59
N VAL C 972 -33.14 12.33 -5.99
CA VAL C 972 -32.03 12.69 -6.86
C VAL C 972 -32.55 13.07 -8.24
N PHE C 973 -31.82 13.97 -8.90
CA PHE C 973 -32.18 14.47 -10.23
C PHE C 973 -33.60 15.02 -10.26
N ASP C 974 -34.06 15.47 -9.10
CA ASP C 974 -35.36 16.09 -8.92
C ASP C 974 -35.26 16.92 -7.64
N GLY C 975 -36.39 17.32 -7.10
CA GLY C 975 -36.38 17.87 -5.76
C GLY C 975 -35.95 19.31 -5.68
N ALA C 976 -35.47 19.72 -4.51
CA ALA C 976 -35.36 21.13 -4.18
C ALA C 976 -34.51 21.89 -5.19
N GLN C 977 -35.00 23.04 -5.60
CA GLN C 977 -34.30 23.90 -6.54
C GLN C 977 -33.70 25.08 -5.80
N GLU C 978 -32.78 25.77 -6.47
CA GLU C 978 -32.06 26.86 -5.81
C GLU C 978 -33.00 27.98 -5.41
N ALA C 979 -33.94 28.34 -6.28
CA ALA C 979 -34.87 29.41 -5.93
C ALA C 979 -35.71 29.03 -4.71
N GLU C 980 -36.21 27.80 -4.68
CA GLU C 980 -37.04 27.38 -3.55
C GLU C 980 -36.24 27.43 -2.26
N LEU C 981 -35.01 26.94 -2.29
CA LEU C 981 -34.19 26.95 -1.09
C LEU C 981 -33.89 28.37 -0.64
N GLN C 982 -33.60 29.26 -1.59
CA GLN C 982 -33.35 30.65 -1.26
C GLN C 982 -34.57 31.28 -0.60
N GLY C 983 -35.75 30.99 -1.14
CA GLY C 983 -36.97 31.50 -0.51
C GLY C 983 -37.18 30.93 0.87
N LEU C 984 -36.89 29.65 1.04
CA LEU C 984 -37.07 29.02 2.35
C LEU C 984 -36.16 29.65 3.39
N LEU C 985 -34.92 29.97 3.02
CA LEU C 985 -33.99 30.51 4.00
C LEU C 985 -34.44 31.85 4.55
N SER C 986 -35.31 32.56 3.84
CA SER C 986 -35.75 33.87 4.30
C SER C 986 -37.06 33.82 5.08
N CYS C 987 -37.66 32.66 5.24
CA CYS C 987 -38.96 32.53 5.88
C CYS C 987 -38.92 31.49 6.98
N THR C 988 -37.88 31.55 7.81
CA THR C 988 -37.72 30.58 8.89
C THR C 988 -38.26 31.15 10.20
N LEU C 989 -38.67 30.27 11.09
CA LEU C 989 -39.28 30.67 12.35
C LEU C 989 -38.21 31.15 13.33
N PRO C 990 -38.57 32.05 14.24
CA PRO C 990 -37.65 32.42 15.31
C PRO C 990 -37.56 31.32 16.35
N ASN C 991 -36.58 31.45 17.23
CA ASN C 991 -36.40 30.51 18.33
C ASN C 991 -37.35 30.88 19.47
N ARG C 992 -37.12 30.31 20.65
CA ARG C 992 -37.98 30.60 21.79
C ARG C 992 -37.84 32.02 22.32
N ASP C 993 -36.83 32.77 21.86
CA ASP C 993 -36.58 34.12 22.34
C ASP C 993 -36.88 35.18 21.30
N GLY C 994 -37.63 34.83 20.25
CA GLY C 994 -37.98 35.80 19.23
C GLY C 994 -36.79 36.36 18.47
N ASP C 995 -35.86 35.50 18.10
CA ASP C 995 -34.66 35.91 17.38
C ASP C 995 -34.44 34.98 16.19
N VAL C 996 -33.94 35.55 15.10
CA VAL C 996 -33.54 34.78 13.93
C VAL C 996 -32.02 34.73 13.93
N LEU C 997 -31.47 33.52 14.07
CA LEU C 997 -30.03 33.37 14.24
C LEU C 997 -29.30 33.55 12.91
N VAL C 998 -29.86 33.04 11.82
CA VAL C 998 -29.19 33.05 10.53
C VAL C 998 -29.82 34.12 9.65
N ASP C 999 -29.11 34.47 8.59
CA ASP C 999 -29.49 35.56 7.72
C ASP C 999 -30.00 35.04 6.38
N ALA C 1000 -30.25 35.95 5.45
CA ALA C 1000 -30.78 35.57 4.15
C ALA C 1000 -29.78 34.74 3.37
N ASP C 1001 -28.50 35.12 3.40
CA ASP C 1001 -27.49 34.38 2.63
C ASP C 1001 -27.23 33.00 3.21
N GLY C 1002 -27.66 32.74 4.44
CA GLY C 1002 -27.40 31.48 5.10
C GLY C 1002 -26.31 31.55 6.15
N LYS C 1003 -25.68 32.70 6.34
CA LYS C 1003 -24.61 32.83 7.32
C LYS C 1003 -25.16 33.35 8.64
N ALA C 1004 -24.30 33.38 9.65
CA ALA C 1004 -24.69 33.81 10.99
C ALA C 1004 -23.51 34.47 11.66
N MET C 1005 -23.78 35.17 12.74
CA MET C 1005 -22.76 35.94 13.44
C MET C 1005 -22.31 35.16 14.68
N LEU C 1006 -21.23 34.40 14.53
CA LEU C 1006 -20.71 33.62 15.63
C LEU C 1006 -19.98 34.51 16.62
N PHE C 1007 -19.69 33.95 17.79
CA PHE C 1007 -18.85 34.58 18.80
C PHE C 1007 -17.69 33.66 19.08
N ASP C 1008 -16.48 34.22 19.09
CA ASP C 1008 -15.33 33.41 19.47
C ASP C 1008 -15.42 33.10 20.95
N GLY C 1009 -15.36 31.82 21.29
CA GLY C 1009 -15.45 31.43 22.68
C GLY C 1009 -14.13 31.36 23.40
N ARG C 1010 -13.02 31.32 22.67
CA ARG C 1010 -11.72 31.23 23.30
C ARG C 1010 -11.25 32.58 23.82
N SER C 1011 -11.55 33.66 23.11
CA SER C 1011 -11.16 35.00 23.52
C SER C 1011 -12.33 35.83 24.01
N GLY C 1012 -13.37 35.98 23.21
CA GLY C 1012 -14.55 36.70 23.66
C GLY C 1012 -15.10 37.64 22.62
N GLU C 1013 -14.24 38.20 21.79
CA GLU C 1013 -14.67 39.15 20.79
C GLU C 1013 -15.47 38.44 19.70
N PRO C 1014 -16.46 39.09 19.11
CA PRO C 1014 -17.18 38.47 18.01
C PRO C 1014 -16.30 38.38 16.78
N PHE C 1015 -16.62 37.44 15.92
CA PHE C 1015 -15.89 37.32 14.67
C PHE C 1015 -16.21 38.53 13.78
N PRO C 1016 -15.22 39.04 13.04
CA PRO C 1016 -15.49 40.21 12.20
C PRO C 1016 -16.52 39.97 11.12
N TYR C 1017 -16.63 38.76 10.59
CA TYR C 1017 -17.53 38.49 9.48
C TYR C 1017 -18.45 37.33 9.80
N PRO C 1018 -19.64 37.30 9.21
CA PRO C 1018 -20.54 36.17 9.43
C PRO C 1018 -20.02 34.89 8.81
N VAL C 1019 -20.45 33.76 9.36
CA VAL C 1019 -19.94 32.45 8.98
C VAL C 1019 -21.11 31.52 8.67
N THR C 1020 -20.86 30.54 7.81
CA THR C 1020 -21.89 29.58 7.43
C THR C 1020 -22.07 28.53 8.52
N VAL C 1021 -23.31 28.32 8.93
CA VAL C 1021 -23.64 27.35 9.97
C VAL C 1021 -24.92 26.63 9.58
N GLY C 1022 -24.95 25.33 9.86
CA GLY C 1022 -26.12 24.55 9.50
C GLY C 1022 -26.11 23.21 10.20
N TYR C 1023 -26.97 22.31 9.75
CA TYR C 1023 -27.06 20.95 10.26
C TYR C 1023 -26.63 19.97 9.20
N MET C 1024 -25.86 18.96 9.59
CA MET C 1024 -25.36 18.02 8.60
C MET C 1024 -25.42 16.61 9.16
N TYR C 1025 -25.67 15.65 8.27
CA TYR C 1025 -25.73 14.26 8.65
C TYR C 1025 -24.34 13.66 8.54
N ILE C 1026 -23.79 13.19 9.65
CA ILE C 1026 -22.41 12.73 9.71
C ILE C 1026 -22.35 11.32 10.26
N MET C 1027 -21.59 10.47 9.59
CA MET C 1027 -21.46 9.06 9.92
C MET C 1027 -20.16 8.87 10.70
N LYS C 1028 -19.76 7.62 10.92
CA LYS C 1028 -18.52 7.33 11.64
C LYS C 1028 -17.90 6.07 11.05
N LEU C 1029 -16.87 6.25 10.24
CA LEU C 1029 -16.33 5.13 9.49
C LEU C 1029 -15.66 4.12 10.42
N HIS C 1030 -15.36 2.96 9.85
CA HIS C 1030 -14.79 1.85 10.60
C HIS C 1030 -13.28 1.76 10.40
N HIS C 1031 -12.59 2.84 10.71
CA HIS C 1031 -11.13 2.85 10.81
C HIS C 1031 -10.80 3.50 12.14
N LEU C 1032 -10.91 2.75 13.22
CA LEU C 1032 -10.74 3.28 14.55
C LEU C 1032 -9.26 3.26 14.94
N VAL C 1033 -8.85 4.22 15.75
CA VAL C 1033 -7.44 4.31 16.11
C VAL C 1033 -7.03 3.17 17.02
N ASP C 1034 -7.90 2.82 17.97
CA ASP C 1034 -7.48 1.89 19.03
C ASP C 1034 -7.09 0.52 18.50
N ASP C 1035 -7.48 0.19 17.27
CA ASP C 1035 -6.99 -1.00 16.61
C ASP C 1035 -5.89 -0.70 15.61
N LYS C 1036 -5.17 0.40 15.79
CA LYS C 1036 -4.00 0.67 14.97
C LYS C 1036 -2.80 1.02 15.83
N ILE C 1037 -3.01 1.73 16.93
CA ILE C 1037 -1.91 2.08 17.83
C ILE C 1037 -1.29 0.81 18.38
N HIS C 1038 0.03 0.79 18.49
CA HIS C 1038 0.74 -0.44 18.80
C HIS C 1038 2.19 -0.11 19.11
N ALA C 1039 2.74 -0.72 20.15
CA ALA C 1039 4.11 -0.47 20.53
C ALA C 1039 4.77 -1.75 21.01
N ARG C 1040 6.10 -1.76 20.96
CA ARG C 1040 6.86 -2.95 21.34
C ARG C 1040 8.29 -2.56 21.69
N SER C 1041 8.76 -2.98 22.85
CA SER C 1041 10.16 -2.80 23.22
C SER C 1041 10.93 -4.10 23.18
N THR C 1042 10.43 -5.15 23.82
CA THR C 1042 11.04 -6.47 23.73
C THR C 1042 10.00 -7.51 24.12
N GLY C 1043 9.67 -8.38 23.18
CA GLY C 1043 8.69 -9.42 23.42
C GLY C 1043 9.09 -10.74 22.82
N PRO C 1044 8.13 -11.48 22.28
CA PRO C 1044 8.44 -12.79 21.71
C PRO C 1044 9.25 -12.68 20.43
N TYR C 1045 10.08 -13.69 20.21
CA TYR C 1045 10.86 -13.83 18.99
C TYR C 1045 10.45 -15.10 18.27
N SER C 1046 10.48 -15.08 16.95
CA SER C 1046 10.17 -16.27 16.18
C SER C 1046 11.24 -17.32 16.41
N MET C 1047 10.83 -18.59 16.44
CA MET C 1047 11.73 -19.67 16.77
C MET C 1047 12.47 -20.23 15.56
N ILE C 1048 12.11 -19.82 14.35
CA ILE C 1048 12.73 -20.33 13.13
C ILE C 1048 13.75 -19.34 12.57
N THR C 1049 13.38 -18.06 12.49
CA THR C 1049 14.23 -17.05 11.88
C THR C 1049 14.96 -16.18 12.88
N GLN C 1050 14.63 -16.28 14.17
CA GLN C 1050 15.22 -15.44 15.22
C GLN C 1050 14.96 -13.95 14.99
N GLN C 1051 13.83 -13.63 14.36
CA GLN C 1051 13.36 -12.27 14.21
C GLN C 1051 12.07 -12.08 14.98
N PRO C 1052 11.76 -10.85 15.40
CA PRO C 1052 10.52 -10.62 16.15
C PRO C 1052 9.31 -10.93 15.29
N LEU C 1053 8.21 -11.28 15.96
CA LEU C 1053 7.01 -11.72 15.27
C LEU C 1053 6.38 -10.56 14.51
N GLY C 1054 5.35 -10.88 13.72
CA GLY C 1054 4.66 -9.90 12.91
C GLY C 1054 3.22 -9.72 13.36
N GLY C 1055 2.59 -8.68 12.82
CA GLY C 1055 1.23 -8.36 13.20
C GLY C 1055 1.17 -7.63 14.52
N LYS C 1056 -0.04 -7.29 14.93
CA LYS C 1056 -0.26 -6.62 16.19
C LYS C 1056 -0.64 -7.56 17.31
N ALA C 1057 -1.49 -8.56 17.04
CA ALA C 1057 -1.91 -9.47 18.10
C ALA C 1057 -0.76 -10.33 18.61
N GLN C 1058 0.33 -10.43 17.86
CA GLN C 1058 1.49 -11.20 18.30
C GLN C 1058 2.53 -10.34 19.00
N PHE C 1059 2.24 -9.06 19.26
CA PHE C 1059 3.17 -8.17 19.93
C PHE C 1059 4.45 -8.00 19.11
N GLY C 1060 4.29 -7.81 17.80
CA GLY C 1060 5.42 -7.79 16.89
C GLY C 1060 6.00 -6.41 16.66
N GLY C 1061 7.07 -6.37 15.85
CA GLY C 1061 7.73 -5.13 15.51
C GLY C 1061 7.43 -4.70 14.08
N GLN C 1062 7.99 -3.55 13.71
CA GLN C 1062 7.65 -2.91 12.45
C GLN C 1062 8.66 -3.23 11.35
N ARG C 1063 8.14 -3.50 10.17
CA ARG C 1063 8.97 -3.80 9.02
C ARG C 1063 9.86 -2.63 8.69
N PHE C 1064 11.06 -2.92 8.22
CA PHE C 1064 12.06 -1.90 7.88
C PHE C 1064 12.46 -2.11 6.43
N GLY C 1065 11.65 -1.59 5.51
CA GLY C 1065 11.80 -1.90 4.11
C GLY C 1065 13.07 -1.31 3.53
N GLU C 1066 13.46 -1.84 2.36
CA GLU C 1066 14.73 -1.41 1.78
C GLU C 1066 14.75 0.06 1.41
N MET C 1067 13.59 0.65 1.14
CA MET C 1067 13.57 2.07 0.83
C MET C 1067 14.05 2.89 2.02
N GLU C 1068 13.69 2.48 3.24
CA GLU C 1068 14.27 3.11 4.40
C GLU C 1068 15.77 2.88 4.48
N CYS C 1069 16.24 1.72 4.01
CA CYS C 1069 17.68 1.49 4.00
C CYS C 1069 18.39 2.49 3.10
N TRP C 1070 17.84 2.73 1.91
CA TRP C 1070 18.40 3.76 1.03
C TRP C 1070 18.33 5.13 1.68
N ALA C 1071 17.19 5.46 2.30
CA ALA C 1071 17.05 6.78 2.88
C ALA C 1071 18.02 6.99 4.03
N MET C 1072 18.36 5.92 4.74
CA MET C 1072 19.35 6.06 5.80
C MET C 1072 20.76 6.16 5.22
N GLN C 1073 21.04 5.42 4.16
CA GLN C 1073 22.35 5.54 3.54
C GLN C 1073 22.56 6.94 2.97
N ALA C 1074 21.48 7.61 2.58
CA ALA C 1074 21.60 8.94 1.98
C ALA C 1074 22.18 9.96 2.95
N TYR C 1075 21.77 9.93 4.21
CA TYR C 1075 22.26 10.91 5.17
C TYR C 1075 23.72 10.73 5.53
N GLY C 1076 24.34 9.64 5.08
CA GLY C 1076 25.64 9.29 5.62
C GLY C 1076 25.56 8.61 6.95
N ALA C 1077 24.36 8.24 7.38
CA ALA C 1077 24.20 7.54 8.65
C ALA C 1077 24.72 6.12 8.50
N ALA C 1078 25.64 5.74 9.37
CA ALA C 1078 26.22 4.40 9.32
C ALA C 1078 25.95 3.61 10.58
N TYR C 1079 26.26 4.17 11.75
CA TYR C 1079 26.05 3.44 12.99
C TYR C 1079 24.58 3.12 13.20
N THR C 1080 23.70 4.05 12.85
CA THR C 1080 22.28 3.79 13.02
C THR C 1080 21.83 2.64 12.13
N LEU C 1081 22.29 2.60 10.89
CA LEU C 1081 21.88 1.51 10.01
C LEU C 1081 22.42 0.18 10.51
N GLN C 1082 23.69 0.14 10.89
CA GLN C 1082 24.26 -1.11 11.38
C GLN C 1082 23.53 -1.60 12.62
N GLU C 1083 23.21 -0.69 13.53
CA GLU C 1083 22.49 -1.08 14.73
C GLU C 1083 21.07 -1.54 14.39
N LEU C 1084 20.38 -0.84 13.51
CA LEU C 1084 19.03 -1.27 13.15
C LEU C 1084 19.03 -2.60 12.43
N LEU C 1085 20.17 -3.03 11.89
CA LEU C 1085 20.22 -4.31 11.22
C LEU C 1085 20.87 -5.43 12.05
N THR C 1086 21.57 -5.12 13.13
CA THR C 1086 22.33 -6.15 13.82
C THR C 1086 21.81 -6.47 15.21
N ILE C 1087 21.85 -5.52 16.15
CA ILE C 1087 21.54 -5.86 17.53
C ILE C 1087 20.07 -5.73 17.85
N LYS C 1088 19.27 -5.18 16.95
CA LYS C 1088 17.86 -5.09 17.20
C LYS C 1088 17.08 -6.23 16.59
N SER C 1089 17.59 -6.88 15.55
CA SER C 1089 16.77 -7.79 14.78
C SER C 1089 17.15 -9.26 14.94
N ASP C 1090 18.37 -9.67 14.59
CA ASP C 1090 18.73 -11.07 14.67
C ASP C 1090 20.18 -11.27 15.08
N ASP C 1091 20.62 -10.61 16.14
CA ASP C 1091 21.87 -10.95 16.80
C ASP C 1091 21.50 -11.65 18.11
N THR C 1092 21.58 -12.98 18.11
CA THR C 1092 21.05 -13.74 19.23
C THR C 1092 21.80 -13.48 20.52
N VAL C 1093 23.07 -13.07 20.43
CA VAL C 1093 23.81 -12.74 21.63
C VAL C 1093 23.73 -11.26 21.95
N GLY C 1094 23.70 -10.40 20.92
CA GLY C 1094 23.78 -8.97 21.16
C GLY C 1094 22.56 -8.42 21.87
N ARG C 1095 21.37 -8.92 21.55
CA ARG C 1095 20.16 -8.32 22.09
C ARG C 1095 20.11 -8.42 23.61
N VAL C 1096 20.45 -9.59 24.16
CA VAL C 1096 20.44 -9.74 25.60
C VAL C 1096 21.48 -8.83 26.24
N LYS C 1097 22.65 -8.74 25.61
CA LYS C 1097 23.70 -7.89 26.14
C LYS C 1097 23.25 -6.43 26.18
N VAL C 1098 22.59 -5.96 25.11
CA VAL C 1098 22.18 -4.56 25.09
C VAL C 1098 21.08 -4.33 26.12
N TYR C 1099 20.18 -5.30 26.31
CA TYR C 1099 19.17 -5.12 27.33
C TYR C 1099 19.79 -5.00 28.71
N GLU C 1100 20.76 -5.87 29.01
CA GLU C 1100 21.42 -5.79 30.32
C GLU C 1100 22.17 -4.48 30.48
N ALA C 1101 22.85 -4.03 29.42
CA ALA C 1101 23.59 -2.78 29.52
C ALA C 1101 22.65 -1.60 29.77
N ILE C 1102 21.53 -1.56 29.07
CA ILE C 1102 20.60 -0.45 29.25
C ILE C 1102 20.02 -0.48 30.66
N VAL C 1103 19.60 -1.65 31.11
CA VAL C 1103 18.96 -1.73 32.43
C VAL C 1103 19.97 -1.58 33.55
N LYS C 1104 21.26 -1.66 33.26
CA LYS C 1104 22.28 -1.46 34.28
C LYS C 1104 22.97 -0.11 34.17
N GLY C 1105 22.94 0.52 32.99
CA GLY C 1105 23.46 1.86 32.81
C GLY C 1105 24.80 1.96 32.14
N GLU C 1106 25.41 0.85 31.72
CA GLU C 1106 26.72 0.89 31.11
C GLU C 1106 26.61 1.27 29.64
N ASN C 1107 27.76 1.43 29.00
CA ASN C 1107 27.80 1.77 27.58
C ASN C 1107 27.32 0.59 26.74
N ILE C 1108 26.65 0.90 25.65
CA ILE C 1108 26.12 -0.15 24.78
C ILE C 1108 27.29 -0.87 24.13
N PRO C 1109 27.39 -2.19 24.23
CA PRO C 1109 28.52 -2.91 23.65
C PRO C 1109 28.43 -2.93 22.14
N GLU C 1110 29.55 -3.29 21.52
CA GLU C 1110 29.63 -3.34 20.07
C GLU C 1110 28.71 -4.40 19.51
N PRO C 1111 28.21 -4.21 18.29
CA PRO C 1111 27.36 -5.22 17.67
C PRO C 1111 28.14 -6.50 17.39
N GLY C 1112 27.41 -7.61 17.37
CA GLY C 1112 27.98 -8.89 17.04
C GLY C 1112 27.99 -9.16 15.56
N ILE C 1113 27.41 -10.29 15.14
CA ILE C 1113 27.35 -10.64 13.72
C ILE C 1113 26.00 -11.31 13.45
N PRO C 1114 25.25 -10.87 12.45
CA PRO C 1114 23.86 -11.30 12.32
C PRO C 1114 23.76 -12.77 11.97
N GLU C 1115 22.65 -13.38 12.42
CA GLU C 1115 22.41 -14.78 12.13
C GLU C 1115 22.18 -15.03 10.65
N SER C 1116 21.72 -14.02 9.91
CA SER C 1116 21.52 -14.20 8.47
C SER C 1116 22.82 -14.54 7.78
N PHE C 1117 23.91 -13.87 8.16
CA PHE C 1117 25.19 -14.14 7.53
C PHE C 1117 25.66 -15.56 7.82
N LYS C 1118 25.49 -16.03 9.05
CA LYS C 1118 25.90 -17.40 9.36
C LYS C 1118 25.05 -18.41 8.60
N VAL C 1119 23.75 -18.12 8.45
CA VAL C 1119 22.91 -18.98 7.63
C VAL C 1119 23.41 -19.01 6.20
N LEU C 1120 23.80 -17.85 5.67
CA LEU C 1120 24.31 -17.81 4.30
C LEU C 1120 25.59 -18.62 4.19
N LEU C 1121 26.47 -18.52 5.18
CA LEU C 1121 27.71 -19.29 5.13
C LEU C 1121 27.43 -20.79 5.14
N LYS C 1122 26.49 -21.22 5.98
CA LYS C 1122 26.17 -22.65 6.01
C LYS C 1122 25.58 -23.11 4.69
N GLU C 1123 24.69 -22.30 4.11
CA GLU C 1123 24.10 -22.69 2.83
C GLU C 1123 25.15 -22.78 1.74
N LEU C 1124 26.12 -21.86 1.75
CA LEU C 1124 27.18 -21.93 0.76
C LEU C 1124 28.07 -23.15 0.98
N GLN C 1125 28.46 -23.40 2.22
CA GLN C 1125 29.34 -24.53 2.48
C GLN C 1125 28.66 -25.85 2.17
N SER C 1126 27.33 -25.90 2.26
CA SER C 1126 26.61 -27.11 1.92
C SER C 1126 26.60 -27.38 0.43
N LEU C 1127 27.07 -26.45 -0.39
CA LEU C 1127 27.16 -26.63 -1.83
C LEU C 1127 28.57 -26.93 -2.28
N CYS C 1128 29.47 -27.23 -1.35
CA CYS C 1128 30.87 -27.48 -1.65
C CYS C 1128 31.52 -26.26 -2.30
N LEU C 1129 31.54 -25.16 -1.55
CA LEU C 1129 32.28 -23.96 -1.94
C LEU C 1129 32.95 -23.42 -0.69
N ASN C 1130 34.23 -23.68 -0.54
CA ASN C 1130 34.95 -23.32 0.68
C ASN C 1130 35.02 -21.81 0.78
N VAL C 1131 34.22 -21.24 1.68
CA VAL C 1131 34.17 -19.81 1.93
C VAL C 1131 34.70 -19.54 3.32
N GLU C 1132 35.73 -18.70 3.42
CA GLU C 1132 36.29 -18.34 4.70
C GLU C 1132 36.53 -16.83 4.73
N VAL C 1133 36.57 -16.28 5.93
CA VAL C 1133 36.68 -14.85 6.13
C VAL C 1133 38.10 -14.52 6.59
N LEU C 1134 38.84 -13.80 5.77
CA LEU C 1134 40.22 -13.48 6.04
C LEU C 1134 40.33 -12.21 6.87
N SER C 1135 41.50 -12.02 7.48
CA SER C 1135 41.79 -10.80 8.20
C SER C 1135 42.45 -9.78 7.28
N SER C 1136 42.80 -8.62 7.85
CA SER C 1136 43.33 -7.53 7.04
C SER C 1136 44.67 -7.90 6.42
N ASP C 1137 45.57 -8.50 7.20
CA ASP C 1137 46.88 -8.87 6.67
C ASP C 1137 46.79 -10.08 5.76
N GLY C 1138 45.98 -11.07 6.13
CA GLY C 1138 45.88 -12.29 5.37
C GLY C 1138 45.72 -13.51 6.25
N ALA C 1139 45.86 -13.32 7.57
CA ALA C 1139 45.70 -14.42 8.51
C ALA C 1139 44.25 -14.89 8.54
N ALA C 1140 44.07 -16.21 8.54
CA ALA C 1140 42.72 -16.77 8.49
C ALA C 1140 42.01 -16.57 9.82
N ILE C 1141 40.69 -16.37 9.73
CA ILE C 1141 39.83 -16.19 10.89
C ILE C 1141 38.70 -17.21 10.79
N GLU C 1142 38.12 -17.56 11.94
CA GLU C 1142 36.97 -18.44 12.01
C GLU C 1142 35.87 -17.78 12.82
N LEU C 1143 34.63 -17.94 12.36
CA LEU C 1143 33.46 -17.43 13.05
C LEU C 1143 32.72 -18.51 13.82
N ARG C 1144 33.42 -19.59 14.19
CA ARG C 1144 32.78 -20.69 14.89
C ARG C 1144 32.15 -20.21 16.20
N GLU C 1145 32.93 -19.52 17.02
CA GLU C 1145 32.43 -18.95 18.27
C GLU C 1145 33.15 -17.65 18.62
N VAL D 1 31.63 -5.15 12.04
CA VAL D 1 31.69 -6.50 12.57
C VAL D 1 33.09 -7.06 12.39
N ASN D 2 33.91 -6.92 13.42
CA ASN D 2 35.29 -7.44 13.45
C ASN D 2 36.05 -6.80 12.28
N PHE D 3 36.85 -7.56 11.55
CA PHE D 3 37.81 -7.01 10.61
C PHE D 3 37.89 -7.86 9.34
N PHE D 4 36.76 -8.34 8.85
CA PHE D 4 36.76 -9.24 7.69
C PHE D 4 37.05 -8.40 6.45
N ASP D 5 38.27 -7.88 6.37
CA ASP D 5 38.60 -6.96 5.29
C ASP D 5 38.61 -7.64 3.93
N GLU D 6 38.59 -8.97 3.89
CA GLU D 6 38.48 -9.71 2.65
C GLU D 6 37.57 -10.90 2.88
N LEU D 7 37.00 -11.42 1.79
CA LEU D 7 36.18 -12.63 1.83
C LEU D 7 36.47 -13.40 0.55
N ARG D 8 37.10 -14.56 0.67
CA ARG D 8 37.52 -15.31 -0.51
C ARG D 8 36.74 -16.60 -0.65
N ILE D 9 36.35 -16.92 -1.86
CA ILE D 9 35.61 -18.13 -2.17
C ILE D 9 36.55 -19.08 -2.88
N GLY D 10 36.28 -20.38 -2.76
CA GLY D 10 37.13 -21.36 -3.39
C GLY D 10 36.52 -22.74 -3.38
N LEU D 11 37.02 -23.59 -4.26
CA LEU D 11 36.57 -24.97 -4.35
C LEU D 11 36.96 -25.74 -3.10
N ALA D 12 36.06 -26.58 -2.62
CA ALA D 12 36.28 -27.39 -1.43
C ALA D 12 36.66 -28.80 -1.83
N THR D 13 37.73 -29.32 -1.22
CA THR D 13 38.20 -30.66 -1.51
C THR D 13 37.61 -31.66 -0.52
N ALA D 14 37.79 -32.94 -0.82
CA ALA D 14 37.19 -33.98 0.01
C ALA D 14 37.74 -33.95 1.42
N GLU D 15 39.03 -33.64 1.57
CA GLU D 15 39.61 -33.55 2.90
C GLU D 15 38.96 -32.45 3.73
N ASP D 16 38.68 -31.32 3.10
CA ASP D 16 38.01 -30.24 3.82
C ASP D 16 36.63 -30.67 4.29
N ILE D 17 35.88 -31.37 3.44
CA ILE D 17 34.54 -31.80 3.83
C ILE D 17 34.62 -32.81 4.97
N ARG D 18 35.59 -33.73 4.90
CA ARG D 18 35.79 -34.65 6.01
C ARG D 18 36.22 -33.91 7.28
N GLN D 19 36.84 -32.74 7.13
CA GLN D 19 37.20 -31.96 8.31
C GLN D 19 35.99 -31.26 8.92
N TRP D 20 35.09 -30.73 8.08
CA TRP D 20 33.96 -29.98 8.61
C TRP D 20 33.01 -30.85 9.41
N SER D 21 32.60 -31.98 8.84
CA SER D 21 31.48 -32.73 9.38
C SER D 21 31.81 -33.32 10.73
N TYR D 22 30.76 -33.64 11.48
CA TYR D 22 30.88 -34.22 12.81
C TYR D 22 30.29 -35.63 12.87
N GLY D 23 30.55 -36.42 11.84
CA GLY D 23 30.04 -37.77 11.75
C GLY D 23 29.34 -37.98 10.43
N GLU D 24 29.24 -39.23 10.01
CA GLU D 24 28.62 -39.58 8.75
C GLU D 24 27.19 -40.03 8.98
N VAL D 25 26.39 -39.98 7.92
CA VAL D 25 24.98 -40.33 7.97
C VAL D 25 24.79 -41.63 7.19
N LYS D 26 24.16 -42.62 7.82
CA LYS D 26 24.07 -43.96 7.26
C LYS D 26 22.65 -44.49 7.16
N LYS D 27 21.69 -43.96 7.91
CA LYS D 27 20.32 -44.46 7.87
C LYS D 27 19.45 -43.54 7.04
N PRO D 28 18.87 -44.00 5.94
CA PRO D 28 18.08 -43.11 5.08
C PRO D 28 16.82 -42.57 5.75
N GLU D 29 16.29 -43.26 6.76
CA GLU D 29 15.04 -42.81 7.36
C GLU D 29 15.26 -41.48 8.08
N THR D 30 14.20 -40.68 8.14
CA THR D 30 14.30 -39.32 8.66
C THR D 30 14.02 -39.26 10.16
N ILE D 31 12.83 -39.66 10.58
CA ILE D 31 12.43 -39.59 11.98
C ILE D 31 11.49 -40.75 12.28
N ASN D 32 11.57 -41.25 13.52
CA ASN D 32 10.74 -42.37 13.93
C ASN D 32 9.26 -41.99 13.85
N TYR D 33 8.47 -42.89 13.27
CA TYR D 33 7.05 -42.57 13.06
C TYR D 33 6.28 -42.52 14.38
N ARG D 34 6.53 -43.48 15.27
CA ARG D 34 5.74 -43.62 16.49
C ARG D 34 6.36 -42.93 17.69
N THR D 35 7.67 -43.08 17.88
CA THR D 35 8.32 -42.46 19.03
C THR D 35 8.36 -40.94 18.90
N LEU D 36 8.14 -40.40 17.71
CA LEU D 36 8.20 -38.97 17.42
C LEU D 36 9.56 -38.38 17.76
N LYS D 37 10.58 -39.22 17.81
CA LYS D 37 11.93 -38.80 18.12
C LYS D 37 12.89 -39.29 17.05
N PRO D 38 13.97 -38.57 16.79
CA PRO D 38 14.92 -39.01 15.77
C PRO D 38 15.65 -40.27 16.20
N GLU D 39 16.03 -41.06 15.21
CA GLU D 39 16.76 -42.30 15.39
C GLU D 39 18.25 -42.05 15.25
N LYS D 40 19.05 -42.84 15.97
CA LYS D 40 20.48 -42.67 15.93
C LYS D 40 21.03 -43.06 14.57
N ASP D 41 22.03 -42.32 14.10
CA ASP D 41 22.62 -42.45 12.77
C ASP D 41 21.63 -42.14 11.66
N GLY D 42 20.54 -41.45 12.00
CA GLY D 42 19.57 -41.01 11.03
C GLY D 42 19.75 -39.55 10.69
N LEU D 43 18.87 -39.05 9.83
CA LEU D 43 19.04 -37.70 9.30
C LEU D 43 18.92 -36.61 10.37
N PHE D 44 18.42 -36.94 11.56
CA PHE D 44 18.38 -35.99 12.66
C PHE D 44 19.09 -36.53 13.89
N CYS D 45 20.06 -37.42 13.66
CA CYS D 45 20.69 -38.13 14.77
C CYS D 45 21.37 -37.17 15.73
N GLU D 46 21.10 -37.34 17.02
CA GLU D 46 21.66 -36.44 18.01
C GLU D 46 23.16 -36.60 18.16
N LYS D 47 23.70 -37.76 17.82
CA LYS D 47 25.14 -37.95 17.92
C LYS D 47 25.89 -36.99 17.01
N ILE D 48 25.36 -36.75 15.82
CA ILE D 48 26.05 -35.93 14.83
C ILE D 48 25.74 -34.45 15.09
N PHE D 49 24.48 -34.08 14.93
CA PHE D 49 24.11 -32.67 14.96
C PHE D 49 24.10 -32.10 16.37
N GLY D 50 23.56 -32.82 17.35
CA GLY D 50 23.55 -32.33 18.70
C GLY D 50 22.26 -32.60 19.45
N PRO D 51 22.12 -32.00 20.63
CA PRO D 51 20.98 -32.33 21.49
C PRO D 51 19.72 -31.58 21.10
N THR D 52 18.60 -32.31 21.07
CA THR D 52 17.33 -31.70 20.72
C THR D 52 16.80 -30.82 21.84
N ARG D 53 17.14 -31.14 23.09
CA ARG D 53 16.75 -30.35 24.25
C ARG D 53 18.01 -29.87 24.96
N ASP D 54 17.97 -28.64 25.44
CA ASP D 54 19.15 -28.02 26.02
C ASP D 54 19.61 -28.79 27.26
N TRP D 55 20.92 -29.02 27.32
CA TRP D 55 21.57 -29.65 28.48
C TRP D 55 20.90 -30.97 28.84
N GLU D 56 20.98 -31.91 27.90
CA GLU D 56 20.46 -33.26 28.08
C GLU D 56 21.17 -34.19 27.11
N CYS D 57 21.09 -35.48 27.41
CA CYS D 57 21.47 -36.52 26.47
C CYS D 57 20.28 -37.46 26.27
N TYR D 58 20.44 -38.39 25.34
CA TYR D 58 19.33 -39.31 25.04
C TYR D 58 18.96 -40.12 26.28
N CYS D 59 19.95 -40.60 27.02
CA CYS D 59 19.69 -41.33 28.26
C CYS D 59 19.49 -40.41 29.46
N GLY D 60 19.87 -39.14 29.36
CA GLY D 60 19.61 -38.20 30.44
C GLY D 60 20.56 -38.25 31.61
N LYS D 61 21.79 -38.74 31.40
CA LYS D 61 22.74 -38.80 32.51
C LYS D 61 23.10 -37.40 33.01
N TYR D 62 23.51 -36.52 32.10
CA TYR D 62 23.91 -35.15 32.43
C TYR D 62 22.78 -34.24 31.95
N LYS D 63 21.78 -34.03 32.80
CA LYS D 63 20.63 -33.22 32.45
C LYS D 63 20.71 -31.80 33.00
N ARG D 64 21.82 -31.44 33.62
CA ARG D 64 21.92 -30.21 34.39
C ARG D 64 22.94 -29.28 33.76
N VAL D 65 22.74 -27.97 33.98
CA VAL D 65 23.59 -26.95 33.39
C VAL D 65 25.00 -26.95 33.95
N ARG D 66 25.24 -27.71 35.02
CA ARG D 66 26.54 -27.69 35.68
C ARG D 66 27.66 -28.10 34.72
N PHE D 67 27.44 -29.15 33.95
CA PHE D 67 28.45 -29.58 32.99
C PHE D 67 28.39 -28.72 31.74
N LYS D 68 29.47 -28.78 30.96
CA LYS D 68 29.56 -28.01 29.72
C LYS D 68 30.70 -28.55 28.89
N GLY D 69 30.40 -28.91 27.64
CA GLY D 69 31.43 -29.34 26.72
C GLY D 69 31.88 -30.78 26.87
N ILE D 70 31.25 -31.55 27.74
CA ILE D 70 31.65 -32.93 27.97
C ILE D 70 30.65 -33.85 27.27
N ILE D 71 31.10 -35.05 26.94
CA ILE D 71 30.31 -35.99 26.14
C ILE D 71 29.95 -37.18 27.01
N CYS D 72 28.67 -37.53 27.02
CA CYS D 72 28.21 -38.69 27.77
C CYS D 72 28.80 -39.96 27.18
N GLU D 73 28.95 -40.99 28.02
CA GLU D 73 29.63 -42.20 27.56
C GLU D 73 28.66 -43.22 26.96
N ARG D 74 27.46 -43.35 27.53
CA ARG D 74 26.52 -44.35 27.02
C ARG D 74 25.95 -43.95 25.67
N CYS D 75 25.50 -42.70 25.53
CA CYS D 75 24.89 -42.23 24.29
C CYS D 75 25.82 -41.41 23.43
N GLY D 76 26.91 -40.88 23.98
CA GLY D 76 27.88 -40.15 23.19
C GLY D 76 27.39 -38.85 22.58
N VAL D 77 26.67 -38.04 23.35
CA VAL D 77 26.19 -36.76 22.86
C VAL D 77 26.90 -35.66 23.65
N GLU D 78 26.98 -34.48 23.04
CA GLU D 78 27.66 -33.33 23.63
C GLU D 78 26.62 -32.40 24.23
N VAL D 79 26.78 -32.08 25.51
CA VAL D 79 25.82 -31.27 26.24
C VAL D 79 26.18 -29.79 26.04
N THR D 80 25.41 -29.11 25.21
CA THR D 80 25.52 -27.67 25.04
C THR D 80 24.14 -27.15 24.64
N ARG D 81 24.08 -25.87 24.25
CA ARG D 81 22.80 -25.28 23.91
C ARG D 81 22.22 -25.93 22.66
N ALA D 82 20.89 -25.97 22.60
CA ALA D 82 20.20 -26.53 21.44
C ALA D 82 20.48 -25.72 20.19
N LYS D 83 20.96 -24.49 20.33
CA LYS D 83 21.27 -23.65 19.17
C LYS D 83 22.23 -24.34 18.22
N VAL D 84 23.10 -25.21 18.74
CA VAL D 84 24.09 -25.86 17.89
C VAL D 84 23.46 -26.74 16.84
N ARG D 85 22.18 -27.10 16.98
CA ARG D 85 21.52 -27.86 15.93
C ARG D 85 21.36 -27.06 14.65
N ARG D 86 21.62 -25.76 14.69
CA ARG D 86 21.62 -24.92 13.51
C ARG D 86 23.01 -24.75 12.91
N GLU D 87 24.04 -25.40 13.47
CA GLU D 87 25.39 -25.18 12.99
C GLU D 87 26.11 -26.44 12.53
N ARG D 88 26.03 -27.54 13.27
CA ARG D 88 26.82 -28.72 12.92
C ARG D 88 26.29 -29.36 11.64
N MET D 89 27.18 -30.03 10.92
CA MET D 89 26.85 -30.61 9.63
C MET D 89 27.20 -32.09 9.60
N GLY D 90 26.56 -32.83 8.70
CA GLY D 90 26.90 -34.21 8.47
C GLY D 90 27.63 -34.38 7.15
N HIS D 91 27.87 -35.64 6.79
CA HIS D 91 28.43 -35.89 5.46
C HIS D 91 28.15 -37.32 5.07
N ILE D 92 28.26 -37.59 3.77
CA ILE D 92 28.01 -38.90 3.20
C ILE D 92 29.24 -39.32 2.43
N GLU D 93 29.74 -40.52 2.72
CA GLU D 93 30.91 -41.08 2.03
C GLU D 93 30.43 -41.88 0.84
N LEU D 94 30.61 -41.33 -0.36
CA LEU D 94 30.22 -42.04 -1.56
C LEU D 94 31.13 -43.23 -1.79
N ALA D 95 30.59 -44.26 -2.43
CA ALA D 95 31.36 -45.43 -2.80
C ALA D 95 31.91 -45.36 -4.21
N ALA D 96 31.53 -44.32 -4.98
CA ALA D 96 32.01 -44.16 -6.34
C ALA D 96 32.09 -42.66 -6.61
N PRO D 97 33.23 -42.17 -7.07
CA PRO D 97 33.39 -40.73 -7.26
C PRO D 97 32.34 -40.17 -8.20
N VAL D 98 31.88 -38.96 -7.89
CA VAL D 98 30.82 -38.28 -8.63
C VAL D 98 31.32 -36.89 -9.00
N THR D 99 30.85 -36.39 -10.14
CA THR D 99 31.24 -35.08 -10.63
C THR D 99 30.22 -34.02 -10.20
N HIS D 100 30.73 -32.88 -9.79
CA HIS D 100 29.88 -31.77 -9.41
C HIS D 100 29.08 -31.31 -10.63
N ILE D 101 27.78 -31.07 -10.44
CA ILE D 101 26.92 -30.81 -11.58
C ILE D 101 27.27 -29.48 -12.25
N TRP D 102 27.60 -28.48 -11.45
CA TRP D 102 27.80 -27.14 -12.00
C TRP D 102 28.92 -27.10 -13.02
N TYR D 103 30.02 -27.80 -12.74
CA TYR D 103 31.22 -27.60 -13.53
C TYR D 103 31.23 -28.45 -14.79
N PHE D 104 30.14 -29.14 -15.11
CA PHE D 104 30.08 -29.84 -16.38
C PHE D 104 28.81 -29.59 -17.16
N LYS D 105 27.79 -28.99 -16.56
CA LYS D 105 26.53 -28.74 -17.25
C LYS D 105 26.34 -27.29 -17.68
N GLY D 106 26.58 -26.34 -16.79
CA GLY D 106 26.38 -24.94 -17.11
C GLY D 106 27.27 -24.45 -18.23
N VAL D 107 26.68 -24.13 -19.36
CA VAL D 107 27.46 -23.67 -20.52
C VAL D 107 28.03 -22.28 -20.22
N PRO D 108 29.32 -22.05 -20.44
CA PRO D 108 30.32 -22.97 -20.98
C PRO D 108 30.80 -23.98 -19.95
N SER D 109 30.73 -25.28 -20.26
CA SER D 109 31.11 -26.31 -19.32
C SER D 109 32.61 -26.28 -19.11
N ARG D 110 33.04 -25.75 -17.97
CA ARG D 110 34.46 -25.57 -17.71
C ARG D 110 35.23 -26.88 -17.70
N LEU D 111 34.59 -27.99 -17.37
CA LEU D 111 35.26 -29.27 -17.50
C LEU D 111 35.62 -29.56 -18.95
N GLY D 112 34.69 -29.29 -19.86
CA GLY D 112 34.97 -29.50 -21.27
C GLY D 112 36.09 -28.63 -21.78
N TYR D 113 36.08 -27.35 -21.41
CA TYR D 113 37.16 -26.46 -21.82
C TYR D 113 38.49 -26.91 -21.26
N LEU D 114 38.50 -27.38 -20.01
CA LEU D 114 39.75 -27.85 -19.43
C LEU D 114 40.27 -29.07 -20.16
N LEU D 115 39.38 -30.00 -20.51
CA LEU D 115 39.80 -31.27 -21.09
C LEU D 115 39.70 -31.32 -22.60
N ASP D 116 39.23 -30.25 -23.24
CA ASP D 116 39.08 -30.22 -24.70
C ASP D 116 38.19 -31.36 -25.20
N LEU D 117 37.04 -31.53 -24.57
CA LEU D 117 36.10 -32.57 -24.94
C LEU D 117 34.75 -31.94 -25.25
N ALA D 118 34.08 -32.51 -26.25
CA ALA D 118 32.76 -32.03 -26.60
C ALA D 118 31.76 -32.30 -25.48
N PRO D 119 30.82 -31.38 -25.26
CA PRO D 119 29.84 -31.60 -24.19
C PRO D 119 29.06 -32.89 -24.35
N LYS D 120 28.75 -33.27 -25.58
CA LYS D 120 28.10 -34.57 -25.80
C LYS D 120 28.99 -35.71 -25.33
N ASP D 121 30.29 -35.61 -25.62
CA ASP D 121 31.22 -36.65 -25.17
C ASP D 121 31.26 -36.73 -23.65
N LEU D 122 31.30 -35.57 -22.98
CA LEU D 122 31.33 -35.59 -21.52
C LEU D 122 30.05 -36.18 -20.95
N GLU D 123 28.90 -35.83 -21.53
CA GLU D 123 27.65 -36.42 -21.10
C GLU D 123 27.66 -37.93 -21.26
N LYS D 124 28.19 -38.41 -22.39
CA LYS D 124 28.26 -39.86 -22.60
C LYS D 124 29.17 -40.53 -21.58
N ILE D 125 30.38 -39.99 -21.41
CA ILE D 125 31.37 -40.69 -20.58
C ILE D 125 30.94 -40.65 -19.12
N ILE D 126 30.27 -39.59 -18.70
CA ILE D 126 29.91 -39.47 -17.28
C ILE D 126 28.88 -40.53 -16.89
N TYR D 127 27.88 -40.74 -17.73
CA TYR D 127 26.78 -41.64 -17.38
C TYR D 127 27.04 -43.07 -17.79
N PHE D 128 28.30 -43.45 -18.00
CA PHE D 128 28.69 -44.82 -18.33
C PHE D 128 28.01 -45.29 -19.61
N ALA D 129 28.38 -44.63 -20.72
CA ALA D 129 27.95 -45.04 -22.03
C ALA D 129 29.09 -45.26 -23.00
N ALA D 130 30.33 -44.98 -22.61
CA ALA D 130 31.47 -45.18 -23.48
C ALA D 130 32.74 -45.25 -22.63
N TYR D 131 33.76 -45.88 -23.17
CA TYR D 131 35.06 -45.94 -22.52
C TYR D 131 35.94 -44.82 -23.03
N VAL D 132 36.93 -44.43 -22.23
CA VAL D 132 37.96 -43.49 -22.64
C VAL D 132 39.31 -43.99 -22.17
N ILE D 133 40.35 -43.48 -22.80
CA ILE D 133 41.71 -43.93 -22.53
C ILE D 133 42.34 -43.00 -21.50
N THR D 134 42.91 -43.58 -20.45
CA THR D 134 43.56 -42.79 -19.42
C THR D 134 45.02 -42.51 -19.73
N SER D 135 45.75 -43.53 -20.16
CA SER D 135 47.16 -43.36 -20.50
C SER D 135 47.58 -44.44 -21.48
N VAL D 136 48.64 -44.16 -22.22
CA VAL D 136 49.22 -45.11 -23.16
C VAL D 136 50.74 -45.03 -23.05
N ASP D 137 51.38 -46.19 -23.03
CA ASP D 137 52.84 -46.27 -23.03
C ASP D 137 53.29 -46.20 -24.48
N GLU D 138 53.45 -44.97 -24.98
CA GLU D 138 53.66 -44.78 -26.41
C GLU D 138 54.95 -45.43 -26.89
N GLU D 139 56.03 -45.32 -26.11
CA GLU D 139 57.30 -45.90 -26.54
C GLU D 139 57.22 -47.42 -26.63
N MET D 140 56.54 -48.05 -25.68
CA MET D 140 56.47 -49.50 -25.68
C MET D 140 55.72 -50.01 -26.90
N ARG D 141 54.58 -49.40 -27.22
CA ARG D 141 53.83 -49.81 -28.40
C ARG D 141 54.58 -49.46 -29.67
N HIS D 142 55.30 -48.35 -29.68
CA HIS D 142 56.09 -47.98 -30.86
C HIS D 142 57.16 -49.02 -31.14
N ASN D 143 57.84 -49.50 -30.09
CA ASN D 143 58.85 -50.53 -30.28
C ASN D 143 58.21 -51.87 -30.67
N GLU D 144 57.07 -52.21 -30.06
CA GLU D 144 56.45 -53.50 -30.29
C GLU D 144 55.61 -53.54 -31.57
N LEU D 145 55.49 -52.41 -32.27
CA LEU D 145 54.68 -52.37 -33.48
C LEU D 145 55.10 -53.42 -34.50
N SER D 146 56.40 -53.63 -34.67
CA SER D 146 56.88 -54.59 -35.67
C SER D 146 56.38 -56.00 -35.35
N THR D 147 56.63 -56.45 -34.12
CA THR D 147 56.20 -57.79 -33.74
C THR D 147 54.69 -57.93 -33.78
N LEU D 148 53.97 -56.89 -33.34
CA LEU D 148 52.51 -56.96 -33.36
C LEU D 148 51.98 -57.03 -34.78
N GLU D 149 52.60 -56.29 -35.70
CA GLU D 149 52.25 -56.41 -37.10
C GLU D 149 52.52 -57.82 -37.60
N ALA D 150 53.62 -58.41 -37.17
CA ALA D 150 53.92 -59.79 -37.55
C ALA D 150 52.82 -60.73 -37.08
N GLU D 151 52.38 -60.57 -35.83
CA GLU D 151 51.34 -61.43 -35.29
C GLU D 151 50.02 -61.22 -36.02
N MET D 152 49.69 -59.97 -36.32
CA MET D 152 48.45 -59.68 -37.05
C MET D 152 48.48 -60.30 -38.44
N ALA D 153 49.62 -60.19 -39.12
CA ALA D 153 49.77 -60.81 -40.43
C ALA D 153 49.66 -62.32 -40.35
N VAL D 154 50.23 -62.92 -39.30
CA VAL D 154 50.13 -64.37 -39.13
C VAL D 154 48.67 -64.77 -38.95
N GLU D 155 47.94 -64.02 -38.12
CA GLU D 155 46.51 -64.30 -37.94
C GLU D 155 45.76 -64.16 -39.25
N ARG D 156 46.05 -63.09 -40.01
CA ARG D 156 45.35 -62.86 -41.27
C ARG D 156 45.61 -63.98 -42.26
N LYS D 157 46.88 -64.39 -42.38
CA LYS D 157 47.19 -65.45 -43.34
C LYS D 157 46.61 -66.79 -42.89
N ALA D 158 46.53 -67.01 -41.58
CA ALA D 158 45.92 -68.24 -41.09
C ALA D 158 44.44 -68.29 -41.44
N VAL D 159 43.71 -67.21 -41.16
CA VAL D 159 42.27 -67.22 -41.46
C VAL D 159 42.04 -67.28 -42.96
N GLU D 160 42.88 -66.59 -43.74
CA GLU D 160 42.75 -66.64 -45.19
C GLU D 160 43.01 -68.03 -45.73
N ASP D 161 44.06 -68.70 -45.23
CA ASP D 161 44.35 -70.07 -45.68
C ASP D 161 43.20 -71.00 -45.33
N GLN D 162 42.68 -70.91 -44.10
CA GLN D 162 41.58 -71.78 -43.72
C GLN D 162 40.38 -71.57 -44.61
N ARG D 163 40.01 -70.30 -44.84
CA ARG D 163 38.85 -70.00 -45.68
C ARG D 163 39.06 -70.49 -47.10
N ASP D 164 40.25 -70.26 -47.67
CA ASP D 164 40.51 -70.67 -49.04
C ASP D 164 40.44 -72.19 -49.17
N GLY D 165 41.02 -72.92 -48.22
CA GLY D 165 40.95 -74.37 -48.28
C GLY D 165 39.53 -74.88 -48.15
N GLU D 166 38.75 -74.30 -47.24
CA GLU D 166 37.37 -74.72 -47.06
C GLU D 166 36.55 -74.43 -48.31
N LEU D 167 36.75 -73.26 -48.91
CA LEU D 167 36.05 -72.93 -50.14
C LEU D 167 36.46 -73.85 -51.29
N GLU D 168 37.74 -74.20 -51.38
CA GLU D 168 38.17 -75.11 -52.43
C GLU D 168 37.53 -76.47 -52.26
N ALA D 169 37.45 -76.97 -51.02
CA ALA D 169 36.79 -78.24 -50.77
C ALA D 169 35.31 -78.17 -51.14
N ARG D 170 34.66 -77.07 -50.79
CA ARG D 170 33.25 -76.91 -51.14
C ARG D 170 33.05 -76.84 -52.64
N ALA D 171 33.94 -76.15 -53.35
CA ALA D 171 33.85 -76.07 -54.80
C ALA D 171 34.03 -77.45 -55.43
N GLN D 172 34.97 -78.23 -54.90
CA GLN D 172 35.18 -79.58 -55.44
C GLN D 172 33.97 -80.46 -55.19
N LYS D 173 33.39 -80.40 -53.99
CA LYS D 173 32.21 -81.22 -53.71
C LYS D 173 31.01 -80.76 -54.54
N LEU D 174 30.89 -79.44 -54.76
CA LEU D 174 29.80 -78.93 -55.59
C LEU D 174 29.97 -79.38 -57.04
N GLU D 175 31.20 -79.35 -57.56
CA GLU D 175 31.44 -79.85 -58.91
C GLU D 175 31.15 -81.33 -59.02
N ALA D 176 31.51 -82.10 -57.98
CA ALA D 176 31.16 -83.52 -57.97
C ALA D 176 29.65 -83.72 -57.96
N ASP D 177 28.93 -82.91 -57.19
CA ASP D 177 27.47 -83.00 -57.18
C ASP D 177 26.89 -82.69 -58.56
N LEU D 178 27.41 -81.65 -59.22
CA LEU D 178 26.92 -81.30 -60.54
C LEU D 178 27.23 -82.39 -61.57
N ALA D 179 28.41 -83.00 -61.46
CA ALA D 179 28.73 -84.11 -62.35
C ALA D 179 27.80 -85.30 -62.09
N GLU D 180 27.47 -85.56 -60.83
CA GLU D 180 26.51 -86.61 -60.53
C GLU D 180 25.14 -86.28 -61.10
N LEU D 181 24.75 -85.00 -61.05
CA LEU D 181 23.50 -84.60 -61.65
C LEU D 181 23.51 -84.82 -63.16
N GLU D 182 24.65 -84.54 -63.81
CA GLU D 182 24.79 -84.84 -65.23
C GLU D 182 24.66 -86.34 -65.48
N ALA D 183 25.26 -87.15 -64.61
CA ALA D 183 25.20 -88.60 -64.78
C ALA D 183 23.78 -89.14 -64.58
N GLU D 184 23.03 -88.56 -63.65
CA GLU D 184 21.68 -89.01 -63.34
C GLU D 184 20.64 -88.52 -64.32
N GLY D 185 21.01 -87.63 -65.24
CA GLY D 185 20.08 -87.17 -66.26
C GLY D 185 18.87 -86.45 -65.73
N ALA D 186 19.06 -85.63 -64.70
CA ALA D 186 17.96 -84.88 -64.12
C ALA D 186 17.65 -83.64 -64.98
N LYS D 187 16.73 -82.81 -64.50
CA LYS D 187 16.35 -81.61 -65.21
C LYS D 187 17.49 -80.60 -65.23
N ALA D 188 17.72 -80.00 -66.40
CA ALA D 188 18.77 -78.99 -66.53
C ALA D 188 18.48 -77.79 -65.65
N ASP D 189 17.21 -77.38 -65.56
CA ASP D 189 16.85 -76.26 -64.71
C ASP D 189 17.07 -76.57 -63.24
N ALA D 190 16.81 -77.81 -62.82
CA ALA D 190 17.13 -78.21 -61.45
C ALA D 190 18.64 -78.17 -61.21
N ARG D 191 19.43 -78.56 -62.22
CA ARG D 191 20.87 -78.44 -62.11
C ARG D 191 21.28 -76.98 -61.93
N ARG D 192 20.67 -76.07 -62.69
CA ARG D 192 20.97 -74.65 -62.53
C ARG D 192 20.52 -74.14 -61.18
N LYS D 193 19.41 -74.67 -60.64
CA LYS D 193 18.99 -74.31 -59.29
C LYS D 193 20.04 -74.74 -58.26
N VAL D 194 20.57 -75.95 -58.41
CA VAL D 194 21.62 -76.42 -57.52
C VAL D 194 22.86 -75.54 -57.65
N ARG D 195 23.23 -75.17 -58.88
CA ARG D 195 24.37 -74.30 -59.09
C ARG D 195 24.17 -72.94 -58.44
N ASP D 196 22.97 -72.37 -58.59
CA ASP D 196 22.69 -71.07 -58.00
C ASP D 196 22.72 -71.15 -56.48
N GLY D 197 22.18 -72.22 -55.90
CA GLY D 197 22.25 -72.39 -54.46
C GLY D 197 23.68 -72.51 -53.96
N GLY D 198 24.50 -73.29 -54.68
CA GLY D 198 25.90 -73.41 -54.30
C GLY D 198 26.64 -72.09 -54.43
N GLU D 199 26.34 -71.32 -55.48
CA GLU D 199 26.94 -70.01 -55.63
C GLU D 199 26.53 -69.08 -54.49
N ARG D 200 25.25 -69.14 -54.09
CA ARG D 200 24.80 -68.34 -52.96
C ARG D 200 25.55 -68.74 -51.69
N GLU D 201 25.71 -70.03 -51.45
CA GLU D 201 26.45 -70.50 -50.29
C GLU D 201 27.89 -69.99 -50.33
N MET D 202 28.53 -70.09 -51.49
CA MET D 202 29.91 -69.66 -51.64
C MET D 202 30.05 -68.17 -51.39
N ARG D 203 29.15 -67.37 -51.98
CA ARG D 203 29.21 -65.93 -51.78
C ARG D 203 28.97 -65.58 -50.32
N GLN D 204 28.02 -66.26 -49.68
CA GLN D 204 27.77 -66.05 -48.26
C GLN D 204 29.02 -66.31 -47.43
N ILE D 205 29.66 -67.45 -47.66
CA ILE D 205 30.80 -67.83 -46.83
C ILE D 205 32.00 -66.92 -47.10
N ARG D 206 32.25 -66.59 -48.36
CA ARG D 206 33.35 -65.70 -48.69
C ARG D 206 33.13 -64.32 -48.10
N ASP D 207 31.89 -63.83 -48.14
CA ASP D 207 31.59 -62.54 -47.51
C ASP D 207 31.71 -62.62 -45.99
N ARG D 208 31.38 -63.77 -45.40
CA ARG D 208 31.60 -63.91 -43.96
C ARG D 208 33.07 -63.78 -43.63
N ALA D 209 33.93 -64.45 -44.40
CA ALA D 209 35.37 -64.33 -44.17
C ALA D 209 35.85 -62.90 -44.41
N GLN D 210 35.29 -62.24 -45.42
CA GLN D 210 35.65 -60.85 -45.68
C GLN D 210 35.27 -59.95 -44.50
N ARG D 211 34.08 -60.15 -43.95
CA ARG D 211 33.67 -59.37 -42.79
C ARG D 211 34.60 -59.64 -41.60
N GLU D 212 34.95 -60.90 -41.38
CA GLU D 212 35.81 -61.22 -40.25
C GLU D 212 37.18 -60.59 -40.41
N LEU D 213 37.75 -60.62 -41.61
CA LEU D 213 39.03 -59.95 -41.82
C LEU D 213 38.88 -58.44 -41.71
N ASP D 214 37.71 -57.90 -42.04
CA ASP D 214 37.45 -56.49 -41.80
C ASP D 214 37.51 -56.16 -40.32
N ARG D 215 36.89 -57.00 -39.49
CA ARG D 215 37.01 -56.81 -38.04
C ARG D 215 38.46 -56.89 -37.61
N LEU D 216 39.18 -57.86 -38.16
CA LEU D 216 40.57 -58.09 -37.77
C LEU D 216 41.43 -56.88 -38.09
N GLU D 217 41.25 -56.29 -39.28
CA GLU D 217 42.02 -55.12 -39.64
C GLU D 217 41.55 -53.87 -38.92
N ASP D 218 40.26 -53.78 -38.59
CA ASP D 218 39.76 -52.63 -37.84
C ASP D 218 40.36 -52.59 -36.44
N ILE D 219 40.54 -53.76 -35.84
CA ILE D 219 41.21 -53.82 -34.54
C ILE D 219 42.59 -53.20 -34.63
N TRP D 220 43.36 -53.59 -35.65
CA TRP D 220 44.70 -53.06 -35.82
C TRP D 220 44.67 -51.56 -36.09
N SER D 221 43.72 -51.11 -36.92
CA SER D 221 43.61 -49.69 -37.22
C SER D 221 43.33 -48.89 -35.95
N THR D 222 42.45 -49.41 -35.09
CA THR D 222 42.17 -48.72 -33.84
C THR D 222 43.40 -48.68 -32.94
N PHE D 223 44.13 -49.80 -32.86
CA PHE D 223 45.29 -49.84 -31.99
C PHE D 223 46.40 -48.92 -32.47
N THR D 224 46.55 -48.76 -33.79
CA THR D 224 47.70 -48.07 -34.33
C THR D 224 47.76 -46.62 -33.90
N LYS D 225 46.62 -45.92 -33.91
CA LYS D 225 46.58 -44.49 -33.67
C LYS D 225 45.96 -44.16 -32.32
N LEU D 226 46.20 -45.00 -31.32
CA LEU D 226 45.58 -44.79 -30.01
C LEU D 226 46.19 -43.57 -29.32
N ALA D 227 45.33 -42.70 -28.82
CA ALA D 227 45.73 -41.49 -28.12
C ALA D 227 44.82 -41.30 -26.92
N PRO D 228 45.29 -40.61 -25.89
CA PRO D 228 44.42 -40.32 -24.74
C PRO D 228 43.22 -39.48 -25.16
N LYS D 229 42.20 -39.49 -24.31
CA LYS D 229 40.98 -38.72 -24.50
C LYS D 229 40.23 -39.14 -25.77
N GLN D 230 40.32 -40.40 -26.14
CA GLN D 230 39.53 -40.94 -27.24
C GLN D 230 38.31 -41.64 -26.68
N LEU D 231 37.52 -42.24 -27.57
CA LEU D 231 36.35 -43.00 -27.15
C LEU D 231 36.26 -44.28 -27.96
N ILE D 232 35.64 -45.30 -27.36
CA ILE D 232 35.28 -46.53 -28.04
C ILE D 232 33.86 -46.86 -27.63
N VAL D 233 32.89 -46.48 -28.47
CA VAL D 233 31.49 -46.71 -28.12
C VAL D 233 31.16 -48.19 -28.19
N ASP D 234 31.61 -48.87 -29.23
CA ASP D 234 31.30 -50.29 -29.43
C ASP D 234 32.02 -51.12 -28.36
N GLU D 235 31.25 -51.75 -27.48
CA GLU D 235 31.83 -52.53 -26.39
C GLU D 235 32.55 -53.78 -26.88
N ASN D 236 32.09 -54.38 -27.98
CA ASN D 236 32.81 -55.53 -28.53
C ASN D 236 34.22 -55.15 -28.95
N LEU D 237 34.33 -54.00 -29.62
CA LEU D 237 35.64 -53.51 -30.02
C LEU D 237 36.52 -53.28 -28.80
N TYR D 238 35.97 -52.67 -27.76
CA TYR D 238 36.75 -52.37 -26.58
C TYR D 238 37.22 -53.64 -25.87
N ARG D 239 36.34 -54.63 -25.71
CA ARG D 239 36.76 -55.85 -25.03
C ARG D 239 37.78 -56.61 -25.86
N GLU D 240 37.66 -56.56 -27.19
CA GLU D 240 38.69 -57.16 -28.02
C GLU D 240 40.03 -56.48 -27.81
N LEU D 241 40.03 -55.15 -27.78
CA LEU D 241 41.27 -54.43 -27.51
C LEU D 241 41.82 -54.80 -26.15
N VAL D 242 40.95 -55.00 -25.16
CA VAL D 242 41.38 -55.41 -23.83
C VAL D 242 42.11 -56.74 -23.93
N ASP D 243 41.41 -57.79 -24.36
CA ASP D 243 42.01 -59.11 -24.37
C ASP D 243 43.24 -59.18 -25.26
N ARG D 244 43.38 -58.27 -26.21
CA ARG D 244 44.58 -58.27 -27.03
C ARG D 244 45.74 -57.59 -26.32
N TYR D 245 45.57 -56.33 -25.93
CA TYR D 245 46.71 -55.56 -25.45
C TYR D 245 46.41 -54.82 -24.15
N GLY D 246 45.85 -55.52 -23.16
CA GLY D 246 45.63 -54.89 -21.87
C GLY D 246 46.90 -54.34 -21.25
N GLU D 247 48.00 -55.05 -21.41
CA GLU D 247 49.29 -54.56 -20.92
C GLU D 247 49.89 -53.48 -21.80
N TYR D 248 49.13 -52.94 -22.76
CA TYR D 248 49.64 -51.90 -23.63
C TYR D 248 48.78 -50.64 -23.65
N PHE D 249 47.68 -50.61 -22.91
CA PHE D 249 46.85 -49.42 -22.83
C PHE D 249 46.05 -49.50 -21.55
N THR D 250 45.46 -48.37 -21.16
CA THR D 250 44.63 -48.29 -19.98
C THR D 250 43.32 -47.61 -20.36
N GLY D 251 42.21 -48.33 -20.22
CA GLY D 251 40.90 -47.78 -20.51
C GLY D 251 40.03 -47.83 -19.29
N ALA D 252 39.14 -46.84 -19.18
CA ALA D 252 38.27 -46.72 -18.03
C ALA D 252 36.96 -46.07 -18.48
N MET D 253 36.04 -45.93 -17.52
CA MET D 253 34.73 -45.36 -17.80
C MET D 253 34.22 -44.66 -16.55
N GLY D 254 33.57 -43.53 -16.73
CA GLY D 254 32.98 -42.82 -15.61
C GLY D 254 33.95 -41.86 -14.94
N ALA D 255 33.48 -41.31 -13.83
CA ALA D 255 34.19 -40.24 -13.14
C ALA D 255 35.59 -40.65 -12.70
N GLU D 256 35.84 -41.95 -12.51
CA GLU D 256 37.18 -42.38 -12.19
C GLU D 256 38.16 -42.04 -13.30
N SER D 257 37.72 -42.18 -14.55
CA SER D 257 38.55 -41.77 -15.67
C SER D 257 38.84 -40.29 -15.63
N ILE D 258 37.83 -39.48 -15.26
CA ILE D 258 38.04 -38.05 -15.15
C ILE D 258 39.08 -37.74 -14.09
N GLN D 259 39.00 -38.41 -12.95
CA GLN D 259 39.98 -38.19 -11.90
C GLN D 259 41.38 -38.59 -12.37
N LYS D 260 41.48 -39.71 -13.08
CA LYS D 260 42.76 -40.14 -13.61
C LYS D 260 43.33 -39.11 -14.58
N LEU D 261 42.49 -38.58 -15.46
CA LEU D 261 42.94 -37.56 -16.40
C LEU D 261 43.42 -36.32 -15.66
N ILE D 262 42.67 -35.90 -14.64
CA ILE D 262 43.01 -34.67 -13.92
C ILE D 262 44.34 -34.82 -13.20
N GLU D 263 44.55 -35.96 -12.53
CA GLU D 263 45.81 -36.13 -11.81
C GLU D 263 47.01 -36.32 -12.73
N ASN D 264 46.79 -36.49 -14.03
CA ASN D 264 47.86 -36.57 -15.01
C ASN D 264 47.94 -35.29 -15.84
N PHE D 265 47.61 -34.15 -15.25
CA PHE D 265 47.57 -32.90 -15.99
C PHE D 265 48.76 -32.03 -15.63
N ASP D 266 49.44 -31.54 -16.67
CA ASP D 266 50.60 -30.65 -16.55
C ASP D 266 50.12 -29.28 -16.99
N ILE D 267 49.58 -28.51 -16.05
CA ILE D 267 48.88 -27.28 -16.40
C ILE D 267 49.80 -26.31 -17.12
N ASP D 268 51.03 -26.15 -16.63
CA ASP D 268 51.91 -25.13 -17.16
C ASP D 268 52.27 -25.38 -18.61
N ALA D 269 52.56 -26.64 -18.96
CA ALA D 269 52.91 -26.96 -20.33
C ALA D 269 51.76 -26.66 -21.28
N GLU D 270 50.55 -27.06 -20.91
CA GLU D 270 49.39 -26.80 -21.75
C GLU D 270 49.12 -25.31 -21.87
N ALA D 271 49.28 -24.57 -20.77
CA ALA D 271 49.06 -23.14 -20.81
C ALA D 271 50.05 -22.46 -21.75
N GLU D 272 51.33 -22.85 -21.69
CA GLU D 272 52.30 -22.22 -22.57
C GLU D 272 52.09 -22.64 -24.01
N SER D 273 51.65 -23.87 -24.24
CA SER D 273 51.31 -24.29 -25.60
C SER D 273 50.18 -23.43 -26.15
N LEU D 274 49.16 -23.18 -25.32
CA LEU D 274 48.08 -22.31 -25.74
C LEU D 274 48.59 -20.90 -26.00
N ARG D 275 49.52 -20.42 -25.17
CA ARG D 275 50.07 -19.08 -25.35
C ARG D 275 50.78 -18.96 -26.69
N ASP D 276 51.61 -19.95 -27.03
CA ASP D 276 52.32 -19.87 -28.30
C ASP D 276 51.36 -20.03 -29.48
N VAL D 277 50.29 -20.80 -29.32
CA VAL D 277 49.28 -20.85 -30.36
C VAL D 277 48.62 -19.48 -30.52
N ILE D 278 48.43 -18.77 -29.41
CA ILE D 278 47.92 -17.40 -29.48
C ILE D 278 48.92 -16.49 -30.19
N ARG D 279 50.22 -16.78 -30.06
CA ARG D 279 51.23 -15.94 -30.72
C ARG D 279 51.01 -15.89 -32.22
N ASN D 280 50.76 -17.04 -32.84
CA ASN D 280 50.40 -17.06 -34.25
C ASN D 280 49.02 -16.45 -34.46
N GLY D 281 48.80 -15.92 -35.65
CA GLY D 281 47.61 -15.12 -35.90
C GLY D 281 46.42 -15.87 -36.45
N LYS D 282 46.41 -17.19 -36.29
CA LYS D 282 45.33 -18.00 -36.85
C LYS D 282 44.05 -17.70 -36.09
N GLY D 283 43.21 -16.83 -36.66
CA GLY D 283 42.12 -16.25 -35.90
C GLY D 283 41.10 -17.27 -35.42
N GLN D 284 40.71 -18.20 -36.29
CA GLN D 284 39.72 -19.20 -35.90
C GLN D 284 40.24 -20.04 -34.75
N LYS D 285 41.50 -20.45 -34.81
CA LYS D 285 42.10 -21.15 -33.69
C LYS D 285 42.44 -20.19 -32.56
N LYS D 286 42.67 -18.91 -32.87
CA LYS D 286 43.01 -17.95 -31.83
C LYS D 286 41.86 -17.73 -30.87
N LEU D 287 40.62 -17.67 -31.38
CA LEU D 287 39.48 -17.47 -30.49
C LEU D 287 39.31 -18.64 -29.54
N ARG D 288 39.43 -19.88 -30.05
CA ARG D 288 39.34 -21.05 -29.19
C ARG D 288 40.47 -21.07 -28.18
N ALA D 289 41.68 -20.72 -28.61
CA ALA D 289 42.81 -20.69 -27.69
C ALA D 289 42.57 -19.67 -26.58
N LEU D 290 42.05 -18.49 -26.94
CA LEU D 290 41.77 -17.48 -25.93
C LEU D 290 40.70 -17.95 -24.95
N LYS D 291 39.63 -18.56 -25.47
CA LYS D 291 38.57 -19.01 -24.58
C LYS D 291 39.09 -20.07 -23.61
N ARG D 292 39.84 -21.05 -24.10
CA ARG D 292 40.36 -22.07 -23.21
C ARG D 292 41.39 -21.48 -22.25
N LEU D 293 42.16 -20.49 -22.70
CA LEU D 293 43.12 -19.82 -21.83
C LEU D 293 42.41 -19.12 -20.69
N LYS D 294 41.25 -18.54 -20.97
CA LYS D 294 40.53 -17.79 -19.94
C LYS D 294 40.19 -18.65 -18.74
N VAL D 295 40.17 -19.97 -18.92
CA VAL D 295 39.98 -20.90 -17.82
C VAL D 295 41.30 -21.45 -17.31
N VAL D 296 42.17 -21.90 -18.22
CA VAL D 296 43.36 -22.63 -17.81
C VAL D 296 44.35 -21.72 -17.11
N ALA D 297 44.52 -20.50 -17.63
CA ALA D 297 45.43 -19.55 -16.98
C ALA D 297 44.94 -19.22 -15.58
N ALA D 298 43.62 -19.07 -15.42
CA ALA D 298 43.07 -18.83 -14.09
C ALA D 298 43.37 -20.00 -13.17
N PHE D 299 43.17 -21.23 -13.66
CA PHE D 299 43.46 -22.41 -12.86
C PHE D 299 44.91 -22.42 -12.41
N GLN D 300 45.82 -22.13 -13.34
CA GLN D 300 47.25 -22.17 -13.02
C GLN D 300 47.63 -21.09 -12.03
N GLN D 301 47.25 -19.84 -12.31
CA GLN D 301 47.76 -18.72 -11.54
C GLN D 301 47.11 -18.63 -10.17
N SER D 302 45.79 -18.86 -10.09
CA SER D 302 45.10 -18.72 -8.82
C SER D 302 45.66 -19.68 -7.78
N GLY D 303 45.81 -20.94 -8.13
CA GLY D 303 46.31 -21.94 -7.21
C GLY D 303 45.16 -22.73 -6.64
N ASN D 304 44.89 -23.90 -7.22
CA ASN D 304 43.74 -24.70 -6.86
C ASN D 304 43.82 -26.08 -7.48
N SER D 305 43.63 -27.11 -6.68
CA SER D 305 43.61 -28.46 -7.22
C SER D 305 42.32 -28.66 -8.00
N PRO D 306 42.39 -29.06 -9.27
CA PRO D 306 41.15 -29.33 -10.03
C PRO D 306 40.34 -30.50 -9.48
N MET D 307 40.84 -31.20 -8.46
CA MET D 307 40.14 -32.34 -7.90
C MET D 307 38.79 -31.93 -7.34
N GLY D 308 38.61 -30.64 -7.11
CA GLY D 308 37.32 -30.16 -6.61
C GLY D 308 36.19 -30.47 -7.57
N MET D 309 36.51 -30.73 -8.83
CA MET D 309 35.49 -31.04 -9.80
C MET D 309 34.91 -32.43 -9.63
N VAL D 310 35.50 -33.27 -8.78
CA VAL D 310 35.03 -34.63 -8.55
C VAL D 310 34.88 -34.84 -7.05
N LEU D 311 33.71 -35.31 -6.63
CA LEU D 311 33.36 -35.41 -5.23
C LEU D 311 33.41 -36.85 -4.74
N ASP D 312 33.94 -37.04 -3.53
CA ASP D 312 33.90 -38.32 -2.84
C ASP D 312 33.26 -38.24 -1.48
N ALA D 313 32.77 -37.07 -1.09
CA ALA D 313 32.16 -36.90 0.24
C ALA D 313 31.19 -35.73 0.14
N VAL D 314 29.89 -36.02 0.10
CA VAL D 314 28.88 -35.01 -0.10
C VAL D 314 28.41 -34.51 1.26
N PRO D 315 28.54 -33.23 1.56
CA PRO D 315 28.18 -32.75 2.90
C PRO D 315 26.67 -32.71 3.07
N VAL D 316 26.26 -32.62 4.33
CA VAL D 316 24.86 -32.69 4.71
C VAL D 316 24.53 -31.46 5.55
N ILE D 317 23.58 -30.67 5.07
CA ILE D 317 23.17 -29.40 5.66
C ILE D 317 22.55 -29.67 7.03
N PRO D 318 22.61 -28.75 7.98
CA PRO D 318 22.07 -29.00 9.31
C PRO D 318 20.58 -29.30 9.26
N PRO D 319 20.01 -29.78 10.37
CA PRO D 319 18.58 -30.10 10.36
C PRO D 319 17.70 -28.88 10.43
N GLU D 320 18.10 -27.85 11.18
CA GLU D 320 17.25 -26.68 11.38
C GLU D 320 16.94 -25.96 10.08
N LEU D 321 17.80 -26.06 9.08
CA LEU D 321 17.54 -25.45 7.79
C LEU D 321 16.67 -26.32 6.91
N ARG D 322 16.25 -27.48 7.39
CA ARG D 322 15.29 -28.34 6.69
C ARG D 322 14.29 -28.85 7.71
N PRO D 323 13.42 -27.98 8.22
CA PRO D 323 12.54 -28.39 9.32
C PRO D 323 11.53 -29.44 8.91
N MET D 324 11.09 -30.21 9.88
CA MET D 324 10.08 -31.27 9.71
C MET D 324 9.09 -31.09 10.85
N VAL D 325 7.99 -30.41 10.58
CA VAL D 325 7.09 -29.93 11.63
C VAL D 325 5.80 -30.74 11.63
N GLN D 326 5.43 -31.28 12.79
CA GLN D 326 4.17 -32.01 12.92
C GLN D 326 3.07 -31.03 13.29
N LEU D 327 2.07 -30.91 12.42
CA LEU D 327 0.91 -30.09 12.71
C LEU D 327 -0.05 -30.84 13.62
N ASP D 328 -1.05 -30.11 14.13
CA ASP D 328 -2.11 -30.72 14.91
C ASP D 328 -3.04 -31.57 14.05
N GLY D 329 -3.00 -31.39 12.74
CA GLY D 329 -3.82 -32.16 11.82
C GLY D 329 -3.26 -33.51 11.45
N GLY D 330 -2.11 -33.89 12.01
CA GLY D 330 -1.53 -35.20 11.77
C GLY D 330 -0.70 -35.31 10.51
N ARG D 331 -0.60 -34.25 9.72
CA ARG D 331 0.20 -34.26 8.50
C ARG D 331 1.54 -33.60 8.77
N PHE D 332 2.62 -34.30 8.46
CA PHE D 332 3.97 -33.85 8.76
C PHE D 332 4.46 -32.92 7.67
N ALA D 333 4.50 -31.62 7.94
CA ALA D 333 5.11 -30.66 7.05
C ALA D 333 6.57 -31.04 6.81
N THR D 334 6.86 -31.51 5.60
CA THR D 334 8.15 -32.10 5.25
C THR D 334 8.83 -31.25 4.20
N SER D 335 10.06 -30.84 4.49
CA SER D 335 10.83 -30.13 3.47
C SER D 335 11.31 -31.11 2.42
N ASP D 336 11.54 -30.60 1.22
CA ASP D 336 11.95 -31.46 0.12
C ASP D 336 13.40 -31.93 0.26
N LEU D 337 14.24 -31.15 0.95
CA LEU D 337 15.63 -31.54 1.12
C LEU D 337 15.74 -32.90 1.77
N ASN D 338 14.87 -33.19 2.73
CA ASN D 338 14.88 -34.51 3.34
C ASN D 338 14.61 -35.59 2.32
N ASP D 339 13.67 -35.34 1.41
CA ASP D 339 13.40 -36.31 0.36
C ASP D 339 14.62 -36.53 -0.52
N LEU D 340 15.31 -35.45 -0.90
CA LEU D 340 16.48 -35.62 -1.77
C LEU D 340 17.59 -36.37 -1.05
N TYR D 341 17.85 -36.02 0.21
CA TYR D 341 18.88 -36.73 0.97
C TYR D 341 18.55 -38.21 1.09
N ARG D 342 17.29 -38.52 1.39
CA ARG D 342 16.89 -39.91 1.50
C ARG D 342 17.08 -40.65 0.19
N ARG D 343 16.73 -40.00 -0.92
CA ARG D 343 16.87 -40.64 -2.22
C ARG D 343 18.34 -40.95 -2.52
N VAL D 344 19.24 -40.05 -2.15
CA VAL D 344 20.66 -40.32 -2.35
C VAL D 344 21.12 -41.48 -1.48
N ILE D 345 20.75 -41.46 -0.20
CA ILE D 345 21.31 -42.41 0.75
C ILE D 345 20.85 -43.83 0.44
N ASN D 346 19.61 -43.99 -0.01
CA ASN D 346 19.14 -45.32 -0.38
C ASN D 346 20.08 -45.96 -1.40
N ARG D 347 20.36 -45.24 -2.50
CA ARG D 347 21.17 -45.81 -3.56
C ARG D 347 22.62 -45.96 -3.15
N ASN D 348 23.15 -45.04 -2.33
CA ASN D 348 24.51 -45.25 -1.85
C ASN D 348 24.62 -46.53 -1.04
N ASN D 349 23.65 -46.78 -0.16
CA ASN D 349 23.70 -48.01 0.62
C ASN D 349 23.51 -49.24 -0.27
N ARG D 350 22.64 -49.16 -1.28
CA ARG D 350 22.49 -50.30 -2.17
C ARG D 350 23.78 -50.60 -2.91
N LEU D 351 24.50 -49.57 -3.35
CA LEU D 351 25.79 -49.81 -4.00
C LEU D 351 26.80 -50.41 -3.02
N LYS D 352 26.80 -49.91 -1.79
CA LYS D 352 27.70 -50.48 -0.80
C LYS D 352 27.41 -51.96 -0.57
N ARG D 353 26.14 -52.35 -0.63
CA ARG D 353 25.72 -53.74 -0.49
C ARG D 353 26.06 -54.58 -1.73
N LEU D 354 26.01 -53.97 -2.91
CA LEU D 354 26.26 -54.71 -4.13
C LEU D 354 27.74 -54.89 -4.42
N ILE D 355 28.59 -54.01 -3.90
CA ILE D 355 30.02 -54.12 -4.18
C ILE D 355 30.60 -55.38 -3.57
N ASP D 356 30.24 -55.68 -2.32
CA ASP D 356 30.81 -56.80 -1.60
C ASP D 356 30.10 -58.12 -1.87
N LEU D 357 29.05 -58.12 -2.69
CA LEU D 357 28.41 -59.36 -3.12
C LEU D 357 28.86 -59.82 -4.49
N GLY D 358 29.90 -59.19 -5.04
CA GLY D 358 30.44 -59.64 -6.33
C GLY D 358 29.47 -59.51 -7.48
N ALA D 359 28.75 -58.40 -7.55
CA ALA D 359 27.73 -58.23 -8.56
C ALA D 359 28.36 -58.17 -9.95
N PRO D 360 27.62 -58.55 -10.98
CA PRO D 360 28.11 -58.43 -12.35
C PRO D 360 28.24 -56.96 -12.76
N GLU D 361 29.04 -56.74 -13.80
CA GLU D 361 29.49 -55.39 -14.11
C GLU D 361 28.34 -54.51 -14.58
N ILE D 362 27.39 -55.07 -15.33
CA ILE D 362 26.35 -54.24 -15.92
C ILE D 362 25.49 -53.58 -14.85
N ILE D 363 25.09 -54.34 -13.83
CA ILE D 363 24.17 -53.79 -12.85
C ILE D 363 24.86 -52.74 -11.97
N VAL D 364 26.12 -52.97 -11.61
CA VAL D 364 26.82 -51.96 -10.81
C VAL D 364 27.06 -50.71 -11.63
N ASN D 365 27.32 -50.86 -12.93
CA ASN D 365 27.43 -49.69 -13.78
C ASN D 365 26.12 -48.91 -13.80
N ASN D 366 25.00 -49.62 -13.94
CA ASN D 366 23.71 -48.93 -13.94
C ASN D 366 23.48 -48.20 -12.64
N GLU D 367 23.79 -48.84 -11.51
CA GLU D 367 23.53 -48.20 -10.23
C GLU D 367 24.45 -47.02 -9.99
N LYS D 368 25.69 -47.10 -10.46
CA LYS D 368 26.58 -45.95 -10.36
C LYS D 368 26.03 -44.77 -11.15
N ARG D 369 25.52 -45.05 -12.36
CA ARG D 369 24.88 -43.99 -13.13
C ARG D 369 23.70 -43.39 -12.37
N MET D 370 22.90 -44.25 -11.75
CA MET D 370 21.73 -43.77 -11.01
C MET D 370 22.15 -42.89 -9.84
N LEU D 371 23.18 -43.30 -9.11
CA LEU D 371 23.66 -42.51 -7.98
C LEU D 371 24.16 -41.14 -8.43
N GLN D 372 24.89 -41.11 -9.55
CA GLN D 372 25.35 -39.84 -10.07
C GLN D 372 24.18 -38.93 -10.41
N GLU D 373 23.15 -39.49 -11.05
CA GLU D 373 21.98 -38.67 -11.37
C GLU D 373 21.30 -38.17 -10.10
N SER D 374 21.26 -39.01 -9.06
CA SER D 374 20.62 -38.60 -7.83
C SER D 374 21.35 -37.43 -7.17
N VAL D 375 22.68 -37.50 -7.10
CA VAL D 375 23.43 -36.39 -6.52
C VAL D 375 23.24 -35.13 -7.36
N ASP D 376 23.26 -35.28 -8.69
CA ASP D 376 23.04 -34.12 -9.54
C ASP D 376 21.69 -33.47 -9.29
N ALA D 377 20.66 -34.29 -9.07
CA ALA D 377 19.36 -33.74 -8.69
C ALA D 377 19.44 -33.04 -7.33
N LEU D 378 20.23 -33.60 -6.41
CA LEU D 378 20.36 -32.98 -5.10
C LEU D 378 20.92 -31.57 -5.20
N PHE D 379 22.02 -31.41 -5.93
CA PHE D 379 22.66 -30.08 -5.97
C PHE D 379 21.81 -29.08 -6.74
N ASP D 380 21.18 -29.51 -7.82
CA ASP D 380 20.36 -28.59 -8.62
C ASP D 380 19.31 -29.40 -9.36
N ASN D 381 18.06 -29.28 -8.94
CA ASN D 381 16.96 -29.97 -9.59
C ASN D 381 16.59 -29.26 -10.89
N GLY D 382 16.14 -30.05 -11.85
CA GLY D 382 15.69 -29.50 -13.11
C GLY D 382 16.79 -29.05 -14.04
N ARG D 383 18.05 -29.36 -13.72
CA ARG D 383 19.14 -28.94 -14.60
C ARG D 383 19.23 -29.77 -15.87
N ARG D 384 18.77 -31.02 -15.81
CA ARG D 384 18.81 -31.90 -16.97
C ARG D 384 17.50 -32.66 -17.11
N GLY D 385 17.15 -32.95 -18.36
CA GLY D 385 16.02 -33.79 -18.70
C GLY D 385 14.75 -33.54 -17.92
N ARG D 386 14.03 -34.62 -17.60
CA ARG D 386 12.81 -34.49 -16.83
C ARG D 386 13.14 -34.23 -15.37
N PRO D 387 12.74 -33.09 -14.81
CA PRO D 387 13.07 -32.81 -13.41
C PRO D 387 12.33 -33.74 -12.47
N VAL D 388 12.94 -33.99 -11.31
CA VAL D 388 12.28 -34.77 -10.28
C VAL D 388 11.13 -33.97 -9.70
N THR D 389 9.96 -34.58 -9.61
CA THR D 389 8.77 -33.91 -9.13
C THR D 389 8.02 -34.78 -8.13
N GLY D 390 7.48 -34.16 -7.09
CA GLY D 390 6.65 -34.86 -6.16
C GLY D 390 5.23 -35.01 -6.66
N PRO D 391 4.40 -35.66 -5.85
CA PRO D 391 2.99 -35.82 -6.23
C PRO D 391 2.30 -34.48 -6.40
N GLY D 392 1.44 -34.39 -7.41
CA GLY D 392 0.86 -33.14 -7.81
C GLY D 392 1.67 -32.37 -8.83
N ASN D 393 2.71 -32.98 -9.41
CA ASN D 393 3.60 -32.33 -10.37
C ASN D 393 4.23 -31.07 -9.77
N ARG D 394 4.65 -31.16 -8.51
CA ARG D 394 5.37 -30.08 -7.86
C ARG D 394 6.86 -30.21 -8.15
N PRO D 395 7.49 -29.19 -8.73
CA PRO D 395 8.95 -29.21 -8.91
C PRO D 395 9.63 -29.07 -7.55
N LEU D 396 10.45 -30.06 -7.21
CA LEU D 396 11.09 -30.07 -5.90
C LEU D 396 12.10 -28.93 -5.78
N LYS D 397 12.26 -28.43 -4.56
CA LYS D 397 13.23 -27.39 -4.27
C LYS D 397 14.57 -28.04 -3.91
N SER D 398 15.58 -27.82 -4.73
CA SER D 398 16.89 -28.38 -4.50
C SER D 398 17.71 -27.43 -3.64
N LEU D 399 18.98 -27.75 -3.45
CA LEU D 399 19.86 -26.86 -2.68
C LEU D 399 20.06 -25.53 -3.38
N SER D 400 20.29 -25.55 -4.70
CA SER D 400 20.53 -24.31 -5.42
C SER D 400 19.31 -23.42 -5.47
N ASP D 401 18.14 -23.92 -5.11
CA ASP D 401 16.98 -23.06 -5.02
C ASP D 401 16.90 -22.32 -3.70
N LEU D 402 17.86 -22.54 -2.80
CA LEU D 402 17.95 -21.71 -1.61
C LEU D 402 18.63 -20.38 -1.90
N LEU D 403 19.27 -20.22 -3.04
CA LEU D 403 19.90 -18.97 -3.43
C LEU D 403 19.31 -18.38 -4.69
N LYS D 404 19.19 -19.18 -5.75
CA LYS D 404 18.70 -18.69 -7.03
C LYS D 404 17.24 -18.26 -6.90
N GLY D 405 16.88 -17.19 -7.61
CA GLY D 405 15.53 -16.70 -7.63
C GLY D 405 15.29 -15.59 -6.63
N LYS D 406 14.17 -14.89 -6.82
CA LYS D 406 13.83 -13.79 -5.92
C LYS D 406 13.59 -14.30 -4.50
N GLN D 407 13.13 -15.53 -4.36
CA GLN D 407 12.89 -16.12 -3.06
C GLN D 407 14.14 -16.74 -2.46
N GLY D 408 15.30 -16.53 -3.07
CA GLY D 408 16.54 -17.07 -2.55
C GLY D 408 17.03 -16.32 -1.33
N ARG D 409 18.06 -16.88 -0.71
CA ARG D 409 18.63 -16.24 0.47
C ARG D 409 19.32 -14.93 0.12
N PHE D 410 20.02 -14.88 -1.01
CA PHE D 410 20.82 -13.69 -1.31
C PHE D 410 19.99 -12.42 -1.41
N ARG D 411 18.69 -12.55 -1.69
CA ARG D 411 17.81 -11.39 -1.74
C ARG D 411 16.73 -11.44 -0.68
N GLN D 412 15.91 -12.50 -0.66
CA GLN D 412 14.62 -12.43 0.03
C GLN D 412 14.79 -12.14 1.51
N ASN D 413 15.73 -12.79 2.16
CA ASN D 413 15.90 -12.60 3.59
C ASN D 413 16.97 -11.57 3.93
N LEU D 414 17.69 -11.06 2.93
CA LEU D 414 18.78 -10.13 3.21
C LEU D 414 18.38 -8.66 3.05
N LEU D 415 17.24 -8.38 2.41
CA LEU D 415 16.76 -7.01 2.24
C LEU D 415 15.35 -6.91 2.80
N GLY D 416 15.25 -6.45 4.05
CA GLY D 416 14.00 -6.35 4.78
C GLY D 416 14.06 -7.10 6.10
N LYS D 417 13.75 -6.41 7.21
CA LYS D 417 13.86 -7.02 8.53
C LYS D 417 12.79 -6.45 9.45
N ARG D 418 12.56 -7.13 10.57
CA ARG D 418 11.64 -6.67 11.60
C ARG D 418 12.42 -6.30 12.85
N VAL D 419 12.20 -5.10 13.36
CA VAL D 419 13.07 -4.55 14.40
C VAL D 419 12.27 -4.32 15.67
N ASP D 420 13.00 -4.12 16.76
CA ASP D 420 12.44 -3.85 18.08
C ASP D 420 12.33 -2.34 18.30
N TYR D 421 11.92 -1.98 19.51
CA TYR D 421 11.90 -0.59 19.95
C TYR D 421 11.18 0.30 18.94
N SER D 422 10.07 -0.20 18.41
CA SER D 422 9.37 0.50 17.36
C SER D 422 7.90 0.61 17.72
N GLY D 423 7.18 1.39 16.93
CA GLY D 423 5.76 1.57 17.16
C GLY D 423 5.13 2.11 15.91
N ARG D 424 3.82 2.27 15.94
CA ARG D 424 3.11 2.76 14.77
C ARG D 424 1.79 3.35 15.20
N SER D 425 1.38 4.45 14.56
CA SER D 425 0.09 5.03 14.92
C SER D 425 -0.37 6.00 13.85
N VAL D 426 -1.60 6.47 14.00
CA VAL D 426 -2.19 7.43 13.08
C VAL D 426 -1.69 8.82 13.39
N ILE D 427 -1.39 9.61 12.35
CA ILE D 427 -0.87 10.96 12.54
C ILE D 427 -2.01 11.96 12.47
N VAL D 428 -1.76 13.13 13.06
CA VAL D 428 -2.76 14.17 13.21
C VAL D 428 -2.02 15.49 13.32
N VAL D 429 -2.56 16.53 12.68
CA VAL D 429 -1.88 17.81 12.59
C VAL D 429 -1.98 18.55 13.91
N GLY D 430 -0.84 18.96 14.45
CA GLY D 430 -0.82 19.71 15.68
C GLY D 430 0.00 20.96 15.55
N PRO D 431 -0.64 22.12 15.66
CA PRO D 431 0.03 23.38 15.29
C PRO D 431 0.60 24.20 16.45
N GLN D 432 0.69 23.66 17.65
CA GLN D 432 1.35 24.38 18.74
C GLN D 432 2.78 23.90 18.97
N LEU D 433 3.31 23.06 18.10
CA LEU D 433 4.66 22.53 18.25
C LEU D 433 5.67 23.41 17.54
N LYS D 434 6.91 23.40 18.03
CA LYS D 434 7.98 24.00 17.27
C LYS D 434 8.35 23.06 16.12
N LEU D 435 9.27 23.51 15.27
CA LEU D 435 9.56 22.75 14.06
C LEU D 435 10.26 21.43 14.35
N HIS D 436 10.88 21.26 15.52
CA HIS D 436 11.63 20.06 15.82
C HIS D 436 11.02 19.21 16.93
N GLN D 437 9.70 19.17 17.01
CA GLN D 437 9.04 18.37 18.05
C GLN D 437 7.94 17.52 17.43
N CYS D 438 7.66 16.41 18.08
CA CYS D 438 6.54 15.56 17.69
C CYS D 438 5.84 15.06 18.93
N GLY D 439 4.51 15.01 18.86
CA GLY D 439 3.76 14.45 19.96
C GLY D 439 3.97 12.96 20.08
N LEU D 440 3.62 12.42 21.23
CA LEU D 440 3.76 11.01 21.42
C LEU D 440 2.72 10.63 22.46
N PRO D 441 1.88 9.63 22.20
CA PRO D 441 0.92 9.21 23.20
C PRO D 441 1.62 8.65 24.43
N LYS D 442 0.97 8.80 25.59
CA LYS D 442 1.56 8.26 26.81
C LYS D 442 1.68 6.75 26.73
N LEU D 443 0.61 6.09 26.29
CA LEU D 443 0.53 4.63 26.31
C LEU D 443 1.50 3.97 25.34
N MET D 444 2.12 4.73 24.45
CA MET D 444 3.18 4.20 23.61
C MET D 444 4.56 4.61 24.08
N ALA D 445 4.71 5.83 24.59
CA ALA D 445 6.02 6.24 25.09
C ALA D 445 6.41 5.45 26.32
N LEU D 446 5.43 5.02 27.11
CA LEU D 446 5.73 4.16 28.24
C LEU D 446 6.10 2.76 27.79
N GLU D 447 5.89 2.43 26.53
CA GLU D 447 6.26 1.12 26.01
C GLU D 447 7.58 1.13 25.26
N LEU D 448 7.90 2.22 24.56
CA LEU D 448 9.20 2.29 23.90
C LEU D 448 10.32 2.53 24.91
N PHE D 449 10.06 3.37 25.90
CA PHE D 449 11.07 3.73 26.89
C PHE D 449 10.97 2.87 28.14
N LYS D 450 10.59 1.61 28.00
CA LYS D 450 10.45 0.75 29.16
C LYS D 450 11.76 0.49 29.90
N PRO D 451 12.85 0.06 29.25
CA PRO D 451 14.04 -0.26 30.03
C PRO D 451 14.67 0.94 30.71
N PHE D 452 14.71 2.08 30.05
CA PHE D 452 15.25 3.28 30.70
C PHE D 452 14.44 3.62 31.94
N VAL D 453 13.12 3.51 31.85
CA VAL D 453 12.27 3.80 32.99
C VAL D 453 12.52 2.80 34.11
N MET D 454 12.68 1.53 33.78
CA MET D 454 12.99 0.53 34.81
C MET D 454 14.27 0.91 35.54
N LYS D 455 15.30 1.28 34.79
CA LYS D 455 16.57 1.62 35.42
C LYS D 455 16.40 2.82 36.34
N ARG D 456 15.76 3.87 35.87
CA ARG D 456 15.68 5.07 36.71
C ARG D 456 14.69 4.90 37.85
N LEU D 457 13.76 3.96 37.76
CA LEU D 457 12.93 3.66 38.90
C LEU D 457 13.71 2.92 39.96
N VAL D 458 14.51 1.91 39.55
CA VAL D 458 15.32 1.21 40.54
C VAL D 458 16.37 2.13 41.12
N ASP D 459 16.77 3.17 40.40
CA ASP D 459 17.81 4.06 40.93
C ASP D 459 17.26 4.99 41.99
N LEU D 460 16.06 5.52 41.80
CA LEU D 460 15.49 6.49 42.73
C LEU D 460 14.78 5.85 43.91
N ASN D 461 15.07 4.59 44.19
CA ASN D 461 14.60 3.89 45.39
C ASN D 461 13.09 3.76 45.44
N HIS D 462 12.39 3.98 44.33
CA HIS D 462 10.96 3.67 44.29
C HIS D 462 10.71 2.18 44.16
N ALA D 463 11.71 1.41 43.73
CA ALA D 463 11.58 -0.04 43.62
C ALA D 463 12.88 -0.68 44.08
N GLN D 464 12.77 -1.77 44.83
CA GLN D 464 13.95 -2.39 45.40
C GLN D 464 14.78 -3.10 44.34
N ASN D 465 14.14 -3.89 43.49
CA ASN D 465 14.84 -4.70 42.51
C ASN D 465 14.16 -4.57 41.16
N ILE D 466 14.83 -5.09 40.14
CA ILE D 466 14.39 -4.88 38.76
C ILE D 466 13.02 -5.53 38.53
N LYS D 467 12.78 -6.70 39.12
CA LYS D 467 11.51 -7.38 38.88
C LYS D 467 10.33 -6.56 39.40
N SER D 468 10.44 -6.01 40.60
CA SER D 468 9.38 -5.16 41.11
C SER D 468 9.19 -3.94 40.23
N ALA D 469 10.30 -3.37 39.75
CA ALA D 469 10.20 -2.20 38.88
C ALA D 469 9.46 -2.54 37.60
N LYS D 470 9.77 -3.68 37.00
CA LYS D 470 9.08 -4.09 35.78
C LYS D 470 7.61 -4.31 36.05
N ARG D 471 7.28 -4.89 37.21
CA ARG D 471 5.88 -5.03 37.57
C ARG D 471 5.20 -3.68 37.67
N MET D 472 5.86 -2.72 38.31
CA MET D 472 5.27 -1.40 38.49
C MET D 472 5.03 -0.72 37.15
N VAL D 473 5.99 -0.84 36.24
CA VAL D 473 5.82 -0.26 34.91
C VAL D 473 4.66 -0.92 34.20
N GLU D 474 4.58 -2.25 34.27
CA GLU D 474 3.51 -2.93 33.55
C GLU D 474 2.14 -2.59 34.12
N ARG D 475 2.04 -2.33 35.42
CA ARG D 475 0.76 -1.99 36.02
C ARG D 475 0.48 -0.50 36.01
N GLN D 476 1.45 0.33 35.63
CA GLN D 476 1.25 1.77 35.42
C GLN D 476 0.82 2.48 36.71
N ARG D 477 1.63 2.31 37.74
CA ARG D 477 1.37 2.97 39.00
C ARG D 477 1.71 4.46 38.90
N PRO D 478 1.10 5.29 39.73
CA PRO D 478 1.30 6.75 39.58
C PRO D 478 2.71 7.22 39.85
N GLN D 479 3.64 6.36 40.25
CA GLN D 479 5.01 6.81 40.43
C GLN D 479 5.75 6.98 39.12
N VAL D 480 5.39 6.20 38.09
CA VAL D 480 6.22 6.13 36.90
C VAL D 480 6.18 7.43 36.11
N TRP D 481 5.00 8.07 36.03
CA TRP D 481 4.85 9.21 35.14
C TRP D 481 5.81 10.34 35.48
N ASP D 482 6.20 10.47 36.75
CA ASP D 482 7.19 11.47 37.09
C ASP D 482 8.52 11.16 36.44
N VAL D 483 8.91 9.89 36.43
CA VAL D 483 10.20 9.51 35.85
C VAL D 483 10.16 9.60 34.35
N LEU D 484 9.02 9.31 33.74
CA LEU D 484 8.96 9.19 32.30
C LEU D 484 9.28 10.51 31.60
N GLU D 485 8.73 11.62 32.10
CA GLU D 485 9.04 12.89 31.47
C GLU D 485 10.47 13.31 31.68
N GLU D 486 11.14 12.78 32.71
CA GLU D 486 12.55 13.07 32.89
C GLU D 486 13.40 12.28 31.91
N VAL D 487 13.10 10.99 31.72
CA VAL D 487 14.00 10.17 30.93
C VAL D 487 13.98 10.59 29.46
N ILE D 488 12.79 10.89 28.92
CA ILE D 488 12.68 11.14 27.49
C ILE D 488 13.09 12.55 27.09
N ALA D 489 13.57 13.36 28.02
CA ALA D 489 13.98 14.72 27.66
C ALA D 489 15.12 14.67 26.66
N GLU D 490 14.99 15.46 25.60
CA GLU D 490 15.98 15.59 24.52
C GLU D 490 16.60 14.25 24.14
N HIS D 491 15.74 13.26 23.93
CA HIS D 491 16.14 11.96 23.42
C HIS D 491 15.44 11.72 22.09
N PRO D 492 16.11 11.97 20.98
CA PRO D 492 15.41 11.97 19.68
C PRO D 492 14.93 10.59 19.27
N VAL D 493 13.81 10.60 18.55
CA VAL D 493 13.25 9.42 17.90
C VAL D 493 13.22 9.67 16.41
N LEU D 494 12.87 8.64 15.64
CA LEU D 494 12.84 8.74 14.19
C LEU D 494 11.43 8.43 13.68
N LEU D 495 10.88 9.31 12.87
CA LEU D 495 9.57 9.07 12.29
C LEU D 495 9.74 8.75 10.82
N ASN D 496 9.05 7.72 10.38
CA ASN D 496 9.02 7.32 8.98
C ASN D 496 7.57 7.16 8.54
N ARG D 497 7.31 7.41 7.26
CA ARG D 497 5.95 7.36 6.73
C ARG D 497 5.93 6.40 5.55
N ALA D 498 5.59 5.15 5.82
CA ALA D 498 5.66 4.13 4.79
C ALA D 498 4.61 4.39 3.71
N PRO D 499 4.99 4.35 2.43
CA PRO D 499 6.32 4.13 1.87
C PRO D 499 7.13 5.41 1.83
N THR D 500 8.45 5.34 1.94
CA THR D 500 9.29 6.52 1.87
C THR D 500 9.90 6.63 0.49
N LEU D 501 9.84 7.82 -0.10
CA LEU D 501 10.32 8.04 -1.46
C LEU D 501 11.72 8.65 -1.48
N HIS D 502 11.89 9.81 -0.89
CA HIS D 502 13.15 10.54 -0.94
C HIS D 502 13.77 10.60 0.45
N ARG D 503 14.99 11.11 0.51
CA ARG D 503 15.77 11.04 1.74
C ARG D 503 15.16 11.85 2.87
N LEU D 504 14.19 12.71 2.58
CA LEU D 504 13.48 13.44 3.61
C LEU D 504 12.32 12.65 4.18
N GLY D 505 12.14 11.41 3.73
CA GLY D 505 11.01 10.61 4.16
C GLY D 505 11.13 10.10 5.58
N ILE D 506 12.34 9.98 6.11
CA ILE D 506 12.55 9.57 7.48
C ILE D 506 13.33 10.67 8.18
N GLN D 507 12.78 11.20 9.27
CA GLN D 507 13.41 12.34 9.91
C GLN D 507 13.40 12.17 11.41
N ALA D 508 14.41 12.72 12.06
CA ALA D 508 14.45 12.68 13.51
C ALA D 508 13.48 13.70 14.09
N PHE D 509 13.27 13.60 15.40
CA PHE D 509 12.40 14.53 16.11
C PHE D 509 12.68 14.39 17.59
N GLU D 510 12.23 15.37 18.36
CA GLU D 510 12.22 15.24 19.80
C GLU D 510 10.82 14.94 20.28
N PRO D 511 10.62 13.96 21.16
CA PRO D 511 9.27 13.62 21.60
C PRO D 511 8.75 14.58 22.64
N MET D 512 7.44 14.74 22.65
CA MET D 512 6.73 15.44 23.71
C MET D 512 5.54 14.58 24.11
N LEU D 513 5.43 14.28 25.40
CA LEU D 513 4.28 13.53 25.86
C LEU D 513 3.01 14.31 25.59
N VAL D 514 1.97 13.62 25.15
CA VAL D 514 0.68 14.26 24.94
C VAL D 514 -0.40 13.21 25.11
N GLU D 515 -1.58 13.65 25.52
CA GLU D 515 -2.70 12.76 25.70
C GLU D 515 -3.22 12.30 24.34
N GLY D 516 -4.30 11.54 24.36
CA GLY D 516 -4.84 11.02 23.13
C GLY D 516 -4.13 9.76 22.68
N LYS D 517 -4.43 9.37 21.45
CA LYS D 517 -3.91 8.13 20.89
C LYS D 517 -3.40 8.31 19.47
N ALA D 518 -2.95 9.51 19.12
CA ALA D 518 -2.44 9.78 17.79
C ALA D 518 -1.15 10.57 17.88
N ILE D 519 -0.25 10.32 16.93
CA ILE D 519 1.02 11.02 16.88
C ILE D 519 0.80 12.37 16.24
N GLN D 520 0.92 13.43 17.02
CA GLN D 520 0.80 14.76 16.43
C GLN D 520 1.98 15.04 15.52
N LEU D 521 1.88 16.11 14.74
CA LEU D 521 2.93 16.45 13.81
C LEU D 521 2.93 17.95 13.56
N HIS D 522 4.03 18.45 13.04
CA HIS D 522 4.10 19.87 12.69
C HIS D 522 3.63 20.07 11.25
N PRO D 523 2.76 21.02 10.98
CA PRO D 523 2.15 21.09 9.63
C PRO D 523 3.16 21.25 8.52
N LEU D 524 4.22 22.04 8.72
CA LEU D 524 5.13 22.36 7.63
C LEU D 524 5.74 21.10 7.02
N VAL D 525 6.06 20.11 7.86
CA VAL D 525 6.74 18.93 7.34
C VAL D 525 5.80 17.98 6.63
N CYS D 526 4.51 18.29 6.54
CA CYS D 526 3.59 17.41 5.84
C CYS D 526 4.02 17.20 4.39
N GLU D 527 4.36 18.28 3.70
CA GLU D 527 4.84 18.16 2.33
C GLU D 527 6.11 17.34 2.26
N ALA D 528 6.93 17.38 3.32
CA ALA D 528 8.10 16.52 3.34
C ALA D 528 7.70 15.05 3.32
N PHE D 529 6.65 14.70 4.06
CA PHE D 529 6.12 13.35 4.07
C PHE D 529 5.06 13.13 3.01
N ASN D 530 4.72 14.16 2.23
CA ASN D 530 3.64 14.13 1.26
C ASN D 530 2.40 13.44 1.82
N ALA D 531 2.11 13.67 3.09
CA ALA D 531 1.04 12.98 3.78
C ALA D 531 -0.06 13.96 4.13
N ASP D 532 -1.27 13.67 3.68
CA ASP D 532 -2.45 14.39 4.15
C ASP D 532 -3.01 13.65 5.36
N PHE D 533 -4.17 14.06 5.83
CA PHE D 533 -4.65 13.55 7.11
C PHE D 533 -5.96 12.78 6.95
N ASP D 534 -6.04 11.91 5.95
CA ASP D 534 -7.19 11.03 5.81
C ASP D 534 -7.07 9.76 6.64
N GLY D 535 -5.97 9.58 7.36
CA GLY D 535 -5.78 8.38 8.15
C GLY D 535 -4.51 7.63 7.82
N ASP D 536 -3.51 8.35 7.31
CA ASP D 536 -2.25 7.71 6.96
C ASP D 536 -1.37 7.61 8.20
N GLN D 537 -0.85 6.42 8.47
CA GLN D 537 -0.14 6.15 9.70
C GLN D 537 1.38 6.31 9.51
N MET D 538 2.08 6.40 10.63
CA MET D 538 3.53 6.55 10.62
C MET D 538 4.14 5.63 11.65
N ALA D 539 5.38 5.24 11.39
CA ALA D 539 6.14 4.32 12.23
C ALA D 539 7.20 5.08 12.98
N VAL D 540 7.44 4.67 14.22
CA VAL D 540 8.37 5.33 15.11
C VAL D 540 9.47 4.36 15.46
N HIS D 541 10.72 4.76 15.25
CA HIS D 541 11.86 3.97 15.68
C HIS D 541 12.62 4.75 16.73
N LEU D 542 13.39 4.04 17.53
CA LEU D 542 14.11 4.66 18.61
C LEU D 542 15.57 4.25 18.53
N PRO D 543 16.51 5.20 18.58
CA PRO D 543 17.93 4.85 18.68
C PRO D 543 18.37 4.72 20.12
N LEU D 544 19.37 3.85 20.33
CA LEU D 544 19.83 3.54 21.67
C LEU D 544 21.25 4.00 21.96
N SER D 545 22.23 3.54 21.18
CA SER D 545 23.62 3.78 21.51
C SER D 545 23.96 5.25 21.41
N ALA D 546 25.12 5.61 21.97
CA ALA D 546 25.54 7.00 21.92
C ALA D 546 25.78 7.46 20.49
N GLU D 547 26.38 6.60 19.67
CA GLU D 547 26.60 6.96 18.28
C GLU D 547 25.28 7.25 17.58
N ALA D 548 24.28 6.41 17.80
CA ALA D 548 23.01 6.59 17.11
C ALA D 548 22.30 7.85 17.57
N GLN D 549 22.33 8.14 18.86
CA GLN D 549 21.70 9.36 19.35
C GLN D 549 22.38 10.59 18.77
N ALA D 550 23.71 10.60 18.75
CA ALA D 550 24.42 11.76 18.19
C ALA D 550 24.12 11.91 16.72
N GLU D 551 24.09 10.80 15.99
CA GLU D 551 23.83 10.85 14.56
C GLU D 551 22.42 11.34 14.27
N ALA D 552 21.44 10.92 15.08
CA ALA D 552 20.09 11.41 14.87
C ALA D 552 19.95 12.86 15.28
N ARG D 553 20.75 13.31 16.23
CA ARG D 553 20.64 14.71 16.64
C ARG D 553 21.29 15.65 15.65
N ILE D 554 22.38 15.25 15.01
CA ILE D 554 23.17 16.16 14.19
C ILE D 554 22.81 16.06 12.71
N LEU D 555 22.74 14.84 12.17
CA LEU D 555 22.55 14.68 10.74
C LEU D 555 21.08 14.72 10.34
N MET D 556 20.22 14.01 11.06
CA MET D 556 18.87 13.75 10.59
C MET D 556 17.81 14.61 11.23
N LEU D 557 18.19 15.65 11.97
CA LEU D 557 17.18 16.46 12.65
C LEU D 557 16.30 17.15 11.62
N SER D 558 15.04 17.35 11.98
CA SER D 558 14.11 17.96 11.02
C SER D 558 14.42 19.43 10.82
N SER D 559 14.86 20.11 11.89
CA SER D 559 15.15 21.53 11.79
C SER D 559 16.34 21.84 10.89
N ASN D 560 17.17 20.85 10.55
CA ASN D 560 18.33 21.08 9.71
C ASN D 560 18.09 20.77 8.24
N ASN D 561 17.08 19.96 7.93
CA ASN D 561 16.75 19.65 6.54
C ASN D 561 15.54 20.47 6.12
N ILE D 562 15.77 21.76 5.88
CA ILE D 562 14.75 22.61 5.30
C ILE D 562 14.89 22.69 3.78
N LEU D 563 16.06 22.38 3.24
CA LEU D 563 16.35 22.57 1.82
C LEU D 563 16.21 21.25 1.08
N SER D 564 15.39 21.24 0.05
CA SER D 564 15.15 20.03 -0.70
C SER D 564 16.42 19.55 -1.38
N PRO D 565 16.69 18.25 -1.39
CA PRO D 565 17.92 17.75 -2.02
C PRO D 565 17.95 17.97 -3.51
N ALA D 566 16.81 18.21 -4.15
CA ALA D 566 16.78 18.32 -5.60
C ALA D 566 17.21 19.70 -6.07
N SER D 567 16.46 20.74 -5.71
CA SER D 567 16.66 22.04 -6.31
C SER D 567 17.41 23.01 -5.41
N GLY D 568 17.34 22.84 -4.10
CA GLY D 568 17.94 23.80 -3.19
C GLY D 568 17.01 24.90 -2.74
N ARG D 569 15.84 25.03 -3.35
CA ARG D 569 14.82 25.93 -2.85
C ARG D 569 14.18 25.31 -1.61
N PRO D 570 14.04 26.04 -0.51
CA PRO D 570 13.42 25.46 0.69
C PRO D 570 12.03 24.94 0.38
N LEU D 571 11.71 23.78 0.96
CA LEU D 571 10.39 23.18 0.79
C LEU D 571 9.54 23.23 2.05
N ALA D 572 10.02 23.90 3.09
CA ALA D 572 9.22 24.14 4.30
C ALA D 572 8.74 25.59 4.25
N MET D 573 7.62 25.80 3.59
CA MET D 573 7.05 27.12 3.37
C MET D 573 5.59 27.12 3.76
N PRO D 574 5.00 28.29 4.02
CA PRO D 574 3.56 28.35 4.22
C PRO D 574 2.82 27.78 3.02
N ARG D 575 1.82 26.93 3.29
CA ARG D 575 1.25 26.11 2.23
C ARG D 575 -0.20 26.40 1.91
N LEU D 576 -1.14 26.20 2.83
CA LEU D 576 -2.55 26.23 2.46
C LEU D 576 -3.34 27.32 3.16
N ASP D 577 -3.33 27.36 4.49
CA ASP D 577 -4.03 28.41 5.20
C ASP D 577 -3.13 29.56 5.60
N MET D 578 -1.86 29.28 5.87
CA MET D 578 -0.95 30.37 6.20
C MET D 578 -0.89 31.35 5.05
N VAL D 579 -0.93 30.85 3.81
CA VAL D 579 -0.80 31.72 2.66
C VAL D 579 -1.96 32.69 2.61
N THR D 580 -3.18 32.21 2.78
CA THR D 580 -4.31 33.12 2.70
C THR D 580 -4.41 34.01 3.92
N GLY D 581 -3.97 33.54 5.08
CA GLY D 581 -3.92 34.42 6.23
C GLY D 581 -3.01 35.61 5.97
N LEU D 582 -1.80 35.35 5.49
CA LEU D 582 -0.88 36.44 5.22
C LEU D 582 -1.38 37.32 4.08
N TYR D 583 -1.97 36.72 3.05
CA TYR D 583 -2.50 37.52 1.95
C TYR D 583 -3.64 38.40 2.39
N TYR D 584 -4.36 38.02 3.45
CA TYR D 584 -5.38 38.92 3.96
C TYR D 584 -4.76 40.01 4.81
N LEU D 585 -3.87 39.64 5.73
CA LEU D 585 -3.35 40.62 6.69
C LEU D 585 -2.51 41.69 6.02
N THR D 586 -1.93 41.43 4.86
CA THR D 586 -1.11 42.43 4.20
C THR D 586 -1.79 43.11 3.03
N THR D 587 -3.05 42.80 2.76
CA THR D 587 -3.76 43.51 1.71
C THR D 587 -4.05 44.93 2.15
N GLU D 588 -4.31 45.80 1.18
CA GLU D 588 -4.65 47.19 1.44
C GLU D 588 -5.96 47.51 0.74
N VAL D 589 -6.89 48.10 1.47
CA VAL D 589 -8.19 48.49 0.94
C VAL D 589 -8.27 50.01 0.97
N PRO D 590 -8.65 50.66 -0.13
CA PRO D 590 -8.60 52.13 -0.18
C PRO D 590 -9.75 52.83 0.53
N GLY D 591 -10.67 52.11 1.16
CA GLY D 591 -11.80 52.80 1.75
C GLY D 591 -12.12 52.42 3.19
N ASP D 592 -11.10 52.12 3.98
CA ASP D 592 -11.33 51.62 5.33
C ASP D 592 -11.21 52.75 6.35
N THR D 593 -11.71 52.48 7.55
CA THR D 593 -11.70 53.46 8.62
C THR D 593 -10.29 53.68 9.15
N GLY D 594 -10.08 54.85 9.74
CA GLY D 594 -8.75 55.22 10.20
C GLY D 594 -7.77 55.50 9.10
N GLU D 595 -8.25 55.73 7.88
CA GLU D 595 -7.37 55.91 6.74
C GLU D 595 -6.62 57.22 6.86
N TYR D 596 -5.55 57.34 6.09
CA TYR D 596 -4.81 58.60 6.02
C TYR D 596 -5.69 59.69 5.43
N GLN D 597 -5.62 60.88 6.01
CA GLN D 597 -6.31 62.05 5.48
C GLN D 597 -5.35 63.22 5.48
N PRO D 598 -5.04 63.79 4.32
CA PRO D 598 -4.18 64.98 4.30
C PRO D 598 -4.89 66.16 4.95
N ALA D 599 -4.08 67.08 5.47
CA ALA D 599 -4.63 68.23 6.18
C ALA D 599 -5.48 69.09 5.25
N SER D 600 -6.58 69.60 5.79
CA SER D 600 -7.47 70.47 5.02
C SER D 600 -8.29 71.30 5.99
N GLY D 601 -8.17 72.62 5.92
CA GLY D 601 -8.99 73.48 6.74
C GLY D 601 -8.64 73.34 8.21
N ASP D 602 -9.68 73.18 9.04
CA ASP D 602 -9.51 73.16 10.48
C ASP D 602 -9.15 71.78 11.02
N HIS D 603 -9.08 70.76 10.18
CA HIS D 603 -8.73 69.42 10.65
C HIS D 603 -7.30 69.12 10.26
N PRO D 604 -6.38 68.98 11.23
CA PRO D 604 -5.00 68.65 10.87
C PRO D 604 -4.85 67.20 10.45
N GLU D 605 -3.62 66.75 10.23
CA GLU D 605 -3.40 65.39 9.75
C GLU D 605 -3.91 64.38 10.74
N THR D 606 -4.84 63.54 10.30
CA THR D 606 -5.39 62.46 11.11
C THR D 606 -4.97 61.13 10.50
N GLY D 607 -4.30 60.31 11.28
CA GLY D 607 -3.81 59.05 10.77
C GLY D 607 -2.31 58.94 10.83
N VAL D 608 -1.69 59.68 11.74
CA VAL D 608 -0.25 59.61 11.98
C VAL D 608 -0.05 59.09 13.39
N TYR D 609 0.65 57.96 13.50
CA TYR D 609 0.79 57.26 14.78
C TYR D 609 2.25 57.23 15.20
N SER D 610 2.49 57.51 16.48
CA SER D 610 3.84 57.72 16.97
C SER D 610 4.69 56.48 16.81
N SER D 611 4.15 55.31 17.18
CA SER D 611 4.91 54.07 17.12
C SER D 611 3.91 52.93 17.06
N PRO D 612 4.26 51.81 16.44
CA PRO D 612 3.28 50.72 16.29
C PRO D 612 2.70 50.26 17.62
N ALA D 613 3.41 50.47 18.72
CA ALA D 613 2.83 50.17 20.02
C ALA D 613 1.54 50.95 20.23
N GLU D 614 1.48 52.18 19.74
CA GLU D 614 0.23 52.93 19.82
C GLU D 614 -0.77 52.44 18.79
N ALA D 615 -0.30 52.04 17.60
CA ALA D 615 -1.22 51.59 16.56
C ALA D 615 -1.99 50.35 17.01
N ILE D 616 -1.31 49.44 17.70
CA ILE D 616 -2.00 48.22 18.17
C ILE D 616 -3.09 48.58 19.18
N MET D 617 -2.80 49.50 20.10
CA MET D 617 -3.84 49.95 21.02
C MET D 617 -5.00 50.57 20.27
N ALA D 618 -4.68 51.37 19.24
CA ALA D 618 -5.74 52.00 18.47
C ALA D 618 -6.63 50.95 17.80
N ALA D 619 -6.02 49.94 17.20
CA ALA D 619 -6.80 48.88 16.57
C ALA D 619 -7.63 48.13 17.60
N ASP D 620 -7.07 47.93 18.80
CA ASP D 620 -7.81 47.24 19.85
C ASP D 620 -9.05 48.03 20.25
N ARG D 621 -8.94 49.35 20.37
CA ARG D 621 -10.09 50.11 20.83
C ARG D 621 -11.25 50.03 19.84
N GLY D 622 -10.95 50.11 18.55
CA GLY D 622 -12.00 49.99 17.56
C GLY D 622 -12.10 51.18 16.63
N VAL D 623 -11.00 51.91 16.47
CA VAL D 623 -10.96 53.04 15.56
C VAL D 623 -10.16 52.72 14.30
N LEU D 624 -9.11 51.94 14.42
CA LEU D 624 -8.22 51.63 13.32
C LEU D 624 -8.43 50.19 12.87
N SER D 625 -8.62 50.00 11.57
CA SER D 625 -8.66 48.68 10.99
C SER D 625 -7.29 48.33 10.43
N VAL D 626 -6.93 47.05 10.51
CA VAL D 626 -5.57 46.64 10.23
C VAL D 626 -5.22 46.61 8.75
N ARG D 627 -6.10 47.11 7.90
CA ARG D 627 -5.83 47.14 6.47
C ARG D 627 -6.04 48.53 5.88
N ALA D 628 -5.74 49.58 6.63
CA ALA D 628 -5.94 50.95 6.17
C ALA D 628 -4.62 51.70 6.18
N LYS D 629 -4.39 52.49 5.14
CA LYS D 629 -3.10 53.12 4.93
C LYS D 629 -2.87 54.25 5.93
N ILE D 630 -1.70 54.24 6.59
CA ILE D 630 -1.33 55.23 7.58
C ILE D 630 0.15 55.55 7.42
N LYS D 631 0.58 56.59 8.14
CA LYS D 631 1.99 56.94 8.28
C LYS D 631 2.40 56.68 9.71
N VAL D 632 3.42 55.86 9.90
CA VAL D 632 3.85 55.49 11.23
C VAL D 632 5.36 55.61 11.34
N ARG D 633 5.83 56.05 12.50
CA ARG D 633 7.25 56.14 12.77
C ARG D 633 7.78 54.79 13.24
N LEU D 634 8.83 54.33 12.60
CA LEU D 634 9.46 53.06 12.92
C LEU D 634 10.83 53.29 13.53
N THR D 635 11.19 52.42 14.47
CA THR D 635 12.40 52.59 15.25
C THR D 635 13.26 51.34 15.33
N GLN D 636 12.77 50.18 14.89
CA GLN D 636 13.55 48.96 14.97
C GLN D 636 13.70 48.23 13.65
N LEU D 637 12.99 48.64 12.61
CA LEU D 637 12.97 47.91 11.36
C LEU D 637 13.76 48.69 10.31
N ARG D 638 14.75 48.03 9.73
CA ARG D 638 15.61 48.72 8.77
C ARG D 638 14.79 49.16 7.56
N PRO D 639 14.86 50.42 7.17
CA PRO D 639 14.08 50.90 6.03
C PRO D 639 14.62 50.32 4.74
N PRO D 640 13.85 50.37 3.66
CA PRO D 640 14.28 49.74 2.41
C PRO D 640 15.59 50.31 1.94
N VAL D 641 16.27 49.55 1.07
CA VAL D 641 17.59 49.93 0.61
C VAL D 641 17.61 51.28 -0.07
N GLU D 642 16.45 51.81 -0.45
CA GLU D 642 16.39 53.08 -1.17
C GLU D 642 16.13 54.25 -0.22
N ILE D 643 15.11 54.14 0.65
CA ILE D 643 14.81 55.22 1.58
C ILE D 643 15.97 55.49 2.51
N GLU D 644 16.72 54.44 2.86
CA GLU D 644 17.84 54.61 3.78
C GLU D 644 18.89 55.55 3.20
N ALA D 645 19.11 55.49 1.88
CA ALA D 645 20.10 56.35 1.26
C ALA D 645 19.75 57.83 1.45
N GLU D 646 18.50 58.19 1.22
CA GLU D 646 18.09 59.58 1.34
C GLU D 646 18.04 60.02 2.80
N LEU D 647 17.46 59.19 3.66
CA LEU D 647 17.26 59.59 5.05
C LEU D 647 18.51 59.49 5.90
N PHE D 648 19.53 58.76 5.46
CA PHE D 648 20.69 58.49 6.28
C PHE D 648 22.02 58.64 5.57
N GLY D 649 22.03 58.75 4.25
CA GLY D 649 23.29 58.87 3.53
C GLY D 649 24.19 57.67 3.67
N HIS D 650 23.65 56.53 4.11
CA HIS D 650 24.42 55.34 4.45
C HIS D 650 25.58 55.69 5.37
N SER D 651 25.32 56.59 6.32
CA SER D 651 26.24 56.79 7.43
C SER D 651 26.20 55.63 8.41
N GLY D 652 25.27 54.70 8.24
CA GLY D 652 25.11 53.56 9.12
C GLY D 652 23.82 53.61 9.89
N TRP D 653 22.82 52.85 9.44
CA TRP D 653 21.59 52.73 10.19
C TRP D 653 21.83 51.94 11.47
N GLN D 654 21.17 52.34 12.54
CA GLN D 654 21.32 51.67 13.83
C GLN D 654 19.96 51.42 14.45
N PRO D 655 19.84 50.41 15.29
CA PRO D 655 18.61 50.24 16.06
C PRO D 655 18.42 51.37 17.04
N GLY D 656 17.38 52.17 16.85
CA GLY D 656 17.17 53.32 17.70
C GLY D 656 16.90 54.56 16.87
N ASP D 657 17.50 54.61 15.68
CA ASP D 657 17.19 55.69 14.75
C ASP D 657 15.75 55.58 14.29
N ALA D 658 15.12 56.73 14.06
CA ALA D 658 13.72 56.77 13.72
C ALA D 658 13.52 57.21 12.28
N TRP D 659 12.48 56.68 11.65
CA TRP D 659 12.08 57.17 10.34
C TRP D 659 10.57 57.02 10.22
N MET D 660 10.02 57.50 9.11
CA MET D 660 8.58 57.48 8.91
C MET D 660 8.23 56.72 7.65
N ALA D 661 7.22 55.86 7.74
CA ALA D 661 6.86 54.97 6.64
C ALA D 661 5.38 55.02 6.38
N GLU D 662 5.01 54.92 5.10
CA GLU D 662 3.61 54.93 4.67
C GLU D 662 3.20 53.49 4.38
N THR D 663 2.57 52.86 5.36
CA THR D 663 2.18 51.47 5.23
C THR D 663 0.84 51.26 5.90
N THR D 664 0.37 50.03 5.86
CA THR D 664 -0.70 49.66 6.75
C THR D 664 -0.12 49.19 8.08
N LEU D 665 -0.97 49.02 9.07
CA LEU D 665 -0.51 48.38 10.29
C LEU D 665 -0.13 46.93 10.02
N GLY D 666 -0.78 46.31 9.05
CA GLY D 666 -0.53 44.90 8.80
C GLY D 666 0.89 44.62 8.39
N ARG D 667 1.43 45.40 7.46
CA ARG D 667 2.78 45.14 7.01
C ARG D 667 3.78 45.43 8.11
N VAL D 668 3.49 46.38 8.99
CA VAL D 668 4.35 46.60 10.15
C VAL D 668 4.35 45.37 11.04
N MET D 669 3.18 44.79 11.27
CA MET D 669 3.13 43.57 12.09
C MET D 669 3.86 42.43 11.41
N PHE D 670 3.70 42.29 10.09
CA PHE D 670 4.29 41.16 9.38
C PHE D 670 5.80 41.28 9.31
N ASN D 671 6.34 42.49 9.22
CA ASN D 671 7.79 42.61 9.21
C ASN D 671 8.41 42.42 10.57
N GLU D 672 7.64 42.47 11.66
CA GLU D 672 8.24 42.23 12.95
C GLU D 672 8.59 40.76 13.16
N LEU D 673 8.18 39.89 12.25
CA LEU D 673 8.50 38.47 12.35
C LEU D 673 9.77 38.10 11.62
N LEU D 674 10.11 38.81 10.56
CA LEU D 674 11.36 38.56 9.86
C LEU D 674 12.53 38.93 10.76
N PRO D 675 13.71 38.36 10.52
CA PRO D 675 14.82 38.55 11.46
C PRO D 675 15.24 40.00 11.54
N LEU D 676 15.83 40.36 12.68
CA LEU D 676 16.29 41.73 12.88
C LEU D 676 17.36 42.09 11.86
N GLY D 677 17.20 43.25 11.24
CA GLY D 677 18.12 43.69 10.21
C GLY D 677 17.71 43.38 8.79
N TYR D 678 16.67 42.63 8.60
CA TYR D 678 16.23 42.42 7.24
C TYR D 678 15.48 43.66 6.75
N PRO D 679 15.75 44.12 5.53
CA PRO D 679 15.12 45.36 5.06
C PRO D 679 13.62 45.25 5.00
N PHE D 680 12.96 46.36 5.33
CA PHE D 680 11.52 46.43 5.33
C PHE D 680 10.97 46.14 3.95
N VAL D 681 9.80 45.52 3.89
CA VAL D 681 9.15 45.19 2.64
C VAL D 681 7.85 45.97 2.53
N ASN D 682 7.40 46.20 1.31
CA ASN D 682 6.09 46.80 1.06
C ASN D 682 5.52 46.12 -0.19
N LYS D 683 4.76 45.06 0.02
CA LYS D 683 4.21 44.26 -1.07
C LYS D 683 3.10 43.39 -0.51
N GLN D 684 2.06 43.16 -1.32
CA GLN D 684 1.02 42.23 -0.93
C GLN D 684 1.56 40.80 -1.03
N MET D 685 1.38 40.02 0.02
CA MET D 685 2.09 38.75 0.15
C MET D 685 1.37 37.65 -0.63
N HIS D 686 1.39 37.81 -1.95
CA HIS D 686 1.01 36.74 -2.85
C HIS D 686 1.89 35.53 -2.58
N LYS D 687 1.59 34.41 -3.24
CA LYS D 687 2.41 33.22 -3.02
C LYS D 687 3.85 33.43 -3.47
N LYS D 688 4.03 34.02 -4.65
CA LYS D 688 5.38 34.18 -5.20
C LYS D 688 6.22 35.10 -4.34
N VAL D 689 5.62 36.14 -3.78
CA VAL D 689 6.36 37.06 -2.94
C VAL D 689 6.95 36.34 -1.74
N GLN D 690 6.15 35.49 -1.10
CA GLN D 690 6.65 34.71 0.01
C GLN D 690 7.74 33.76 -0.44
N ALA D 691 7.58 33.16 -1.61
CA ALA D 691 8.65 32.32 -2.12
C ALA D 691 9.97 33.08 -2.19
N ALA D 692 9.93 34.27 -2.79
CA ALA D 692 11.16 35.05 -2.94
C ALA D 692 11.75 35.43 -1.59
N ILE D 693 10.90 35.86 -0.66
CA ILE D 693 11.40 36.29 0.64
C ILE D 693 12.06 35.13 1.37
N ILE D 694 11.42 33.96 1.34
CA ILE D 694 12.02 32.81 2.02
C ILE D 694 13.32 32.42 1.35
N ASN D 695 13.39 32.51 0.02
CA ASN D 695 14.64 32.17 -0.66
C ASN D 695 15.77 33.10 -0.24
N ASP D 696 15.49 34.40 -0.18
CA ASP D 696 16.53 35.34 0.27
C ASP D 696 16.96 35.03 1.68
N LEU D 697 16.01 34.76 2.57
CA LEU D 697 16.37 34.42 3.94
C LEU D 697 17.26 33.19 3.98
N ALA D 698 16.97 32.20 3.13
CA ALA D 698 17.78 30.99 3.11
C ALA D 698 19.19 31.29 2.64
N GLU D 699 19.33 32.13 1.62
CA GLU D 699 20.66 32.34 1.05
C GLU D 699 21.54 33.19 1.94
N ARG D 700 20.99 34.24 2.54
CA ARG D 700 21.82 35.22 3.21
C ARG D 700 21.94 35.02 4.72
N TYR D 701 21.36 33.97 5.27
CA TYR D 701 21.34 33.79 6.72
C TYR D 701 21.58 32.32 7.05
N PRO D 702 22.04 32.02 8.27
CA PRO D 702 22.18 30.63 8.68
C PRO D 702 20.84 29.92 8.68
N MET D 703 20.88 28.60 8.86
CA MET D 703 19.66 27.81 8.78
C MET D 703 18.75 28.08 9.97
N ILE D 704 19.32 28.25 11.16
CA ILE D 704 18.50 28.36 12.38
C ILE D 704 17.59 29.57 12.30
N VAL D 705 18.10 30.70 11.82
CA VAL D 705 17.26 31.88 11.69
C VAL D 705 16.10 31.59 10.74
N VAL D 706 16.37 30.87 9.65
CA VAL D 706 15.30 30.56 8.72
C VAL D 706 14.24 29.69 9.39
N ALA D 707 14.66 28.70 10.17
CA ALA D 707 13.69 27.83 10.81
C ALA D 707 12.81 28.60 11.77
N GLN D 708 13.42 29.43 12.62
CA GLN D 708 12.63 30.18 13.59
C GLN D 708 11.70 31.15 12.91
N THR D 709 12.16 31.79 11.83
CA THR D 709 11.30 32.69 11.08
C THR D 709 10.12 31.95 10.48
N VAL D 710 10.35 30.77 9.90
CA VAL D 710 9.25 30.04 9.29
C VAL D 710 8.22 29.65 10.34
N ASP D 711 8.68 29.23 11.52
CA ASP D 711 7.73 28.91 12.58
C ASP D 711 6.90 30.13 12.97
N LYS D 712 7.54 31.28 13.14
CA LYS D 712 6.78 32.47 13.53
C LYS D 712 5.75 32.83 12.46
N LEU D 713 6.14 32.74 11.18
CA LEU D 713 5.22 33.06 10.10
C LEU D 713 4.04 32.11 10.11
N LYS D 714 4.28 30.82 10.36
CA LYS D 714 3.17 29.89 10.44
C LYS D 714 2.21 30.30 11.54
N ASP D 715 2.74 30.64 12.71
CA ASP D 715 1.85 30.99 13.81
C ASP D 715 0.99 32.20 13.47
N ALA D 716 1.62 33.25 12.93
CA ALA D 716 0.86 34.45 12.59
C ALA D 716 -0.16 34.15 11.50
N GLY D 717 0.21 33.33 10.52
CA GLY D 717 -0.72 33.03 9.45
C GLY D 717 -1.95 32.30 9.95
N PHE D 718 -1.76 31.31 10.81
CA PHE D 718 -2.93 30.62 11.36
C PHE D 718 -3.78 31.58 12.18
N TYR D 719 -3.15 32.41 13.01
CA TYR D 719 -3.92 33.29 13.88
C TYR D 719 -4.72 34.31 13.08
N TRP D 720 -4.21 34.72 11.92
CA TRP D 720 -4.93 35.71 11.12
C TRP D 720 -5.78 35.10 10.01
N ALA D 721 -5.73 33.79 9.80
CA ALA D 721 -6.63 33.21 8.81
C ALA D 721 -8.04 33.06 9.32
N THR D 722 -8.22 32.83 10.61
CA THR D 722 -9.53 32.60 11.17
C THR D 722 -10.44 33.80 10.98
N ARG D 723 -9.88 35.00 11.09
CA ARG D 723 -10.63 36.24 10.98
C ARG D 723 -10.73 36.76 9.57
N SER D 724 -10.25 35.98 8.59
CA SER D 724 -10.25 36.45 7.21
C SER D 724 -11.63 36.51 6.59
N GLY D 725 -12.64 35.93 7.24
CA GLY D 725 -13.96 35.90 6.63
C GLY D 725 -13.99 35.09 5.34
N VAL D 726 -13.26 34.00 5.29
CA VAL D 726 -13.23 33.14 4.11
C VAL D 726 -14.21 31.99 4.36
N THR D 727 -15.43 32.16 3.86
CA THR D 727 -16.49 31.17 4.02
C THR D 727 -17.15 30.95 2.67
N VAL D 728 -17.62 29.73 2.44
CA VAL D 728 -18.26 29.36 1.19
C VAL D 728 -19.75 29.19 1.45
N SER D 729 -20.57 29.70 0.54
CA SER D 729 -22.01 29.59 0.65
C SER D 729 -22.59 29.51 -0.75
N MET D 730 -23.90 29.32 -0.84
CA MET D 730 -24.51 29.31 -2.15
C MET D 730 -24.65 30.71 -2.72
N ALA D 731 -24.60 31.74 -1.87
CA ALA D 731 -24.69 33.10 -2.36
C ALA D 731 -23.38 33.57 -2.99
N ASP D 732 -22.25 33.16 -2.42
CA ASP D 732 -20.96 33.59 -2.97
C ASP D 732 -20.76 33.08 -4.39
N VAL D 733 -21.11 31.82 -4.64
CA VAL D 733 -21.08 31.31 -6.00
C VAL D 733 -22.17 32.01 -6.79
N LEU D 734 -21.78 32.91 -7.69
CA LEU D 734 -22.73 33.69 -8.46
C LEU D 734 -22.66 33.32 -9.94
N VAL D 735 -23.83 33.28 -10.58
CA VAL D 735 -23.95 32.92 -11.98
C VAL D 735 -23.93 34.20 -12.83
N PRO D 736 -23.14 34.26 -13.88
CA PRO D 736 -23.12 35.46 -14.73
C PRO D 736 -24.48 35.70 -15.36
N PRO D 737 -24.89 36.96 -15.51
CA PRO D 737 -26.22 37.24 -16.06
C PRO D 737 -26.29 37.18 -17.57
N ARG D 738 -25.16 37.17 -18.27
CA ARG D 738 -25.16 37.16 -19.72
C ARG D 738 -24.96 35.78 -20.32
N LYS D 739 -24.98 34.73 -19.49
CA LYS D 739 -24.72 33.38 -19.99
C LYS D 739 -25.72 32.96 -21.03
N LYS D 740 -27.00 33.30 -20.82
CA LYS D 740 -28.04 32.89 -21.75
C LYS D 740 -27.78 33.42 -23.15
N GLU D 741 -27.36 34.68 -23.26
CA GLU D 741 -27.14 35.28 -24.57
C GLU D 741 -26.05 34.56 -25.34
N ILE D 742 -24.92 34.32 -24.68
CA ILE D 742 -23.81 33.65 -25.35
C ILE D 742 -24.20 32.24 -25.75
N LEU D 743 -24.90 31.54 -24.86
CA LEU D 743 -25.32 30.18 -25.18
C LEU D 743 -26.22 30.17 -26.40
N ASP D 744 -27.18 31.09 -26.47
CA ASP D 744 -28.10 31.06 -27.61
C ASP D 744 -27.40 31.45 -28.91
N HIS D 745 -26.47 32.41 -28.84
CA HIS D 745 -25.74 32.82 -30.04
C HIS D 745 -24.92 31.65 -30.59
N TYR D 746 -24.14 31.00 -29.73
CA TYR D 746 -23.33 29.90 -30.22
C TYR D 746 -24.19 28.70 -30.60
N GLU D 747 -25.34 28.52 -29.95
CA GLU D 747 -26.25 27.46 -30.37
C GLU D 747 -26.80 27.74 -31.76
N GLU D 748 -27.12 29.00 -32.05
CA GLU D 748 -27.56 29.36 -33.39
C GLU D 748 -26.49 29.03 -34.42
N ARG D 749 -25.25 29.40 -34.13
CA ARG D 749 -24.17 29.07 -35.06
C ARG D 749 -24.03 27.56 -35.23
N ALA D 750 -24.10 26.80 -34.13
CA ALA D 750 -23.93 25.36 -34.22
C ALA D 750 -25.04 24.71 -35.02
N ASP D 751 -26.29 25.14 -34.81
CA ASP D 751 -27.38 24.53 -35.55
C ASP D 751 -27.32 24.91 -37.03
N LYS D 752 -26.86 26.11 -37.35
CA LYS D 752 -26.64 26.44 -38.75
C LYS D 752 -25.59 25.54 -39.37
N VAL D 753 -24.52 25.26 -38.63
CA VAL D 753 -23.50 24.34 -39.13
C VAL D 753 -24.10 22.95 -39.35
N GLU D 754 -24.92 22.49 -38.40
CA GLU D 754 -25.53 21.17 -38.53
C GLU D 754 -26.46 21.11 -39.73
N LYS D 755 -27.21 22.17 -39.98
CA LYS D 755 -28.08 22.20 -41.15
C LYS D 755 -27.27 22.20 -42.44
N GLN D 756 -26.15 22.94 -42.47
CA GLN D 756 -25.28 22.89 -43.64
C GLN D 756 -24.76 21.48 -43.88
N PHE D 757 -24.49 20.74 -42.79
CA PHE D 757 -24.15 19.32 -42.94
C PHE D 757 -25.32 18.52 -43.48
N GLN D 758 -26.54 18.80 -43.00
CA GLN D 758 -27.72 18.10 -43.48
C GLN D 758 -27.96 18.36 -44.97
N ARG D 759 -27.45 19.47 -45.49
CA ARG D 759 -27.53 19.76 -46.91
C ARG D 759 -26.55 18.93 -47.73
N GLY D 760 -25.67 18.18 -47.08
CA GLY D 760 -24.72 17.32 -47.76
C GLY D 760 -23.40 17.96 -48.10
N ALA D 761 -23.25 19.26 -47.86
CA ALA D 761 -22.01 19.96 -48.20
C ALA D 761 -20.90 19.75 -47.18
N LEU D 762 -21.20 19.12 -46.04
CA LEU D 762 -20.22 18.94 -44.98
C LEU D 762 -20.04 17.46 -44.69
N ASN D 763 -18.84 17.11 -44.23
CA ASN D 763 -18.53 15.75 -43.82
C ASN D 763 -18.61 15.63 -42.30
N HIS D 764 -18.58 14.38 -41.82
CA HIS D 764 -18.64 14.15 -40.38
C HIS D 764 -17.44 14.76 -39.66
N ASP D 765 -16.24 14.60 -40.23
CA ASP D 765 -15.07 15.20 -39.60
C ASP D 765 -15.19 16.71 -39.58
N GLU D 766 -15.69 17.31 -40.66
CA GLU D 766 -15.93 18.75 -40.66
C GLU D 766 -16.96 19.11 -39.59
N ARG D 767 -18.00 18.30 -39.45
CA ARG D 767 -19.00 18.56 -38.42
C ARG D 767 -18.37 18.57 -37.04
N ASN D 768 -17.55 17.56 -36.74
CA ASN D 768 -16.90 17.48 -35.45
C ASN D 768 -15.97 18.67 -35.21
N GLU D 769 -15.16 19.02 -36.21
CA GLU D 769 -14.25 20.15 -36.03
C GLU D 769 -15.00 21.45 -35.79
N ALA D 770 -16.04 21.70 -36.59
CA ALA D 770 -16.80 22.94 -36.43
C ALA D 770 -17.45 23.02 -35.06
N LEU D 771 -18.08 21.93 -34.62
CA LEU D 771 -18.73 21.96 -33.32
C LEU D 771 -17.72 22.11 -32.19
N VAL D 772 -16.58 21.42 -32.29
CA VAL D 772 -15.55 21.54 -31.26
C VAL D 772 -15.08 22.98 -31.15
N GLU D 773 -14.79 23.61 -32.30
CA GLU D 773 -14.30 24.98 -32.25
C GLU D 773 -15.35 25.93 -31.71
N ILE D 774 -16.61 25.76 -32.12
CA ILE D 774 -17.66 26.65 -31.65
C ILE D 774 -17.78 26.56 -30.13
N TRP D 775 -17.80 25.35 -29.59
CA TRP D 775 -18.01 25.23 -28.16
C TRP D 775 -16.78 25.64 -27.36
N LYS D 776 -15.57 25.45 -27.91
CA LYS D 776 -14.39 25.98 -27.24
C LYS D 776 -14.45 27.50 -27.15
N GLU D 777 -14.86 28.15 -28.24
CA GLU D 777 -15.03 29.60 -28.20
C GLU D 777 -16.05 30.00 -27.16
N ALA D 778 -17.17 29.26 -27.09
CA ALA D 778 -18.21 29.61 -26.12
C ALA D 778 -17.70 29.49 -24.69
N THR D 779 -16.98 28.42 -24.38
CA THR D 779 -16.47 28.26 -23.02
C THR D 779 -15.49 29.36 -22.67
N ASP D 780 -14.60 29.71 -23.61
CA ASP D 780 -13.68 30.79 -23.31
C ASP D 780 -14.43 32.10 -23.07
N GLU D 781 -15.49 32.35 -23.84
CA GLU D 781 -16.24 33.58 -23.67
C GLU D 781 -16.90 33.64 -22.30
N VAL D 782 -17.55 32.55 -21.89
CA VAL D 782 -18.21 32.58 -20.59
C VAL D 782 -17.18 32.68 -19.47
N GLY D 783 -16.00 32.08 -19.68
CA GLY D 783 -14.94 32.24 -18.70
C GLY D 783 -14.50 33.68 -18.55
N GLN D 784 -14.36 34.39 -19.67
CA GLN D 784 -14.00 35.80 -19.60
C GLN D 784 -15.06 36.59 -18.85
N ALA D 785 -16.33 36.36 -19.17
CA ALA D 785 -17.40 37.08 -18.49
C ALA D 785 -17.36 36.80 -16.99
N LEU D 786 -17.16 35.54 -16.62
CA LEU D 786 -17.10 35.17 -15.21
C LEU D 786 -15.94 35.85 -14.51
N ARG D 787 -14.76 35.84 -15.13
CA ARG D 787 -13.61 36.51 -14.54
C ARG D 787 -13.90 37.98 -14.30
N GLU D 788 -14.63 38.62 -15.22
CA GLU D 788 -14.99 40.01 -15.02
C GLU D 788 -15.99 40.19 -13.88
N HIS D 789 -16.93 39.26 -13.75
CA HIS D 789 -18.10 39.51 -12.90
C HIS D 789 -17.74 39.57 -11.42
N TYR D 790 -16.92 38.65 -10.94
CA TYR D 790 -16.76 38.46 -9.50
C TYR D 790 -16.03 39.63 -8.86
N PRO D 791 -16.55 40.20 -7.78
CA PRO D 791 -15.79 41.19 -7.01
C PRO D 791 -14.59 40.54 -6.34
N ASP D 792 -13.55 41.35 -6.13
CA ASP D 792 -12.29 40.83 -5.63
C ASP D 792 -12.37 40.35 -4.18
N ASP D 793 -13.43 40.66 -3.45
CA ASP D 793 -13.57 40.23 -2.07
C ASP D 793 -14.33 38.92 -1.93
N ASN D 794 -14.66 38.26 -3.03
CA ASN D 794 -15.32 36.98 -2.96
C ASN D 794 -14.40 35.94 -2.35
N PRO D 795 -14.90 35.10 -1.44
CA PRO D 795 -14.05 34.05 -0.88
C PRO D 795 -13.48 33.10 -1.92
N ILE D 796 -14.24 32.76 -2.96
CA ILE D 796 -13.70 31.88 -4.01
C ILE D 796 -12.53 32.56 -4.70
N ILE D 797 -12.70 33.82 -5.08
CA ILE D 797 -11.64 34.54 -5.76
C ILE D 797 -10.47 34.79 -4.83
N THR D 798 -10.74 35.06 -3.55
CA THR D 798 -9.65 35.25 -2.61
C THR D 798 -8.83 33.97 -2.46
N ILE D 799 -9.50 32.83 -2.42
CA ILE D 799 -8.80 31.55 -2.26
C ILE D 799 -7.96 31.25 -3.49
N VAL D 800 -8.54 31.41 -4.68
CA VAL D 800 -7.83 30.96 -5.87
C VAL D 800 -6.80 31.98 -6.34
N ASP D 801 -7.03 33.26 -6.06
CA ASP D 801 -6.15 34.30 -6.58
C ASP D 801 -4.82 34.35 -5.83
N SER D 802 -4.85 34.22 -4.52
CA SER D 802 -3.63 34.31 -3.76
C SER D 802 -2.81 33.09 -3.85
N GLY D 803 -3.05 32.21 -4.81
CA GLY D 803 -2.18 31.06 -5.03
C GLY D 803 -2.34 29.94 -4.03
N ALA D 804 -3.36 29.98 -3.18
CA ALA D 804 -3.55 28.91 -2.22
C ALA D 804 -3.82 27.59 -2.92
N THR D 805 -4.93 27.48 -3.64
CA THR D 805 -5.36 26.22 -4.22
C THR D 805 -6.06 26.46 -5.55
N GLY D 806 -6.01 25.46 -6.41
CA GLY D 806 -6.85 25.42 -7.59
C GLY D 806 -6.41 26.38 -8.69
N ASN D 807 -7.21 26.39 -9.75
CA ASN D 807 -7.05 27.28 -10.89
C ASN D 807 -8.34 28.05 -11.09
N PHE D 808 -8.40 28.82 -12.16
CA PHE D 808 -9.66 29.43 -12.53
C PHE D 808 -10.53 28.47 -13.34
N THR D 809 -9.96 27.39 -13.86
CA THR D 809 -10.76 26.42 -14.59
C THR D 809 -11.78 25.75 -13.68
N GLN D 810 -11.36 25.38 -12.47
CA GLN D 810 -12.29 24.76 -11.54
C GLN D 810 -13.41 25.71 -11.15
N THR D 811 -13.08 26.98 -10.94
CA THR D 811 -14.14 27.95 -10.64
C THR D 811 -15.07 28.12 -11.82
N ARG D 812 -14.53 28.11 -13.05
CA ARG D 812 -15.39 28.20 -14.22
C ARG D 812 -16.35 27.03 -14.28
N THR D 813 -15.85 25.83 -13.99
CA THR D 813 -16.74 24.67 -13.95
C THR D 813 -17.77 24.80 -12.84
N LEU D 814 -17.37 25.33 -11.70
CA LEU D 814 -18.30 25.44 -10.56
C LEU D 814 -19.41 26.43 -10.85
N ALA D 815 -19.11 27.52 -11.55
CA ALA D 815 -20.09 28.59 -11.75
C ALA D 815 -20.57 28.72 -13.17
N GLY D 816 -19.67 28.82 -14.14
CA GLY D 816 -20.07 29.14 -15.49
C GLY D 816 -20.72 28.03 -16.28
N MET D 817 -19.95 27.02 -16.65
CA MET D 817 -20.43 25.88 -17.41
C MET D 817 -19.32 24.86 -17.52
N LYS D 818 -19.72 23.59 -17.68
CA LYS D 818 -18.75 22.50 -17.66
C LYS D 818 -17.79 22.60 -18.84
N GLY D 819 -18.32 22.75 -20.05
CA GLY D 819 -17.47 22.87 -21.22
C GLY D 819 -17.57 21.68 -22.16
N LEU D 820 -16.47 20.98 -22.35
CA LEU D 820 -16.44 19.79 -23.19
C LEU D 820 -15.90 18.61 -22.39
N VAL D 821 -16.42 17.43 -22.70
CA VAL D 821 -16.08 16.23 -21.96
C VAL D 821 -15.53 15.19 -22.93
N THR D 822 -14.73 14.28 -22.39
CA THR D 822 -13.93 13.39 -23.22
C THR D 822 -14.72 12.14 -23.58
N ASN D 823 -14.05 11.20 -24.22
CA ASN D 823 -14.60 9.94 -24.69
C ASN D 823 -13.60 8.85 -24.37
N PRO D 824 -14.04 7.59 -24.29
CA PRO D 824 -13.10 6.51 -23.99
C PRO D 824 -11.98 6.42 -25.01
N LYS D 825 -12.25 6.77 -26.26
CA LYS D 825 -11.20 6.82 -27.27
C LYS D 825 -10.17 7.90 -26.94
N GLY D 826 -10.64 9.08 -26.55
CA GLY D 826 -9.76 10.20 -26.32
C GLY D 826 -10.13 11.43 -27.11
N GLU D 827 -11.39 11.50 -27.55
CA GLU D 827 -11.88 12.63 -28.33
C GLU D 827 -12.80 13.50 -27.47
N PHE D 828 -13.45 14.46 -28.12
CA PHE D 828 -14.35 15.39 -27.44
C PHE D 828 -15.76 15.22 -27.96
N ILE D 829 -16.71 15.07 -27.04
CA ILE D 829 -18.12 14.92 -27.42
C ILE D 829 -18.60 16.19 -28.12
N PRO D 830 -19.26 16.08 -29.27
CA PRO D 830 -19.79 17.29 -29.91
C PRO D 830 -20.80 18.04 -29.04
N ARG D 831 -21.58 17.34 -28.24
CA ARG D 831 -22.53 18.00 -27.37
C ARG D 831 -21.83 18.54 -26.13
N PRO D 832 -21.98 19.82 -25.83
CA PRO D 832 -21.35 20.37 -24.61
C PRO D 832 -22.20 20.12 -23.39
N VAL D 833 -21.78 20.64 -22.25
CA VAL D 833 -22.55 20.55 -21.02
C VAL D 833 -22.82 21.98 -20.57
N LYS D 834 -23.98 22.50 -20.95
CA LYS D 834 -24.28 23.90 -20.69
C LYS D 834 -24.46 24.18 -19.21
N SER D 835 -24.95 23.20 -18.44
CA SER D 835 -25.25 23.44 -17.04
C SER D 835 -23.98 23.46 -16.20
N SER D 836 -24.04 24.16 -15.08
CA SER D 836 -22.95 24.25 -14.13
C SER D 836 -23.32 23.56 -12.83
N PHE D 837 -22.29 23.12 -12.10
CA PHE D 837 -22.54 22.30 -10.91
C PHE D 837 -23.38 23.03 -9.88
N ARG D 838 -23.31 24.36 -9.83
CA ARG D 838 -24.21 25.08 -8.95
C ARG D 838 -25.65 24.97 -9.44
N GLU D 839 -25.87 25.06 -10.76
CA GLU D 839 -27.21 24.99 -11.29
C GLU D 839 -27.71 23.56 -11.46
N GLY D 840 -26.82 22.58 -11.40
CA GLY D 840 -27.23 21.20 -11.48
C GLY D 840 -27.33 20.67 -12.89
N LEU D 841 -26.75 19.51 -13.13
CA LEU D 841 -26.79 18.91 -14.45
C LEU D 841 -28.08 18.10 -14.61
N THR D 842 -28.25 17.51 -15.79
CA THR D 842 -29.34 16.60 -16.06
C THR D 842 -28.82 15.18 -16.09
N VAL D 843 -29.70 14.23 -16.39
CA VAL D 843 -29.32 12.83 -16.33
C VAL D 843 -28.29 12.50 -17.40
N LEU D 844 -28.54 12.91 -18.63
CA LEU D 844 -27.62 12.57 -19.72
C LEU D 844 -26.30 13.30 -19.57
N GLU D 845 -26.35 14.58 -19.20
CA GLU D 845 -25.12 15.33 -19.00
C GLU D 845 -24.29 14.70 -17.88
N TYR D 846 -24.94 14.30 -16.80
CA TYR D 846 -24.20 13.66 -15.72
C TYR D 846 -23.64 12.33 -16.18
N PHE D 847 -24.37 11.62 -17.03
CA PHE D 847 -23.85 10.36 -17.55
C PHE D 847 -22.55 10.59 -18.29
N ILE D 848 -22.52 11.61 -19.14
CA ILE D 848 -21.32 11.86 -19.94
C ILE D 848 -20.18 12.33 -19.05
N ASN D 849 -20.48 13.16 -18.05
CA ASN D 849 -19.45 13.54 -17.09
C ASN D 849 -18.87 12.30 -16.42
N THR D 850 -19.75 11.36 -16.04
CA THR D 850 -19.29 10.10 -15.46
C THR D 850 -18.37 9.36 -16.42
N HIS D 851 -18.75 9.33 -17.69
CA HIS D 851 -17.88 8.76 -18.72
C HIS D 851 -16.49 9.39 -18.66
N GLY D 852 -16.44 10.67 -18.32
CA GLY D 852 -15.18 11.37 -18.25
C GLY D 852 -14.15 10.86 -17.26
N ALA D 853 -14.46 10.94 -15.95
CA ALA D 853 -13.42 10.94 -14.93
C ALA D 853 -12.85 9.56 -14.61
N ARG D 854 -13.54 8.49 -15.01
CA ARG D 854 -13.06 7.16 -14.66
C ARG D 854 -11.72 6.84 -15.33
N LYS D 855 -11.52 7.31 -16.55
CA LYS D 855 -10.23 7.09 -17.20
C LYS D 855 -9.11 7.74 -16.41
N GLY D 856 -9.33 8.97 -15.93
CA GLY D 856 -8.32 9.62 -15.13
C GLY D 856 -8.05 8.87 -13.85
N LEU D 857 -9.10 8.36 -13.21
CA LEU D 857 -8.91 7.60 -11.99
C LEU D 857 -8.10 6.33 -12.24
N ALA D 858 -8.39 5.64 -13.34
CA ALA D 858 -7.64 4.43 -13.65
C ALA D 858 -6.17 4.73 -13.93
N ASP D 859 -5.89 5.82 -14.65
CA ASP D 859 -4.49 6.17 -14.90
C ASP D 859 -3.77 6.53 -13.60
N THR D 860 -4.44 7.26 -12.72
CA THR D 860 -3.85 7.59 -11.43
C THR D 860 -3.55 6.33 -10.64
N ALA D 861 -4.44 5.35 -10.73
CA ALA D 861 -4.19 4.07 -10.06
C ALA D 861 -2.99 3.34 -10.65
N LEU D 862 -2.84 3.36 -11.98
CA LEU D 862 -1.80 2.55 -12.61
C LEU D 862 -0.40 3.15 -12.49
N ARG D 863 -0.25 4.47 -12.43
CA ARG D 863 1.08 5.06 -12.49
C ARG D 863 1.92 4.82 -11.23
N THR D 864 1.33 4.32 -10.14
CA THR D 864 2.01 4.28 -8.86
C THR D 864 3.26 3.39 -8.89
N ALA D 865 3.12 2.15 -9.36
CA ALA D 865 4.26 1.23 -9.36
C ALA D 865 5.30 1.61 -10.40
N ASP D 866 4.85 2.09 -11.57
CA ASP D 866 5.78 2.52 -12.60
C ASP D 866 6.57 3.75 -12.18
N SER D 867 6.08 4.52 -11.21
CA SER D 867 6.90 5.62 -10.69
C SER D 867 8.18 5.11 -10.04
N GLY D 868 8.08 4.07 -9.21
CA GLY D 868 9.23 3.59 -8.47
C GLY D 868 10.05 2.50 -9.12
N TYR D 869 9.49 1.86 -10.15
CA TYR D 869 10.26 0.86 -10.87
C TYR D 869 11.54 1.46 -11.43
N LEU D 870 11.48 2.71 -11.88
CA LEU D 870 12.68 3.38 -12.39
C LEU D 870 13.67 3.66 -11.28
N THR D 871 13.17 4.13 -10.14
CA THR D 871 14.06 4.51 -9.04
C THR D 871 14.87 3.31 -8.57
N ARG D 872 14.25 2.14 -8.52
CA ARG D 872 14.99 0.96 -8.07
C ARG D 872 16.22 0.73 -8.95
N ARG D 873 16.03 0.75 -10.27
CA ARG D 873 17.13 0.52 -11.18
C ARG D 873 18.19 1.60 -11.05
N LEU D 874 17.75 2.86 -10.95
CA LEU D 874 18.71 3.96 -10.86
C LEU D 874 19.59 3.81 -9.62
N VAL D 875 19.01 3.47 -8.48
CA VAL D 875 19.83 3.27 -7.29
C VAL D 875 20.73 2.06 -7.48
N ASP D 876 20.27 1.07 -8.23
CA ASP D 876 21.11 -0.10 -8.49
C ASP D 876 22.37 0.28 -9.26
N VAL D 877 22.25 1.21 -10.22
CA VAL D 877 23.40 1.50 -11.08
C VAL D 877 24.45 2.37 -10.42
N SER D 878 24.09 3.22 -9.46
CA SER D 878 24.96 4.29 -9.02
C SER D 878 25.09 4.32 -7.52
N GLN D 879 25.30 3.16 -6.91
CA GLN D 879 25.39 3.11 -5.46
C GLN D 879 26.82 3.22 -4.94
N ASP D 880 27.82 3.09 -5.80
CA ASP D 880 29.20 3.10 -5.37
C ASP D 880 29.91 4.43 -5.65
N VAL D 881 29.17 5.47 -6.02
CA VAL D 881 29.77 6.78 -6.25
C VAL D 881 29.84 7.50 -4.92
N ILE D 882 31.06 7.76 -4.45
CA ILE D 882 31.27 8.42 -3.16
C ILE D 882 32.34 9.48 -3.32
N VAL D 883 32.12 10.64 -2.72
CA VAL D 883 33.14 11.66 -2.68
C VAL D 883 34.34 11.14 -1.90
N ARG D 884 35.49 11.08 -2.54
CA ARG D 884 36.67 10.46 -1.96
C ARG D 884 37.79 11.46 -1.68
N GLU D 885 38.20 12.23 -2.68
CA GLU D 885 39.30 13.17 -2.53
C GLU D 885 38.80 14.60 -2.61
N HIS D 886 39.50 15.48 -1.91
CA HIS D 886 39.09 16.87 -1.80
C HIS D 886 39.32 17.66 -3.09
N ASP D 887 40.21 17.23 -3.97
CA ASP D 887 40.46 17.98 -5.19
C ASP D 887 41.13 17.09 -6.22
N CYS D 888 41.04 17.52 -7.48
CA CYS D 888 41.72 16.86 -8.59
C CYS D 888 42.78 17.74 -9.24
N GLN D 889 42.71 19.05 -9.03
CA GLN D 889 43.66 20.03 -9.57
C GLN D 889 43.56 20.18 -11.07
N THR D 890 42.76 19.34 -11.73
CA THR D 890 42.61 19.43 -13.18
C THR D 890 41.69 20.59 -13.54
N GLU D 891 42.10 21.40 -14.50
CA GLU D 891 41.34 22.58 -14.87
C GLU D 891 40.44 22.38 -16.08
N ARG D 892 40.40 21.18 -16.64
CA ARG D 892 39.41 20.90 -17.68
C ARG D 892 38.01 21.01 -17.08
N GLY D 893 37.14 21.74 -17.77
CA GLY D 893 35.81 21.98 -17.24
C GLY D 893 34.71 21.84 -18.28
N ILE D 894 33.81 22.83 -18.33
CA ILE D 894 32.73 22.83 -19.30
C ILE D 894 32.25 24.26 -19.46
N VAL D 895 31.60 24.54 -20.58
CA VAL D 895 31.17 25.89 -20.92
C VAL D 895 29.67 26.02 -20.76
N VAL D 896 29.23 27.10 -20.13
CA VAL D 896 27.82 27.33 -19.85
C VAL D 896 27.46 28.76 -20.21
N GLU D 897 26.33 28.95 -20.90
CA GLU D 897 25.88 30.27 -21.33
C GLU D 897 25.03 30.90 -20.23
N LEU D 898 25.56 31.95 -19.61
CA LEU D 898 24.87 32.58 -18.49
C LEU D 898 23.62 33.33 -18.96
N ALA D 899 23.71 34.06 -20.06
CA ALA D 899 22.60 34.90 -20.50
C ALA D 899 22.74 35.13 -22.01
N GLU D 900 21.92 36.04 -22.52
CA GLU D 900 21.91 36.38 -23.94
C GLU D 900 21.86 37.89 -24.09
N ARG D 901 22.59 38.41 -25.08
CA ARG D 901 22.55 39.82 -25.44
C ARG D 901 21.83 39.93 -26.78
N ALA D 902 20.53 40.18 -26.71
CA ALA D 902 19.74 40.31 -27.92
C ALA D 902 20.13 41.58 -28.69
N PRO D 903 20.00 41.57 -30.01
CA PRO D 903 20.30 42.79 -30.78
C PRO D 903 19.43 43.97 -30.40
N ASP D 904 18.28 43.73 -29.77
CA ASP D 904 17.46 44.82 -29.26
C ASP D 904 18.22 45.62 -28.20
N GLY D 905 18.94 44.93 -27.32
CA GLY D 905 19.78 45.61 -26.34
C GLY D 905 19.75 44.97 -24.97
N THR D 906 20.50 45.56 -24.04
CA THR D 906 20.57 45.13 -22.64
C THR D 906 20.94 43.65 -22.61
N LEU D 907 20.25 42.80 -21.87
CA LEU D 907 20.63 41.40 -21.75
C LEU D 907 19.38 40.55 -21.57
N ILE D 908 19.50 39.28 -21.98
CA ILE D 908 18.42 38.31 -21.88
C ILE D 908 18.90 37.18 -20.98
N ARG D 909 18.21 36.97 -19.87
CA ARG D 909 18.58 35.94 -18.92
C ARG D 909 18.22 34.56 -19.44
N ASP D 910 19.15 33.63 -19.30
CA ASP D 910 18.91 32.26 -19.76
C ASP D 910 17.88 31.59 -18.86
N PRO D 911 16.84 30.98 -19.41
CA PRO D 911 15.86 30.28 -18.57
C PRO D 911 16.43 29.10 -17.81
N TYR D 912 17.52 28.50 -18.26
CA TYR D 912 18.12 27.36 -17.58
C TYR D 912 19.20 27.76 -16.59
N ILE D 913 19.23 29.01 -16.14
CA ILE D 913 20.32 29.45 -15.27
C ILE D 913 20.23 28.77 -13.91
N GLU D 914 19.02 28.55 -13.41
CA GLU D 914 18.86 28.06 -12.05
C GLU D 914 19.10 26.56 -11.94
N THR D 915 19.37 25.87 -13.04
CA THR D 915 19.73 24.46 -12.98
C THR D 915 21.13 24.20 -13.46
N SER D 916 21.50 24.67 -14.66
CA SER D 916 22.78 24.29 -15.25
C SER D 916 23.95 24.83 -14.45
N ALA D 917 23.94 26.12 -14.13
CA ALA D 917 25.10 26.73 -13.49
C ALA D 917 24.71 27.63 -12.33
N TYR D 918 23.65 27.28 -11.60
CA TYR D 918 23.29 28.08 -10.44
C TYR D 918 24.26 27.87 -9.29
N ALA D 919 24.62 26.61 -9.01
CA ALA D 919 25.38 26.29 -7.80
C ALA D 919 26.63 25.50 -8.12
N ARG D 920 27.26 25.76 -9.25
CA ARG D 920 28.47 25.03 -9.64
C ARG D 920 29.66 25.58 -8.87
N THR D 921 30.86 25.24 -9.36
CA THR D 921 32.09 25.83 -8.88
C THR D 921 32.94 26.23 -10.08
N LEU D 922 33.57 27.40 -9.98
CA LEU D 922 34.33 27.92 -11.10
C LEU D 922 35.62 27.13 -11.30
N GLY D 923 36.17 27.25 -12.50
CA GLY D 923 37.48 26.70 -12.78
C GLY D 923 38.47 27.80 -13.12
N THR D 924 37.97 28.88 -13.72
CA THR D 924 38.79 30.00 -14.14
C THR D 924 38.21 31.28 -13.56
N ASP D 925 39.07 32.25 -13.28
CA ASP D 925 38.60 33.53 -12.77
C ASP D 925 37.68 34.19 -13.78
N ALA D 926 36.70 34.94 -13.27
CA ALA D 926 35.77 35.66 -14.12
C ALA D 926 36.29 37.08 -14.33
N VAL D 927 36.56 37.41 -15.59
CA VAL D 927 36.96 38.76 -15.99
C VAL D 927 36.24 39.10 -17.28
N ASP D 928 35.72 40.32 -17.36
CA ASP D 928 35.01 40.79 -18.54
C ASP D 928 36.04 41.19 -19.60
N GLU D 929 35.57 41.89 -20.65
CA GLU D 929 36.50 42.44 -21.63
C GLU D 929 37.42 43.47 -20.99
N ALA D 930 36.95 44.15 -19.96
CA ALA D 930 37.82 45.05 -19.20
C ALA D 930 38.86 44.24 -18.44
N GLY D 931 39.84 44.96 -17.90
CA GLY D 931 40.95 44.32 -17.20
C GLY D 931 40.72 43.99 -15.75
N ASN D 932 39.52 44.21 -15.22
CA ASN D 932 39.21 43.97 -13.82
C ASN D 932 38.40 42.69 -13.69
N VAL D 933 38.92 41.73 -12.94
CA VAL D 933 38.22 40.47 -12.72
C VAL D 933 37.07 40.71 -11.75
N ILE D 934 35.99 39.94 -11.89
CA ILE D 934 34.82 40.09 -11.06
C ILE D 934 34.72 38.96 -10.04
N VAL D 935 34.85 37.71 -10.47
CA VAL D 935 34.82 36.56 -9.58
C VAL D 935 36.02 35.67 -9.88
N GLU D 936 36.71 35.24 -8.82
CA GLU D 936 37.89 34.41 -8.95
C GLU D 936 37.51 32.93 -8.96
N ARG D 937 38.42 32.12 -9.49
CA ARG D 937 38.15 30.69 -9.63
C ARG D 937 38.04 30.04 -8.25
N GLY D 938 37.30 28.93 -8.21
CA GLY D 938 37.08 28.22 -6.99
C GLY D 938 35.98 28.77 -6.11
N GLN D 939 35.37 29.89 -6.49
CA GLN D 939 34.30 30.49 -5.71
C GLN D 939 32.97 30.04 -6.29
N ASP D 940 32.19 29.34 -5.47
CA ASP D 940 30.94 28.77 -5.95
C ASP D 940 29.95 29.86 -6.30
N LEU D 941 29.18 29.62 -7.36
CA LEU D 941 28.18 30.59 -7.80
C LEU D 941 26.99 30.55 -6.84
N GLY D 942 26.62 31.72 -6.31
CA GLY D 942 25.41 31.88 -5.55
C GLY D 942 24.38 32.68 -6.30
N ASP D 943 23.46 33.27 -5.56
CA ASP D 943 22.57 34.24 -6.18
C ASP D 943 23.23 35.62 -6.27
N PRO D 944 23.84 36.14 -5.21
CA PRO D 944 24.56 37.42 -5.37
C PRO D 944 25.65 37.37 -6.43
N GLU D 945 26.42 36.28 -6.48
CA GLU D 945 27.45 36.17 -7.50
C GLU D 945 26.86 36.17 -8.90
N ILE D 946 25.77 35.41 -9.10
CA ILE D 946 25.17 35.35 -10.42
C ILE D 946 24.61 36.70 -10.83
N ASP D 947 23.93 37.39 -9.91
CA ASP D 947 23.38 38.68 -10.25
C ASP D 947 24.48 39.69 -10.57
N ALA D 948 25.56 39.69 -9.79
CA ALA D 948 26.67 40.59 -10.10
C ALA D 948 27.29 40.27 -11.45
N LEU D 949 27.47 38.98 -11.74
CA LEU D 949 28.01 38.60 -13.03
C LEU D 949 27.14 39.09 -14.17
N LEU D 950 25.82 38.94 -14.03
CA LEU D 950 24.93 39.42 -15.08
C LEU D 950 24.96 40.93 -15.21
N ALA D 951 25.06 41.64 -14.08
CA ALA D 951 25.16 43.09 -14.14
C ALA D 951 26.42 43.53 -14.86
N ALA D 952 27.55 42.88 -14.59
CA ALA D 952 28.78 43.19 -15.30
C ALA D 952 28.73 42.79 -16.77
N GLY D 953 27.74 41.99 -17.18
CA GLY D 953 27.59 41.66 -18.58
C GLY D 953 28.52 40.59 -19.09
N ILE D 954 28.37 39.36 -18.60
CA ILE D 954 29.13 38.21 -19.08
C ILE D 954 28.14 37.17 -19.58
N THR D 955 28.53 36.44 -20.63
CA THR D 955 27.67 35.46 -21.28
C THR D 955 28.11 34.03 -21.04
N GLN D 956 29.32 33.67 -21.43
CA GLN D 956 29.79 32.30 -21.36
C GLN D 956 30.84 32.16 -20.26
N VAL D 957 30.68 31.12 -19.44
CA VAL D 957 31.57 30.88 -18.31
C VAL D 957 32.08 29.44 -18.39
N LYS D 958 33.30 29.22 -17.92
CA LYS D 958 33.84 27.88 -17.78
C LYS D 958 33.77 27.47 -16.31
N VAL D 959 33.14 26.32 -16.05
CA VAL D 959 32.90 25.85 -14.70
C VAL D 959 33.33 24.40 -14.59
N ARG D 960 33.68 24.00 -13.38
CA ARG D 960 34.01 22.61 -13.09
C ARG D 960 32.75 21.76 -13.05
N SER D 961 32.85 20.52 -13.51
CA SER D 961 31.70 19.64 -13.52
C SER D 961 32.04 18.30 -12.86
N VAL D 962 31.14 17.34 -12.97
CA VAL D 962 31.41 15.99 -12.47
C VAL D 962 31.77 15.03 -13.60
N LEU D 963 31.54 15.39 -14.85
CA LEU D 963 31.97 14.53 -15.94
C LEU D 963 33.49 14.58 -16.09
N THR D 964 34.08 15.75 -15.91
CA THR D 964 35.51 15.93 -16.12
C THR D 964 36.32 15.62 -14.87
N CYS D 965 35.67 15.27 -13.76
CA CYS D 965 36.39 15.02 -12.52
C CYS D 965 37.41 13.91 -12.75
N ALA D 966 38.64 14.14 -12.30
CA ALA D 966 39.77 13.25 -12.58
C ALA D 966 40.10 12.49 -11.31
N THR D 967 39.40 11.37 -11.11
CA THR D 967 39.72 10.45 -10.02
C THR D 967 39.22 9.07 -10.41
N SER D 968 40.03 8.06 -10.13
CA SER D 968 39.74 6.72 -10.59
C SER D 968 38.43 6.19 -9.99
N THR D 969 38.23 6.38 -8.70
CA THR D 969 37.08 5.84 -8.00
C THR D 969 36.32 6.97 -7.32
N GLY D 970 35.00 6.98 -7.51
CA GLY D 970 34.24 8.07 -6.97
C GLY D 970 34.46 9.35 -7.75
N VAL D 971 34.23 10.47 -7.07
CA VAL D 971 34.46 11.77 -7.66
C VAL D 971 35.30 12.59 -6.69
N CYS D 972 35.47 13.86 -6.97
CA CYS D 972 36.17 14.77 -6.08
C CYS D 972 35.20 15.76 -5.48
N ALA D 973 35.53 16.27 -4.30
CA ALA D 973 34.63 17.19 -3.62
C ALA D 973 34.48 18.49 -4.40
N THR D 974 35.60 19.12 -4.74
CA THR D 974 35.55 20.39 -5.43
C THR D 974 34.92 20.26 -6.80
N CYS D 975 35.29 19.22 -7.55
CA CYS D 975 34.69 19.02 -8.86
C CYS D 975 33.20 18.78 -8.76
N TYR D 976 32.72 18.28 -7.61
CA TYR D 976 31.30 18.02 -7.46
C TYR D 976 30.51 19.31 -7.34
N GLY D 977 30.98 20.22 -6.50
CA GLY D 977 30.34 21.51 -6.32
C GLY D 977 29.83 21.69 -4.91
N ARG D 978 28.69 22.36 -4.80
CA ARG D 978 28.10 22.72 -3.52
C ARG D 978 26.94 21.78 -3.21
N SER D 979 26.89 21.28 -1.99
CA SER D 979 25.84 20.36 -1.61
C SER D 979 24.48 21.03 -1.74
N MET D 980 23.47 20.24 -2.07
CA MET D 980 22.13 20.78 -2.27
C MET D 980 21.27 20.75 -1.03
N ALA D 981 21.79 20.28 0.10
CA ALA D 981 21.03 20.28 1.35
C ALA D 981 21.67 21.11 2.44
N THR D 982 22.99 21.04 2.60
CA THR D 982 23.66 21.89 3.57
C THR D 982 23.70 23.34 3.12
N GLY D 983 23.86 23.57 1.83
CA GLY D 983 24.06 24.90 1.33
C GLY D 983 25.50 25.35 1.24
N LYS D 984 26.44 24.53 1.72
CA LYS D 984 27.86 24.81 1.62
C LYS D 984 28.54 23.68 0.87
N LEU D 985 29.87 23.72 0.83
CA LEU D 985 30.63 22.73 0.07
C LEU D 985 30.39 21.33 0.62
N VAL D 986 30.27 20.36 -0.29
CA VAL D 986 29.99 18.99 0.12
C VAL D 986 31.13 18.47 0.99
N ASP D 987 30.80 17.55 1.88
CA ASP D 987 31.79 17.00 2.78
C ASP D 987 32.44 15.76 2.17
N ILE D 988 33.57 15.36 2.73
CA ILE D 988 34.30 14.20 2.24
C ILE D 988 33.64 12.95 2.79
N GLY D 989 33.30 12.03 1.90
CA GLY D 989 32.68 10.79 2.29
C GLY D 989 31.19 10.71 2.05
N GLU D 990 30.52 11.83 1.79
CA GLU D 990 29.09 11.80 1.59
C GLU D 990 28.72 10.97 0.37
N ALA D 991 27.73 10.10 0.52
CA ALA D 991 27.24 9.34 -0.62
C ALA D 991 26.49 10.27 -1.57
N VAL D 992 26.83 10.21 -2.85
CA VAL D 992 26.27 11.17 -3.79
C VAL D 992 25.43 10.47 -4.83
N GLY D 993 25.74 9.20 -5.09
CA GLY D 993 24.95 8.47 -6.06
C GLY D 993 23.51 8.30 -5.63
N ILE D 994 23.30 7.90 -4.39
CA ILE D 994 21.95 7.62 -3.91
C ILE D 994 21.12 8.89 -3.91
N VAL D 995 21.71 10.01 -3.52
CA VAL D 995 20.97 11.26 -3.50
C VAL D 995 20.47 11.59 -4.90
N ALA D 996 21.34 11.42 -5.90
CA ALA D 996 20.92 11.68 -7.27
C ALA D 996 19.83 10.73 -7.70
N ALA D 997 19.95 9.45 -7.34
CA ALA D 997 18.94 8.49 -7.75
C ALA D 997 17.58 8.86 -7.18
N GLN D 998 17.53 9.18 -5.89
CA GLN D 998 16.28 9.59 -5.28
C GLN D 998 15.73 10.85 -5.93
N SER D 999 16.60 11.83 -6.20
CA SER D 999 16.15 13.09 -6.76
C SER D 999 15.55 12.90 -8.15
N ILE D 1000 16.15 12.05 -8.97
CA ILE D 1000 15.57 11.80 -10.28
C ILE D 1000 14.26 11.04 -10.15
N GLY D 1001 14.22 10.04 -9.27
CA GLY D 1001 13.08 9.15 -9.26
C GLY D 1001 11.83 9.71 -8.61
N GLU D 1002 12.00 10.61 -7.64
CA GLU D 1002 10.84 11.04 -6.85
C GLU D 1002 9.77 11.75 -7.67
N PRO D 1003 10.07 12.75 -8.51
CA PRO D 1003 8.97 13.50 -9.13
C PRO D 1003 8.33 12.76 -10.30
N GLY D 1004 8.67 11.48 -10.46
CA GLY D 1004 8.08 10.70 -11.53
C GLY D 1004 6.59 10.48 -11.38
N THR D 1005 6.05 10.68 -10.19
CA THR D 1005 4.61 10.57 -10.00
C THR D 1005 3.86 11.63 -10.79
N GLN D 1006 4.38 12.86 -10.79
CA GLN D 1006 3.71 13.98 -11.47
C GLN D 1006 4.17 14.05 -12.93
N LEU D 1007 3.79 13.02 -13.69
CA LEU D 1007 4.08 12.94 -15.11
C LEU D 1007 2.78 12.70 -15.87
N THR D 1008 2.91 12.47 -17.17
CA THR D 1008 1.76 12.20 -18.02
C THR D 1008 2.11 11.23 -19.14
N GLY D 1023 5.82 11.79 -25.15
CA GLY D 1023 6.86 11.63 -24.15
C GLY D 1023 6.32 11.34 -22.77
N GLY D 1024 7.22 11.31 -21.78
CA GLY D 1024 6.85 11.02 -20.41
C GLY D 1024 7.76 9.97 -19.80
N LEU D 1025 7.22 9.26 -18.82
CA LEU D 1025 7.99 8.18 -18.19
C LEU D 1025 8.54 7.18 -19.18
N PRO D 1026 7.78 6.70 -20.19
CA PRO D 1026 8.41 5.84 -21.20
C PRO D 1026 9.55 6.54 -21.90
N ARG D 1027 9.44 7.84 -22.15
CA ARG D 1027 10.53 8.57 -22.79
C ARG D 1027 11.77 8.58 -21.90
N VAL D 1028 11.58 8.78 -20.59
CA VAL D 1028 12.71 8.76 -19.67
C VAL D 1028 13.37 7.38 -19.64
N GLN D 1029 12.55 6.34 -19.60
CA GLN D 1029 13.09 4.98 -19.61
C GLN D 1029 13.87 4.71 -20.88
N GLU D 1030 13.32 5.13 -22.03
CA GLU D 1030 14.02 4.96 -23.29
C GLU D 1030 15.33 5.73 -23.29
N LEU D 1031 15.31 6.94 -22.75
CA LEU D 1031 16.49 7.78 -22.75
C LEU D 1031 17.60 7.17 -21.92
N PHE D 1032 17.28 6.70 -20.72
CA PHE D 1032 18.32 6.14 -19.86
C PHE D 1032 18.77 4.79 -20.38
N GLU D 1033 17.83 3.93 -20.74
CA GLU D 1033 18.21 2.62 -21.27
C GLU D 1033 18.91 2.74 -22.62
N ALA D 1034 18.74 3.87 -23.30
CA ALA D 1034 19.46 4.17 -24.54
C ALA D 1034 19.23 3.11 -25.61
N ARG D 1035 17.96 2.76 -25.80
CA ARG D 1035 17.61 1.88 -26.90
C ARG D 1035 17.63 2.68 -28.19
N VAL D 1036 17.26 2.05 -29.30
CA VAL D 1036 17.17 2.78 -30.57
C VAL D 1036 15.89 3.61 -30.56
N PRO D 1037 15.97 4.91 -30.82
CA PRO D 1037 14.79 5.77 -30.70
C PRO D 1037 13.73 5.44 -31.75
N ARG D 1038 12.50 5.86 -31.46
CA ARG D 1038 11.40 5.67 -32.40
C ARG D 1038 11.52 6.62 -33.59
N GLY D 1039 11.83 7.89 -33.34
CA GLY D 1039 11.96 8.84 -34.43
C GLY D 1039 13.13 8.53 -35.36
N LYS D 1040 14.28 8.21 -34.78
CA LYS D 1040 15.48 7.84 -35.53
C LYS D 1040 15.88 8.94 -36.51
N ALA D 1041 16.13 10.12 -35.96
CA ALA D 1041 16.52 11.26 -36.79
C ALA D 1041 17.94 11.08 -37.31
N PRO D 1042 18.27 11.69 -38.45
CA PRO D 1042 19.65 11.60 -38.96
C PRO D 1042 20.51 12.74 -38.45
N ILE D 1043 21.80 12.72 -38.79
CA ILE D 1043 22.76 13.71 -38.33
C ILE D 1043 23.73 14.02 -39.46
N ALA D 1044 24.54 15.05 -39.24
CA ALA D 1044 25.52 15.52 -40.22
C ALA D 1044 26.88 14.91 -39.89
N ASP D 1045 27.08 13.66 -40.33
CA ASP D 1045 28.34 12.98 -40.04
C ASP D 1045 29.54 13.73 -40.61
N VAL D 1046 29.34 14.48 -41.68
CA VAL D 1046 30.36 15.34 -42.25
C VAL D 1046 29.81 16.77 -42.28
N THR D 1047 30.57 17.70 -41.73
CA THR D 1047 30.12 19.09 -41.65
C THR D 1047 30.01 19.71 -43.03
N GLY D 1048 29.09 20.65 -43.17
CA GLY D 1048 28.92 21.37 -44.41
C GLY D 1048 27.49 21.86 -44.56
N ARG D 1049 27.17 22.25 -45.79
CA ARG D 1049 25.83 22.73 -46.09
C ARG D 1049 24.93 21.58 -46.51
N VAL D 1050 23.62 21.86 -46.52
CA VAL D 1050 22.60 20.84 -46.74
C VAL D 1050 21.75 21.25 -47.94
N ARG D 1051 21.41 20.27 -48.77
CA ARG D 1051 20.58 20.50 -49.94
C ARG D 1051 19.45 19.47 -49.99
N LEU D 1052 18.28 19.92 -50.44
CA LEU D 1052 17.08 19.10 -50.54
C LEU D 1052 16.95 18.57 -51.96
N GLU D 1053 16.86 17.24 -52.09
CA GLU D 1053 16.50 16.60 -53.35
C GLU D 1053 15.37 15.61 -53.14
N ASP D 1054 14.60 15.78 -52.07
CA ASP D 1054 13.58 14.81 -51.67
C ASP D 1054 12.43 14.77 -52.66
N GLY D 1055 11.88 13.57 -52.86
CA GLY D 1055 10.68 13.39 -53.64
C GLY D 1055 9.43 13.31 -52.78
N GLU D 1056 8.33 12.93 -53.42
CA GLU D 1056 7.06 12.82 -52.71
C GLU D 1056 7.02 11.60 -51.81
N ARG D 1057 7.69 10.51 -52.19
CA ARG D 1057 7.65 9.26 -51.46
C ARG D 1057 8.67 9.21 -50.33
N PHE D 1058 9.95 9.38 -50.66
CA PHE D 1058 11.04 9.36 -49.69
C PHE D 1058 11.69 10.73 -49.63
N TYR D 1059 12.69 10.85 -48.76
CA TYR D 1059 13.51 12.04 -48.64
C TYR D 1059 14.93 11.70 -49.03
N LYS D 1060 15.48 12.44 -49.99
CA LYS D 1060 16.85 12.28 -50.46
C LYS D 1060 17.56 13.61 -50.23
N ILE D 1061 18.39 13.66 -49.19
CA ILE D 1061 18.99 14.91 -48.73
C ILE D 1061 20.51 14.80 -48.84
N THR D 1062 21.14 15.78 -49.49
CA THR D 1062 22.57 15.74 -49.75
C THR D 1062 23.32 16.68 -48.82
N ILE D 1063 24.52 16.27 -48.42
CA ILE D 1063 25.38 17.03 -47.54
C ILE D 1063 26.63 17.38 -48.34
N VAL D 1064 26.86 18.68 -48.55
CA VAL D 1064 28.01 19.18 -49.27
C VAL D 1064 29.05 19.62 -48.23
N PRO D 1065 30.17 18.90 -48.11
CA PRO D 1065 31.17 19.30 -47.11
C PRO D 1065 31.76 20.67 -47.42
N ASP D 1066 31.97 21.45 -46.36
CA ASP D 1066 32.57 22.78 -46.52
C ASP D 1066 34.01 22.67 -47.01
N ASP D 1067 34.77 21.73 -46.47
CA ASP D 1067 36.20 21.60 -46.74
C ASP D 1067 36.43 20.33 -47.54
N GLY D 1068 36.45 20.47 -48.86
CA GLY D 1068 36.67 19.33 -49.73
C GLY D 1068 35.61 18.27 -49.51
N GLY D 1069 36.08 17.04 -49.33
CA GLY D 1069 35.18 15.96 -48.96
C GLY D 1069 34.21 15.59 -50.07
N GLU D 1070 33.35 14.65 -49.75
CA GLU D 1070 32.34 14.16 -50.68
C GLU D 1070 30.95 14.34 -50.07
N GLU D 1071 30.02 14.78 -50.91
CA GLU D 1071 28.63 14.93 -50.48
C GLU D 1071 28.07 13.57 -50.09
N VAL D 1072 27.37 13.52 -48.96
CA VAL D 1072 26.77 12.29 -48.46
C VAL D 1072 25.27 12.48 -48.44
N VAL D 1073 24.54 11.54 -49.02
CA VAL D 1073 23.11 11.67 -49.22
C VAL D 1073 22.40 10.62 -48.38
N TYR D 1074 21.36 11.04 -47.66
CA TYR D 1074 20.54 10.17 -46.84
C TYR D 1074 19.17 9.99 -47.48
N ASP D 1075 18.64 8.77 -47.36
CA ASP D 1075 17.29 8.43 -47.79
C ASP D 1075 16.46 8.07 -46.57
N LYS D 1076 15.32 8.75 -46.41
CA LYS D 1076 14.45 8.59 -45.24
C LYS D 1076 12.99 8.63 -45.69
N ILE D 1077 12.08 8.59 -44.72
CA ILE D 1077 10.65 8.63 -44.99
C ILE D 1077 10.18 10.08 -45.04
N SER D 1078 9.13 10.33 -45.83
CA SER D 1078 8.64 11.69 -46.04
C SER D 1078 7.67 12.16 -44.96
N LYS D 1079 7.34 11.30 -43.99
CA LYS D 1079 6.43 11.71 -42.93
C LYS D 1079 7.09 12.72 -41.98
N ARG D 1080 8.39 12.59 -41.77
CA ARG D 1080 9.11 13.54 -40.92
C ARG D 1080 9.30 14.86 -41.65
N GLN D 1081 9.17 15.95 -40.91
CA GLN D 1081 9.39 17.29 -41.45
C GLN D 1081 10.82 17.74 -41.16
N ARG D 1082 11.27 18.73 -41.93
CA ARG D 1082 12.62 19.24 -41.78
C ARG D 1082 12.77 19.93 -40.42
N LEU D 1083 13.88 19.66 -39.75
CA LEU D 1083 14.17 20.32 -38.49
C LEU D 1083 14.77 21.70 -38.76
N ARG D 1084 14.10 22.73 -38.27
CA ARG D 1084 14.53 24.11 -38.50
C ARG D 1084 15.89 24.33 -37.86
N VAL D 1085 16.84 24.81 -38.64
CA VAL D 1085 18.20 25.07 -38.17
C VAL D 1085 18.43 26.58 -38.17
N PHE D 1086 18.96 27.09 -37.06
CA PHE D 1086 19.28 28.50 -36.95
C PHE D 1086 20.48 28.79 -37.85
N LYS D 1087 20.21 29.22 -39.08
CA LYS D 1087 21.27 29.47 -40.04
C LYS D 1087 22.12 30.65 -39.58
N HIS D 1088 23.16 30.96 -40.36
CA HIS D 1088 24.05 32.06 -40.03
C HIS D 1088 23.33 33.40 -40.04
N GLU D 1089 22.14 33.48 -40.63
CA GLU D 1089 21.29 34.66 -40.50
C GLU D 1089 20.83 34.89 -39.07
N ASP D 1090 21.21 34.04 -38.12
CA ASP D 1090 20.86 34.12 -36.70
C ASP D 1090 19.37 33.97 -36.46
N GLY D 1091 18.60 33.56 -37.46
CA GLY D 1091 17.18 33.35 -37.28
C GLY D 1091 16.81 31.88 -37.30
N SER D 1092 16.47 31.32 -36.14
CA SER D 1092 16.11 29.91 -36.07
C SER D 1092 14.81 29.61 -36.81
N GLU D 1093 13.99 30.63 -37.07
CA GLU D 1093 12.77 30.43 -37.84
C GLU D 1093 13.05 30.07 -39.29
N ARG D 1094 14.29 30.23 -39.76
CA ARG D 1094 14.65 29.84 -41.12
C ARG D 1094 14.52 28.34 -41.24
N VAL D 1095 13.48 27.88 -41.94
CA VAL D 1095 13.23 26.45 -42.06
C VAL D 1095 14.40 25.80 -42.82
N LEU D 1096 14.68 24.54 -42.48
CA LEU D 1096 15.72 23.81 -43.18
C LEU D 1096 15.39 23.75 -44.66
N SER D 1097 16.38 24.09 -45.48
CA SER D 1097 16.21 24.10 -46.93
C SER D 1097 17.59 23.96 -47.56
N ASP D 1098 17.59 23.69 -48.85
CA ASP D 1098 18.84 23.73 -49.60
C ASP D 1098 19.46 25.11 -49.49
N GLY D 1099 20.71 25.14 -49.03
CA GLY D 1099 21.42 26.38 -48.82
C GLY D 1099 21.62 26.77 -47.37
N ASP D 1100 20.84 26.20 -46.45
CA ASP D 1100 21.07 26.45 -45.04
C ASP D 1100 22.41 25.85 -44.61
N HIS D 1101 23.11 26.57 -43.74
CA HIS D 1101 24.43 26.16 -43.29
C HIS D 1101 24.31 25.52 -41.92
N VAL D 1102 24.82 24.29 -41.80
CA VAL D 1102 24.80 23.53 -40.55
C VAL D 1102 26.21 23.07 -40.25
N GLU D 1103 26.43 22.72 -38.99
CA GLU D 1103 27.74 22.25 -38.54
C GLU D 1103 27.76 20.72 -38.55
N VAL D 1104 28.82 20.15 -37.96
CA VAL D 1104 28.99 18.71 -37.96
C VAL D 1104 27.98 18.08 -37.01
N GLY D 1105 27.31 17.02 -37.48
CA GLY D 1105 26.41 16.26 -36.64
C GLY D 1105 25.06 16.88 -36.41
N GLN D 1106 24.73 17.96 -37.11
CA GLN D 1106 23.44 18.60 -36.91
C GLN D 1106 22.31 17.65 -37.27
N GLN D 1107 21.33 17.55 -36.40
CA GLN D 1107 20.14 16.77 -36.69
C GLN D 1107 19.44 17.33 -37.93
N LEU D 1108 19.09 16.45 -38.86
CA LEU D 1108 18.54 16.90 -40.13
C LEU D 1108 17.04 17.15 -40.03
N MET D 1109 16.27 16.13 -39.67
CA MET D 1109 14.84 16.27 -39.50
C MET D 1109 14.45 16.04 -38.05
N GLU D 1110 13.21 16.38 -37.72
CA GLU D 1110 12.74 16.31 -36.35
C GLU D 1110 12.74 14.85 -35.87
N GLY D 1111 13.04 14.69 -34.58
CA GLY D 1111 13.18 13.38 -33.98
C GLY D 1111 14.35 13.32 -33.02
N SER D 1112 14.59 12.16 -32.42
CA SER D 1112 15.67 11.97 -31.47
C SER D 1112 16.68 10.99 -32.02
N ALA D 1113 17.96 11.35 -31.94
CA ALA D 1113 19.01 10.62 -32.62
C ALA D 1113 19.46 9.40 -31.82
N ASP D 1114 20.21 8.54 -32.49
CA ASP D 1114 20.85 7.43 -31.80
C ASP D 1114 22.03 7.95 -30.98
N PRO D 1115 22.06 7.69 -29.68
CA PRO D 1115 23.24 8.09 -28.90
C PRO D 1115 24.54 7.49 -29.38
N HIS D 1116 24.51 6.26 -29.91
CA HIS D 1116 25.75 5.61 -30.33
C HIS D 1116 26.39 6.37 -31.49
N GLU D 1117 25.60 6.76 -32.48
CA GLU D 1117 26.14 7.46 -33.63
C GLU D 1117 26.71 8.82 -33.22
N VAL D 1118 26.01 9.54 -32.35
CA VAL D 1118 26.52 10.82 -31.87
C VAL D 1118 27.80 10.60 -31.07
N LEU D 1119 27.90 9.47 -30.38
CA LEU D 1119 29.13 9.12 -29.69
C LEU D 1119 30.29 8.97 -30.67
N ARG D 1120 30.08 8.18 -31.71
CA ARG D 1120 31.16 7.87 -32.66
C ARG D 1120 31.43 9.02 -33.62
N VAL D 1121 30.56 10.01 -33.69
CA VAL D 1121 30.76 11.14 -34.59
C VAL D 1121 31.45 12.29 -33.87
N GLN D 1122 30.92 12.73 -32.73
CA GLN D 1122 31.44 13.88 -32.00
C GLN D 1122 32.48 13.47 -30.97
N GLY D 1123 32.09 12.60 -30.04
CA GLY D 1123 32.97 12.20 -28.97
C GLY D 1123 32.23 12.03 -27.66
N PRO D 1124 32.97 11.87 -26.57
CA PRO D 1124 32.31 11.66 -25.27
C PRO D 1124 31.56 12.88 -24.77
N ARG D 1125 32.23 14.02 -24.70
CA ARG D 1125 31.65 15.16 -24.01
C ARG D 1125 30.38 15.65 -24.72
N GLU D 1126 30.38 15.64 -26.05
CA GLU D 1126 29.20 16.12 -26.76
C GLU D 1126 27.98 15.25 -26.48
N VAL D 1127 28.14 13.93 -26.53
CA VAL D 1127 26.99 13.06 -26.31
C VAL D 1127 26.54 13.15 -24.85
N GLN D 1128 27.49 13.31 -23.93
CA GLN D 1128 27.09 13.48 -22.53
C GLN D 1128 26.27 14.74 -22.34
N ILE D 1129 26.71 15.85 -22.94
CA ILE D 1129 25.96 17.10 -22.82
C ILE D 1129 24.58 16.96 -23.45
N HIS D 1130 24.51 16.29 -24.60
CA HIS D 1130 23.23 16.08 -25.24
C HIS D 1130 22.30 15.27 -24.35
N LEU D 1131 22.81 14.22 -23.70
CA LEU D 1131 21.98 13.42 -22.82
C LEU D 1131 21.44 14.25 -21.67
N VAL D 1132 22.32 15.04 -21.05
CA VAL D 1132 21.90 15.83 -19.90
C VAL D 1132 20.80 16.79 -20.30
N ARG D 1133 20.99 17.50 -21.42
CA ARG D 1133 19.99 18.46 -21.85
C ARG D 1133 18.68 17.75 -22.22
N GLU D 1134 18.78 16.60 -22.87
CA GLU D 1134 17.58 15.90 -23.30
C GLU D 1134 16.75 15.42 -22.12
N VAL D 1135 17.41 14.86 -21.10
CA VAL D 1135 16.67 14.48 -19.89
C VAL D 1135 16.05 15.71 -19.25
N GLN D 1136 16.84 16.78 -19.11
CA GLN D 1136 16.36 17.96 -18.42
C GLN D 1136 15.16 18.57 -19.11
N GLU D 1137 15.05 18.41 -20.42
CA GLU D 1137 13.96 19.03 -21.16
C GLU D 1137 12.60 18.46 -20.75
N VAL D 1138 12.54 17.16 -20.47
CA VAL D 1138 11.26 16.55 -20.09
C VAL D 1138 10.76 17.14 -18.80
N TYR D 1139 11.62 17.21 -17.79
CA TYR D 1139 11.21 17.77 -16.50
C TYR D 1139 10.93 19.25 -16.62
N ARG D 1140 11.69 19.97 -17.44
CA ARG D 1140 11.39 21.38 -17.66
C ARG D 1140 9.99 21.55 -18.23
N ALA D 1141 9.63 20.70 -19.20
CA ALA D 1141 8.29 20.77 -19.77
C ALA D 1141 7.22 20.43 -18.74
N GLN D 1142 7.48 19.43 -17.89
CA GLN D 1142 6.45 18.99 -16.97
C GLN D 1142 6.27 19.93 -15.77
N GLY D 1143 7.31 20.65 -15.37
CA GLY D 1143 7.20 21.56 -14.25
C GLY D 1143 7.96 21.17 -13.00
N VAL D 1144 8.84 20.18 -13.07
CA VAL D 1144 9.69 19.78 -11.95
C VAL D 1144 11.12 20.18 -12.25
N SER D 1145 11.77 20.84 -11.30
CA SER D 1145 13.13 21.34 -11.50
C SER D 1145 14.10 20.41 -10.79
N ILE D 1146 15.04 19.84 -11.54
CA ILE D 1146 16.09 19.00 -11.01
C ILE D 1146 17.42 19.55 -11.48
N HIS D 1147 18.32 19.82 -10.56
CA HIS D 1147 19.62 20.36 -10.94
C HIS D 1147 20.38 19.34 -11.78
N ASP D 1148 21.11 19.84 -12.78
CA ASP D 1148 21.78 18.96 -13.71
C ASP D 1148 22.91 18.18 -13.08
N LYS D 1149 23.33 18.57 -11.88
CA LYS D 1149 24.37 17.84 -11.18
C LYS D 1149 23.98 16.38 -11.01
N HIS D 1150 22.74 16.14 -10.61
CA HIS D 1150 22.28 14.78 -10.39
C HIS D 1150 22.27 13.98 -11.67
N ILE D 1151 21.85 14.57 -12.78
CA ILE D 1151 21.85 13.83 -14.04
C ILE D 1151 23.28 13.50 -14.45
N GLU D 1152 24.20 14.45 -14.28
CA GLU D 1152 25.58 14.22 -14.66
C GLU D 1152 26.20 13.10 -13.84
N VAL D 1153 25.81 12.95 -12.57
CA VAL D 1153 26.38 11.89 -11.75
C VAL D 1153 26.11 10.53 -12.37
N ILE D 1154 24.87 10.30 -12.81
CA ILE D 1154 24.54 9.04 -13.45
C ILE D 1154 25.22 8.90 -14.81
N VAL D 1155 25.16 9.96 -15.62
CA VAL D 1155 25.66 9.86 -16.98
C VAL D 1155 27.15 9.56 -16.98
N ARG D 1156 27.88 10.06 -15.98
CA ARG D 1156 29.27 9.65 -15.84
C ARG D 1156 29.38 8.15 -15.70
N GLN D 1157 28.46 7.54 -14.96
CA GLN D 1157 28.50 6.09 -14.80
C GLN D 1157 28.13 5.38 -16.10
N MET D 1158 27.31 6.02 -16.94
CA MET D 1158 26.92 5.36 -18.19
C MET D 1158 28.11 5.12 -19.10
N LEU D 1159 29.04 6.06 -19.16
CA LEU D 1159 30.09 6.10 -20.15
C LEU D 1159 31.46 5.74 -19.56
N ARG D 1160 31.50 4.74 -18.69
CA ARG D 1160 32.72 4.40 -18.00
C ARG D 1160 33.43 3.18 -18.58
N ARG D 1161 33.02 2.71 -19.76
CA ARG D 1161 33.57 1.47 -20.30
C ARG D 1161 33.81 1.61 -21.80
N VAL D 1162 34.68 0.74 -22.30
CA VAL D 1162 35.05 0.68 -23.71
C VAL D 1162 34.69 -0.70 -24.25
N THR D 1163 34.78 -0.83 -25.56
CA THR D 1163 34.61 -2.11 -26.23
C THR D 1163 35.85 -2.41 -27.07
N ILE D 1164 36.10 -3.70 -27.27
CA ILE D 1164 37.30 -4.17 -27.96
C ILE D 1164 36.89 -4.65 -29.34
N ILE D 1165 37.51 -4.09 -30.36
CA ILE D 1165 37.25 -4.51 -31.73
C ILE D 1165 38.18 -5.63 -32.16
N ASP D 1166 39.47 -5.49 -31.86
CA ASP D 1166 40.47 -6.48 -32.21
C ASP D 1166 41.36 -6.74 -31.01
N SER D 1167 41.79 -7.99 -30.85
CA SER D 1167 42.56 -8.36 -29.67
C SER D 1167 44.04 -8.01 -29.84
N GLY D 1168 44.70 -8.61 -30.84
CA GLY D 1168 46.12 -8.41 -31.02
C GLY D 1168 46.93 -9.00 -29.88
N SER D 1169 48.02 -8.33 -29.54
CA SER D 1169 48.88 -8.78 -28.45
C SER D 1169 48.17 -8.76 -27.11
N THR D 1170 47.05 -8.05 -27.00
CA THR D 1170 46.24 -8.14 -25.81
C THR D 1170 45.45 -9.44 -25.80
N GLU D 1171 45.12 -9.90 -24.59
CA GLU D 1171 44.41 -11.15 -24.38
C GLU D 1171 42.92 -10.92 -24.18
N PHE D 1172 42.36 -9.92 -24.85
CA PHE D 1172 40.98 -9.52 -24.65
C PHE D 1172 40.12 -10.09 -25.79
N LEU D 1173 39.06 -10.79 -25.42
CA LEU D 1173 38.16 -11.34 -26.41
C LEU D 1173 37.47 -10.21 -27.18
N PRO D 1174 37.38 -10.33 -28.51
CA PRO D 1174 36.61 -9.33 -29.27
C PRO D 1174 35.16 -9.32 -28.83
N GLY D 1175 34.58 -8.13 -28.80
CA GLY D 1175 33.21 -7.96 -28.33
C GLY D 1175 33.04 -8.07 -26.83
N SER D 1176 34.04 -7.65 -26.06
CA SER D 1176 33.99 -7.74 -24.61
C SER D 1176 34.13 -6.35 -24.00
N LEU D 1177 33.18 -5.98 -23.15
CA LEU D 1177 33.23 -4.70 -22.46
C LEU D 1177 34.35 -4.70 -21.44
N ILE D 1178 35.02 -3.56 -21.28
CA ILE D 1178 36.25 -3.45 -20.51
C ILE D 1178 36.28 -2.11 -19.79
N ASP D 1179 36.80 -2.11 -18.56
CA ASP D 1179 36.98 -0.87 -17.83
C ASP D 1179 37.99 0.03 -18.51
N ARG D 1180 37.74 1.34 -18.47
CA ARG D 1180 38.63 2.29 -19.16
C ARG D 1180 40.01 2.29 -18.55
N ALA D 1181 40.10 2.48 -17.23
CA ALA D 1181 41.41 2.61 -16.59
C ALA D 1181 42.21 1.33 -16.69
N GLU D 1182 41.54 0.19 -16.52
CA GLU D 1182 42.21 -1.09 -16.66
C GLU D 1182 42.69 -1.31 -18.10
N PHE D 1183 41.90 -0.89 -19.08
CA PHE D 1183 42.34 -0.98 -20.46
C PHE D 1183 43.59 -0.15 -20.71
N GLU D 1184 43.62 1.07 -20.17
CA GLU D 1184 44.79 1.90 -20.35
C GLU D 1184 46.00 1.30 -19.65
N ALA D 1185 45.80 0.72 -18.47
CA ALA D 1185 46.91 0.06 -17.77
C ALA D 1185 47.43 -1.14 -18.57
N GLU D 1186 46.52 -1.93 -19.13
CA GLU D 1186 46.91 -3.08 -19.93
C GLU D 1186 47.69 -2.63 -21.17
N ASN D 1187 47.24 -1.56 -21.83
CA ASN D 1187 47.97 -1.04 -22.98
C ASN D 1187 49.34 -0.54 -22.58
N ARG D 1188 49.43 0.15 -21.45
CA ARG D 1188 50.73 0.63 -20.97
C ARG D 1188 51.67 -0.55 -20.71
N ARG D 1189 51.15 -1.65 -20.20
CA ARG D 1189 51.98 -2.83 -19.98
C ARG D 1189 52.36 -3.50 -21.30
N VAL D 1190 51.42 -3.61 -22.24
CA VAL D 1190 51.69 -4.35 -23.47
C VAL D 1190 52.65 -3.59 -24.38
N VAL D 1191 52.58 -2.27 -24.42
CA VAL D 1191 53.54 -1.52 -25.22
C VAL D 1191 54.93 -1.62 -24.59
N ALA D 1192 55.00 -1.62 -23.26
CA ALA D 1192 56.29 -1.82 -22.60
C ALA D 1192 56.85 -3.21 -22.88
N GLU D 1193 55.98 -4.22 -22.90
CA GLU D 1193 56.41 -5.56 -23.27
C GLU D 1193 56.83 -5.62 -24.74
N GLY D 1194 56.11 -4.92 -25.61
CA GLY D 1194 56.41 -4.93 -27.02
C GLY D 1194 55.25 -5.42 -27.86
N GLY D 1195 54.04 -5.24 -27.37
CA GLY D 1195 52.83 -5.69 -28.06
C GLY D 1195 51.98 -4.52 -28.49
N GLU D 1196 51.36 -4.65 -29.66
CA GLU D 1196 50.53 -3.58 -30.19
C GLU D 1196 49.27 -3.44 -29.34
N PRO D 1197 48.76 -2.22 -29.18
CA PRO D 1197 47.55 -2.03 -28.35
C PRO D 1197 46.31 -2.57 -29.03
N ALA D 1198 45.34 -2.97 -28.20
CA ALA D 1198 44.09 -3.49 -28.72
C ALA D 1198 43.23 -2.36 -29.28
N ALA D 1199 42.34 -2.72 -30.20
CA ALA D 1199 41.41 -1.76 -30.79
C ALA D 1199 40.32 -1.47 -29.78
N GLY D 1200 40.52 -0.44 -28.97
CA GLY D 1200 39.55 -0.06 -27.95
C GLY D 1200 38.81 1.22 -28.26
N ARG D 1201 37.48 1.14 -28.30
CA ARG D 1201 36.65 2.28 -28.64
C ARG D 1201 35.66 2.55 -27.52
N PRO D 1202 35.56 3.79 -27.04
CA PRO D 1202 34.56 4.09 -26.01
C PRO D 1202 33.15 3.81 -26.53
N VAL D 1203 32.32 3.26 -25.66
CA VAL D 1203 30.97 2.82 -26.04
C VAL D 1203 30.00 3.18 -24.92
N LEU D 1204 28.82 3.63 -25.30
CA LEU D 1204 27.76 3.92 -24.35
C LEU D 1204 27.01 2.64 -24.01
N MET D 1205 26.67 2.50 -22.72
CA MET D 1205 25.93 1.35 -22.24
C MET D 1205 24.68 1.81 -21.52
N GLY D 1206 23.60 1.05 -21.67
CA GLY D 1206 22.42 1.30 -20.90
C GLY D 1206 22.64 1.02 -19.43
N ILE D 1207 21.77 1.58 -18.58
CA ILE D 1207 21.98 1.45 -17.14
C ILE D 1207 21.93 -0.02 -16.74
N THR D 1208 21.07 -0.81 -17.37
CA THR D 1208 20.96 -2.21 -17.00
C THR D 1208 22.26 -2.95 -17.24
N LYS D 1209 22.80 -2.85 -18.45
CA LYS D 1209 24.06 -3.51 -18.74
C LYS D 1209 25.19 -2.92 -17.92
N ALA D 1210 25.16 -1.61 -17.67
CA ALA D 1210 26.21 -0.99 -16.88
C ALA D 1210 26.23 -1.55 -15.47
N SER D 1211 25.05 -1.75 -14.87
CA SER D 1211 24.99 -2.26 -13.51
C SER D 1211 25.26 -3.75 -13.44
N LEU D 1212 24.93 -4.49 -14.50
CA LEU D 1212 25.10 -5.95 -14.45
C LEU D 1212 26.55 -6.37 -14.35
N ALA D 1213 27.49 -5.52 -14.74
CA ALA D 1213 28.89 -5.89 -14.89
C ALA D 1213 29.76 -5.37 -13.75
N THR D 1214 29.26 -5.43 -12.53
CA THR D 1214 30.01 -4.92 -11.39
C THR D 1214 31.24 -5.78 -11.13
N ASP D 1215 31.98 -5.42 -10.07
CA ASP D 1215 33.25 -6.06 -9.75
C ASP D 1215 33.12 -7.10 -8.65
N SER D 1216 32.66 -6.71 -7.48
CA SER D 1216 32.57 -7.63 -6.35
C SER D 1216 31.55 -8.73 -6.64
N TRP D 1217 31.92 -9.97 -6.33
CA TRP D 1217 31.01 -11.07 -6.60
C TRP D 1217 29.87 -11.12 -5.59
N LEU D 1218 30.10 -10.69 -4.36
CA LEU D 1218 29.05 -10.72 -3.35
C LEU D 1218 27.90 -9.82 -3.75
N SER D 1219 28.20 -8.67 -4.34
CA SER D 1219 27.14 -7.80 -4.84
C SER D 1219 26.47 -8.38 -6.07
N ALA D 1220 27.27 -8.86 -7.02
CA ALA D 1220 26.72 -9.37 -8.27
C ALA D 1220 25.89 -10.63 -8.07
N ALA D 1221 26.06 -11.31 -6.95
CA ALA D 1221 25.31 -12.54 -6.71
C ALA D 1221 23.84 -12.28 -6.44
N SER D 1222 23.42 -11.02 -6.31
CA SER D 1222 22.03 -10.72 -5.99
C SER D 1222 21.23 -10.21 -7.17
N PHE D 1223 21.86 -9.88 -8.29
CA PHE D 1223 21.09 -9.31 -9.41
C PHE D 1223 20.40 -10.39 -10.23
N GLN D 1224 21.19 -11.27 -10.84
CA GLN D 1224 20.65 -12.28 -11.73
C GLN D 1224 21.66 -13.41 -11.84
N GLU D 1225 21.16 -14.56 -12.29
CA GLU D 1225 21.97 -15.76 -12.58
C GLU D 1225 23.04 -15.98 -11.51
N THR D 1226 22.56 -16.18 -10.28
CA THR D 1226 23.47 -16.32 -9.14
C THR D 1226 24.41 -17.49 -9.33
N THR D 1227 23.94 -18.59 -9.94
CA THR D 1227 24.80 -19.75 -10.13
C THR D 1227 25.97 -19.41 -11.03
N ARG D 1228 25.73 -18.69 -12.11
CA ARG D 1228 26.78 -18.37 -13.07
C ARG D 1228 27.89 -17.56 -12.42
N VAL D 1229 27.53 -16.45 -11.78
CA VAL D 1229 28.55 -15.61 -11.16
C VAL D 1229 29.22 -16.34 -10.02
N LEU D 1230 28.45 -17.12 -9.24
CA LEU D 1230 29.05 -17.85 -8.13
C LEU D 1230 30.11 -18.81 -8.60
N THR D 1231 29.80 -19.63 -9.60
CA THR D 1231 30.79 -20.61 -10.05
C THR D 1231 31.97 -19.92 -10.73
N ASP D 1232 31.72 -18.86 -11.50
CA ASP D 1232 32.83 -18.18 -12.15
C ASP D 1232 33.79 -17.58 -11.12
N ALA D 1233 33.25 -17.05 -10.03
CA ALA D 1233 34.12 -16.59 -8.96
C ALA D 1233 34.80 -17.75 -8.27
N ALA D 1234 34.11 -18.89 -8.18
CA ALA D 1234 34.69 -20.03 -7.49
C ALA D 1234 35.93 -20.55 -8.19
N ILE D 1235 35.89 -20.62 -9.52
CA ILE D 1235 37.04 -21.16 -10.26
C ILE D 1235 38.27 -20.30 -10.04
N ASN D 1236 38.13 -18.99 -10.20
CA ASN D 1236 39.28 -18.11 -10.13
C ASN D 1236 39.77 -17.89 -8.71
N CYS D 1237 39.09 -18.46 -7.71
CA CYS D 1237 39.41 -18.22 -6.31
C CYS D 1237 39.43 -16.73 -6.00
N ARG D 1238 38.47 -16.01 -6.59
CA ARG D 1238 38.44 -14.57 -6.46
C ARG D 1238 38.19 -14.16 -5.02
N SER D 1239 38.90 -13.13 -4.59
CA SER D 1239 38.73 -12.57 -3.25
C SER D 1239 38.02 -11.23 -3.36
N ASP D 1240 37.02 -11.02 -2.51
CA ASP D 1240 36.26 -9.79 -2.52
C ASP D 1240 36.72 -8.89 -1.39
N LYS D 1241 37.10 -7.66 -1.73
CA LYS D 1241 37.34 -6.62 -0.75
C LYS D 1241 36.03 -5.86 -0.55
N LEU D 1242 35.60 -5.76 0.71
CA LEU D 1242 34.29 -5.20 1.01
C LEU D 1242 34.34 -3.68 0.84
N ASN D 1243 34.28 -3.25 -0.42
CA ASN D 1243 34.21 -1.83 -0.76
C ASN D 1243 32.97 -1.65 -1.63
N GLY D 1244 31.86 -1.40 -0.97
CA GLY D 1244 30.58 -1.24 -1.64
C GLY D 1244 29.52 -1.06 -0.58
N LEU D 1245 28.28 -0.96 -1.03
CA LEU D 1245 27.18 -0.76 -0.09
C LEU D 1245 26.20 -1.91 -0.03
N LYS D 1246 26.07 -2.71 -1.09
CA LYS D 1246 25.24 -3.90 -0.98
C LYS D 1246 25.94 -4.99 -0.18
N GLU D 1247 27.23 -5.19 -0.42
CA GLU D 1247 27.94 -6.26 0.28
C GLU D 1247 28.09 -5.94 1.76
N ASN D 1248 28.53 -4.73 2.09
CA ASN D 1248 28.70 -4.37 3.49
C ASN D 1248 27.39 -4.42 4.24
N VAL D 1249 26.27 -4.27 3.55
CA VAL D 1249 24.98 -4.39 4.23
C VAL D 1249 24.48 -5.82 4.26
N ILE D 1250 24.96 -6.69 3.36
CA ILE D 1250 24.69 -8.11 3.51
C ILE D 1250 25.39 -8.64 4.74
N ILE D 1251 26.68 -8.34 4.88
CA ILE D 1251 27.45 -8.86 5.99
C ILE D 1251 26.98 -8.27 7.31
N GLY D 1252 26.75 -6.96 7.35
CA GLY D 1252 26.44 -6.27 8.57
C GLY D 1252 27.53 -5.34 9.06
N LYS D 1253 28.61 -5.18 8.32
CA LYS D 1253 29.66 -4.26 8.71
C LYS D 1253 29.19 -2.82 8.52
N LEU D 1254 29.95 -1.88 9.09
CA LEU D 1254 29.70 -0.48 8.82
C LEU D 1254 29.92 -0.20 7.35
N ILE D 1255 28.95 0.47 6.73
CA ILE D 1255 29.06 0.78 5.31
C ILE D 1255 30.21 1.77 5.14
N PRO D 1256 30.95 1.72 4.05
CA PRO D 1256 32.08 2.63 3.86
C PRO D 1256 31.69 3.97 3.26
N ALA D 1257 30.66 4.58 3.84
CA ALA D 1257 30.22 5.90 3.40
C ALA D 1257 29.78 6.68 4.62
N GLY D 1258 29.81 8.00 4.50
CA GLY D 1258 29.44 8.82 5.62
C GLY D 1258 30.35 8.58 6.81
N THR D 1259 29.76 8.38 7.98
CA THR D 1259 30.53 8.22 9.20
C THR D 1259 31.18 6.85 9.32
N GLY D 1260 31.30 6.10 8.23
CA GLY D 1260 31.86 4.77 8.31
C GLY D 1260 33.24 4.59 7.70
N ILE D 1261 33.76 5.63 7.04
CA ILE D 1261 35.04 5.47 6.35
C ILE D 1261 36.17 5.36 7.37
N ASN D 1262 37.33 4.92 6.89
CA ASN D 1262 38.47 4.73 7.78
C ASN D 1262 39.10 6.04 8.20
N ARG D 1263 38.86 7.13 7.47
CA ARG D 1263 39.42 8.41 7.85
C ARG D 1263 38.94 8.84 9.23
N TYR D 1264 37.65 8.67 9.50
CA TYR D 1264 37.05 9.10 10.75
C TYR D 1264 36.95 8.01 11.78
N ARG D 1265 36.98 6.74 11.37
CA ARG D 1265 36.72 5.65 12.30
C ARG D 1265 37.75 5.63 13.43
N ASN D 1266 39.01 5.87 13.11
CA ASN D 1266 40.07 5.85 14.11
C ASN D 1266 40.37 7.25 14.64
N ILE D 1267 39.32 7.96 15.05
CA ILE D 1267 39.49 9.27 15.66
C ILE D 1267 39.72 9.06 17.15
N ALA D 1268 40.73 9.74 17.68
CA ALA D 1268 40.97 9.78 19.11
C ALA D 1268 40.53 11.13 19.65
N VAL D 1269 40.07 11.16 20.89
CA VAL D 1269 39.66 12.40 21.52
C VAL D 1269 40.13 12.41 22.97
N GLN D 1270 40.83 13.46 23.36
CA GLN D 1270 41.28 13.67 24.72
C GLN D 1270 41.07 15.12 25.08
N PRO D 1271 40.84 15.43 26.35
CA PRO D 1271 40.68 16.83 26.74
C PRO D 1271 41.97 17.61 26.56
N THR D 1272 41.81 18.91 26.32
CA THR D 1272 42.98 19.77 26.16
C THR D 1272 43.73 19.91 27.48
N GLU D 1273 45.03 20.14 27.37
CA GLU D 1273 45.87 20.33 28.54
C GLU D 1273 45.55 21.61 29.29
N GLU D 1274 44.97 22.61 28.60
CA GLU D 1274 44.56 23.83 29.28
C GLU D 1274 43.47 23.54 30.30
N ALA D 1275 42.54 22.65 29.96
CA ALA D 1275 41.52 22.23 30.92
C ALA D 1275 42.10 21.23 31.90
N ARG D 1276 41.80 21.44 33.18
CA ARG D 1276 42.33 20.60 34.25
C ARG D 1276 41.44 20.76 35.48
N ALA D 1277 41.61 19.85 36.43
CA ALA D 1277 40.84 19.85 37.67
C ALA D 1277 41.65 20.54 38.75
N ALA D 1278 41.10 21.62 39.30
CA ALA D 1278 41.79 22.38 40.33
C ALA D 1278 41.84 21.61 41.65
N GLY E 28 22.87 36.97 17.62
CA GLY E 28 21.81 37.95 17.57
C GLY E 28 20.42 37.34 17.46
N TYR E 29 20.38 36.06 17.11
CA TYR E 29 19.13 35.35 16.97
C TYR E 29 18.47 35.14 18.33
N ASP E 30 17.20 34.74 18.31
CA ASP E 30 16.50 34.41 19.54
C ASP E 30 17.13 33.19 20.17
N THR E 31 17.14 33.14 21.50
CA THR E 31 17.79 32.05 22.20
C THR E 31 17.14 30.73 21.81
N PRO E 32 17.91 29.74 21.38
CA PRO E 32 17.33 28.48 20.92
C PRO E 32 16.79 27.67 22.09
N LEU E 33 15.99 26.66 21.75
CA LEU E 33 15.26 25.87 22.72
C LEU E 33 15.65 24.40 22.60
N GLY E 34 15.83 23.74 23.73
CA GLY E 34 15.93 22.29 23.76
C GLY E 34 17.07 21.67 22.99
N ILE E 35 16.73 20.82 22.02
CA ILE E 35 17.73 20.06 21.28
C ILE E 35 18.66 21.00 20.52
N THR E 36 18.11 22.05 19.92
CA THR E 36 18.88 22.83 18.96
C THR E 36 20.14 23.43 19.58
N ASN E 37 20.03 23.98 20.79
CA ASN E 37 21.20 24.58 21.40
C ASN E 37 22.21 23.50 21.78
N PRO E 38 23.49 23.72 21.52
CA PRO E 38 24.10 24.85 20.83
C PRO E 38 23.90 24.74 19.33
N PRO E 39 23.75 25.85 18.64
CA PRO E 39 23.36 25.79 17.23
C PRO E 39 24.42 25.11 16.39
N ILE E 40 23.97 24.48 15.32
CA ILE E 40 24.85 23.65 14.50
C ILE E 40 25.95 24.49 13.85
N ASP E 41 25.66 25.73 13.49
CA ASP E 41 26.66 26.53 12.78
C ASP E 41 27.84 26.87 13.69
N GLU E 42 27.56 27.39 14.88
CA GLU E 42 28.63 27.72 15.82
C GLU E 42 29.44 26.49 16.15
N LEU E 43 28.80 25.33 16.20
CA LEU E 43 29.52 24.08 16.38
C LEU E 43 30.43 23.81 15.20
N LEU E 44 29.93 24.01 13.99
CA LEU E 44 30.69 23.65 12.81
C LEU E 44 31.82 24.62 12.54
N ASP E 45 31.81 25.79 13.19
CA ASP E 45 32.97 26.68 13.08
C ASP E 45 34.22 26.00 13.63
N ARG E 46 34.09 25.24 14.71
CA ARG E 46 35.22 24.69 15.42
C ARG E 46 35.63 23.30 14.96
N VAL E 47 34.91 22.70 14.01
CA VAL E 47 35.28 21.41 13.46
C VAL E 47 35.09 21.47 11.95
N SER E 48 36.06 20.95 11.20
CA SER E 48 36.04 21.13 9.75
C SER E 48 34.82 20.49 9.10
N SER E 49 34.56 19.23 9.42
CA SER E 49 33.60 18.44 8.67
C SER E 49 32.62 17.75 9.61
N LYS E 50 31.33 17.78 9.28
CA LYS E 50 30.31 17.41 10.24
C LYS E 50 30.36 15.92 10.60
N TYR E 51 30.75 15.08 9.66
CA TYR E 51 30.91 13.66 9.98
C TYR E 51 31.92 13.48 11.10
N ALA E 52 33.00 14.25 11.08
CA ALA E 52 33.94 14.21 12.18
C ALA E 52 33.29 14.67 13.47
N LEU E 53 32.36 15.63 13.38
CA LEU E 53 31.68 16.10 14.57
C LEU E 53 30.87 14.99 15.21
N VAL E 54 30.25 14.14 14.40
CA VAL E 54 29.44 13.06 14.97
C VAL E 54 30.30 12.16 15.85
N ILE E 55 31.42 11.69 15.31
CA ILE E 55 32.27 10.76 16.05
C ILE E 55 32.93 11.44 17.23
N TYR E 56 33.34 12.70 17.05
CA TYR E 56 33.87 13.49 18.14
C TYR E 56 32.93 13.50 19.34
N ALA E 57 31.67 13.87 19.09
CA ALA E 57 30.69 13.93 20.17
C ALA E 57 30.42 12.55 20.76
N ALA E 58 30.33 11.53 19.92
CA ALA E 58 30.03 10.19 20.44
C ALA E 58 31.12 9.69 21.36
N LYS E 59 32.39 9.85 20.97
CA LYS E 59 33.46 9.35 21.81
C LYS E 59 33.58 10.15 23.10
N ARG E 60 33.42 11.47 23.03
CA ARG E 60 33.46 12.23 24.27
C ARG E 60 32.33 11.82 25.20
N ALA E 61 31.14 11.56 24.65
CA ALA E 61 30.02 11.15 25.49
C ALA E 61 30.28 9.80 26.13
N ARG E 62 30.90 8.87 25.39
CA ARG E 62 31.25 7.60 26.01
C ARG E 62 32.20 7.79 27.17
N GLN E 63 33.20 8.66 27.01
CA GLN E 63 34.11 8.91 28.12
C GLN E 63 33.37 9.48 29.32
N ILE E 64 32.49 10.44 29.09
CA ILE E 64 31.79 11.08 30.21
C ILE E 64 30.92 10.07 30.94
N ASN E 65 30.22 9.23 30.20
CA ASN E 65 29.40 8.21 30.85
C ASN E 65 30.26 7.24 31.64
N ASP E 66 31.43 6.89 31.11
CA ASP E 66 32.28 5.96 31.84
C ASP E 66 32.76 6.57 33.16
N TYR E 67 33.17 7.84 33.12
CA TYR E 67 33.58 8.49 34.36
C TYR E 67 32.43 8.55 35.36
N TYR E 68 31.24 8.92 34.90
CA TYR E 68 30.11 9.00 35.81
C TYR E 68 29.76 7.63 36.36
N ASN E 69 30.07 6.58 35.62
CA ASN E 69 29.81 5.23 36.10
C ASN E 69 30.82 4.83 37.18
N GLN E 70 32.09 5.16 36.97
CA GLN E 70 33.13 4.72 37.89
C GLN E 70 33.29 5.64 39.11
N LEU E 71 32.72 6.84 39.08
CA LEU E 71 32.91 7.76 40.20
C LEU E 71 32.30 7.20 41.49
N GLY E 72 31.28 6.34 41.38
CA GLY E 72 30.67 5.79 42.58
C GLY E 72 31.60 4.88 43.36
N GLU E 73 32.39 4.06 42.67
CA GLU E 73 33.20 3.05 43.31
C GLU E 73 34.69 3.16 43.02
N GLY E 74 35.12 4.11 42.19
CA GLY E 74 36.52 4.20 41.83
C GLY E 74 36.97 5.64 41.77
N ILE E 75 38.29 5.81 41.69
CA ILE E 75 38.94 7.10 41.58
C ILE E 75 39.93 7.04 40.42
N LEU E 76 40.39 8.22 40.00
CA LEU E 76 41.43 8.37 38.97
C LEU E 76 40.99 7.76 37.64
N GLU E 77 39.74 8.04 37.25
CA GLU E 77 39.24 7.65 35.95
C GLU E 77 39.44 8.81 34.97
N TYR E 78 38.78 8.75 33.82
CA TYR E 78 38.81 9.87 32.88
C TYR E 78 38.18 11.10 33.52
N VAL E 79 38.68 12.26 33.12
CA VAL E 79 38.16 13.51 33.67
C VAL E 79 36.72 13.69 33.22
N GLY E 80 35.86 14.05 34.18
CA GLY E 80 34.44 14.16 33.92
C GLY E 80 34.06 15.40 33.15
N PRO E 81 32.83 15.85 33.33
CA PRO E 81 32.38 17.03 32.60
C PRO E 81 33.22 18.25 32.97
N LEU E 82 33.49 19.08 31.97
CA LEU E 82 34.24 20.30 32.19
C LEU E 82 33.34 21.51 32.43
N VAL E 83 32.03 21.33 32.35
CA VAL E 83 31.07 22.38 32.69
C VAL E 83 30.03 21.80 33.62
N GLU E 84 29.34 22.69 34.32
CA GLU E 84 28.39 22.26 35.34
C GLU E 84 27.21 21.55 34.70
N PRO E 85 26.94 20.30 35.04
CA PRO E 85 25.71 19.66 34.58
C PRO E 85 24.49 20.27 35.22
N GLY E 86 23.38 20.22 34.48
CA GLY E 86 22.10 20.63 35.00
C GLY E 86 21.50 19.54 35.85
N LEU E 87 20.19 19.60 36.02
CA LEU E 87 19.48 18.60 36.81
C LEU E 87 19.41 17.31 36.02
N GLN E 88 20.49 16.54 36.09
CA GLN E 88 20.54 15.17 35.58
C GLN E 88 20.24 15.11 34.09
N GLU E 89 21.10 15.75 33.30
CA GLU E 89 20.92 15.81 31.86
C GLU E 89 21.81 14.79 31.17
N LYS E 90 21.47 14.51 29.91
CA LYS E 90 22.14 13.45 29.18
C LYS E 90 23.63 13.77 29.02
N PRO E 91 24.49 12.77 29.02
CA PRO E 91 25.91 13.03 28.76
C PRO E 91 26.19 13.65 27.41
N LEU E 92 25.42 13.27 26.38
CA LEU E 92 25.71 13.78 25.04
C LEU E 92 25.50 15.29 24.96
N SER E 93 24.47 15.79 25.62
CA SER E 93 24.28 17.23 25.67
C SER E 93 25.49 17.91 26.29
N ILE E 94 26.05 17.32 27.33
CA ILE E 94 27.25 17.88 27.94
C ILE E 94 28.41 17.88 26.96
N ALA E 95 28.58 16.79 26.23
CA ALA E 95 29.69 16.72 25.29
C ALA E 95 29.59 17.80 24.22
N LEU E 96 28.40 17.96 23.64
CA LEU E 96 28.25 19.00 22.61
C LEU E 96 28.43 20.38 23.21
N ARG E 97 27.87 20.62 24.40
CA ARG E 97 28.00 21.93 25.01
C ARG E 97 29.46 22.28 25.26
N GLU E 98 30.24 21.32 25.75
CA GLU E 98 31.63 21.62 26.05
C GLU E 98 32.52 21.62 24.82
N ILE E 99 32.07 21.02 23.71
CA ILE E 99 32.76 21.29 22.46
C ILE E 99 32.52 22.73 22.02
N HIS E 100 31.29 23.22 22.20
CA HIS E 100 30.96 24.55 21.70
C HIS E 100 31.80 25.63 22.37
N ALA E 101 32.00 25.52 23.68
CA ALA E 101 32.81 26.47 24.41
C ALA E 101 34.29 26.27 24.18
N ASP E 102 34.65 25.31 23.32
CA ASP E 102 36.04 25.03 22.96
C ASP E 102 36.89 24.67 24.16
N LEU E 103 36.31 23.97 25.12
CA LEU E 103 37.05 23.44 26.26
C LEU E 103 37.71 22.11 25.94
N LEU E 104 37.51 21.58 24.74
CA LEU E 104 37.97 20.26 24.38
C LEU E 104 38.79 20.35 23.12
N GLU E 105 40.01 19.80 23.18
CA GLU E 105 40.87 19.76 22.01
C GLU E 105 40.46 18.61 21.11
N HIS E 106 41.05 18.58 19.93
CA HIS E 106 40.77 17.55 18.95
C HIS E 106 42.08 17.04 18.38
N THR E 107 42.20 15.72 18.26
CA THR E 107 43.36 15.12 17.62
C THR E 107 42.90 14.21 16.50
N GLU E 108 43.69 14.17 15.44
CA GLU E 108 43.40 13.36 14.27
C GLU E 108 44.64 13.22 13.38
N LEU F 37 32.10 -27.33 -27.87
CA LEU F 37 31.39 -27.59 -29.11
C LEU F 37 29.90 -27.27 -29.01
N ASP F 38 29.45 -26.91 -27.80
CA ASP F 38 28.06 -26.50 -27.55
C ASP F 38 27.08 -27.57 -27.98
N ALA F 39 27.43 -28.84 -27.79
CA ALA F 39 26.59 -29.92 -28.26
C ALA F 39 25.60 -30.35 -27.17
N GLN F 40 24.47 -30.89 -27.61
CA GLN F 40 23.45 -31.37 -26.69
C GLN F 40 22.75 -32.56 -27.32
N SER F 41 22.23 -33.42 -26.46
CA SER F 41 21.48 -34.60 -26.87
C SER F 41 20.10 -34.55 -26.25
N PRO F 42 19.10 -35.18 -26.90
CA PRO F 42 17.74 -35.19 -26.34
C PRO F 42 17.70 -35.79 -24.94
N ALA F 43 18.27 -36.99 -24.78
CA ALA F 43 18.38 -37.65 -23.48
C ALA F 43 17.01 -37.79 -22.82
N ALA F 44 15.98 -38.02 -23.64
CA ALA F 44 14.62 -38.21 -23.14
C ALA F 44 14.37 -39.65 -22.69
N ASP F 45 15.30 -40.56 -22.95
CA ASP F 45 15.20 -41.94 -22.52
C ASP F 45 16.44 -42.34 -21.74
N LEU F 46 16.23 -43.01 -20.61
CA LEU F 46 17.31 -43.64 -19.85
C LEU F 46 17.11 -45.14 -19.72
N VAL F 47 15.92 -45.56 -19.30
CA VAL F 47 15.64 -46.99 -19.24
C VAL F 47 15.75 -47.61 -20.62
N ARG F 48 15.25 -46.92 -21.64
CA ARG F 48 15.43 -47.38 -23.00
C ARG F 48 16.91 -47.54 -23.32
N VAL F 49 17.76 -46.67 -22.78
CA VAL F 49 19.20 -46.77 -22.99
C VAL F 49 19.74 -48.05 -22.36
N TYR F 50 19.33 -48.34 -21.13
CA TYR F 50 19.78 -49.55 -20.45
C TYR F 50 19.34 -50.80 -21.21
N LEU F 51 18.07 -50.85 -21.60
CA LEU F 51 17.56 -52.01 -22.32
C LEU F 51 18.21 -52.15 -23.68
N ASN F 52 18.58 -51.02 -24.30
CA ASN F 52 19.41 -51.08 -25.50
C ASN F 52 20.76 -51.70 -25.19
N GLY F 53 21.32 -51.36 -24.03
CA GLY F 53 22.60 -51.92 -23.63
C GLY F 53 22.53 -53.43 -23.46
N ILE F 54 21.40 -53.94 -22.96
CA ILE F 54 21.27 -55.38 -22.74
C ILE F 54 20.34 -56.07 -23.73
N GLY F 55 19.84 -55.37 -24.74
CA GLY F 55 18.86 -55.95 -25.63
C GLY F 55 19.39 -56.93 -26.65
N LYS F 56 20.69 -56.88 -26.97
CA LYS F 56 21.24 -57.78 -27.97
C LYS F 56 21.36 -59.22 -27.47
N THR F 57 21.11 -59.45 -26.20
CA THR F 57 21.27 -60.78 -25.62
C THR F 57 20.11 -61.69 -26.02
N ALA F 58 20.45 -62.91 -26.44
CA ALA F 58 19.45 -63.86 -26.91
C ALA F 58 18.72 -64.49 -25.73
N LEU F 59 17.61 -65.16 -26.05
CA LEU F 59 16.83 -65.89 -25.06
C LEU F 59 17.40 -67.30 -24.88
N LEU F 60 16.90 -67.99 -23.87
CA LEU F 60 17.36 -69.33 -23.52
C LEU F 60 16.24 -70.33 -23.72
N ASN F 61 16.61 -71.56 -24.04
CA ASN F 61 15.64 -72.62 -24.30
C ASN F 61 15.06 -73.14 -22.99
N ALA F 62 14.17 -74.13 -23.11
CA ALA F 62 13.46 -74.63 -21.94
C ALA F 62 14.40 -75.27 -20.94
N ALA F 63 15.35 -76.07 -21.41
CA ALA F 63 16.29 -76.79 -20.54
C ALA F 63 17.70 -76.21 -20.64
N GLY F 64 17.80 -74.91 -20.90
CA GLY F 64 19.09 -74.27 -21.04
C GLY F 64 19.71 -73.90 -19.71
N GLU F 65 18.93 -73.95 -18.64
CA GLU F 65 19.45 -73.57 -17.33
C GLU F 65 20.38 -74.63 -16.75
N VAL F 66 20.03 -75.92 -16.95
CA VAL F 66 20.81 -76.99 -16.36
C VAL F 66 22.18 -77.08 -17.03
N GLU F 67 22.25 -76.77 -18.33
CA GLU F 67 23.52 -76.85 -19.05
C GLU F 67 24.60 -76.05 -18.35
N LEU F 68 24.24 -74.91 -17.78
CA LEU F 68 25.19 -74.08 -17.05
C LEU F 68 25.15 -74.31 -15.54
N ALA F 69 24.02 -74.78 -15.01
CA ALA F 69 23.98 -75.11 -13.58
C ALA F 69 24.95 -76.24 -13.27
N LYS F 70 25.01 -77.25 -14.14
CA LYS F 70 25.97 -78.33 -13.94
C LYS F 70 27.40 -77.79 -13.94
N ARG F 71 27.70 -76.88 -14.88
CA ARG F 71 29.04 -76.32 -14.95
C ARG F 71 29.40 -75.55 -13.70
N ILE F 72 28.48 -74.72 -13.21
CA ILE F 72 28.79 -73.91 -12.03
C ILE F 72 28.94 -74.79 -10.80
N GLU F 73 28.10 -75.83 -10.67
CA GLU F 73 28.24 -76.71 -9.52
C GLU F 73 29.54 -77.47 -9.56
N ALA F 74 29.94 -77.95 -10.75
CA ALA F 74 31.22 -78.62 -10.88
C ALA F 74 32.36 -77.66 -10.56
N GLY F 75 32.24 -76.40 -10.98
CA GLY F 75 33.27 -75.43 -10.64
C GLY F 75 33.35 -75.17 -9.15
N LEU F 76 32.20 -75.11 -8.48
CA LEU F 76 32.19 -74.91 -7.03
C LEU F 76 32.87 -76.08 -6.32
N TYR F 77 32.55 -77.30 -6.74
CA TYR F 77 33.21 -78.46 -6.14
C TYR F 77 34.70 -78.45 -6.44
N ALA F 78 35.07 -78.06 -7.66
CA ALA F 78 36.48 -78.01 -8.03
C ALA F 78 37.24 -76.99 -7.18
N GLU F 79 36.66 -75.81 -6.97
CA GLU F 79 37.35 -74.81 -6.17
C GLU F 79 37.38 -75.20 -4.69
N HIS F 80 36.36 -75.90 -4.20
CA HIS F 80 36.43 -76.42 -2.84
C HIS F 80 37.56 -77.43 -2.72
N LEU F 81 37.71 -78.31 -3.71
CA LEU F 81 38.81 -79.28 -3.69
C LEU F 81 40.15 -78.57 -3.75
N LEU F 82 40.26 -77.53 -4.59
CA LEU F 82 41.49 -76.76 -4.68
C LEU F 82 41.85 -76.12 -3.34
N GLU F 83 40.85 -75.56 -2.65
CA GLU F 83 41.12 -74.95 -1.35
C GLU F 83 41.38 -76.00 -0.27
N THR F 84 40.96 -77.25 -0.49
CA THR F 84 41.26 -78.32 0.45
C THR F 84 42.50 -79.12 0.02
N ARG F 85 42.46 -79.74 -1.14
CA ARG F 85 43.56 -80.56 -1.64
C ARG F 85 44.31 -79.77 -2.70
N LYS F 86 45.59 -79.50 -2.44
CA LYS F 86 46.39 -78.66 -3.30
C LYS F 86 47.74 -79.31 -3.59
N ARG F 87 48.34 -78.86 -4.71
CA ARG F 87 49.66 -79.31 -5.17
C ARG F 87 49.70 -80.80 -5.51
N LEU F 88 48.54 -81.40 -5.77
CA LEU F 88 48.49 -82.82 -6.08
C LEU F 88 48.99 -83.11 -7.49
N GLY F 89 48.57 -82.31 -8.47
CA GLY F 89 48.95 -82.57 -9.84
C GLY F 89 49.06 -81.32 -10.71
N GLU F 90 50.17 -81.20 -11.44
CA GLU F 90 50.39 -80.02 -12.26
C GLU F 90 49.34 -79.90 -13.36
N ASN F 91 49.05 -81.00 -14.05
CA ASN F 91 47.96 -80.99 -15.02
C ASN F 91 46.63 -80.73 -14.35
N ARG F 92 46.46 -81.19 -13.12
CA ARG F 92 45.24 -80.91 -12.38
C ARG F 92 45.08 -79.42 -12.14
N LYS F 93 46.19 -78.69 -11.98
CA LYS F 93 46.10 -77.25 -11.75
C LYS F 93 45.47 -76.56 -12.95
N ARG F 94 45.99 -76.83 -14.15
CA ARG F 94 45.42 -76.19 -15.35
C ARG F 94 44.00 -76.69 -15.61
N ASP F 95 43.72 -77.97 -15.36
CA ASP F 95 42.37 -78.48 -15.55
C ASP F 95 41.38 -77.77 -14.62
N LEU F 96 41.77 -77.60 -13.35
CA LEU F 96 40.89 -76.98 -12.38
C LEU F 96 40.71 -75.49 -12.67
N ALA F 97 41.78 -74.82 -13.11
CA ALA F 97 41.65 -73.44 -13.53
C ALA F 97 40.68 -73.33 -14.71
N ALA F 98 40.79 -74.25 -15.67
CA ALA F 98 39.90 -74.24 -16.82
C ALA F 98 38.45 -74.44 -16.39
N VAL F 99 38.20 -75.39 -15.50
CA VAL F 99 36.82 -75.63 -15.10
C VAL F 99 36.28 -74.46 -14.28
N VAL F 100 37.14 -73.79 -13.51
CA VAL F 100 36.67 -72.61 -12.79
C VAL F 100 36.34 -71.50 -13.76
N ARG F 101 37.14 -71.34 -14.82
CA ARG F 101 36.82 -70.36 -15.85
C ARG F 101 35.50 -70.70 -16.53
N ASP F 102 35.26 -71.99 -16.77
CA ASP F 102 33.98 -72.42 -17.31
C ASP F 102 32.82 -72.06 -16.39
N GLY F 103 33.00 -72.28 -15.08
CA GLY F 103 31.95 -71.93 -14.14
C GLY F 103 31.68 -70.44 -14.10
N GLU F 104 32.74 -69.64 -14.12
CA GLU F 104 32.56 -68.19 -14.16
C GLU F 104 31.82 -67.75 -15.42
N ALA F 105 32.21 -68.27 -16.58
CA ALA F 105 31.51 -67.93 -17.80
C ALA F 105 30.05 -68.33 -17.72
N ALA F 106 29.79 -69.50 -17.13
CA ALA F 106 28.40 -69.92 -16.94
C ALA F 106 27.64 -68.94 -16.07
N ARG F 107 28.25 -68.50 -14.96
CA ARG F 107 27.60 -67.53 -14.10
C ARG F 107 27.29 -66.24 -14.84
N ARG F 108 28.18 -65.84 -15.75
CA ARG F 108 27.92 -64.66 -16.57
C ARG F 108 26.97 -64.93 -17.72
N HIS F 109 26.84 -66.18 -18.16
CA HIS F 109 26.14 -66.49 -19.39
C HIS F 109 24.72 -66.98 -19.18
N LEU F 110 24.18 -66.89 -17.96
CA LEU F 110 22.80 -67.27 -17.72
C LEU F 110 22.00 -66.13 -17.10
N LEU F 111 22.58 -64.93 -17.03
CA LEU F 111 21.94 -63.78 -16.41
C LEU F 111 21.31 -62.83 -17.41
N GLU F 112 21.86 -62.74 -18.62
CA GLU F 112 21.49 -61.67 -19.54
C GLU F 112 20.05 -61.79 -20.01
N ALA F 113 19.58 -63.01 -20.27
CA ALA F 113 18.26 -63.17 -20.86
C ALA F 113 17.15 -62.80 -19.88
N ASN F 114 17.43 -62.86 -18.58
CA ASN F 114 16.39 -62.65 -17.58
C ASN F 114 16.02 -61.18 -17.41
N LEU F 115 16.84 -60.25 -17.92
CA LEU F 115 16.50 -58.84 -17.77
C LEU F 115 15.30 -58.46 -18.63
N ARG F 116 15.20 -59.05 -19.83
CA ARG F 116 14.07 -58.77 -20.70
C ARG F 116 12.74 -59.17 -20.07
N LEU F 117 12.75 -60.04 -19.08
CA LEU F 117 11.54 -60.38 -18.35
C LEU F 117 11.44 -59.68 -17.00
N VAL F 118 12.57 -59.32 -16.38
CA VAL F 118 12.48 -58.54 -15.15
C VAL F 118 11.93 -57.16 -15.45
N VAL F 119 12.22 -56.60 -16.62
CA VAL F 119 11.64 -55.32 -16.98
C VAL F 119 10.12 -55.45 -17.12
N SER F 120 9.65 -56.53 -17.72
CA SER F 120 8.22 -56.74 -17.84
C SER F 120 7.57 -56.93 -16.48
N LEU F 121 8.23 -57.68 -15.59
CA LEU F 121 7.71 -57.88 -14.24
C LEU F 121 7.60 -56.55 -13.50
N ALA F 122 8.61 -55.69 -13.65
CA ALA F 122 8.55 -54.37 -13.02
C ALA F 122 7.46 -53.51 -13.64
N LYS F 123 7.28 -53.57 -14.96
CA LYS F 123 6.30 -52.74 -15.64
C LYS F 123 4.88 -53.01 -15.14
N ARG F 124 4.63 -54.19 -14.57
CA ARG F 124 3.31 -54.49 -14.01
C ARG F 124 3.03 -53.68 -12.75
N TYR F 125 4.01 -52.98 -12.20
CA TYR F 125 3.86 -52.25 -10.95
C TYR F 125 4.34 -50.83 -11.10
N THR F 126 4.14 -50.26 -12.27
CA THR F 126 4.53 -48.89 -12.56
C THR F 126 3.41 -47.92 -12.19
N GLY F 127 3.74 -46.63 -12.21
CA GLY F 127 2.77 -45.61 -11.97
C GLY F 127 2.42 -45.36 -10.52
N ARG F 128 3.05 -46.08 -9.59
CA ARG F 128 2.76 -45.92 -8.17
C ARG F 128 3.67 -44.90 -7.51
N GLY F 129 4.12 -43.90 -8.29
CA GLY F 129 4.94 -42.84 -7.77
C GLY F 129 6.42 -43.16 -7.65
N MET F 130 6.84 -44.38 -8.01
CA MET F 130 8.23 -44.78 -7.92
C MET F 130 8.74 -45.14 -9.31
N PRO F 131 9.87 -44.57 -9.75
CA PRO F 131 10.32 -44.84 -11.13
C PRO F 131 10.68 -46.30 -11.32
N LEU F 132 10.31 -46.84 -12.47
CA LEU F 132 10.66 -48.21 -12.81
C LEU F 132 12.15 -48.39 -12.94
N LEU F 133 12.88 -47.32 -13.27
CA LEU F 133 14.33 -47.37 -13.24
C LEU F 133 14.85 -47.65 -11.84
N ASP F 134 14.08 -47.28 -10.82
CA ASP F 134 14.42 -47.71 -9.47
C ASP F 134 14.04 -49.16 -9.25
N LEU F 135 12.91 -49.59 -9.82
CA LEU F 135 12.44 -50.95 -9.58
C LEU F 135 13.42 -51.97 -10.15
N ILE F 136 14.07 -51.64 -11.27
CA ILE F 136 14.86 -52.64 -11.96
C ILE F 136 16.07 -53.08 -11.14
N GLN F 137 16.66 -52.18 -10.36
CA GLN F 137 17.85 -52.55 -9.61
C GLN F 137 17.52 -53.57 -8.52
N GLU F 138 16.46 -53.33 -7.74
CA GLU F 138 16.06 -54.33 -6.76
C GLU F 138 15.53 -55.59 -7.42
N GLY F 139 14.95 -55.47 -8.61
CA GLY F 139 14.59 -56.67 -9.36
C GLY F 139 15.80 -57.52 -9.66
N ASN F 140 16.88 -56.89 -10.09
CA ASN F 140 18.12 -57.62 -10.34
C ASN F 140 18.69 -58.19 -9.05
N LEU F 141 18.53 -57.46 -7.94
CA LEU F 141 18.98 -57.99 -6.66
C LEU F 141 18.24 -59.27 -6.30
N GLY F 142 16.92 -59.27 -6.46
CA GLY F 142 16.17 -60.49 -6.27
C GLY F 142 16.57 -61.57 -7.25
N LEU F 143 16.92 -61.18 -8.48
CA LEU F 143 17.33 -62.14 -9.49
C LEU F 143 18.58 -62.89 -9.06
N ILE F 144 19.61 -62.16 -8.61
CA ILE F 144 20.82 -62.83 -8.16
C ILE F 144 20.54 -63.65 -6.91
N ARG F 145 19.68 -63.12 -6.02
CA ARG F 145 19.37 -63.85 -4.79
C ARG F 145 18.72 -65.20 -5.11
N ALA F 146 17.81 -65.22 -6.10
CA ALA F 146 17.21 -66.48 -6.49
C ALA F 146 18.18 -67.38 -7.23
N MET F 147 19.01 -66.82 -8.11
CA MET F 147 19.92 -67.62 -8.91
C MET F 147 20.94 -68.35 -8.03
N GLU F 148 21.44 -67.67 -7.01
CA GLU F 148 22.43 -68.32 -6.16
C GLU F 148 21.84 -69.47 -5.35
N LYS F 149 20.52 -69.53 -5.19
CA LYS F 149 19.84 -70.61 -4.48
C LYS F 149 18.88 -71.37 -5.41
N PHE F 150 19.33 -71.66 -6.63
CA PHE F 150 18.48 -72.28 -7.63
C PHE F 150 18.01 -73.66 -7.18
N ASP F 151 18.93 -74.62 -7.10
CA ASP F 151 18.62 -75.99 -6.75
C ASP F 151 19.88 -76.84 -6.66
N TYR F 152 19.74 -78.11 -6.33
CA TYR F 152 20.82 -79.10 -6.41
C TYR F 152 20.43 -80.08 -7.50
N THR F 153 20.63 -79.70 -8.76
CA THR F 153 20.34 -80.50 -9.94
C THR F 153 18.89 -80.99 -9.96
N LYS F 154 18.02 -80.41 -9.14
CA LYS F 154 16.64 -80.86 -9.04
C LYS F 154 15.81 -80.32 -10.19
N GLY F 155 14.95 -81.16 -10.74
CA GLY F 155 14.08 -80.73 -11.84
C GLY F 155 13.14 -79.63 -11.42
N PHE F 156 13.17 -78.52 -12.16
CA PHE F 156 12.29 -77.38 -11.90
C PHE F 156 12.30 -76.50 -13.15
N LYS F 157 11.73 -75.30 -13.02
CA LYS F 157 11.70 -74.32 -14.09
C LYS F 157 12.35 -73.04 -13.59
N PHE F 158 13.30 -72.52 -14.38
CA PHE F 158 14.09 -71.38 -13.93
C PHE F 158 13.27 -70.10 -13.89
N SER F 159 12.42 -69.87 -14.90
CA SER F 159 11.76 -68.59 -15.04
C SER F 159 10.77 -68.35 -13.91
N THR F 160 9.89 -69.32 -13.65
CA THR F 160 8.93 -69.17 -12.56
C THR F 160 9.63 -69.14 -11.21
N TYR F 161 10.72 -69.89 -11.07
CA TYR F 161 11.48 -69.84 -9.83
C TYR F 161 12.03 -68.45 -9.58
N ALA F 162 12.56 -67.82 -10.63
CA ALA F 162 13.04 -66.45 -10.50
C ALA F 162 11.91 -65.50 -10.14
N THR F 163 10.78 -65.63 -10.82
CA THR F 163 9.66 -64.72 -10.58
C THR F 163 9.15 -64.83 -9.15
N TRP F 164 9.15 -66.05 -8.59
CA TRP F 164 8.73 -66.27 -7.22
C TRP F 164 9.45 -65.33 -6.26
N TRP F 165 10.74 -65.09 -6.50
CA TRP F 165 11.51 -64.17 -5.67
C TRP F 165 11.40 -62.72 -6.13
N ILE F 166 11.37 -62.50 -7.44
CA ILE F 166 11.40 -61.14 -7.96
C ILE F 166 10.18 -60.37 -7.53
N ARG F 167 8.99 -60.98 -7.64
CA ARG F 167 7.78 -60.26 -7.28
C ARG F 167 7.80 -59.84 -5.82
N GLN F 168 8.15 -60.77 -4.93
CA GLN F 168 8.16 -60.45 -3.50
C GLN F 168 9.22 -59.41 -3.19
N ALA F 169 10.39 -59.49 -3.85
CA ALA F 169 11.44 -58.52 -3.58
C ALA F 169 11.02 -57.12 -4.00
N ILE F 170 10.48 -56.98 -5.22
CA ILE F 170 10.13 -55.64 -5.70
C ILE F 170 8.95 -55.09 -4.92
N THR F 171 7.99 -55.95 -4.54
CA THR F 171 6.87 -55.47 -3.73
C THR F 171 7.33 -55.05 -2.35
N ARG F 172 8.28 -55.80 -1.76
CA ARG F 172 8.85 -55.38 -0.49
C ARG F 172 9.55 -54.04 -0.62
N GLY F 173 10.31 -53.86 -1.70
CA GLY F 173 10.98 -52.58 -1.90
C GLY F 173 10.00 -51.43 -2.08
N MET F 174 8.92 -51.68 -2.82
CA MET F 174 7.90 -50.65 -3.00
C MET F 174 7.23 -50.31 -1.68
N ALA F 175 6.97 -51.31 -0.85
CA ALA F 175 6.35 -51.05 0.44
C ALA F 175 7.32 -50.34 1.38
N ASP F 176 8.63 -50.53 1.19
CA ASP F 176 9.61 -49.97 2.11
C ASP F 176 9.55 -48.44 2.14
N GLN F 177 9.08 -47.82 1.06
CA GLN F 177 8.97 -46.36 1.06
C GLN F 177 7.89 -45.87 2.01
N SER F 178 6.98 -46.74 2.44
CA SER F 178 5.93 -46.35 3.37
C SER F 178 6.51 -46.08 4.76
ZN ZN G . 37.38 16.46 -8.98
ZN ZN H . 23.77 -39.81 28.02
MG MG I . -4.66 9.38 1.98
#